data_4XD7
#
_entry.id   4XD7
#
_cell.length_a   233.395
_cell.length_b   233.395
_cell.length_c   303.964
_cell.angle_alpha   90.00
_cell.angle_beta   90.00
_cell.angle_gamma   90.00
#
_symmetry.space_group_name_H-M   'I 41 2 2'
#
loop_
_entity.id
_entity.type
_entity.pdbx_description
1 polymer 'ATP synthase subunit alpha'
2 polymer 'ATP synthase subunit beta'
3 polymer 'ATP synthase gamma chain'
4 polymer 'ATP synthase epsilon chain'
5 non-polymer 'SULFATE ION'
6 non-polymer "ADENOSINE-5'-DIPHOSPHATE"
#
loop_
_entity_poly.entity_id
_entity_poly.type
_entity_poly.pdbx_seq_one_letter_code
_entity_poly.pdbx_strand_id
1 'polypeptide(L)'
;(MSE)SIRAEEISALIKQQIENYESQIQVSDVGTVIQVGDGIARAHGLDNV(MSE)SGELVEFANGV(MSE)G(MSE)AL
NLEENNVGIVILGPYTGIKEGDEVRRTGRI(MSE)EVPVGEALIGRVVNPLGQPVDGLGPVETTETRPIESPAPGV
(MSE)DRRSVHEPLQTGIKAIDALVPIGRGQRELIIGDRQTGKTSVAIDTIINQKDQN(MSE)ISIYVAIGQKESTVRTV
VETLRKHGALDYTIVVTASASQPAPLLFLAPYAGVA(MSE)GEYF(MSE)YKGKHVLVVYDDLSKQAAAYRELSLLLRRP
PGREAYPGDIFYLHSRLLERAAKLSDAKGGGSLTALPFVETQAGDISAYIPTNVISITDGQIFLQSDLFFSGVRPAINAG
LSVSRVGGAAQIKA(MSE)KKVAGTLRLDLAAYRELEAFAQFGSDLDKATQAKLARGARTVEVLKQDLHQPIPVEKQVLI
IYALTRGFLDDIPVEDVRRFEKEFYLFLDQNGQHLLEHIRTTKDLPNEDDLNKAIEAFKKTFVVSQ
;
A,B,C
2 'polypeptide(L)'
;(MSE)HHHHHHHHHHTRGRVIQV(MSE)GPVVDVKFENGHLPAIYNALKIQHKARNENEVDIDLTLEVALHLGDDTVRTI
A(MSE)ASTDGLIRG(MSE)EVIDTGAPISVPVGEVTLGRVFNVLGEPIDLEGDIPADARRDPIHRPAPKFEELATEVEI
LETGIKVVDLLAPYIKGGKIGLFGGAGVGKTVLIQELIHNIAQEHGGISVFAGVGERTREGNDLYHE(MSE)KDSGVISK
TA(MSE)VFGQ(MSE)NEPPGAR(MSE)RVALTGLT(MSE)AEYFRDEQGQDVLLFIDNIFRFTQAGSEVSALLGR
(MSE)PSAVGYQPTLATE(MSE)GQLQERITSTAKGSITSIQAIYVPADDYTDPAPATTFSHLDATTNLERKLAE(MSE)
GIYPAVDPLASTSRALAPEIVGEEHYQVARKVQQTLQRYKELQDIIAILG(MSE)DELSDEDKLVVHRARRIQFFLSQNF
HVAEQFTGQPGSYVPVKETVRGFKEILEGKYDHLPEDAFRLVGRIEEVVEKAKA(MSE)GVEV
;
D,E,F
3 'polypeptide(L)'
;(MSE)ASLRDIKTRINATKKTSQITKA(MSE)E(MSE)VSTSKLNRAEQNAKSFVPY(MSE)EKIQEVVANVALGAGGAS
HP(MSE)LVSRPVKKTGYLVITSDRGLAGAYNSNVLRLVYQTIQKRHACPDEYAIIVIGRVGLSFFRKRN(MSE)PVILD
ITRLPDQPSFADIKEIARKTVGLFADGTFDELY(MSE)YYNHYVSAIQQEVTERKLLPLTDLAENKQRTVYEFEPSQEEI
LDVLLPQYAESLIYGALLDAKASEHAAR(MSE)TA(MSE)KNATDNANELIRTLTLSYNRARQAAITQEITEIVAGANAL
Q
;
G
4 'polypeptide(L)'
;(MSE)KTIHVSVVTPDGPVYEDDVE(MSE)VSVKAKSGELGILPGHIPLVAPLEISAARLKKGGKTQYIAVSGGFLEVRP
DKVTILAQAAERAEDIDVLRAKAAKERAERRLQSQQDDIDFKRAELALKRA(MSE)NRLSVAE(MSE)K
;
H
#
loop_
_chem_comp.id
_chem_comp.type
_chem_comp.name
_chem_comp.formula
ADP non-polymer ADENOSINE-5'-DIPHOSPHATE 'C10 H15 N5 O10 P2'
SO4 non-polymer 'SULFATE ION' 'O4 S -2'
#
# COMPACT_ATOMS: atom_id res chain seq x y z
N GLN A 24 11.17 55.76 8.29
CA GLN A 24 12.58 55.68 7.96
C GLN A 24 13.27 54.75 8.93
N VAL A 25 13.25 55.10 10.22
CA VAL A 25 13.86 54.28 11.25
C VAL A 25 13.30 52.85 11.24
N SER A 26 12.00 52.73 11.04
CA SER A 26 11.33 51.42 10.96
C SER A 26 11.54 50.74 9.60
N ASP A 27 11.38 51.51 8.53
CA ASP A 27 11.31 50.98 7.16
C ASP A 27 12.56 50.22 6.70
N VAL A 28 13.54 50.10 7.59
CA VAL A 28 14.64 49.16 7.37
C VAL A 28 14.97 48.26 8.57
N GLY A 29 15.67 47.16 8.30
CA GLY A 29 15.93 46.15 9.31
C GLY A 29 17.31 45.52 9.18
N THR A 30 17.68 44.71 10.18
CA THR A 30 19.00 44.14 10.24
C THR A 30 18.93 42.64 10.39
N VAL A 31 19.77 41.96 9.64
CA VAL A 31 19.70 40.52 9.49
C VAL A 31 20.05 39.80 10.79
N ILE A 32 19.11 39.04 11.34
CA ILE A 32 19.50 38.16 12.43
C ILE A 32 20.15 36.92 11.83
N GLN A 33 19.36 36.05 11.21
CA GLN A 33 19.84 34.73 10.81
C GLN A 33 19.94 34.56 9.30
N VAL A 34 21.00 33.89 8.86
CA VAL A 34 21.19 33.62 7.46
C VAL A 34 21.47 32.14 7.35
N GLY A 35 20.74 31.50 6.43
CA GLY A 35 21.19 30.28 5.77
C GLY A 35 20.07 29.56 5.04
N ASP A 36 20.44 28.81 4.02
CA ASP A 36 19.44 28.15 3.18
C ASP A 36 18.49 29.13 2.46
N GLY A 37 19.03 30.18 1.84
CA GLY A 37 18.22 31.16 1.12
C GLY A 37 17.25 32.00 1.96
N ILE A 38 17.28 31.84 3.27
CA ILE A 38 16.33 32.55 4.15
C ILE A 38 17.02 33.56 5.06
N ALA A 39 16.37 34.70 5.25
CA ALA A 39 16.86 35.74 6.15
C ALA A 39 15.77 36.32 7.03
N ARG A 40 15.92 36.15 8.33
CA ARG A 40 15.08 36.81 9.31
C ARG A 40 15.73 38.13 9.71
N ALA A 41 15.07 39.24 9.44
CA ALA A 41 15.67 40.54 9.71
C ALA A 41 14.91 41.21 10.82
N HIS A 42 15.55 42.15 11.50
CA HIS A 42 14.84 43.04 12.38
C HIS A 42 14.31 44.26 11.65
N GLY A 43 13.78 45.21 12.39
CA GLY A 43 13.26 46.42 11.77
C GLY A 43 12.15 46.09 10.80
N LEU A 44 12.19 46.84 9.70
CA LEU A 44 11.21 46.76 8.61
C LEU A 44 9.77 46.80 9.10
N ASP A 45 9.52 47.52 10.19
CA ASP A 45 8.21 47.47 10.85
C ASP A 45 7.09 47.82 9.87
N ASN A 46 7.45 48.44 8.75
CA ASN A 46 6.50 48.77 7.69
C ASN A 46 6.43 47.89 6.42
N VAL A 47 7.20 46.81 6.36
CA VAL A 47 7.20 45.94 5.18
C VAL A 47 5.83 45.30 5.02
N MSE A 48 5.32 45.30 3.78
CA MSE A 48 4.05 44.67 3.47
C MSE A 48 4.30 43.20 3.31
O MSE A 48 5.37 42.80 2.86
CB MSE A 48 3.49 45.22 2.16
CG MSE A 48 3.33 46.71 2.15
SE MSE A 48 2.45 47.34 0.53
CE MSE A 48 3.98 47.27 -0.69
N SER A 49 3.34 42.37 3.67
CA SER A 49 3.60 40.95 3.55
C SER A 49 3.64 40.76 2.05
N GLY A 50 4.79 40.32 1.54
CA GLY A 50 4.95 40.22 0.09
C GLY A 50 5.62 41.42 -0.56
N GLU A 51 6.35 42.18 0.26
CA GLU A 51 7.14 43.30 -0.22
C GLU A 51 8.56 42.85 -0.54
N LEU A 52 9.10 43.41 -1.62
CA LEU A 52 10.49 43.21 -1.99
C LEU A 52 11.31 43.90 -0.92
N VAL A 53 12.34 43.22 -0.46
CA VAL A 53 13.32 43.81 0.46
C VAL A 53 14.74 43.62 -0.07
N GLU A 54 15.47 44.71 -0.23
CA GLU A 54 16.86 44.63 -0.62
C GLU A 54 17.86 44.56 0.56
N PHE A 55 18.88 43.74 0.37
CA PHE A 55 19.96 43.56 1.33
C PHE A 55 21.07 44.54 0.97
N ALA A 56 21.82 44.99 1.97
CA ALA A 56 22.93 45.90 1.73
C ALA A 56 23.85 45.39 0.61
N ASN A 57 23.89 44.08 0.41
CA ASN A 57 24.77 43.52 -0.62
C ASN A 57 24.20 43.56 -2.05
N GLY A 58 23.02 44.15 -2.18
CA GLY A 58 22.37 44.31 -3.46
C GLY A 58 21.40 43.20 -3.82
N VAL A 59 21.57 42.07 -3.17
CA VAL A 59 20.72 40.93 -3.44
C VAL A 59 19.33 41.20 -2.93
N MSE A 60 18.34 40.90 -3.77
CA MSE A 60 16.93 41.10 -3.47
C MSE A 60 16.36 39.97 -2.64
O MSE A 60 16.99 38.92 -2.48
CB MSE A 60 16.19 41.12 -4.78
CG MSE A 60 16.45 42.36 -5.50
SE MSE A 60 15.97 43.62 -4.16
CE MSE A 60 15.25 44.93 -5.44
N GLY A 61 15.12 40.15 -2.20
CA GLY A 61 14.41 39.15 -1.42
C GLY A 61 12.92 39.42 -1.25
N MSE A 62 12.29 38.68 -0.37
CA MSE A 62 10.88 38.91 -0.23
C MSE A 62 10.43 38.60 1.19
O MSE A 62 10.86 37.64 1.82
CB MSE A 62 10.14 38.07 -1.26
CG MSE A 62 8.66 37.85 -1.01
SE MSE A 62 7.86 37.10 -2.60
CE MSE A 62 6.97 38.66 -3.36
N ALA A 63 9.53 39.44 1.69
CA ALA A 63 9.07 39.24 3.05
C ALA A 63 7.86 38.36 2.96
N LEU A 64 7.89 37.25 3.71
CA LEU A 64 6.76 36.31 3.77
C LEU A 64 6.24 36.22 5.18
N ASN A 65 7.10 35.86 6.12
CA ASN A 65 6.63 35.83 7.49
C ASN A 65 6.79 37.20 8.18
N LEU A 66 5.67 37.88 8.43
CA LEU A 66 5.69 39.08 9.25
C LEU A 66 5.18 38.70 10.64
N GLU A 67 6.13 38.49 11.54
CA GLU A 67 5.88 38.05 12.90
C GLU A 67 5.99 39.26 13.81
N GLU A 68 5.94 39.03 15.11
CA GLU A 68 6.01 40.16 16.04
C GLU A 68 7.42 40.71 16.13
N ASN A 69 8.39 39.83 16.41
CA ASN A 69 9.75 40.27 16.66
C ASN A 69 10.66 40.26 15.45
N ASN A 70 10.20 39.67 14.34
CA ASN A 70 11.04 39.58 13.15
C ASN A 70 10.24 39.37 11.88
N VAL A 71 10.97 39.25 10.78
CA VAL A 71 10.37 38.99 9.47
C VAL A 71 11.17 37.98 8.64
N GLY A 72 10.56 36.83 8.36
CA GLY A 72 11.19 35.83 7.51
C GLY A 72 11.26 36.34 6.08
N ILE A 73 12.48 36.39 5.53
CA ILE A 73 12.61 36.75 4.13
C ILE A 73 13.17 35.57 3.32
N VAL A 74 12.80 35.49 2.04
CA VAL A 74 13.34 34.45 1.17
C VAL A 74 14.29 35.08 0.12
N ILE A 75 15.58 34.87 0.31
CA ILE A 75 16.59 35.56 -0.50
C ILE A 75 16.51 35.17 -1.98
N LEU A 76 16.31 36.14 -2.88
CA LEU A 76 16.26 35.74 -4.27
C LEU A 76 17.59 36.01 -4.92
N GLY A 77 18.46 35.04 -4.81
CA GLY A 77 19.77 35.19 -5.36
C GLY A 77 20.71 34.62 -4.32
N PRO A 78 22.02 34.78 -4.56
CA PRO A 78 23.08 34.29 -3.70
C PRO A 78 22.90 34.78 -2.26
N TYR A 79 22.84 33.82 -1.35
CA TYR A 79 22.63 34.10 0.05
C TYR A 79 23.94 34.04 0.88
N THR A 80 25.07 33.76 0.21
CA THR A 80 26.35 33.64 0.93
C THR A 80 26.93 35.02 1.24
N GLY A 81 26.68 35.96 0.34
CA GLY A 81 27.18 37.33 0.44
C GLY A 81 26.40 38.09 1.49
N ILE A 82 25.68 37.32 2.31
CA ILE A 82 24.83 37.85 3.37
C ILE A 82 25.29 37.29 4.71
N LYS A 83 25.61 38.18 5.64
CA LYS A 83 25.85 37.78 7.02
C LYS A 83 24.92 38.53 7.99
N GLU A 84 25.09 38.28 9.29
CA GLU A 84 24.31 39.01 10.29
C GLU A 84 24.58 40.49 10.17
N GLY A 85 23.66 41.29 10.69
CA GLY A 85 23.99 42.67 10.88
C GLY A 85 23.89 43.44 9.58
N ASP A 86 23.96 42.73 8.47
CA ASP A 86 23.80 43.41 7.19
C ASP A 86 22.48 44.16 7.20
N GLU A 87 22.47 45.33 6.60
CA GLU A 87 21.25 46.11 6.59
C GLU A 87 20.26 45.48 5.61
N VAL A 88 18.98 45.67 5.90
CA VAL A 88 17.88 45.25 5.03
C VAL A 88 16.91 46.43 4.85
N ARG A 89 16.84 47.02 3.65
CA ARG A 89 16.05 48.23 3.46
C ARG A 89 14.87 47.95 2.55
N ARG A 90 13.68 48.45 2.88
CA ARG A 90 12.48 48.14 2.12
C ARG A 90 12.49 48.76 0.73
N THR A 91 11.43 48.50 0.01
CA THR A 91 11.28 48.95 -1.36
C THR A 91 9.92 49.66 -1.43
N GLY A 92 8.90 48.96 -0.94
CA GLY A 92 7.59 49.54 -0.82
C GLY A 92 6.82 49.11 -2.04
N ARG A 93 7.33 48.10 -2.70
CA ARG A 93 6.67 47.53 -3.88
C ARG A 93 6.33 46.06 -3.64
N ILE A 94 5.19 45.60 -4.15
CA ILE A 94 4.84 44.19 -4.01
C ILE A 94 5.39 43.52 -5.26
N MSE A 95 6.52 42.84 -5.13
CA MSE A 95 6.97 41.87 -6.14
C MSE A 95 6.36 42.07 -7.52
O MSE A 95 5.51 41.29 -7.91
CB MSE A 95 6.97 40.39 -5.68
CG MSE A 95 8.35 39.67 -5.87
SE MSE A 95 9.10 39.54 -7.72
CE MSE A 95 9.97 41.27 -7.92
N GLU A 96 6.68 43.13 -8.24
CA GLU A 96 6.15 43.20 -9.60
C GLU A 96 7.23 42.94 -10.62
N VAL A 97 6.87 42.92 -11.90
CA VAL A 97 7.84 42.47 -12.90
C VAL A 97 7.69 43.17 -14.22
N PRO A 98 8.76 43.17 -15.03
CA PRO A 98 8.69 43.90 -16.30
C PRO A 98 7.69 43.23 -17.19
N VAL A 99 7.07 44.07 -18.00
CA VAL A 99 6.04 43.65 -18.91
C VAL A 99 6.17 44.53 -20.12
N GLY A 100 5.99 43.96 -21.30
CA GLY A 100 6.04 44.78 -22.49
C GLY A 100 6.23 44.02 -23.76
N GLU A 101 6.19 44.76 -24.86
CA GLU A 101 6.27 44.21 -26.21
C GLU A 101 7.71 43.97 -26.63
N ALA A 102 8.64 44.27 -25.72
CA ALA A 102 10.05 44.03 -25.97
C ALA A 102 10.61 42.73 -25.41
N LEU A 103 9.85 42.04 -24.54
CA LEU A 103 10.35 40.78 -23.97
C LEU A 103 10.27 39.71 -25.02
N ILE A 104 9.31 39.89 -25.93
CA ILE A 104 9.00 38.92 -26.94
C ILE A 104 10.31 38.67 -27.64
N GLY A 105 10.76 37.42 -27.63
CA GLY A 105 12.06 37.07 -28.17
C GLY A 105 13.25 37.05 -27.20
N ARG A 106 13.00 37.32 -25.93
CA ARG A 106 14.09 37.45 -24.97
C ARG A 106 14.04 36.38 -23.90
N VAL A 107 15.19 35.96 -23.41
CA VAL A 107 15.19 34.99 -22.32
C VAL A 107 15.53 35.64 -20.99
N VAL A 108 14.57 35.65 -20.08
CA VAL A 108 14.79 36.31 -18.81
C VAL A 108 14.39 35.41 -17.65
N ASN A 109 14.94 35.69 -16.48
CA ASN A 109 14.63 34.98 -15.26
C ASN A 109 13.29 35.43 -14.64
N PRO A 110 12.89 34.83 -13.49
CA PRO A 110 11.57 35.20 -12.94
C PRO A 110 11.53 36.66 -12.56
N LEU A 111 12.70 37.29 -12.42
CA LEU A 111 12.75 38.71 -12.09
C LEU A 111 12.60 39.55 -13.34
N GLY A 112 12.64 38.92 -14.50
CA GLY A 112 12.62 39.62 -15.78
C GLY A 112 14.01 39.99 -16.29
N GLN A 113 15.05 39.68 -15.49
CA GLN A 113 16.46 39.99 -15.81
C GLN A 113 17.01 39.16 -16.97
N PRO A 114 17.33 39.83 -18.10
CA PRO A 114 17.67 39.04 -19.29
C PRO A 114 18.89 38.20 -18.95
N VAL A 115 18.81 36.89 -19.20
CA VAL A 115 19.96 35.98 -19.14
C VAL A 115 20.47 35.49 -20.50
N ASP A 116 19.76 35.83 -21.57
CA ASP A 116 20.14 35.36 -22.91
C ASP A 116 21.41 36.05 -23.43
N GLY A 117 21.87 37.05 -22.69
CA GLY A 117 23.08 37.79 -23.00
C GLY A 117 23.00 38.58 -24.30
N LEU A 118 21.83 39.12 -24.62
CA LEU A 118 21.78 40.17 -25.64
C LEU A 118 21.14 41.46 -25.09
N GLY A 119 21.94 42.42 -24.63
CA GLY A 119 21.37 43.65 -24.10
C GLY A 119 20.36 43.47 -22.95
N PRO A 120 19.91 44.61 -22.36
CA PRO A 120 18.76 44.67 -21.43
C PRO A 120 17.40 44.65 -22.15
N VAL A 121 16.33 44.41 -21.41
CA VAL A 121 14.99 44.47 -21.97
C VAL A 121 14.39 45.85 -21.76
N GLU A 122 14.20 46.57 -22.87
CA GLU A 122 13.71 47.93 -22.76
C GLU A 122 12.20 47.89 -22.82
N THR A 123 11.56 48.08 -21.68
CA THR A 123 10.11 48.10 -21.59
C THR A 123 9.64 49.28 -20.76
N THR A 124 8.52 49.88 -21.16
CA THR A 124 7.96 51.02 -20.40
C THR A 124 7.12 50.58 -19.18
N GLU A 125 6.25 49.59 -19.38
CA GLU A 125 5.24 49.28 -18.38
C GLU A 125 5.70 48.17 -17.45
N THR A 126 4.85 47.88 -16.47
CA THR A 126 5.12 46.84 -15.50
C THR A 126 3.82 46.34 -14.93
N ARG A 127 3.85 45.12 -14.40
CA ARG A 127 2.68 44.53 -13.77
C ARG A 127 3.10 43.69 -12.54
N PRO A 128 2.30 43.74 -11.46
CA PRO A 128 2.60 42.98 -10.23
C PRO A 128 2.39 41.51 -10.43
N ILE A 129 3.34 40.71 -9.98
CA ILE A 129 3.21 39.26 -10.04
C ILE A 129 1.87 38.83 -9.50
N GLU A 130 1.62 39.06 -8.20
CA GLU A 130 0.33 38.68 -7.62
C GLU A 130 -0.77 39.54 -8.20
N SER A 131 -1.78 38.89 -8.80
CA SER A 131 -2.90 39.60 -9.42
C SER A 131 -4.18 38.75 -9.34
N PRO A 132 -5.35 39.40 -9.17
CA PRO A 132 -6.63 38.69 -9.15
C PRO A 132 -7.03 38.26 -10.55
N ALA A 133 -7.76 37.15 -10.61
CA ALA A 133 -8.19 36.55 -11.88
C ALA A 133 -9.47 37.21 -12.39
N PRO A 134 -9.70 37.15 -13.71
CA PRO A 134 -10.89 37.77 -14.27
C PRO A 134 -12.09 37.23 -13.54
N GLY A 135 -13.05 38.10 -13.22
CA GLY A 135 -14.21 37.75 -12.42
C GLY A 135 -15.21 36.87 -13.17
N VAL A 136 -16.12 36.24 -12.42
CA VAL A 136 -17.00 35.24 -13.01
C VAL A 136 -17.58 35.79 -14.29
N MSE A 137 -18.13 37.00 -14.15
CA MSE A 137 -18.76 37.71 -15.25
C MSE A 137 -17.75 38.05 -16.33
O MSE A 137 -18.03 37.92 -17.52
CB MSE A 137 -19.42 38.98 -14.74
CG MSE A 137 -20.39 38.75 -13.62
SE MSE A 137 -21.72 37.43 -14.12
CE MSE A 137 -22.75 38.44 -15.45
N ASP A 138 -16.56 38.46 -15.89
CA ASP A 138 -15.53 38.94 -16.78
C ASP A 138 -15.21 38.02 -17.97
N ARG A 139 -15.54 36.71 -17.86
CA ARG A 139 -15.14 35.73 -18.89
C ARG A 139 -16.26 35.26 -19.84
N ARG A 140 -15.87 34.58 -20.92
CA ARG A 140 -16.80 34.05 -21.92
C ARG A 140 -16.43 32.61 -22.24
N SER A 141 -17.41 31.72 -22.15
CA SER A 141 -17.16 30.30 -22.29
C SER A 141 -16.27 30.08 -23.52
N VAL A 142 -15.18 29.33 -23.34
CA VAL A 142 -14.21 29.12 -24.42
C VAL A 142 -14.90 28.42 -25.59
N HIS A 143 -14.66 28.95 -26.78
CA HIS A 143 -15.21 28.45 -28.04
C HIS A 143 -14.09 28.37 -29.06
N GLU A 144 -13.29 29.44 -29.07
CA GLU A 144 -12.07 29.59 -29.88
C GLU A 144 -10.94 28.64 -29.53
N PRO A 145 -10.54 27.77 -30.48
CA PRO A 145 -9.61 26.68 -30.16
C PRO A 145 -8.15 27.10 -30.04
N LEU A 146 -7.31 26.12 -29.68
CA LEU A 146 -5.86 26.24 -29.74
C LEU A 146 -5.37 25.07 -30.59
N GLN A 147 -4.80 25.35 -31.77
CA GLN A 147 -4.37 24.26 -32.64
C GLN A 147 -2.96 23.84 -32.26
N THR A 148 -2.91 22.63 -31.70
CA THR A 148 -1.70 22.11 -31.10
C THR A 148 -0.83 21.59 -32.20
N GLY A 149 -1.46 21.32 -33.34
CA GLY A 149 -0.75 20.77 -34.47
C GLY A 149 -0.47 19.31 -34.23
N ILE A 150 -0.96 18.77 -33.12
CA ILE A 150 -0.78 17.36 -32.76
C ILE A 150 -2.04 16.52 -32.88
N LYS A 151 -2.08 15.63 -33.87
CA LYS A 151 -3.31 14.90 -34.17
C LYS A 151 -3.92 14.36 -32.90
N ALA A 152 -3.13 13.59 -32.16
CA ALA A 152 -3.57 13.02 -30.90
C ALA A 152 -4.29 14.04 -29.99
N ILE A 153 -3.73 15.23 -29.85
CA ILE A 153 -4.31 16.21 -28.95
C ILE A 153 -5.57 16.86 -29.52
N ASP A 154 -5.45 17.57 -30.63
CA ASP A 154 -6.56 18.45 -31.04
C ASP A 154 -7.68 17.69 -31.75
N ALA A 155 -7.56 16.36 -31.72
CA ALA A 155 -8.65 15.46 -32.08
C ALA A 155 -9.31 14.85 -30.84
N LEU A 156 -8.56 14.10 -30.07
CA LEU A 156 -9.08 13.47 -28.85
C LEU A 156 -9.16 14.37 -27.61
N VAL A 157 -8.08 15.08 -27.31
CA VAL A 157 -8.02 15.96 -26.15
C VAL A 157 -7.81 17.41 -26.54
N PRO A 158 -8.87 18.04 -27.07
CA PRO A 158 -8.88 19.38 -27.67
C PRO A 158 -8.70 20.49 -26.63
N ILE A 159 -8.06 21.59 -27.03
CA ILE A 159 -7.70 22.67 -26.09
C ILE A 159 -8.07 23.99 -26.70
N GLY A 160 -8.99 24.71 -26.09
CA GLY A 160 -9.38 26.00 -26.60
C GLY A 160 -8.64 27.13 -25.89
N ARG A 161 -8.59 28.32 -26.51
CA ARG A 161 -7.93 29.49 -25.89
C ARG A 161 -8.67 29.86 -24.60
N GLY A 162 -7.92 30.18 -23.56
CA GLY A 162 -8.52 30.49 -22.28
C GLY A 162 -8.69 29.26 -21.41
N GLN A 163 -8.48 28.08 -21.98
CA GLN A 163 -8.61 26.85 -21.24
C GLN A 163 -7.40 26.56 -20.35
N ARG A 164 -7.48 25.47 -19.57
CA ARG A 164 -6.29 24.96 -18.90
C ARG A 164 -6.09 23.43 -19.02
N GLU A 165 -5.07 23.02 -19.77
CA GLU A 165 -4.88 21.60 -20.04
C GLU A 165 -3.59 21.13 -19.36
N LEU A 166 -3.75 20.37 -18.28
CA LEU A 166 -2.60 19.84 -17.55
C LEU A 166 -2.02 18.62 -18.27
N ILE A 167 -0.76 18.69 -18.67
CA ILE A 167 -0.16 17.52 -19.28
C ILE A 167 0.76 16.86 -18.27
N ILE A 168 0.22 15.79 -17.70
CA ILE A 168 0.87 15.02 -16.63
C ILE A 168 1.56 13.78 -17.18
N GLY A 169 2.75 13.44 -16.65
CA GLY A 169 3.50 12.29 -17.14
C GLY A 169 4.85 12.09 -16.49
N ASP A 170 5.39 10.88 -16.58
CA ASP A 170 6.66 10.52 -15.93
C ASP A 170 7.85 11.09 -16.71
N ARG A 171 8.99 11.37 -16.06
CA ARG A 171 10.10 12.01 -16.81
C ARG A 171 10.45 11.20 -18.04
N GLN A 172 10.88 11.89 -19.07
CA GLN A 172 11.20 11.25 -20.33
C GLN A 172 9.96 10.60 -20.93
N THR A 173 8.85 11.31 -20.88
CA THR A 173 7.72 10.96 -21.74
C THR A 173 7.42 11.88 -22.93
N GLY A 174 8.14 12.99 -23.06
CA GLY A 174 7.86 13.92 -24.14
C GLY A 174 7.09 15.18 -23.76
N LYS A 175 6.75 15.31 -22.48
CA LYS A 175 5.94 16.44 -21.99
C LYS A 175 6.45 17.73 -22.57
N THR A 176 7.76 17.90 -22.50
CA THR A 176 8.34 19.12 -23.05
C THR A 176 8.11 19.17 -24.54
N SER A 177 8.44 18.07 -25.21
CA SER A 177 8.37 18.02 -26.67
C SER A 177 7.04 18.62 -27.15
N VAL A 178 5.97 18.12 -26.55
CA VAL A 178 4.65 18.61 -26.88
C VAL A 178 4.59 20.13 -26.85
N ALA A 179 4.83 20.67 -25.66
CA ALA A 179 4.75 22.10 -25.45
C ALA A 179 5.49 22.83 -26.56
N ILE A 180 6.70 22.34 -26.87
CA ILE A 180 7.56 22.92 -27.91
C ILE A 180 6.92 22.96 -29.27
N ASP A 181 6.63 21.77 -29.80
CA ASP A 181 5.97 21.65 -31.09
C ASP A 181 4.67 22.44 -31.11
N THR A 182 4.00 22.51 -29.97
CA THR A 182 2.80 23.32 -29.85
C THR A 182 3.09 24.82 -30.16
N ILE A 183 4.04 25.37 -29.40
CA ILE A 183 4.51 26.71 -29.61
C ILE A 183 4.88 26.89 -31.06
N ILE A 184 5.76 26.02 -31.56
CA ILE A 184 6.22 26.12 -32.95
C ILE A 184 5.01 26.13 -33.88
N ASN A 185 3.87 25.66 -33.39
CA ASN A 185 2.66 25.62 -34.21
C ASN A 185 1.86 26.93 -34.10
N GLN A 186 2.42 27.91 -33.43
CA GLN A 186 1.71 29.16 -33.22
C GLN A 186 2.00 30.30 -34.19
N LYS A 187 2.74 30.03 -35.27
CA LYS A 187 3.14 31.10 -36.19
C LYS A 187 1.98 31.75 -36.97
N ASP A 188 1.21 30.96 -37.71
CA ASP A 188 0.09 31.52 -38.46
C ASP A 188 -1.03 31.85 -37.49
N GLN A 189 -1.24 31.03 -36.46
CA GLN A 189 -2.27 31.33 -35.47
C GLN A 189 -1.89 32.66 -34.84
N ASN A 190 -2.84 33.35 -34.22
CA ASN A 190 -2.38 34.54 -33.54
C ASN A 190 -2.23 34.12 -32.09
N MSE A 191 -0.99 33.83 -31.70
CA MSE A 191 -0.70 33.41 -30.34
C MSE A 191 0.67 33.93 -29.98
O MSE A 191 1.65 33.72 -30.72
CB MSE A 191 -0.74 31.89 -30.24
CG MSE A 191 -2.10 31.35 -29.89
SE MSE A 191 -2.47 31.85 -28.06
CE MSE A 191 -3.13 30.14 -27.38
N ILE A 192 0.76 34.61 -28.86
CA ILE A 192 2.02 35.17 -28.43
C ILE A 192 2.35 34.23 -27.28
N SER A 193 3.35 33.37 -27.47
CA SER A 193 3.69 32.25 -26.54
C SER A 193 4.69 32.53 -25.38
N ILE A 194 4.47 31.91 -24.22
CA ILE A 194 5.35 32.10 -23.08
C ILE A 194 5.69 30.78 -22.43
N TYR A 195 6.98 30.40 -22.50
CA TYR A 195 7.51 29.15 -21.91
C TYR A 195 8.26 29.35 -20.59
N VAL A 196 7.59 28.96 -19.52
CA VAL A 196 8.11 29.09 -18.20
C VAL A 196 8.81 27.79 -17.83
N ALA A 197 10.11 27.86 -17.58
CA ALA A 197 10.87 26.67 -17.21
C ALA A 197 11.17 26.66 -15.72
N ILE A 198 10.58 25.72 -14.99
CA ILE A 198 10.84 25.68 -13.55
C ILE A 198 11.55 24.40 -13.17
N GLY A 199 12.70 24.55 -12.53
CA GLY A 199 13.45 23.41 -12.02
C GLY A 199 14.22 22.71 -13.12
N GLN A 200 13.82 22.99 -14.35
CA GLN A 200 14.42 22.38 -15.51
C GLN A 200 15.91 22.70 -15.59
N LYS A 201 16.68 21.75 -16.11
CA LYS A 201 18.10 22.00 -16.36
C LYS A 201 18.29 23.19 -17.31
N GLU A 202 19.07 24.18 -16.88
CA GLU A 202 19.39 25.35 -17.72
C GLU A 202 20.03 24.86 -19.01
N SER A 203 20.60 23.65 -18.97
CA SER A 203 21.19 23.01 -20.14
C SER A 203 20.11 22.88 -21.18
N THR A 204 19.13 22.05 -20.85
CA THR A 204 17.96 21.77 -21.70
C THR A 204 17.26 23.07 -22.16
N VAL A 205 16.87 23.90 -21.20
CA VAL A 205 16.19 25.16 -21.48
C VAL A 205 16.92 25.96 -22.58
N ARG A 206 18.23 25.86 -22.60
CA ARG A 206 18.97 26.49 -23.66
C ARG A 206 18.76 25.74 -24.99
N THR A 207 19.06 24.45 -25.02
CA THR A 207 18.93 23.70 -26.28
C THR A 207 17.49 23.79 -26.81
N VAL A 208 16.56 23.98 -25.88
CA VAL A 208 15.16 24.18 -26.22
C VAL A 208 14.89 25.60 -26.75
N VAL A 209 15.37 26.61 -26.05
CA VAL A 209 15.11 27.98 -26.48
C VAL A 209 15.70 28.18 -27.87
N GLU A 210 16.62 27.30 -28.24
CA GLU A 210 17.31 27.41 -29.52
C GLU A 210 16.52 26.75 -30.61
N THR A 211 16.21 25.47 -30.42
CA THR A 211 15.36 24.80 -31.39
C THR A 211 14.09 25.66 -31.71
N LEU A 212 13.71 26.51 -30.76
CA LEU A 212 12.74 27.57 -31.03
C LEU A 212 13.37 28.61 -31.92
N ARG A 213 14.60 29.00 -31.62
CA ARG A 213 15.33 29.97 -32.43
C ARG A 213 15.23 29.56 -33.87
N LYS A 214 15.50 28.29 -34.14
CA LYS A 214 15.59 27.78 -35.52
C LYS A 214 14.25 27.74 -36.23
N HIS A 215 13.22 27.26 -35.53
CA HIS A 215 11.87 27.23 -36.07
C HIS A 215 11.19 28.60 -36.10
N GLY A 216 11.86 29.58 -35.48
CA GLY A 216 11.38 30.95 -35.40
C GLY A 216 10.23 31.11 -34.43
N ALA A 217 10.37 30.59 -33.23
CA ALA A 217 9.31 30.74 -32.27
C ALA A 217 9.51 31.99 -31.47
N LEU A 218 10.72 32.52 -31.55
CA LEU A 218 11.09 33.65 -30.68
C LEU A 218 10.37 34.95 -31.07
N ASP A 219 9.87 34.98 -32.31
CA ASP A 219 9.16 36.15 -32.79
C ASP A 219 7.86 36.37 -32.00
N TYR A 220 7.19 35.30 -31.60
CA TYR A 220 6.10 35.40 -30.62
C TYR A 220 6.33 34.81 -29.22
N THR A 221 7.53 34.29 -28.92
CA THR A 221 7.66 33.46 -27.71
C THR A 221 8.55 34.04 -26.62
N ILE A 222 8.02 34.11 -25.40
CA ILE A 222 8.74 34.62 -24.23
C ILE A 222 9.23 33.44 -23.44
N VAL A 223 10.44 33.55 -22.90
CA VAL A 223 11.03 32.46 -22.13
C VAL A 223 11.43 32.96 -20.75
N VAL A 224 10.83 32.33 -19.73
CA VAL A 224 11.14 32.66 -18.36
C VAL A 224 11.75 31.41 -17.72
N THR A 225 12.95 31.51 -17.20
CA THR A 225 13.63 30.32 -16.72
C THR A 225 14.02 30.50 -15.28
N ALA A 226 13.93 29.44 -14.49
CA ALA A 226 14.70 29.30 -13.27
C ALA A 226 15.14 27.86 -13.22
N SER A 227 16.44 27.63 -13.42
CA SER A 227 17.00 26.27 -13.59
C SER A 227 17.05 25.51 -12.25
N ALA A 228 17.68 24.35 -12.22
CA ALA A 228 17.78 23.60 -10.95
C ALA A 228 18.96 24.04 -10.05
N SER A 229 19.83 24.89 -10.60
CA SER A 229 20.89 25.56 -9.84
C SER A 229 20.43 26.82 -9.06
N GLN A 230 19.35 27.45 -9.55
CA GLN A 230 18.80 28.68 -8.97
C GLN A 230 18.05 28.38 -7.69
N PRO A 231 18.00 29.35 -6.77
CA PRO A 231 17.36 29.12 -5.45
C PRO A 231 15.84 28.95 -5.49
N ALA A 232 15.32 28.17 -4.56
CA ALA A 232 13.92 27.79 -4.56
C ALA A 232 12.94 28.94 -4.84
N PRO A 233 13.06 30.06 -4.07
CA PRO A 233 12.21 31.26 -4.23
C PRO A 233 12.05 31.79 -5.67
N LEU A 234 13.11 31.65 -6.47
CA LEU A 234 13.02 31.96 -7.89
C LEU A 234 12.10 30.98 -8.63
N LEU A 235 12.26 29.70 -8.32
CA LEU A 235 11.42 28.65 -8.90
C LEU A 235 9.98 28.97 -8.54
N PHE A 236 9.79 29.30 -7.28
CA PHE A 236 8.48 29.59 -6.76
C PHE A 236 7.87 30.74 -7.51
N LEU A 237 8.69 31.75 -7.76
CA LEU A 237 8.20 32.96 -8.40
C LEU A 237 8.03 32.86 -9.94
N ALA A 238 8.80 31.97 -10.56
CA ALA A 238 8.82 31.86 -12.03
C ALA A 238 7.45 31.70 -12.71
N PRO A 239 6.59 30.82 -12.18
CA PRO A 239 5.27 30.64 -12.80
C PRO A 239 4.47 31.92 -12.79
N TYR A 240 4.37 32.58 -11.64
CA TYR A 240 3.54 33.77 -11.49
C TYR A 240 4.12 34.94 -12.27
N ALA A 241 5.43 35.03 -12.20
CA ALA A 241 6.19 35.96 -13.03
C ALA A 241 5.91 35.76 -14.52
N GLY A 242 5.58 34.52 -14.90
CA GLY A 242 5.24 34.20 -16.27
C GLY A 242 3.86 34.70 -16.65
N VAL A 243 2.86 34.37 -15.83
CA VAL A 243 1.49 34.73 -16.14
C VAL A 243 1.36 36.25 -16.20
N ALA A 244 2.19 36.92 -15.42
CA ALA A 244 2.15 38.37 -15.37
C ALA A 244 2.34 38.90 -16.78
N MSE A 245 3.41 38.45 -17.42
CA MSE A 245 3.84 38.93 -18.74
C MSE A 245 2.85 38.56 -19.81
O MSE A 245 2.70 39.25 -20.81
CB MSE A 245 5.16 38.28 -19.09
CG MSE A 245 6.08 38.18 -17.88
SE MSE A 245 7.83 37.55 -18.39
CE MSE A 245 8.84 38.95 -17.55
N GLY A 246 2.22 37.42 -19.58
CA GLY A 246 1.11 36.97 -20.40
C GLY A 246 -0.03 37.94 -20.18
N GLU A 247 -0.44 38.13 -18.93
CA GLU A 247 -1.63 38.88 -18.64
C GLU A 247 -1.64 40.13 -19.47
N TYR A 248 -0.48 40.74 -19.69
CA TYR A 248 -0.48 41.94 -20.51
C TYR A 248 -1.22 41.75 -21.82
N PHE A 249 -0.71 40.91 -22.70
CA PHE A 249 -1.39 40.70 -23.97
C PHE A 249 -2.88 40.27 -23.86
N MSE A 250 -3.24 39.66 -22.73
CA MSE A 250 -4.60 39.18 -22.55
C MSE A 250 -5.52 40.38 -22.38
O MSE A 250 -6.51 40.52 -23.11
CB MSE A 250 -4.71 38.24 -21.36
CG MSE A 250 -6.11 38.09 -20.88
SE MSE A 250 -6.38 36.81 -19.47
CE MSE A 250 -5.46 37.59 -17.91
N TYR A 251 -5.18 41.27 -21.44
CA TYR A 251 -6.04 42.40 -21.11
C TYR A 251 -6.05 43.39 -22.25
N LYS A 252 -5.20 43.16 -23.26
CA LYS A 252 -5.22 43.93 -24.50
C LYS A 252 -6.23 43.41 -25.50
N GLY A 253 -6.50 42.10 -25.43
CA GLY A 253 -7.33 41.42 -26.41
C GLY A 253 -6.61 40.43 -27.29
N LYS A 254 -5.28 40.39 -27.15
CA LYS A 254 -4.44 39.40 -27.84
C LYS A 254 -4.53 38.02 -27.16
N HIS A 255 -3.87 37.03 -27.75
CA HIS A 255 -3.95 35.67 -27.20
C HIS A 255 -2.61 35.06 -26.77
N VAL A 256 -2.57 34.67 -25.51
CA VAL A 256 -1.37 34.13 -24.93
C VAL A 256 -1.52 32.62 -24.62
N LEU A 257 -0.40 31.91 -24.72
CA LEU A 257 -0.28 30.52 -24.30
C LEU A 257 0.94 30.33 -23.38
N VAL A 258 0.68 30.10 -22.08
CA VAL A 258 1.74 29.92 -21.08
C VAL A 258 1.99 28.43 -20.79
N VAL A 259 3.24 27.96 -21.02
CA VAL A 259 3.58 26.58 -20.66
C VAL A 259 4.33 26.59 -19.35
N TYR A 260 3.69 26.24 -18.25
CA TYR A 260 4.46 26.11 -17.02
C TYR A 260 5.02 24.72 -17.13
N ASP A 261 6.32 24.65 -17.33
CA ASP A 261 6.94 23.37 -17.50
C ASP A 261 7.34 22.93 -16.13
N ASP A 262 6.66 21.88 -15.66
CA ASP A 262 6.91 21.29 -14.36
C ASP A 262 6.52 22.10 -13.10
N LEU A 263 5.21 22.23 -12.84
CA LEU A 263 4.75 22.73 -11.54
C LEU A 263 5.09 21.81 -10.38
N SER A 264 5.56 20.60 -10.67
CA SER A 264 5.77 19.62 -9.60
C SER A 264 6.96 20.05 -8.81
N LYS A 265 7.92 20.64 -9.55
CA LYS A 265 9.16 21.18 -9.03
C LYS A 265 8.91 22.52 -8.34
N GLN A 266 8.23 23.44 -9.02
CA GLN A 266 7.92 24.75 -8.42
C GLN A 266 7.20 24.48 -7.09
N ALA A 267 6.15 23.66 -7.13
CA ALA A 267 5.37 23.39 -5.93
C ALA A 267 6.28 22.84 -4.84
N ALA A 268 7.37 22.19 -5.25
CA ALA A 268 8.33 21.59 -4.32
C ALA A 268 9.25 22.64 -3.74
N ALA A 269 9.70 23.54 -4.63
CA ALA A 269 10.55 24.68 -4.30
C ALA A 269 9.84 25.52 -3.23
N TYR A 270 8.52 25.62 -3.31
CA TYR A 270 7.76 26.35 -2.31
C TYR A 270 7.85 25.57 -1.00
N ARG A 271 7.73 24.25 -1.05
CA ARG A 271 7.78 23.46 0.15
C ARG A 271 9.09 23.75 0.89
N GLU A 272 10.21 23.65 0.18
CA GLU A 272 11.50 23.96 0.78
C GLU A 272 11.40 25.32 1.46
N LEU A 273 11.23 26.37 0.66
CA LEU A 273 11.16 27.75 1.14
C LEU A 273 10.24 27.89 2.35
N SER A 274 9.04 27.36 2.25
CA SER A 274 8.08 27.41 3.35
C SER A 274 8.53 26.61 4.59
N LEU A 275 9.15 25.46 4.38
CA LEU A 275 9.66 24.69 5.50
C LEU A 275 10.78 25.43 6.23
N LEU A 276 11.59 26.17 5.47
CA LEU A 276 12.72 26.94 5.99
C LEU A 276 12.25 28.04 6.96
N LEU A 277 11.13 28.65 6.62
CA LEU A 277 10.49 29.66 7.44
C LEU A 277 9.77 28.95 8.58
N ARG A 278 10.09 27.66 8.72
CA ARG A 278 9.52 26.79 9.73
C ARG A 278 8.02 27.03 9.79
N ARG A 279 7.35 26.82 8.66
CA ARG A 279 5.89 26.96 8.59
C ARG A 279 5.34 25.57 8.87
N PRO A 280 4.22 25.47 9.60
CA PRO A 280 3.83 24.09 9.96
C PRO A 280 3.53 23.29 8.72
N PRO A 281 4.24 22.17 8.53
CA PRO A 281 4.16 21.38 7.30
C PRO A 281 2.97 20.48 7.36
N GLY A 282 2.44 20.18 6.17
CA GLY A 282 1.24 19.37 6.06
C GLY A 282 1.54 18.00 5.49
N ARG A 283 0.50 17.36 4.96
CA ARG A 283 0.62 16.07 4.29
C ARG A 283 1.76 16.12 3.26
N GLU A 284 2.62 15.11 3.30
CA GLU A 284 3.75 15.08 2.39
C GLU A 284 4.59 16.35 2.52
N ALA A 285 4.60 16.95 3.70
CA ALA A 285 5.47 18.08 4.04
C ALA A 285 5.04 19.38 3.37
N TYR A 286 4.20 19.29 2.35
CA TYR A 286 3.72 20.49 1.67
C TYR A 286 2.91 21.35 2.65
N PRO A 287 3.12 22.67 2.59
CA PRO A 287 2.42 23.65 3.44
C PRO A 287 0.90 23.57 3.24
N GLY A 288 0.09 24.06 4.18
CA GLY A 288 -1.36 24.03 4.03
C GLY A 288 -1.93 24.79 2.83
N ASP A 289 -1.20 25.78 2.37
CA ASP A 289 -1.68 26.59 1.26
C ASP A 289 -1.13 26.09 -0.07
N ILE A 290 -0.45 24.95 -0.06
CA ILE A 290 0.14 24.41 -1.29
C ILE A 290 -0.91 24.30 -2.40
N PHE A 291 -2.13 23.96 -2.00
CA PHE A 291 -3.23 23.90 -2.96
C PHE A 291 -3.61 25.32 -3.46
N TYR A 292 -3.78 26.24 -2.52
CA TYR A 292 -4.05 27.65 -2.85
C TYR A 292 -3.01 28.20 -3.83
N LEU A 293 -1.79 27.69 -3.68
CA LEU A 293 -0.67 28.13 -4.47
C LEU A 293 -1.06 28.04 -5.94
N HIS A 294 -1.23 26.80 -6.42
CA HIS A 294 -1.50 26.52 -7.83
C HIS A 294 -2.87 27.04 -8.29
N SER A 295 -3.88 26.82 -7.45
CA SER A 295 -5.26 27.24 -7.74
C SER A 295 -5.31 28.71 -8.17
N ARG A 296 -4.85 29.57 -7.27
CA ARG A 296 -4.86 31.01 -7.50
C ARG A 296 -3.98 31.45 -8.69
N LEU A 297 -3.23 30.48 -9.23
CA LEU A 297 -2.29 30.65 -10.35
C LEU A 297 -2.93 30.31 -11.70
N LEU A 298 -3.43 29.09 -11.78
CA LEU A 298 -4.07 28.55 -12.97
C LEU A 298 -5.35 29.32 -13.39
N GLU A 299 -6.17 29.68 -12.41
CA GLU A 299 -7.37 30.47 -12.66
C GLU A 299 -7.10 31.74 -13.45
N ARG A 300 -5.86 32.24 -13.37
CA ARG A 300 -5.48 33.51 -13.96
C ARG A 300 -5.40 33.40 -15.48
N ALA A 301 -5.57 32.18 -15.97
CA ALA A 301 -5.68 31.93 -17.38
C ALA A 301 -7.17 31.75 -17.73
N ALA A 302 -7.71 32.57 -18.64
CA ALA A 302 -9.09 32.34 -19.13
C ALA A 302 -9.42 33.06 -20.44
N LYS A 303 -10.71 33.08 -20.77
CA LYS A 303 -11.21 33.77 -21.95
C LYS A 303 -12.00 34.98 -21.51
N LEU A 304 -11.49 36.17 -21.81
CA LEU A 304 -12.15 37.40 -21.36
C LEU A 304 -13.40 37.63 -22.16
N SER A 305 -14.48 38.04 -21.49
CA SER A 305 -15.74 38.31 -22.17
C SER A 305 -15.59 39.39 -23.23
N ASP A 306 -16.41 39.33 -24.27
CA ASP A 306 -16.35 40.31 -25.34
C ASP A 306 -16.39 41.71 -24.73
N ALA A 307 -17.04 41.80 -23.57
CA ALA A 307 -17.14 43.05 -22.84
C ALA A 307 -15.76 43.59 -22.47
N LYS A 308 -14.81 42.67 -22.36
CA LYS A 308 -13.41 43.01 -22.10
C LYS A 308 -12.35 42.95 -23.21
N GLY A 309 -12.79 42.75 -24.44
CA GLY A 309 -11.89 42.71 -25.57
C GLY A 309 -11.63 41.29 -25.99
N GLY A 310 -12.35 40.36 -25.33
CA GLY A 310 -12.35 38.94 -25.67
C GLY A 310 -10.98 38.29 -25.76
N GLY A 311 -10.05 38.72 -24.91
CA GLY A 311 -8.69 38.20 -24.93
C GLY A 311 -8.63 36.78 -24.42
N SER A 312 -7.44 36.18 -24.41
CA SER A 312 -7.28 34.85 -23.81
C SER A 312 -5.88 34.57 -23.28
N LEU A 313 -5.81 33.80 -22.20
CA LEU A 313 -4.53 33.25 -21.78
C LEU A 313 -4.69 31.78 -21.43
N THR A 314 -4.14 30.93 -22.30
CA THR A 314 -4.27 29.49 -22.15
C THR A 314 -3.09 28.93 -21.38
N ALA A 315 -3.34 28.05 -20.42
CA ALA A 315 -2.24 27.56 -19.60
C ALA A 315 -1.99 26.08 -19.76
N LEU A 316 -0.71 25.70 -19.85
CA LEU A 316 -0.33 24.30 -20.02
C LEU A 316 0.54 23.86 -18.85
N PRO A 317 -0.09 23.52 -17.71
CA PRO A 317 0.63 22.98 -16.54
C PRO A 317 1.21 21.58 -16.74
N PHE A 318 2.50 21.41 -16.47
CA PHE A 318 3.14 20.09 -16.47
C PHE A 318 3.17 19.50 -15.08
N VAL A 319 3.00 18.20 -14.99
CA VAL A 319 3.19 17.53 -13.71
C VAL A 319 4.07 16.29 -13.97
N GLU A 320 5.27 16.27 -13.38
CA GLU A 320 6.16 15.14 -13.55
C GLU A 320 5.74 14.10 -12.53
N THR A 321 5.55 12.88 -13.01
CA THR A 321 5.05 11.77 -12.19
C THR A 321 6.08 10.68 -11.97
N GLN A 322 6.09 10.21 -10.73
CA GLN A 322 6.98 9.13 -10.38
C GLN A 322 6.21 7.82 -10.49
N ALA A 323 6.72 6.94 -11.33
CA ALA A 323 6.09 5.65 -11.49
C ALA A 323 4.74 5.84 -12.14
N GLY A 324 4.37 7.10 -12.38
CA GLY A 324 3.07 7.41 -12.94
C GLY A 324 1.97 7.39 -11.88
N ASP A 325 2.34 7.64 -10.64
CA ASP A 325 1.37 7.55 -9.59
C ASP A 325 0.53 8.80 -9.79
N ILE A 326 -0.69 8.61 -10.25
CA ILE A 326 -1.63 9.71 -10.41
C ILE A 326 -2.16 10.07 -9.01
N SER A 327 -2.00 9.14 -8.06
CA SER A 327 -2.56 9.29 -6.72
C SER A 327 -1.67 10.12 -5.78
N ALA A 328 -0.53 10.58 -6.30
CA ALA A 328 0.39 11.43 -5.55
C ALA A 328 -0.28 12.74 -5.23
N TYR A 329 0.10 13.33 -4.09
CA TYR A 329 -0.61 14.52 -3.59
C TYR A 329 -0.65 15.70 -4.56
N ILE A 330 0.51 16.25 -4.86
CA ILE A 330 0.54 17.34 -5.81
C ILE A 330 -0.14 17.00 -7.17
N PRO A 331 0.30 15.92 -7.85
CA PRO A 331 -0.31 15.63 -9.14
C PRO A 331 -1.81 15.60 -9.05
N THR A 332 -2.37 15.18 -7.91
CA THR A 332 -3.83 15.12 -7.78
C THR A 332 -4.51 16.51 -7.74
N ASN A 333 -3.90 17.41 -6.96
CA ASN A 333 -4.44 18.75 -6.79
C ASN A 333 -4.59 19.37 -8.15
N VAL A 334 -3.48 19.48 -8.86
CA VAL A 334 -3.52 20.11 -10.16
C VAL A 334 -4.50 19.40 -11.15
N ILE A 335 -4.68 18.10 -11.01
CA ILE A 335 -5.59 17.37 -11.88
C ILE A 335 -6.98 17.95 -11.70
N SER A 336 -7.35 18.19 -10.45
CA SER A 336 -8.69 18.65 -10.12
C SER A 336 -8.84 20.12 -10.40
N ILE A 337 -7.72 20.80 -10.55
CA ILE A 337 -7.72 22.22 -10.80
C ILE A 337 -7.95 22.62 -12.26
N THR A 338 -7.32 21.87 -13.16
CA THR A 338 -7.31 22.21 -14.59
C THR A 338 -8.63 21.84 -15.27
N ASP A 339 -8.76 22.13 -16.55
CA ASP A 339 -9.90 21.59 -17.23
C ASP A 339 -9.31 20.37 -17.90
N GLY A 340 -9.48 19.21 -17.29
CA GLY A 340 -8.91 17.98 -17.84
C GLY A 340 -7.39 17.90 -17.96
N GLN A 341 -6.88 16.79 -18.49
CA GLN A 341 -5.43 16.64 -18.61
C GLN A 341 -5.01 15.74 -19.77
N ILE A 342 -3.71 15.63 -20.01
CA ILE A 342 -3.20 14.72 -21.04
C ILE A 342 -2.19 13.78 -20.42
N PHE A 343 -2.56 12.52 -20.23
CA PHE A 343 -1.69 11.62 -19.48
C PHE A 343 -0.77 10.86 -20.43
N LEU A 344 0.53 11.07 -20.29
CA LEU A 344 1.49 10.44 -21.19
C LEU A 344 2.09 9.18 -20.61
N GLN A 345 1.75 8.05 -21.21
CA GLN A 345 2.26 6.75 -20.79
C GLN A 345 3.77 6.73 -20.83
N SER A 346 4.34 6.08 -19.82
CA SER A 346 5.79 5.88 -19.71
C SER A 346 6.29 4.81 -20.72
N ASP A 347 5.55 3.70 -20.83
CA ASP A 347 5.91 2.61 -21.73
C ASP A 347 5.69 2.94 -23.20
N LEU A 348 4.54 3.54 -23.52
CA LEU A 348 4.23 3.91 -24.89
C LEU A 348 5.43 4.57 -25.49
N PHE A 349 6.00 5.49 -24.73
CA PHE A 349 7.11 6.31 -25.20
C PHE A 349 8.30 5.48 -25.68
N PHE A 350 8.60 4.39 -24.98
CA PHE A 350 9.74 3.55 -25.34
C PHE A 350 9.40 2.66 -26.51
N SER A 351 8.19 2.12 -26.50
CA SER A 351 7.78 1.19 -27.53
C SER A 351 7.82 1.91 -28.89
N GLY A 352 8.17 3.20 -28.86
CA GLY A 352 8.33 4.01 -30.05
C GLY A 352 7.02 4.55 -30.61
N VAL A 353 6.15 4.98 -29.70
CA VAL A 353 4.89 5.61 -30.06
C VAL A 353 4.93 7.05 -29.62
N ARG A 354 5.13 7.97 -30.56
CA ARG A 354 5.27 9.42 -30.28
C ARG A 354 4.17 10.23 -30.95
N PRO A 355 3.36 10.98 -30.17
CA PRO A 355 3.41 11.25 -28.74
C PRO A 355 2.95 10.07 -27.92
N ALA A 356 3.37 10.03 -26.66
CA ALA A 356 3.12 8.90 -25.77
C ALA A 356 1.76 9.00 -25.10
N ILE A 357 0.86 9.77 -25.71
CA ILE A 357 -0.50 10.01 -25.18
C ILE A 357 -1.19 8.72 -24.72
N ASN A 358 -2.00 8.84 -23.66
CA ASN A 358 -2.85 7.75 -23.25
C ASN A 358 -4.27 8.21 -23.46
N ALA A 359 -4.87 7.75 -24.54
CA ALA A 359 -6.15 8.28 -24.96
C ALA A 359 -7.18 7.93 -23.91
N GLY A 360 -6.87 6.89 -23.13
CA GLY A 360 -7.80 6.39 -22.17
C GLY A 360 -8.04 7.40 -21.06
N LEU A 361 -6.97 7.78 -20.37
CA LEU A 361 -7.10 8.66 -19.22
C LEU A 361 -7.09 10.12 -19.64
N SER A 362 -6.55 10.38 -20.83
CA SER A 362 -6.46 11.74 -21.33
C SER A 362 -7.87 12.23 -21.68
N VAL A 363 -8.25 13.35 -21.08
CA VAL A 363 -9.56 13.95 -21.35
C VAL A 363 -9.54 15.48 -21.30
N SER A 364 -10.30 16.07 -22.21
CA SER A 364 -10.44 17.52 -22.24
C SER A 364 -11.89 17.89 -22.03
N ARG A 365 -12.13 18.50 -20.88
CA ARG A 365 -13.48 18.75 -20.42
C ARG A 365 -14.13 19.83 -21.25
N VAL A 366 -13.44 20.94 -21.48
CA VAL A 366 -14.00 22.04 -22.29
C VAL A 366 -14.18 21.54 -23.69
N GLY A 367 -13.73 20.32 -23.90
CA GLY A 367 -13.62 19.80 -25.24
C GLY A 367 -14.85 19.99 -26.09
N GLY A 368 -14.55 20.16 -27.37
CA GLY A 368 -15.49 20.06 -28.47
C GLY A 368 -15.97 21.42 -28.90
N ALA A 369 -16.01 22.36 -27.97
CA ALA A 369 -16.39 23.72 -28.35
C ALA A 369 -15.10 24.29 -28.85
N ALA A 370 -14.03 23.59 -28.48
CA ALA A 370 -12.70 23.96 -28.90
C ALA A 370 -12.46 23.48 -30.33
N GLN A 371 -12.97 22.31 -30.66
CA GLN A 371 -12.79 21.78 -32.01
C GLN A 371 -13.66 22.53 -33.01
N ILE A 372 -13.21 22.55 -34.27
CA ILE A 372 -13.95 23.15 -35.37
C ILE A 372 -14.77 22.11 -36.12
N LYS A 373 -15.92 22.50 -36.67
CA LYS A 373 -16.85 21.54 -37.23
C LYS A 373 -16.14 20.45 -38.03
N ALA A 374 -15.23 20.88 -38.91
CA ALA A 374 -14.47 19.97 -39.78
C ALA A 374 -13.74 18.83 -39.02
N MSE A 375 -13.33 19.13 -37.80
CA MSE A 375 -12.89 18.13 -36.83
C MSE A 375 -14.02 17.52 -36.04
O MSE A 375 -14.00 16.33 -35.74
CB MSE A 375 -11.85 18.69 -35.88
CG MSE A 375 -10.45 18.22 -36.20
SE MSE A 375 -10.09 16.49 -35.43
CE MSE A 375 -8.33 16.23 -36.22
N LYS A 376 -15.01 18.34 -35.68
CA LYS A 376 -16.06 17.91 -34.77
C LYS A 376 -16.65 16.58 -35.22
N LYS A 377 -16.79 16.41 -36.52
CA LYS A 377 -17.42 15.21 -37.09
C LYS A 377 -16.49 14.00 -37.08
N VAL A 378 -15.39 14.11 -37.83
CA VAL A 378 -14.38 13.07 -37.95
C VAL A 378 -13.63 12.77 -36.67
N ALA A 379 -13.90 13.56 -35.63
CA ALA A 379 -13.36 13.28 -34.31
C ALA A 379 -14.29 12.49 -33.42
N GLY A 380 -15.56 12.46 -33.78
CA GLY A 380 -16.53 11.89 -32.87
C GLY A 380 -16.35 10.40 -32.77
N THR A 381 -16.08 9.81 -33.93
CA THR A 381 -15.90 8.38 -34.07
C THR A 381 -14.49 7.95 -33.67
N LEU A 382 -13.57 8.92 -33.69
CA LEU A 382 -12.17 8.63 -33.45
C LEU A 382 -11.99 8.01 -32.08
N ARG A 383 -12.68 8.58 -31.09
CA ARG A 383 -12.66 8.08 -29.72
C ARG A 383 -13.15 6.63 -29.61
N LEU A 384 -14.19 6.32 -30.39
CA LEU A 384 -14.79 4.99 -30.43
C LEU A 384 -13.79 3.92 -30.81
N ASP A 385 -13.37 4.00 -32.06
CA ASP A 385 -12.46 3.05 -32.65
C ASP A 385 -11.29 2.82 -31.72
N LEU A 386 -10.79 3.90 -31.13
CA LEU A 386 -9.64 3.84 -30.23
C LEU A 386 -10.05 3.30 -28.88
N ALA A 387 -11.27 3.63 -28.48
CA ALA A 387 -11.79 3.13 -27.22
C ALA A 387 -11.70 1.62 -27.23
N ALA A 388 -12.49 0.98 -28.09
CA ALA A 388 -12.61 -0.47 -28.06
C ALA A 388 -11.23 -1.07 -28.14
N TYR A 389 -10.40 -0.55 -29.04
CA TYR A 389 -9.08 -1.12 -29.26
C TYR A 389 -8.27 -1.19 -27.98
N ARG A 390 -8.55 -0.27 -27.05
CA ARG A 390 -7.86 -0.15 -25.77
C ARG A 390 -8.34 -1.23 -24.82
N GLU A 391 -9.61 -1.55 -24.93
CA GLU A 391 -10.27 -2.53 -24.07
C GLU A 391 -10.12 -3.92 -24.66
N LEU A 392 -9.75 -3.95 -25.94
CA LEU A 392 -9.61 -5.18 -26.71
C LEU A 392 -8.16 -5.56 -26.80
N GLU A 393 -7.31 -4.69 -27.33
CA GLU A 393 -6.04 -5.23 -27.71
C GLU A 393 -5.35 -5.22 -26.40
N ALA A 394 -5.68 -6.23 -25.61
CA ALA A 394 -4.86 -6.86 -24.62
C ALA A 394 -4.64 -8.29 -25.11
N PHE A 395 -5.35 -8.64 -26.17
CA PHE A 395 -5.39 -10.01 -26.65
C PHE A 395 -5.03 -10.09 -28.11
N ALA A 396 -3.86 -10.65 -28.39
CA ALA A 396 -3.42 -10.97 -29.74
C ALA A 396 -2.78 -12.35 -29.71
N GLN A 397 -1.73 -12.45 -28.91
CA GLN A 397 -1.02 -13.71 -28.68
C GLN A 397 -1.98 -14.87 -28.36
N PHE A 398 -3.02 -14.59 -27.58
CA PHE A 398 -4.12 -15.54 -27.37
C PHE A 398 -5.09 -15.46 -28.52
N GLY A 399 -4.96 -14.43 -29.33
CA GLY A 399 -5.83 -14.26 -30.48
C GLY A 399 -5.34 -15.09 -31.65
N SER A 400 -4.49 -16.07 -31.37
CA SER A 400 -3.94 -16.95 -32.41
C SER A 400 -5.12 -17.55 -33.16
N ASP A 401 -6.23 -17.61 -32.46
CA ASP A 401 -7.52 -18.06 -32.97
C ASP A 401 -8.37 -16.91 -33.50
N LEU A 402 -7.73 -15.83 -33.95
CA LEU A 402 -8.40 -14.54 -34.05
C LEU A 402 -9.82 -14.79 -34.50
N ASP A 403 -10.76 -14.26 -33.72
CA ASP A 403 -12.19 -14.57 -33.86
C ASP A 403 -13.10 -13.36 -34.05
N LYS A 404 -14.39 -13.64 -34.22
CA LYS A 404 -15.48 -12.66 -34.33
C LYS A 404 -15.33 -11.59 -35.42
N ALA A 405 -15.92 -10.43 -35.19
CA ALA A 405 -15.61 -9.23 -35.93
C ALA A 405 -14.73 -8.40 -35.02
N THR A 406 -14.50 -8.92 -33.81
CA THR A 406 -13.59 -8.23 -32.89
C THR A 406 -12.26 -7.98 -33.62
N GLN A 407 -12.01 -8.77 -34.68
CA GLN A 407 -10.88 -8.56 -35.59
C GLN A 407 -11.02 -7.28 -36.39
N ALA A 408 -12.25 -6.85 -36.64
CA ALA A 408 -12.54 -5.66 -37.43
C ALA A 408 -12.31 -4.42 -36.60
N LYS A 409 -12.73 -4.46 -35.34
CA LYS A 409 -12.51 -3.33 -34.45
C LYS A 409 -11.02 -3.06 -34.38
N LEU A 410 -10.26 -4.11 -34.12
CA LEU A 410 -8.82 -3.99 -34.13
C LEU A 410 -8.38 -3.38 -35.46
N ALA A 411 -9.07 -3.78 -36.54
CA ALA A 411 -8.58 -3.52 -37.89
C ALA A 411 -8.09 -2.10 -38.08
N ARG A 412 -9.03 -1.17 -38.16
CA ARG A 412 -8.67 0.23 -38.31
C ARG A 412 -8.14 0.78 -37.00
N GLY A 413 -8.45 0.06 -35.92
CA GLY A 413 -7.95 0.42 -34.62
C GLY A 413 -6.43 0.48 -34.63
N ALA A 414 -5.80 -0.61 -35.01
CA ALA A 414 -4.35 -0.58 -34.96
C ALA A 414 -3.87 0.43 -35.98
N ARG A 415 -4.75 0.76 -36.91
CA ARG A 415 -4.42 1.69 -37.96
C ARG A 415 -4.52 3.16 -37.51
N THR A 416 -5.56 3.47 -36.72
CA THR A 416 -5.72 4.82 -36.16
C THR A 416 -4.47 5.19 -35.38
N VAL A 417 -3.99 4.25 -34.55
CA VAL A 417 -2.78 4.44 -33.74
C VAL A 417 -1.61 4.98 -34.56
N GLU A 418 -1.40 4.33 -35.71
CA GLU A 418 -0.50 4.77 -36.75
C GLU A 418 -0.74 6.24 -37.18
N VAL A 419 -2.01 6.60 -37.33
CA VAL A 419 -2.37 7.94 -37.74
C VAL A 419 -2.15 8.93 -36.62
N LEU A 420 -2.37 8.46 -35.39
CA LEU A 420 -2.13 9.23 -34.16
C LEU A 420 -0.65 9.40 -33.87
N LYS A 421 0.18 8.45 -34.31
CA LYS A 421 1.63 8.64 -34.26
C LYS A 421 2.04 9.80 -35.16
N GLN A 422 2.75 10.76 -34.60
CA GLN A 422 3.18 11.92 -35.36
C GLN A 422 4.70 12.06 -35.22
N ASP A 423 5.32 12.79 -36.15
CA ASP A 423 6.75 13.11 -36.04
C ASP A 423 7.02 14.13 -34.93
N LEU A 424 8.28 14.48 -34.79
CA LEU A 424 8.64 15.51 -33.84
C LEU A 424 9.06 16.71 -34.66
N HIS A 425 8.85 17.90 -34.11
CA HIS A 425 9.23 19.14 -34.78
C HIS A 425 8.53 19.25 -36.12
N GLN A 426 7.40 18.57 -36.25
CA GLN A 426 6.66 18.63 -37.48
C GLN A 426 5.15 18.75 -37.17
N PRO A 427 4.68 19.97 -36.86
CA PRO A 427 3.24 20.18 -36.61
C PRO A 427 2.37 19.88 -37.84
N ILE A 428 1.08 19.66 -37.63
CA ILE A 428 0.16 19.47 -38.76
C ILE A 428 -1.04 20.41 -38.79
N PRO A 429 -1.17 21.24 -39.86
CA PRO A 429 -2.36 22.12 -39.95
C PRO A 429 -3.69 21.37 -39.98
N VAL A 430 -4.66 21.92 -39.27
CA VAL A 430 -5.99 21.32 -39.20
C VAL A 430 -6.50 20.93 -40.57
N GLU A 431 -6.33 21.80 -41.57
CA GLU A 431 -6.89 21.56 -42.90
C GLU A 431 -6.65 20.09 -43.28
N LYS A 432 -5.36 19.76 -43.48
CA LYS A 432 -4.95 18.45 -44.02
C LYS A 432 -4.85 17.42 -42.92
N GLN A 433 -5.14 17.87 -41.71
CA GLN A 433 -5.28 16.97 -40.59
C GLN A 433 -6.64 16.27 -40.56
N VAL A 434 -7.72 17.04 -40.73
CA VAL A 434 -9.07 16.48 -40.63
C VAL A 434 -9.26 15.45 -41.73
N LEU A 435 -8.45 15.57 -42.77
CA LEU A 435 -8.58 14.71 -43.94
C LEU A 435 -8.03 13.31 -43.63
N ILE A 436 -6.91 13.26 -42.93
CA ILE A 436 -6.31 11.99 -42.62
C ILE A 436 -7.06 11.32 -41.48
N ILE A 437 -7.55 12.14 -40.55
CA ILE A 437 -8.40 11.66 -39.47
C ILE A 437 -9.78 11.28 -40.06
N TYR A 438 -9.95 11.61 -41.34
CA TYR A 438 -11.12 11.29 -42.15
C TYR A 438 -10.87 9.94 -42.81
N ALA A 439 -9.78 9.87 -43.57
CA ALA A 439 -9.46 8.70 -44.36
C ALA A 439 -9.72 7.42 -43.58
N LEU A 440 -8.95 7.16 -42.54
CA LEU A 440 -9.03 5.90 -41.79
C LEU A 440 -10.39 5.66 -41.13
N THR A 441 -11.06 6.76 -40.80
CA THR A 441 -12.31 6.64 -40.10
C THR A 441 -13.43 6.37 -41.09
N ARG A 442 -13.16 6.57 -42.37
CA ARG A 442 -14.10 6.16 -43.42
C ARG A 442 -13.79 4.85 -44.17
N GLY A 443 -12.63 4.25 -43.90
CA GLY A 443 -12.21 3.05 -44.60
C GLY A 443 -11.25 3.33 -45.76
N PHE A 444 -10.98 4.59 -46.06
CA PHE A 444 -10.18 4.96 -47.24
C PHE A 444 -8.69 4.70 -46.94
N LEU A 445 -8.48 4.09 -45.80
CA LEU A 445 -7.20 3.83 -45.20
C LEU A 445 -7.11 2.34 -44.98
N ASP A 446 -8.21 1.80 -44.46
CA ASP A 446 -8.37 0.39 -44.12
C ASP A 446 -7.77 -0.62 -45.13
N ASP A 447 -7.93 -0.39 -46.43
CA ASP A 447 -7.34 -1.29 -47.43
C ASP A 447 -5.80 -1.30 -47.43
N ILE A 448 -5.21 -0.41 -46.62
CA ILE A 448 -3.75 -0.29 -46.50
C ILE A 448 -3.24 -0.82 -45.18
N PRO A 449 -2.27 -1.76 -45.23
CA PRO A 449 -1.70 -2.34 -44.01
C PRO A 449 -1.00 -1.29 -43.15
N VAL A 450 -0.92 -1.57 -41.86
CA VAL A 450 -0.25 -0.68 -40.94
C VAL A 450 1.18 -0.33 -41.39
N GLU A 451 1.90 -1.31 -41.96
CA GLU A 451 3.26 -1.04 -42.40
C GLU A 451 3.28 0.26 -43.22
N ASP A 452 2.27 0.43 -44.08
CA ASP A 452 2.24 1.59 -44.96
C ASP A 452 1.37 2.80 -44.53
N VAL A 453 0.79 2.76 -43.33
CA VAL A 453 -0.09 3.85 -42.88
C VAL A 453 0.62 5.19 -42.67
N ARG A 454 1.75 5.16 -41.97
CA ARG A 454 2.52 6.38 -41.69
C ARG A 454 3.01 7.02 -42.98
N ARG A 455 3.65 6.22 -43.83
CA ARG A 455 4.30 6.69 -45.04
C ARG A 455 3.27 6.91 -46.13
N PHE A 456 2.00 6.75 -45.76
CA PHE A 456 0.85 7.10 -46.59
C PHE A 456 0.41 8.55 -46.34
N GLU A 457 0.02 8.81 -45.10
CA GLU A 457 -0.44 10.13 -44.75
C GLU A 457 0.61 11.16 -45.11
N LYS A 458 1.84 10.71 -45.33
CA LYS A 458 2.98 11.58 -45.62
C LYS A 458 2.88 12.21 -47.01
N GLU A 459 2.56 11.39 -48.00
CA GLU A 459 2.38 11.94 -49.32
C GLU A 459 0.93 12.25 -49.61
N PHE A 460 0.02 11.76 -48.78
CA PHE A 460 -1.38 12.11 -48.98
C PHE A 460 -1.54 13.59 -48.68
N TYR A 461 -0.62 14.11 -47.86
CA TYR A 461 -0.52 15.54 -47.65
C TYR A 461 -0.07 16.24 -48.93
N LEU A 462 1.09 15.86 -49.47
CA LEU A 462 1.60 16.49 -50.68
C LEU A 462 0.59 16.37 -51.81
N PHE A 463 -0.01 15.18 -51.94
CA PHE A 463 -1.02 14.89 -52.95
C PHE A 463 -2.12 15.90 -52.85
N LEU A 464 -2.39 16.34 -51.62
CA LEU A 464 -3.36 17.40 -51.41
C LEU A 464 -2.75 18.78 -51.65
N ASP A 465 -1.50 18.99 -51.25
CA ASP A 465 -0.88 20.32 -51.34
C ASP A 465 -0.70 20.76 -52.77
N GLN A 466 -0.96 19.82 -53.67
CA GLN A 466 -0.89 20.04 -55.10
C GLN A 466 -2.30 19.90 -55.69
N ASN A 467 -2.91 18.73 -55.51
CA ASN A 467 -4.21 18.44 -56.12
C ASN A 467 -5.52 18.61 -55.32
N GLY A 468 -5.43 18.70 -53.99
CA GLY A 468 -6.58 19.00 -53.16
C GLY A 468 -6.46 20.37 -52.51
N GLN A 469 -5.47 21.13 -52.97
CA GLN A 469 -5.11 22.42 -52.39
C GLN A 469 -6.33 23.31 -52.41
N HIS A 470 -7.26 22.94 -53.28
CA HIS A 470 -8.57 23.60 -53.39
C HIS A 470 -9.53 23.07 -52.34
N LEU A 471 -9.43 21.78 -52.08
CA LEU A 471 -10.33 21.07 -51.17
C LEU A 471 -10.09 21.48 -49.71
N LEU A 472 -8.82 21.50 -49.32
CA LEU A 472 -8.42 21.82 -47.95
C LEU A 472 -8.74 23.28 -47.64
N GLU A 473 -8.99 24.06 -48.69
CA GLU A 473 -9.34 25.46 -48.54
C GLU A 473 -10.71 25.59 -47.90
N HIS A 474 -11.68 24.91 -48.47
CA HIS A 474 -13.04 24.96 -47.98
C HIS A 474 -12.99 24.63 -46.50
N ILE A 475 -12.05 23.74 -46.16
CA ILE A 475 -11.79 23.29 -44.78
C ILE A 475 -11.31 24.44 -43.90
N ARG A 476 -10.53 25.34 -44.49
CA ARG A 476 -10.04 26.50 -43.76
C ARG A 476 -11.16 27.49 -43.57
N THR A 477 -11.54 28.15 -44.65
CA THR A 477 -12.49 29.28 -44.64
C THR A 477 -13.86 28.96 -44.00
N THR A 478 -14.29 27.72 -44.06
CA THR A 478 -15.50 27.36 -43.33
C THR A 478 -15.36 26.55 -42.03
N LYS A 479 -14.18 26.02 -41.75
CA LYS A 479 -14.00 25.13 -40.61
C LYS A 479 -15.07 24.04 -40.57
N ASP A 480 -15.59 23.66 -41.75
CA ASP A 480 -16.68 22.70 -41.83
C ASP A 480 -16.45 21.82 -43.02
N LEU A 481 -17.15 20.69 -43.03
CA LEU A 481 -17.26 19.79 -44.17
C LEU A 481 -18.66 19.19 -44.24
N PRO A 482 -19.65 19.95 -44.74
CA PRO A 482 -21.05 19.54 -44.93
C PRO A 482 -21.24 18.57 -46.10
N ASP A 485 -18.13 19.02 -49.13
CA ASP A 485 -16.91 18.34 -48.75
C ASP A 485 -17.12 16.83 -48.67
N ASP A 486 -18.10 16.40 -47.88
CA ASP A 486 -18.25 14.98 -47.57
C ASP A 486 -18.29 14.15 -48.85
N LEU A 487 -18.94 14.72 -49.86
CA LEU A 487 -19.13 14.05 -51.11
C LEU A 487 -17.88 14.07 -51.95
N ASN A 488 -17.33 15.26 -52.16
CA ASN A 488 -16.13 15.39 -52.98
C ASN A 488 -14.98 14.55 -52.41
N LYS A 489 -14.56 14.86 -51.19
CA LYS A 489 -13.46 14.16 -50.52
C LYS A 489 -13.65 12.65 -50.61
N ALA A 490 -14.89 12.19 -50.40
CA ALA A 490 -15.17 10.77 -50.41
C ALA A 490 -14.60 10.16 -51.68
N ILE A 491 -14.83 10.80 -52.81
CA ILE A 491 -14.24 10.36 -54.07
C ILE A 491 -12.83 10.88 -54.23
N GLU A 492 -12.59 12.06 -53.66
CA GLU A 492 -11.33 12.77 -53.88
C GLU A 492 -10.19 12.08 -53.15
N ALA A 493 -10.54 11.30 -52.13
CA ALA A 493 -9.57 10.49 -51.37
C ALA A 493 -9.03 9.34 -52.21
N PHE A 494 -9.90 8.74 -53.02
CA PHE A 494 -9.51 7.68 -53.94
C PHE A 494 -8.51 8.13 -54.98
N LYS A 495 -8.60 9.40 -55.34
CA LYS A 495 -7.70 9.97 -56.33
C LYS A 495 -6.27 9.66 -55.94
N LYS A 496 -6.06 9.47 -54.64
CA LYS A 496 -4.73 9.21 -54.08
C LYS A 496 -4.41 7.72 -53.97
N THR A 497 -5.17 6.98 -53.17
CA THR A 497 -4.85 5.57 -52.97
C THR A 497 -4.69 4.90 -54.32
N PHE A 498 -5.46 5.39 -55.29
CA PHE A 498 -5.45 4.84 -56.63
C PHE A 498 -4.19 5.21 -57.42
N VAL A 499 -3.39 6.16 -56.92
CA VAL A 499 -2.01 6.37 -57.39
C VAL A 499 -0.85 6.00 -56.47
N VAL A 500 -1.14 5.62 -55.24
CA VAL A 500 -0.06 5.38 -54.29
C VAL A 500 0.64 4.07 -54.55
N SER A 501 1.84 3.97 -53.99
CA SER A 501 2.69 2.79 -54.06
C SER A 501 2.10 1.75 -53.11
N GLN A 502 2.92 0.78 -52.70
CA GLN A 502 2.55 -0.13 -51.61
C GLN A 502 3.75 -0.61 -50.77
N SER B 26 -9.29 30.30 47.65
CA SER B 26 -9.87 31.00 46.51
C SER B 26 -10.48 30.01 45.53
N ASP B 27 -11.26 30.54 44.57
CA ASP B 27 -11.85 29.74 43.49
C ASP B 27 -11.67 30.41 42.12
N VAL B 28 -12.31 31.55 41.92
CA VAL B 28 -12.42 32.20 40.62
C VAL B 28 -11.09 32.44 39.84
N GLY B 29 -11.04 31.94 38.61
CA GLY B 29 -9.93 32.15 37.70
C GLY B 29 -10.27 33.07 36.53
N THR B 30 -9.26 33.35 35.72
CA THR B 30 -9.39 34.23 34.56
C THR B 30 -8.88 33.49 33.33
N VAL B 31 -9.68 33.50 32.26
CA VAL B 31 -9.30 32.92 30.97
C VAL B 31 -8.02 33.51 30.36
N ILE B 32 -7.17 32.63 29.88
CA ILE B 32 -5.89 33.03 29.32
C ILE B 32 -5.87 32.75 27.82
N GLN B 33 -6.12 31.49 27.46
CA GLN B 33 -6.19 31.04 26.07
C GLN B 33 -7.47 30.27 25.75
N VAL B 34 -8.16 30.74 24.72
CA VAL B 34 -9.41 30.13 24.27
C VAL B 34 -9.25 29.56 22.87
N GLY B 35 -9.53 28.27 22.70
CA GLY B 35 -9.79 27.74 21.38
C GLY B 35 -10.05 26.25 21.33
N ASP B 36 -10.79 25.84 20.30
CA ASP B 36 -11.17 24.45 20.07
C ASP B 36 -11.55 23.65 21.31
N GLY B 37 -12.60 24.06 22.02
CA GLY B 37 -13.08 23.32 23.18
C GLY B 37 -12.05 23.27 24.32
N ILE B 38 -10.88 23.81 24.04
CA ILE B 38 -9.80 23.82 25.02
C ILE B 38 -9.59 25.26 25.47
N ALA B 39 -9.62 25.43 26.77
CA ALA B 39 -9.33 26.72 27.37
C ALA B 39 -8.42 26.49 28.57
N ARG B 40 -7.46 27.37 28.77
CA ARG B 40 -6.64 27.32 29.96
C ARG B 40 -6.76 28.70 30.63
N ALA B 41 -6.48 28.76 31.93
CA ALA B 41 -6.65 29.99 32.69
C ALA B 41 -5.77 30.01 33.93
N HIS B 42 -5.52 31.21 34.46
CA HIS B 42 -4.74 31.38 35.69
C HIS B 42 -5.62 31.21 36.92
N GLY B 43 -5.00 31.24 38.09
CA GLY B 43 -5.74 31.16 39.33
C GLY B 43 -6.34 29.80 39.57
N LEU B 44 -7.56 29.78 40.08
CA LEU B 44 -8.18 28.52 40.44
C LEU B 44 -7.24 27.66 41.29
N ASP B 45 -6.53 28.32 42.20
CA ASP B 45 -5.54 27.64 43.03
C ASP B 45 -6.14 26.43 43.78
N ASN B 46 -7.42 26.51 44.13
CA ASN B 46 -8.06 25.44 44.89
C ASN B 46 -8.74 24.35 44.07
N VAL B 47 -8.77 24.49 42.75
CA VAL B 47 -9.52 23.56 41.90
C VAL B 47 -8.98 22.15 42.05
N MSE B 48 -9.89 21.18 42.22
CA MSE B 48 -9.51 19.77 42.24
C MSE B 48 -9.35 19.21 40.83
O MSE B 48 -10.03 19.70 39.91
CB MSE B 48 -10.59 18.93 42.92
CG MSE B 48 -10.96 19.30 44.32
SE MSE B 48 -12.26 17.95 44.96
CE MSE B 48 -13.92 18.77 44.37
N SER B 49 -8.53 18.19 40.66
CA SER B 49 -8.39 17.56 39.34
C SER B 49 -9.65 16.75 39.01
N GLY B 50 -10.30 17.10 37.90
CA GLY B 50 -11.55 16.49 37.51
C GLY B 50 -12.73 17.20 38.15
N GLU B 51 -12.55 18.47 38.44
CA GLU B 51 -13.63 19.26 39.01
C GLU B 51 -14.34 20.05 37.91
N LEU B 52 -15.66 19.92 37.86
CA LEU B 52 -16.37 20.56 36.76
C LEU B 52 -16.39 22.02 37.11
N VAL B 53 -15.60 22.84 36.42
CA VAL B 53 -15.61 24.26 36.72
C VAL B 53 -16.79 24.94 35.99
N GLU B 54 -16.78 26.26 35.98
CA GLU B 54 -17.82 26.97 35.29
C GLU B 54 -17.27 28.26 34.73
N PHE B 55 -17.70 28.60 33.52
CA PHE B 55 -17.22 29.82 32.92
C PHE B 55 -18.32 30.88 33.09
N ALA B 56 -18.00 32.11 32.73
CA ALA B 56 -18.89 33.24 32.96
C ALA B 56 -20.11 33.13 32.08
N ASN B 57 -19.90 32.79 30.82
CA ASN B 57 -20.99 32.68 29.85
C ASN B 57 -21.97 31.56 30.19
N GLY B 58 -21.67 30.80 31.23
CA GLY B 58 -22.62 29.83 31.74
C GLY B 58 -22.34 28.43 31.24
N VAL B 59 -21.28 28.31 30.46
CA VAL B 59 -20.89 27.02 29.92
C VAL B 59 -20.14 26.22 30.97
N MSE B 60 -20.48 24.95 31.10
CA MSE B 60 -19.75 24.05 32.00
C MSE B 60 -18.43 23.52 31.38
O MSE B 60 -18.31 23.46 30.16
CB MSE B 60 -20.66 22.89 32.40
CG MSE B 60 -21.91 23.36 33.09
SE MSE B 60 -21.44 24.30 34.71
CE MSE B 60 -21.77 22.88 36.02
N GLY B 61 -17.46 23.18 32.22
CA GLY B 61 -16.21 22.62 31.71
C GLY B 61 -15.47 21.77 32.73
N MSE B 62 -14.61 20.86 32.27
CA MSE B 62 -13.87 20.03 33.19
C MSE B 62 -12.41 20.49 33.29
O MSE B 62 -11.86 21.08 32.37
CB MSE B 62 -13.94 18.55 32.80
CG MSE B 62 -13.08 17.60 33.65
SE MSE B 62 -12.83 15.87 32.77
CE MSE B 62 -13.41 14.63 34.19
N ALA B 63 -11.80 20.25 34.44
CA ALA B 63 -10.39 20.60 34.57
C ALA B 63 -9.54 19.36 34.36
N LEU B 64 -8.93 19.26 33.19
CA LEU B 64 -8.16 18.07 32.87
C LEU B 64 -6.71 18.13 33.31
N ASN B 65 -6.08 19.24 32.99
CA ASN B 65 -4.65 19.38 33.24
C ASN B 65 -4.46 20.42 34.32
N LEU B 66 -3.64 20.13 35.33
CA LEU B 66 -3.35 21.13 36.34
C LEU B 66 -1.88 21.46 36.40
N GLU B 67 -1.52 22.62 35.88
CA GLU B 67 -0.12 23.00 35.79
C GLU B 67 0.19 23.96 36.91
N GLU B 68 1.45 24.36 37.01
CA GLU B 68 1.86 25.30 38.03
C GLU B 68 1.27 26.70 37.81
N ASN B 69 1.46 27.21 36.60
CA ASN B 69 0.99 28.54 36.18
C ASN B 69 -0.35 28.64 35.42
N ASN B 70 -1.17 27.58 35.40
CA ASN B 70 -2.43 27.58 34.65
C ASN B 70 -3.28 26.34 34.90
N VAL B 71 -4.47 26.32 34.32
CA VAL B 71 -5.37 25.20 34.47
C VAL B 71 -5.91 24.80 33.10
N GLY B 72 -5.62 23.57 32.69
CA GLY B 72 -6.22 23.05 31.49
C GLY B 72 -7.67 22.75 31.72
N ILE B 73 -8.51 23.36 30.89
CA ILE B 73 -9.93 23.13 31.03
C ILE B 73 -10.65 22.74 29.72
N VAL B 74 -11.35 21.61 29.77
CA VAL B 74 -12.02 21.07 28.59
C VAL B 74 -13.49 21.53 28.51
N ILE B 75 -13.76 22.52 27.66
CA ILE B 75 -15.07 23.18 27.64
C ILE B 75 -16.10 22.18 27.26
N LEU B 76 -17.12 22.01 28.09
CA LEU B 76 -18.16 21.11 27.64
C LEU B 76 -19.37 21.92 27.21
N GLY B 77 -19.32 22.31 25.94
CA GLY B 77 -20.33 23.16 25.35
C GLY B 77 -19.72 24.22 24.44
N PRO B 78 -20.56 25.13 23.93
CA PRO B 78 -20.12 26.17 23.02
C PRO B 78 -18.95 26.94 23.61
N TYR B 79 -17.88 27.06 22.85
CA TYR B 79 -16.75 27.85 23.29
C TYR B 79 -16.66 29.24 22.67
N THR B 80 -17.62 29.63 21.83
CA THR B 80 -17.55 30.93 21.15
C THR B 80 -17.74 32.10 22.14
N GLY B 81 -18.63 31.85 23.09
CA GLY B 81 -19.01 32.81 24.11
C GLY B 81 -17.96 32.95 25.20
N ILE B 82 -16.84 32.24 25.07
CA ILE B 82 -15.71 32.36 26.00
C ILE B 82 -14.57 33.14 25.34
N LYS B 83 -14.14 34.23 25.97
CA LYS B 83 -13.01 35.02 25.46
C LYS B 83 -11.90 35.06 26.50
N GLU B 84 -10.80 35.75 26.18
CA GLU B 84 -9.72 35.92 27.14
C GLU B 84 -10.16 36.92 28.20
N GLY B 85 -10.10 36.50 29.46
CA GLY B 85 -10.48 37.35 30.56
C GLY B 85 -11.80 36.98 31.22
N ASP B 86 -12.63 36.20 30.55
CA ASP B 86 -13.89 35.80 31.15
C ASP B 86 -13.57 35.08 32.47
N GLU B 87 -14.52 35.15 33.42
CA GLU B 87 -14.32 34.54 34.73
C GLU B 87 -14.64 33.04 34.75
N VAL B 88 -13.80 32.27 35.42
CA VAL B 88 -14.07 30.86 35.57
C VAL B 88 -14.08 30.46 37.03
N ARG B 89 -15.23 30.00 37.52
CA ARG B 89 -15.43 29.74 38.95
C ARG B 89 -15.37 28.22 39.21
N ARG B 90 -14.96 27.81 40.42
CA ARG B 90 -15.06 26.39 40.81
C ARG B 90 -16.52 25.93 40.99
N THR B 91 -16.67 24.65 41.34
CA THR B 91 -17.96 24.09 41.77
C THR B 91 -17.74 23.28 43.02
N GLY B 92 -16.67 22.49 42.97
CA GLY B 92 -16.21 21.76 44.13
C GLY B 92 -16.81 20.38 44.02
N ARG B 93 -17.33 20.12 42.83
CA ARG B 93 -17.93 18.85 42.52
C ARG B 93 -17.18 18.28 41.33
N ILE B 94 -16.73 17.04 41.50
CA ILE B 94 -15.91 16.46 40.45
C ILE B 94 -16.86 15.77 39.48
N MSE B 95 -17.01 16.39 38.31
CA MSE B 95 -17.62 15.72 37.15
C MSE B 95 -18.77 14.77 37.50
O MSE B 95 -18.60 13.56 37.54
CB MSE B 95 -16.57 15.12 36.22
CG MSE B 95 -16.08 16.12 35.16
SE MSE B 95 -17.25 16.31 33.57
CE MSE B 95 -18.82 17.24 34.27
N GLU B 96 -19.93 15.36 37.84
CA GLU B 96 -21.13 14.60 38.13
C GLU B 96 -22.21 14.90 37.09
N VAL B 97 -23.42 14.42 37.35
CA VAL B 97 -24.54 14.62 36.44
C VAL B 97 -25.84 14.20 37.11
N PRO B 98 -26.92 14.94 36.82
CA PRO B 98 -28.17 14.74 37.55
C PRO B 98 -28.72 13.31 37.39
N VAL B 99 -28.99 12.70 38.54
CA VAL B 99 -29.53 11.36 38.63
C VAL B 99 -30.87 11.34 39.39
N GLY B 100 -31.69 10.32 39.13
CA GLY B 100 -32.93 10.14 39.85
C GLY B 100 -33.99 9.51 38.97
N GLU B 101 -35.22 9.44 39.47
CA GLU B 101 -36.30 8.90 38.66
C GLU B 101 -36.75 9.89 37.58
N ALA B 102 -36.66 11.17 37.93
CA ALA B 102 -37.22 12.24 37.11
C ALA B 102 -36.73 12.20 35.66
N LEU B 103 -35.69 11.41 35.41
CA LEU B 103 -35.10 11.26 34.08
C LEU B 103 -35.90 10.39 33.12
N ILE B 104 -36.57 9.38 33.65
CA ILE B 104 -37.29 8.45 32.79
C ILE B 104 -38.21 9.20 31.82
N GLY B 105 -38.20 8.78 30.56
CA GLY B 105 -39.05 9.39 29.54
C GLY B 105 -38.61 10.78 29.07
N ARG B 106 -37.48 11.24 29.60
CA ARG B 106 -36.98 12.55 29.21
C ARG B 106 -35.72 12.45 28.30
N VAL B 107 -35.54 13.46 27.43
CA VAL B 107 -34.38 13.54 26.55
C VAL B 107 -33.42 14.67 26.96
N VAL B 108 -32.29 14.28 27.54
CA VAL B 108 -31.30 15.21 28.05
C VAL B 108 -29.93 14.96 27.44
N ASN B 109 -29.09 15.99 27.44
CA ASN B 109 -27.72 15.86 26.98
C ASN B 109 -26.85 15.13 28.01
N PRO B 110 -25.54 14.95 27.73
CA PRO B 110 -24.62 14.22 28.63
C PRO B 110 -24.46 14.93 29.98
N LEU B 111 -24.94 16.17 30.05
CA LEU B 111 -25.02 16.94 31.29
C LEU B 111 -26.36 16.80 32.03
N GLY B 112 -27.24 15.92 31.52
CA GLY B 112 -28.51 15.60 32.15
C GLY B 112 -29.56 16.65 31.86
N GLN B 113 -29.06 17.80 31.42
CA GLN B 113 -29.89 18.95 31.15
C GLN B 113 -30.83 18.71 29.96
N PRO B 114 -32.15 18.74 30.22
CA PRO B 114 -33.22 18.35 29.30
C PRO B 114 -33.28 19.12 27.96
N VAL B 115 -33.24 18.39 26.85
CA VAL B 115 -33.40 19.00 25.52
C VAL B 115 -34.76 18.82 24.82
N ASP B 116 -35.61 17.96 25.37
CA ASP B 116 -36.85 17.57 24.71
C ASP B 116 -37.93 18.65 24.96
N GLY B 117 -37.50 19.73 25.60
CA GLY B 117 -38.37 20.87 25.85
C GLY B 117 -39.61 20.45 26.62
N LEU B 118 -39.42 19.51 27.55
CA LEU B 118 -40.45 19.09 28.49
C LEU B 118 -40.35 19.77 29.87
N GLY B 119 -39.55 20.81 29.97
CA GLY B 119 -39.40 21.52 31.23
C GLY B 119 -38.23 20.89 31.96
N PRO B 120 -37.73 21.56 33.01
CA PRO B 120 -36.53 21.07 33.70
C PRO B 120 -36.78 19.76 34.45
N VAL B 121 -35.69 19.07 34.81
CA VAL B 121 -35.77 17.78 35.48
C VAL B 121 -35.59 17.97 36.98
N GLU B 122 -36.63 17.68 37.76
CA GLU B 122 -36.52 17.94 39.17
C GLU B 122 -35.91 16.67 39.72
N THR B 123 -34.61 16.75 39.98
CA THR B 123 -33.89 15.61 40.50
C THR B 123 -33.39 16.00 41.87
N THR B 124 -32.86 15.02 42.57
CA THR B 124 -32.52 15.19 43.98
C THR B 124 -31.06 14.76 44.13
N GLU B 125 -30.78 13.51 43.78
CA GLU B 125 -29.45 12.92 43.92
C GLU B 125 -28.61 13.09 42.66
N THR B 126 -27.29 13.18 42.85
CA THR B 126 -26.33 13.32 41.77
C THR B 126 -25.32 12.16 41.81
N ARG B 127 -24.82 11.74 40.64
CA ARG B 127 -23.79 10.70 40.58
C ARG B 127 -22.58 11.14 39.76
N PRO B 128 -21.36 10.82 40.22
CA PRO B 128 -20.12 11.21 39.54
C PRO B 128 -19.90 10.43 38.25
N ILE B 129 -19.36 11.10 37.23
CA ILE B 129 -19.10 10.49 35.92
C ILE B 129 -18.05 9.36 36.00
N GLU B 130 -16.90 9.64 36.59
CA GLU B 130 -15.86 8.62 36.68
C GLU B 130 -15.94 7.85 38.00
N SER B 131 -16.44 6.61 37.90
CA SER B 131 -16.65 5.71 39.04
C SER B 131 -15.96 4.38 38.76
N PRO B 132 -15.38 3.78 39.80
CA PRO B 132 -14.78 2.44 39.75
C PRO B 132 -15.89 1.39 39.63
N ALA B 133 -15.61 0.34 38.88
CA ALA B 133 -16.61 -0.67 38.60
C ALA B 133 -16.58 -1.71 39.70
N PRO B 134 -17.70 -2.44 39.85
CA PRO B 134 -17.82 -3.46 40.90
C PRO B 134 -16.62 -4.41 40.92
N GLY B 135 -16.06 -4.56 42.11
CA GLY B 135 -14.83 -5.30 42.31
C GLY B 135 -15.09 -6.75 42.03
N VAL B 136 -14.05 -7.58 41.99
CA VAL B 136 -14.24 -9.01 41.71
C VAL B 136 -15.26 -9.60 42.69
N MSE B 137 -15.13 -9.20 43.95
CA MSE B 137 -15.96 -9.70 45.06
C MSE B 137 -17.37 -9.09 45.07
O MSE B 137 -18.27 -9.66 45.71
CB MSE B 137 -15.27 -9.40 46.39
CG MSE B 137 -13.82 -9.83 46.41
SE MSE B 137 -13.68 -11.75 46.16
CE MSE B 137 -13.99 -12.30 48.01
N ASP B 138 -17.53 -7.97 44.38
CA ASP B 138 -18.82 -7.29 44.30
C ASP B 138 -19.64 -7.85 43.15
N ARG B 139 -19.12 -8.90 42.50
CA ARG B 139 -19.77 -9.48 41.33
C ARG B 139 -20.25 -10.93 41.49
N ARG B 140 -21.31 -11.26 40.74
CA ARG B 140 -21.83 -12.62 40.65
C ARG B 140 -21.98 -13.05 39.18
N SER B 141 -21.76 -14.34 38.90
CA SER B 141 -21.93 -14.84 37.55
C SER B 141 -23.38 -14.62 37.11
N VAL B 142 -23.57 -14.47 35.79
CA VAL B 142 -24.90 -14.19 35.18
C VAL B 142 -25.73 -15.46 34.99
N HIS B 143 -27.01 -15.34 35.30
CA HIS B 143 -28.02 -16.39 35.28
C HIS B 143 -29.26 -15.88 34.55
N GLU B 144 -29.80 -14.78 35.07
CA GLU B 144 -31.00 -14.14 34.52
C GLU B 144 -30.87 -13.57 33.12
N PRO B 145 -31.67 -14.09 32.19
CA PRO B 145 -31.55 -13.75 30.77
C PRO B 145 -32.17 -12.40 30.53
N LEU B 146 -31.66 -11.68 29.54
CA LEU B 146 -32.25 -10.44 29.08
C LEU B 146 -32.86 -10.78 27.72
N GLN B 147 -34.19 -10.87 27.63
CA GLN B 147 -34.81 -11.31 26.39
C GLN B 147 -34.99 -10.14 25.45
N THR B 148 -34.33 -10.26 24.28
CA THR B 148 -34.35 -9.21 23.27
C THR B 148 -35.63 -9.32 22.46
N GLY B 149 -36.20 -10.52 22.47
CA GLY B 149 -37.42 -10.73 21.73
C GLY B 149 -37.08 -10.95 20.27
N ILE B 150 -35.83 -10.67 19.90
CA ILE B 150 -35.42 -10.84 18.51
C ILE B 150 -34.91 -12.27 18.37
N LYS B 151 -35.71 -13.09 17.69
CA LYS B 151 -35.55 -14.54 17.72
C LYS B 151 -34.09 -14.93 17.55
N ALA B 152 -33.55 -14.55 16.40
CA ALA B 152 -32.19 -14.92 16.05
C ALA B 152 -31.24 -14.72 17.24
N ILE B 153 -31.44 -13.64 17.99
CA ILE B 153 -30.57 -13.32 19.12
C ILE B 153 -30.88 -14.15 20.37
N ASP B 154 -32.15 -14.20 20.74
CA ASP B 154 -32.61 -14.87 21.97
C ASP B 154 -32.44 -16.39 21.86
N ALA B 155 -31.99 -16.83 20.68
CA ALA B 155 -31.79 -18.25 20.38
C ALA B 155 -30.31 -18.58 20.16
N LEU B 156 -29.71 -17.92 19.18
CA LEU B 156 -28.32 -18.15 18.78
C LEU B 156 -27.26 -17.43 19.62
N VAL B 157 -27.60 -16.24 20.11
CA VAL B 157 -26.67 -15.42 20.89
C VAL B 157 -27.39 -14.74 22.05
N PRO B 158 -27.52 -15.45 23.18
CA PRO B 158 -28.20 -14.91 24.37
C PRO B 158 -27.40 -13.85 25.14
N ILE B 159 -28.16 -12.94 25.75
CA ILE B 159 -27.58 -11.90 26.58
C ILE B 159 -28.19 -11.90 27.98
N GLY B 160 -27.37 -12.29 28.96
CA GLY B 160 -27.79 -12.31 30.35
C GLY B 160 -27.60 -10.98 31.07
N ARG B 161 -28.55 -10.63 31.94
CA ARG B 161 -28.53 -9.35 32.65
C ARG B 161 -27.19 -9.18 33.37
N GLY B 162 -26.53 -8.06 33.11
CA GLY B 162 -25.18 -7.80 33.62
C GLY B 162 -24.09 -8.28 32.67
N GLN B 163 -24.44 -8.49 31.41
CA GLN B 163 -23.45 -8.90 30.41
C GLN B 163 -23.07 -7.72 29.54
N ARG B 164 -22.07 -7.92 28.69
CA ARG B 164 -21.73 -6.94 27.66
C ARG B 164 -21.64 -7.63 26.30
N GLU B 165 -22.61 -7.37 25.44
CA GLU B 165 -22.65 -7.99 24.13
C GLU B 165 -22.51 -6.92 23.08
N LEU B 166 -21.38 -6.98 22.39
CA LEU B 166 -21.03 -6.02 21.35
C LEU B 166 -21.83 -6.25 20.08
N ILE B 167 -22.59 -5.24 19.65
CA ILE B 167 -23.31 -5.38 18.41
C ILE B 167 -22.58 -4.57 17.35
N ILE B 168 -21.85 -5.27 16.49
CA ILE B 168 -20.95 -4.64 15.54
C ILE B 168 -21.43 -4.86 14.12
N GLY B 169 -21.41 -3.82 13.30
CA GLY B 169 -21.79 -3.95 11.90
C GLY B 169 -21.63 -2.67 11.12
N ASP B 170 -21.59 -2.77 9.79
CA ASP B 170 -21.32 -1.60 8.96
C ASP B 170 -22.45 -0.61 9.02
N ARG B 171 -22.29 0.49 8.29
CA ARG B 171 -23.29 1.54 8.32
C ARG B 171 -24.57 1.01 7.71
N GLN B 172 -25.68 1.16 8.41
CA GLN B 172 -26.98 0.74 7.86
C GLN B 172 -27.18 -0.78 7.84
N THR B 173 -26.75 -1.46 8.89
CA THR B 173 -27.06 -2.89 9.01
C THR B 173 -28.19 -3.30 9.97
N GLY B 174 -28.84 -2.31 10.60
CA GLY B 174 -29.92 -2.59 11.53
C GLY B 174 -29.51 -2.47 13.00
N LYS B 175 -28.27 -2.07 13.27
CA LYS B 175 -27.83 -1.93 14.65
C LYS B 175 -28.88 -1.13 15.43
N THR B 176 -29.24 0.04 14.91
CA THR B 176 -30.19 0.94 15.56
C THR B 176 -31.48 0.19 15.90
N SER B 177 -32.10 -0.38 14.89
CA SER B 177 -33.33 -1.12 15.08
C SER B 177 -33.18 -2.16 16.17
N VAL B 178 -32.11 -2.96 16.13
CA VAL B 178 -31.93 -4.01 17.14
C VAL B 178 -32.19 -3.49 18.54
N ALA B 179 -31.35 -2.54 18.96
CA ALA B 179 -31.43 -1.91 20.29
C ALA B 179 -32.84 -1.40 20.61
N ILE B 180 -33.51 -0.89 19.59
CA ILE B 180 -34.87 -0.36 19.70
C ILE B 180 -35.98 -1.45 19.92
N ASP B 181 -35.95 -2.52 19.11
CA ASP B 181 -36.86 -3.63 19.30
C ASP B 181 -36.57 -4.27 20.67
N THR B 182 -35.33 -4.16 21.12
CA THR B 182 -34.97 -4.70 22.43
C THR B 182 -35.59 -3.88 23.56
N ILE B 183 -35.78 -2.59 23.29
CA ILE B 183 -36.34 -1.68 24.30
C ILE B 183 -37.84 -1.86 24.49
N ILE B 184 -38.63 -1.91 23.41
CA ILE B 184 -40.06 -2.14 23.56
C ILE B 184 -40.25 -3.47 24.29
N ASN B 185 -39.39 -4.43 23.98
CA ASN B 185 -39.54 -5.75 24.55
C ASN B 185 -39.20 -5.82 26.05
N GLN B 186 -38.82 -4.67 26.63
CA GLN B 186 -38.49 -4.54 28.05
C GLN B 186 -39.67 -4.15 28.97
N LYS B 187 -40.87 -4.17 28.40
CA LYS B 187 -42.09 -3.80 29.12
C LYS B 187 -42.53 -4.87 30.12
N ASP B 188 -42.28 -6.13 29.79
CA ASP B 188 -42.67 -7.25 30.64
C ASP B 188 -41.76 -7.37 31.85
N GLN B 189 -40.49 -7.67 31.60
CA GLN B 189 -39.54 -7.87 32.70
C GLN B 189 -39.29 -6.50 33.32
N ASN B 190 -38.49 -6.44 34.38
CA ASN B 190 -38.31 -5.14 35.00
C ASN B 190 -37.00 -4.63 34.48
N MSE B 191 -37.07 -3.76 33.47
CA MSE B 191 -35.86 -3.19 32.92
C MSE B 191 -35.94 -1.74 32.45
O MSE B 191 -36.76 -1.37 31.59
CB MSE B 191 -35.24 -4.10 31.86
CG MSE B 191 -34.44 -5.20 32.49
SE MSE B 191 -32.86 -5.49 31.42
N ILE B 192 -35.03 -0.97 33.00
CA ILE B 192 -34.92 0.44 32.72
C ILE B 192 -33.87 0.61 31.64
N SER B 193 -34.30 1.01 30.45
CA SER B 193 -33.40 1.16 29.33
C SER B 193 -32.83 2.57 29.26
N ILE B 194 -31.56 2.67 28.87
CA ILE B 194 -30.91 3.96 28.65
C ILE B 194 -30.27 3.95 27.27
N TYR B 195 -30.85 4.71 26.34
CA TYR B 195 -30.34 4.77 24.96
C TYR B 195 -29.53 6.02 24.79
N VAL B 196 -28.21 5.84 24.70
CA VAL B 196 -27.31 6.95 24.54
C VAL B 196 -26.85 7.02 23.09
N ALA B 197 -27.29 8.04 22.38
CA ALA B 197 -26.97 8.19 20.97
C ALA B 197 -25.75 9.09 20.86
N ILE B 198 -24.62 8.52 20.46
CA ILE B 198 -23.42 9.33 20.30
C ILE B 198 -23.16 9.59 18.83
N GLY B 199 -22.81 10.82 18.50
CA GLY B 199 -22.41 11.14 17.14
C GLY B 199 -23.49 10.83 16.12
N GLN B 200 -24.69 10.48 16.60
CA GLN B 200 -25.84 10.19 15.73
C GLN B 200 -26.58 11.46 15.29
N LYS B 201 -27.27 11.38 14.16
CA LYS B 201 -27.99 12.57 13.68
C LYS B 201 -29.10 12.91 14.65
N GLU B 202 -29.20 14.18 15.02
CA GLU B 202 -30.28 14.59 15.90
C GLU B 202 -31.60 14.10 15.31
N SER B 203 -31.75 14.26 13.99
CA SER B 203 -32.93 13.81 13.25
C SER B 203 -33.27 12.36 13.44
N THR B 204 -32.24 11.51 13.38
CA THR B 204 -32.32 10.08 13.69
C THR B 204 -32.82 9.91 15.13
N VAL B 205 -32.17 10.62 16.04
CA VAL B 205 -32.52 10.49 17.45
C VAL B 205 -34.02 10.66 17.65
N ARG B 206 -34.59 11.67 16.99
CA ARG B 206 -36.00 12.01 17.16
C ARG B 206 -36.85 10.88 16.67
N THR B 207 -36.72 10.57 15.38
CA THR B 207 -37.56 9.57 14.78
C THR B 207 -37.43 8.31 15.62
N VAL B 208 -36.27 8.11 16.25
CA VAL B 208 -36.05 6.96 17.11
C VAL B 208 -36.75 7.11 18.46
N VAL B 209 -36.85 8.35 18.92
CA VAL B 209 -37.45 8.61 20.21
C VAL B 209 -38.99 8.58 20.21
N GLU B 210 -39.64 8.93 19.10
CA GLU B 210 -41.11 8.76 19.01
C GLU B 210 -41.54 7.32 18.74
N THR B 211 -40.76 6.56 17.97
CA THR B 211 -41.06 5.13 17.84
C THR B 211 -41.10 4.45 19.22
N LEU B 212 -40.27 4.95 20.14
CA LEU B 212 -40.29 4.53 21.54
C LEU B 212 -41.54 5.04 22.25
N ARG B 213 -42.00 6.22 21.84
CA ARG B 213 -43.24 6.78 22.37
C ARG B 213 -44.42 5.98 21.91
N LYS B 214 -44.57 5.80 20.59
CA LYS B 214 -45.69 5.01 20.06
C LYS B 214 -45.79 3.75 20.91
N HIS B 215 -44.76 2.93 20.81
CA HIS B 215 -44.66 1.66 21.53
C HIS B 215 -44.54 1.78 23.04
N GLY B 216 -44.48 3.00 23.56
CA GLY B 216 -44.51 3.23 24.99
C GLY B 216 -43.30 2.66 25.70
N ALA B 217 -42.12 3.06 25.25
CA ALA B 217 -40.88 2.74 25.96
C ALA B 217 -40.34 3.83 26.91
N LEU B 218 -40.83 5.06 26.80
CA LEU B 218 -40.22 6.14 27.57
C LEU B 218 -40.52 5.94 29.05
N ASP B 219 -41.57 5.19 29.32
CA ASP B 219 -42.01 4.90 30.69
C ASP B 219 -40.90 4.22 31.47
N TYR B 220 -40.15 3.36 30.78
CA TYR B 220 -38.94 2.71 31.33
C TYR B 220 -37.54 3.13 30.84
N THR B 221 -37.45 4.17 30.00
CA THR B 221 -36.17 4.42 29.33
C THR B 221 -35.67 5.86 29.44
N ILE B 222 -34.35 5.99 29.53
CA ILE B 222 -33.63 7.27 29.48
C ILE B 222 -32.93 7.45 28.13
N VAL B 223 -33.02 8.66 27.57
CA VAL B 223 -32.44 8.92 26.26
C VAL B 223 -31.51 10.12 26.30
N VAL B 224 -30.23 9.87 26.08
CA VAL B 224 -29.21 10.90 26.13
C VAL B 224 -28.65 11.10 24.76
N THR B 225 -28.83 12.30 24.21
CA THR B 225 -28.41 12.56 22.84
C THR B 225 -27.14 13.41 22.73
N ALA B 226 -26.15 12.89 22.00
CA ALA B 226 -25.04 13.73 21.56
C ALA B 226 -24.99 13.82 20.04
N SER B 227 -25.56 14.89 19.50
CA SER B 227 -25.68 15.06 18.06
C SER B 227 -24.31 15.25 17.49
N ALA B 228 -24.19 15.05 16.18
CA ALA B 228 -22.95 15.24 15.42
C ALA B 228 -22.59 16.72 15.26
N SER B 229 -23.58 17.58 15.47
CA SER B 229 -23.37 19.03 15.45
C SER B 229 -22.66 19.47 16.72
N GLN B 230 -22.87 18.68 17.78
CA GLN B 230 -22.28 18.94 19.10
C GLN B 230 -20.76 18.78 19.10
N PRO B 231 -20.07 19.49 20.02
CA PRO B 231 -18.61 19.41 20.12
C PRO B 231 -18.13 18.07 20.67
N ALA B 232 -16.86 17.80 20.39
CA ALA B 232 -16.24 16.53 20.76
C ALA B 232 -16.47 16.18 22.21
N PRO B 233 -16.11 17.12 23.10
CA PRO B 233 -16.13 16.80 24.53
C PRO B 233 -17.44 16.14 24.92
N LEU B 234 -18.58 16.64 24.43
CA LEU B 234 -19.89 16.06 24.76
C LEU B 234 -20.01 14.58 24.39
N LEU B 235 -19.66 14.27 23.15
CA LEU B 235 -19.75 12.91 22.67
C LEU B 235 -18.81 12.05 23.50
N PHE B 236 -17.68 12.63 23.86
CA PHE B 236 -16.73 11.92 24.68
C PHE B 236 -17.32 11.54 26.03
N LEU B 237 -18.13 12.45 26.58
CA LEU B 237 -18.77 12.28 27.89
C LEU B 237 -20.06 11.46 27.84
N ALA B 238 -20.80 11.63 26.74
CA ALA B 238 -22.15 11.06 26.58
C ALA B 238 -22.31 9.58 26.99
N PRO B 239 -21.40 8.72 26.54
CA PRO B 239 -21.44 7.32 26.94
C PRO B 239 -21.24 7.09 28.44
N TYR B 240 -20.54 7.98 29.15
CA TYR B 240 -20.37 7.88 30.60
C TYR B 240 -21.54 8.43 31.42
N ALA B 241 -22.05 9.58 30.99
CA ALA B 241 -23.22 10.19 31.61
C ALA B 241 -24.40 9.21 31.62
N GLY B 242 -24.41 8.29 30.65
CA GLY B 242 -25.45 7.27 30.58
C GLY B 242 -25.32 6.18 31.63
N VAL B 243 -24.11 5.62 31.78
CA VAL B 243 -23.82 4.55 32.75
C VAL B 243 -23.98 5.05 34.18
N ALA B 244 -23.59 6.31 34.38
CA ALA B 244 -23.79 6.95 35.65
C ALA B 244 -25.28 6.86 35.97
N MSE B 245 -26.10 7.44 35.10
CA MSE B 245 -27.54 7.41 35.29
C MSE B 245 -28.09 6.00 35.47
O MSE B 245 -29.11 5.79 36.14
CB MSE B 245 -28.19 8.07 34.10
CG MSE B 245 -27.69 9.45 33.86
SE MSE B 245 -28.57 10.09 32.27
CE MSE B 245 -27.23 11.36 31.63
N GLY B 246 -27.44 5.03 34.84
CA GLY B 246 -27.83 3.64 34.93
C GLY B 246 -27.45 2.95 36.22
N GLU B 247 -26.20 3.11 36.65
CA GLU B 247 -25.74 2.43 37.86
C GLU B 247 -26.72 2.70 39.02
N TYR B 248 -27.39 3.85 38.99
CA TYR B 248 -28.28 4.29 40.08
C TYR B 248 -29.26 3.18 40.37
N PHE B 249 -29.93 2.73 39.32
CA PHE B 249 -30.96 1.71 39.46
C PHE B 249 -30.32 0.36 39.70
N MSE B 250 -29.15 0.16 39.10
CA MSE B 250 -28.40 -1.07 39.28
C MSE B 250 -27.94 -1.20 40.72
O MSE B 250 -28.16 -2.21 41.38
CB MSE B 250 -27.19 -1.13 38.35
CG MSE B 250 -26.42 -2.43 38.47
SE MSE B 250 -24.64 -2.34 37.68
CE MSE B 250 -23.53 -1.75 39.18
N TYR B 251 -27.30 -0.12 41.21
CA TYR B 251 -26.78 -0.05 42.57
C TYR B 251 -27.94 -0.11 43.57
N LYS B 252 -29.15 0.00 43.04
CA LYS B 252 -30.38 -0.07 43.81
C LYS B 252 -31.13 -1.41 43.76
N GLY B 253 -30.56 -2.42 43.10
CA GLY B 253 -31.23 -3.72 42.96
C GLY B 253 -32.03 -3.93 41.67
N LYS B 254 -32.44 -2.80 41.07
CA LYS B 254 -33.14 -2.77 39.79
C LYS B 254 -32.21 -3.19 38.64
N HIS B 255 -32.80 -3.57 37.50
CA HIS B 255 -32.04 -3.98 36.32
C HIS B 255 -32.07 -2.92 35.19
N VAL B 256 -30.88 -2.62 34.63
CA VAL B 256 -30.73 -1.56 33.62
C VAL B 256 -30.16 -2.10 32.30
N LEU B 257 -30.51 -1.41 31.20
CA LEU B 257 -30.03 -1.73 29.86
C LEU B 257 -29.53 -0.45 29.14
N VAL B 258 -28.29 -0.46 28.60
CA VAL B 258 -27.74 0.75 27.97
C VAL B 258 -27.24 0.59 26.50
N VAL B 259 -27.65 1.53 25.65
CA VAL B 259 -27.29 1.56 24.23
C VAL B 259 -26.29 2.67 23.85
N TYR B 260 -25.10 2.29 23.43
CA TYR B 260 -24.23 3.24 22.77
C TYR B 260 -24.31 3.05 21.28
N ASP B 261 -24.68 4.10 20.54
CA ASP B 261 -24.77 3.94 19.09
C ASP B 261 -23.52 4.56 18.54
N ASP B 262 -22.61 3.70 18.09
CA ASP B 262 -21.29 4.11 17.66
C ASP B 262 -20.29 4.56 18.74
N LEU B 263 -19.76 3.62 19.51
CA LEU B 263 -18.60 3.95 20.34
C LEU B 263 -17.50 4.46 19.43
N SER B 264 -17.71 4.32 18.11
CA SER B 264 -16.74 4.76 17.10
C SER B 264 -16.51 6.25 17.04
N LYS B 265 -17.59 7.01 17.21
CA LYS B 265 -17.48 8.47 17.24
C LYS B 265 -17.07 8.96 18.63
N GLN B 266 -16.94 8.03 19.57
CA GLN B 266 -16.39 8.39 20.85
C GLN B 266 -14.90 8.26 20.75
N ALA B 267 -14.45 7.07 20.42
CA ALA B 267 -13.05 6.85 20.15
C ALA B 267 -12.57 7.95 19.22
N ALA B 268 -13.43 8.38 18.30
CA ALA B 268 -13.05 9.39 17.34
C ALA B 268 -13.09 10.78 17.95
N ALA B 269 -14.17 11.08 18.66
CA ALA B 269 -14.38 12.36 19.34
C ALA B 269 -13.25 12.60 20.31
N TYR B 270 -12.92 11.56 21.07
CA TYR B 270 -11.84 11.63 22.06
C TYR B 270 -10.54 11.81 21.37
N ARG B 271 -10.43 11.18 20.20
CA ARG B 271 -9.22 11.27 19.39
C ARG B 271 -9.01 12.72 18.92
N GLU B 272 -10.10 13.33 18.49
CA GLU B 272 -10.07 14.72 18.11
C GLU B 272 -9.53 15.51 19.29
N LEU B 273 -10.34 15.58 20.35
CA LEU B 273 -10.00 16.37 21.53
C LEU B 273 -8.54 16.08 21.85
N SER B 274 -8.20 14.79 21.90
CA SER B 274 -6.89 14.34 22.31
C SER B 274 -5.77 14.95 21.47
N LEU B 275 -6.03 15.06 20.17
CA LEU B 275 -5.05 15.64 19.25
C LEU B 275 -5.04 17.16 19.31
N LEU B 276 -6.17 17.74 19.66
CA LEU B 276 -6.25 19.17 19.80
C LEU B 276 -5.35 19.55 20.95
N LEU B 277 -5.34 18.70 21.98
CA LEU B 277 -4.48 18.86 23.16
C LEU B 277 -3.03 18.65 22.81
N ARG B 278 -2.80 18.19 21.58
CA ARG B 278 -1.48 17.89 21.08
C ARG B 278 -0.86 16.73 21.84
N ARG B 279 -1.72 15.84 22.31
CA ARG B 279 -1.25 14.63 22.93
C ARG B 279 -0.72 13.75 21.82
N PRO B 280 0.56 13.29 21.91
CA PRO B 280 1.18 12.54 20.81
C PRO B 280 0.35 11.32 20.41
N PRO B 281 0.00 11.23 19.11
CA PRO B 281 -0.85 10.17 18.54
C PRO B 281 -0.13 8.84 18.37
N GLY B 282 -0.90 7.78 18.54
CA GLY B 282 -0.41 6.42 18.41
C GLY B 282 -0.92 5.82 17.11
N ARG B 283 -1.11 4.50 17.11
CA ARG B 283 -1.68 3.83 15.93
C ARG B 283 -3.00 4.43 15.48
N GLU B 284 -3.18 4.49 14.17
CA GLU B 284 -4.39 4.99 13.58
C GLU B 284 -4.78 6.31 14.19
N ALA B 285 -3.79 7.06 14.63
CA ALA B 285 -4.03 8.40 15.15
C ALA B 285 -4.63 8.39 16.56
N TYR B 286 -5.17 7.25 16.97
CA TYR B 286 -5.81 7.17 18.27
C TYR B 286 -4.79 7.14 19.41
N PRO B 287 -5.07 7.89 20.50
CA PRO B 287 -4.17 8.00 21.65
C PRO B 287 -3.88 6.62 22.22
N GLY B 288 -2.76 6.49 22.95
CA GLY B 288 -2.37 5.22 23.51
C GLY B 288 -3.49 4.68 24.39
N ASP B 289 -4.24 5.60 24.99
CA ASP B 289 -5.26 5.27 25.98
C ASP B 289 -6.61 5.04 25.34
N ILE B 290 -6.64 4.98 24.01
CA ILE B 290 -7.90 4.78 23.31
C ILE B 290 -8.57 3.46 23.70
N PHE B 291 -7.77 2.52 24.19
CA PHE B 291 -8.31 1.27 24.71
C PHE B 291 -8.96 1.46 26.09
N TYR B 292 -8.19 2.07 27.00
CA TYR B 292 -8.64 2.39 28.35
C TYR B 292 -9.98 3.11 28.28
N LEU B 293 -10.09 4.03 27.33
CA LEU B 293 -11.28 4.82 27.14
C LEU B 293 -12.50 3.93 27.11
N HIS B 294 -12.45 2.88 26.29
CA HIS B 294 -13.58 1.96 26.17
C HIS B 294 -13.59 0.88 27.25
N SER B 295 -12.41 0.50 27.70
CA SER B 295 -12.29 -0.58 28.68
C SER B 295 -12.90 -0.19 30.01
N ARG B 296 -12.46 0.96 30.55
CA ARG B 296 -12.94 1.43 31.84
C ARG B 296 -14.44 1.82 31.80
N LEU B 297 -15.03 1.86 30.61
CA LEU B 297 -16.45 2.15 30.45
C LEU B 297 -17.31 0.88 30.55
N LEU B 298 -17.01 -0.09 29.68
CA LEU B 298 -17.72 -1.38 29.65
C LEU B 298 -17.41 -2.26 30.83
N GLU B 299 -16.16 -2.24 31.28
CA GLU B 299 -15.72 -2.94 32.49
C GLU B 299 -16.46 -2.40 33.76
N ARG B 300 -17.39 -1.46 33.55
CA ARG B 300 -18.30 -0.95 34.59
C ARG B 300 -19.56 -1.79 34.79
N ALA B 301 -20.33 -1.96 33.73
CA ALA B 301 -21.44 -2.92 33.75
C ALA B 301 -21.03 -4.34 34.19
N ALA B 302 -21.82 -4.89 35.11
CA ALA B 302 -21.65 -6.27 35.61
C ALA B 302 -22.90 -6.74 36.37
N ASP B 306 -25.53 -10.99 45.19
CA ASP B 306 -26.77 -10.75 45.93
C ASP B 306 -26.42 -10.31 47.35
N ALA B 307 -25.15 -10.11 47.63
CA ALA B 307 -24.72 -9.53 48.90
C ALA B 307 -24.85 -8.01 48.76
N LYS B 308 -24.96 -7.56 47.51
CA LYS B 308 -25.25 -6.17 47.18
C LYS B 308 -26.67 -5.77 46.66
N GLY B 309 -27.63 -6.68 46.65
CA GLY B 309 -28.91 -6.33 46.10
C GLY B 309 -28.97 -6.76 44.65
N GLY B 310 -28.02 -7.62 44.28
CA GLY B 310 -28.07 -8.33 43.02
C GLY B 310 -28.43 -7.50 41.80
N GLY B 311 -27.91 -6.28 41.73
CA GLY B 311 -28.23 -5.38 40.64
C GLY B 311 -27.39 -5.69 39.43
N LEU B 313 -26.76 -4.41 35.23
CA LEU B 313 -26.64 -3.48 34.09
C LEU B 313 -25.97 -4.10 32.86
N THR B 314 -26.76 -4.27 31.80
CA THR B 314 -26.29 -4.83 30.54
C THR B 314 -25.90 -3.72 29.58
N ALA B 315 -24.83 -4.00 28.84
CA ALA B 315 -24.24 -3.07 27.89
C ALA B 315 -24.30 -3.62 26.46
N LEU B 316 -24.91 -2.84 25.56
CA LEU B 316 -24.98 -3.19 24.15
C LEU B 316 -24.24 -2.15 23.30
N PRO B 317 -22.90 -2.27 23.24
CA PRO B 317 -22.03 -1.35 22.50
C PRO B 317 -22.26 -1.39 20.99
N PHE B 318 -22.06 -0.27 20.32
CA PHE B 318 -22.07 -0.23 18.86
C PHE B 318 -20.73 0.17 18.28
N VAL B 319 -20.30 -0.52 17.23
CA VAL B 319 -19.07 -0.16 16.49
C VAL B 319 -19.28 -0.22 14.96
N GLU B 320 -19.13 0.92 14.27
CA GLU B 320 -19.37 0.95 12.82
C GLU B 320 -18.09 0.69 12.06
N THR B 321 -18.11 -0.36 11.24
CA THR B 321 -16.94 -0.79 10.49
C THR B 321 -17.06 -0.39 9.05
N GLN B 322 -15.93 -0.08 8.44
CA GLN B 322 -15.89 0.31 7.06
C GLN B 322 -15.59 -0.92 6.24
N ALA B 323 -16.54 -1.33 5.41
CA ALA B 323 -16.35 -2.48 4.54
C ALA B 323 -16.01 -3.68 5.38
N GLY B 324 -16.85 -3.99 6.35
CA GLY B 324 -16.78 -5.26 7.06
C GLY B 324 -15.39 -5.67 7.50
N ASP B 325 -14.66 -4.74 8.09
CA ASP B 325 -13.34 -5.07 8.53
C ASP B 325 -13.33 -5.18 10.04
N ILE B 326 -13.33 -6.41 10.54
CA ILE B 326 -13.39 -6.65 11.97
C ILE B 326 -12.02 -6.46 12.52
N SER B 327 -11.02 -6.61 11.64
CA SER B 327 -9.58 -6.54 12.00
C SER B 327 -9.11 -5.12 12.35
N ALA B 328 -10.05 -4.19 12.29
CA ALA B 328 -9.79 -2.78 12.58
C ALA B 328 -9.31 -2.59 14.01
N TYR B 329 -8.63 -1.47 14.25
CA TYR B 329 -8.13 -1.15 15.58
C TYR B 329 -9.25 -1.09 16.61
N ILE B 330 -10.03 -0.01 16.57
CA ILE B 330 -11.11 0.18 17.54
C ILE B 330 -11.98 -1.07 17.66
N PRO B 331 -12.47 -1.57 16.52
CA PRO B 331 -13.33 -2.76 16.59
C PRO B 331 -12.68 -3.93 17.34
N THR B 332 -11.44 -4.29 17.01
CA THR B 332 -10.85 -5.43 17.70
C THR B 332 -10.77 -5.15 19.17
N ASN B 333 -10.48 -3.89 19.50
CA ASN B 333 -10.35 -3.49 20.89
C ASN B 333 -11.60 -3.89 21.64
N VAL B 334 -12.72 -3.28 21.25
CA VAL B 334 -13.96 -3.44 22.00
C VAL B 334 -14.37 -4.91 22.06
N ILE B 335 -13.76 -5.74 21.22
CA ILE B 335 -14.02 -7.18 21.19
C ILE B 335 -13.27 -7.87 22.30
N SER B 336 -12.11 -7.30 22.62
CA SER B 336 -11.23 -7.90 23.61
C SER B 336 -11.75 -7.51 24.99
N ILE B 337 -12.89 -6.81 24.99
CA ILE B 337 -13.55 -6.35 26.21
C ILE B 337 -14.87 -7.07 26.40
N THR B 338 -15.77 -6.84 25.45
CA THR B 338 -17.12 -7.36 25.52
C THR B 338 -17.14 -8.87 25.68
N ASP B 339 -18.24 -9.33 26.25
CA ASP B 339 -18.52 -10.73 26.42
C ASP B 339 -19.13 -11.32 25.14
N GLN B 341 -19.70 -11.00 20.87
CA GLN B 341 -20.33 -9.98 20.04
C GLN B 341 -21.22 -10.54 18.93
N ILE B 342 -22.03 -9.66 18.34
CA ILE B 342 -22.94 -10.01 17.26
C ILE B 342 -22.52 -9.27 15.99
N PHE B 343 -22.59 -9.94 14.84
CA PHE B 343 -22.16 -9.31 13.60
C PHE B 343 -23.31 -9.16 12.61
N LEU B 344 -23.52 -7.96 12.13
CA LEU B 344 -24.54 -7.71 11.12
C LEU B 344 -23.90 -7.54 9.74
N GLN B 345 -24.10 -8.53 8.88
CA GLN B 345 -23.56 -8.50 7.52
C GLN B 345 -24.09 -7.28 6.80
N SER B 346 -23.31 -6.77 5.87
CA SER B 346 -23.73 -5.66 5.03
C SER B 346 -24.68 -6.11 3.92
N ASP B 347 -24.31 -7.18 3.24
CA ASP B 347 -25.10 -7.72 2.14
C ASP B 347 -26.41 -8.38 2.59
N LEU B 348 -26.32 -9.16 3.66
CA LEU B 348 -27.47 -9.90 4.14
C LEU B 348 -28.63 -9.01 4.57
N PHE B 349 -28.42 -7.69 4.62
CA PHE B 349 -29.60 -6.85 4.77
C PHE B 349 -30.20 -6.57 3.41
N PHE B 350 -29.49 -5.76 2.61
CA PHE B 350 -30.04 -5.33 1.33
C PHE B 350 -30.50 -6.53 0.56
N SER B 351 -29.86 -7.68 0.81
CA SER B 351 -30.26 -8.94 0.20
C SER B 351 -31.68 -9.39 0.62
N GLY B 352 -32.21 -8.82 1.71
CA GLY B 352 -33.45 -9.30 2.30
C GLY B 352 -33.46 -10.11 3.59
N VAL B 353 -32.44 -9.97 4.42
CA VAL B 353 -32.50 -10.61 5.74
C VAL B 353 -32.48 -9.60 6.91
N ARG B 354 -33.65 -9.41 7.55
CA ARG B 354 -33.79 -8.58 8.75
C ARG B 354 -34.33 -9.36 9.97
N PRO B 355 -33.53 -9.47 11.04
CA PRO B 355 -32.16 -8.96 11.15
C PRO B 355 -31.15 -9.67 10.24
N ALA B 356 -30.06 -8.96 10.03
CA ALA B 356 -28.98 -9.36 9.14
C ALA B 356 -27.96 -10.22 9.86
N ILE B 357 -28.33 -10.80 11.01
CA ILE B 357 -27.37 -11.47 11.88
C ILE B 357 -26.43 -12.41 11.12
N ASN B 358 -25.17 -12.40 11.51
CA ASN B 358 -24.23 -13.34 10.92
C ASN B 358 -23.98 -14.38 11.95
N ALA B 359 -24.65 -15.52 11.78
CA ALA B 359 -24.66 -16.51 12.83
C ALA B 359 -23.26 -17.06 13.13
N GLY B 360 -22.42 -17.12 12.09
CA GLY B 360 -21.10 -17.68 12.26
C GLY B 360 -20.19 -16.81 13.10
N LEU B 361 -20.00 -15.57 12.68
CA LEU B 361 -19.02 -14.68 13.30
C LEU B 361 -19.55 -14.07 14.59
N SER B 362 -20.85 -14.18 14.78
CA SER B 362 -21.49 -13.76 16.00
C SER B 362 -21.16 -14.77 17.09
N VAL B 363 -21.27 -14.35 18.34
CA VAL B 363 -21.06 -15.24 19.50
C VAL B 363 -21.36 -14.55 20.84
N SER B 364 -21.66 -15.38 21.83
CA SER B 364 -21.98 -14.92 23.18
C SER B 364 -21.25 -15.81 24.16
N ARG B 365 -20.48 -15.22 25.07
CA ARG B 365 -19.71 -16.01 26.00
C ARG B 365 -20.61 -16.51 27.13
N VAL B 366 -21.18 -15.60 27.92
CA VAL B 366 -22.07 -15.97 29.02
C VAL B 366 -23.34 -16.64 28.51
N ALA B 369 -26.03 -19.96 29.78
CA ALA B 369 -26.47 -19.82 31.16
C ALA B 369 -27.59 -18.79 31.21
N ALA B 370 -27.73 -18.06 30.10
CA ALA B 370 -28.80 -17.07 29.92
C ALA B 370 -30.16 -17.62 29.47
N GLN B 371 -30.19 -18.53 28.51
CA GLN B 371 -31.40 -19.01 27.83
C GLN B 371 -32.53 -19.32 28.82
N ILE B 372 -33.55 -20.02 28.39
CA ILE B 372 -34.72 -20.16 29.25
C ILE B 372 -35.09 -21.59 29.68
N LYS B 373 -34.31 -22.54 29.16
CA LYS B 373 -34.43 -24.01 29.18
C LYS B 373 -35.26 -24.48 28.00
N ALA B 374 -36.13 -23.57 27.58
CA ALA B 374 -37.01 -23.70 26.44
C ALA B 374 -36.26 -23.40 25.16
N MSE B 375 -35.31 -22.47 25.23
CA MSE B 375 -34.41 -22.18 24.10
C MSE B 375 -33.22 -23.14 24.03
O MSE B 375 -32.75 -23.48 22.94
CB MSE B 375 -33.85 -20.75 24.17
CG MSE B 375 -34.84 -19.65 23.81
SE MSE B 375 -35.58 -19.79 22.01
CE MSE B 375 -35.27 -17.97 21.39
N LYS B 376 -32.73 -23.52 25.20
CA LYS B 376 -31.50 -24.31 25.30
C LYS B 376 -31.63 -25.59 24.49
N LYS B 377 -32.75 -26.28 24.70
CA LYS B 377 -33.03 -27.52 24.02
C LYS B 377 -33.52 -27.23 22.61
N GLY B 413 -33.31 -26.21 6.39
CA GLY B 413 -32.33 -25.18 6.64
C GLY B 413 -32.71 -23.89 5.96
N ALA B 414 -33.26 -23.99 4.75
CA ALA B 414 -33.68 -22.81 4.02
C ALA B 414 -34.96 -22.27 4.63
N ARG B 415 -35.66 -23.12 5.38
CA ARG B 415 -36.88 -22.72 6.08
C ARG B 415 -36.60 -22.05 7.43
N THR B 416 -35.41 -22.31 7.99
CA THR B 416 -35.02 -21.75 9.28
C THR B 416 -34.73 -20.26 9.14
N VAL B 417 -34.17 -19.91 7.98
CA VAL B 417 -33.88 -18.52 7.67
C VAL B 417 -35.15 -17.70 7.68
N GLU B 418 -36.14 -18.16 6.92
CA GLU B 418 -37.43 -17.47 6.81
C GLU B 418 -38.04 -17.26 8.19
N VAL B 419 -37.70 -18.14 9.12
CA VAL B 419 -38.19 -18.03 10.47
C VAL B 419 -37.38 -17.01 11.25
N LEU B 420 -36.07 -17.01 11.03
CA LEU B 420 -35.19 -16.07 11.71
C LEU B 420 -35.47 -14.64 11.27
N LYS B 421 -36.16 -14.49 10.15
CA LYS B 421 -36.53 -13.17 9.66
C LYS B 421 -37.67 -12.60 10.48
N GLN B 422 -37.44 -11.45 11.08
CA GLN B 422 -38.44 -10.81 11.93
C GLN B 422 -38.72 -9.39 11.45
N ASP B 423 -39.97 -8.97 11.56
CA ASP B 423 -40.36 -7.62 11.18
C ASP B 423 -39.97 -6.59 12.24
N LEU B 424 -39.27 -5.56 11.81
CA LEU B 424 -38.80 -4.50 12.70
C LEU B 424 -39.99 -3.91 13.43
N HIS B 425 -39.75 -3.46 14.65
CA HIS B 425 -40.81 -2.85 15.45
C HIS B 425 -41.95 -3.80 15.82
N GLN B 426 -41.69 -5.10 15.78
CA GLN B 426 -42.64 -6.08 16.30
C GLN B 426 -41.92 -7.23 17.02
N PRO B 427 -41.63 -7.04 18.32
CA PRO B 427 -40.91 -7.99 19.18
C PRO B 427 -41.57 -9.36 19.36
N PRO B 429 -42.33 -12.32 22.40
CA PRO B 429 -42.01 -12.94 23.68
C PRO B 429 -41.47 -14.36 23.51
N VAL B 430 -40.61 -14.77 24.44
CA VAL B 430 -39.96 -16.08 24.33
C VAL B 430 -40.95 -17.23 24.21
N GLU B 431 -42.09 -17.07 24.88
CA GLU B 431 -43.12 -18.11 24.98
C GLU B 431 -43.50 -18.72 23.64
N LYS B 432 -44.24 -17.96 22.82
CA LYS B 432 -44.66 -18.46 21.51
C LYS B 432 -43.44 -18.51 20.61
N GLN B 433 -42.33 -17.98 21.11
CA GLN B 433 -41.07 -17.96 20.38
C GLN B 433 -40.37 -19.31 20.36
N VAL B 434 -40.20 -19.92 21.53
CA VAL B 434 -39.49 -21.19 21.57
C VAL B 434 -40.28 -22.26 20.85
N LEU B 435 -41.55 -21.99 20.62
CA LEU B 435 -42.42 -22.91 19.91
C LEU B 435 -42.11 -22.90 18.41
N ILE B 436 -42.09 -21.71 17.82
CA ILE B 436 -41.83 -21.58 16.40
C ILE B 436 -40.43 -22.08 16.08
N ILE B 437 -39.55 -22.04 17.07
CA ILE B 437 -38.18 -22.52 16.91
C ILE B 437 -38.15 -24.01 17.13
N TYR B 438 -39.32 -24.57 17.39
CA TYR B 438 -39.48 -25.99 17.57
C TYR B 438 -40.04 -26.56 16.28
N ALA B 439 -41.24 -26.11 15.93
CA ALA B 439 -41.93 -26.55 14.73
C ALA B 439 -40.95 -26.76 13.59
N PHE B 444 -42.16 -29.89 11.72
CA PHE B 444 -43.54 -29.43 11.84
C PHE B 444 -43.77 -28.23 10.93
N LEU B 445 -42.77 -27.94 10.11
CA LEU B 445 -42.74 -26.80 9.20
C LEU B 445 -42.36 -27.27 7.79
N ASP B 446 -41.32 -28.10 7.72
CA ASP B 446 -40.69 -28.52 6.48
C ASP B 446 -41.69 -28.87 5.38
N ASP B 447 -42.89 -29.29 5.75
CA ASP B 447 -43.92 -29.62 4.76
C ASP B 447 -44.49 -28.39 4.06
N ILE B 448 -44.31 -27.22 4.67
CA ILE B 448 -44.80 -25.96 4.09
C ILE B 448 -43.67 -25.24 3.34
N PRO B 449 -43.92 -24.85 2.08
CA PRO B 449 -42.90 -24.17 1.27
C PRO B 449 -42.41 -22.88 1.90
N VAL B 450 -41.25 -22.40 1.45
CA VAL B 450 -40.64 -21.22 2.08
C VAL B 450 -41.59 -20.02 2.22
N GLU B 451 -42.04 -19.42 1.13
CA GLU B 451 -42.71 -18.13 1.25
C GLU B 451 -43.68 -18.15 2.43
N ASP B 452 -44.74 -18.95 2.33
CA ASP B 452 -45.74 -18.99 3.39
C ASP B 452 -45.14 -19.36 4.77
N VAL B 453 -43.87 -19.77 4.84
CA VAL B 453 -43.20 -20.08 6.12
C VAL B 453 -43.26 -18.94 7.10
N ARG B 454 -42.47 -17.90 6.84
CA ARG B 454 -42.47 -16.74 7.71
C ARG B 454 -43.94 -16.41 7.89
N ARG B 455 -44.69 -16.44 6.79
CA ARG B 455 -46.14 -16.22 6.83
C ARG B 455 -46.79 -17.09 7.91
N PHE B 456 -46.42 -18.37 7.88
CA PHE B 456 -46.85 -19.41 8.81
C PHE B 456 -46.78 -18.87 10.24
N GLU B 457 -45.63 -18.29 10.58
CA GLU B 457 -45.37 -17.73 11.91
C GLU B 457 -46.58 -16.95 12.43
N LYS B 458 -46.97 -15.90 11.72
CA LYS B 458 -48.08 -15.05 12.13
C LYS B 458 -49.29 -15.88 12.52
N GLU B 459 -49.71 -16.77 11.63
CA GLU B 459 -50.88 -17.63 11.90
C GLU B 459 -50.67 -18.44 13.16
N PHE B 460 -49.80 -19.43 13.03
CA PHE B 460 -49.50 -20.44 14.03
C PHE B 460 -49.26 -19.75 15.37
N TYR B 461 -48.81 -18.49 15.31
CA TYR B 461 -48.74 -17.64 16.49
C TYR B 461 -50.13 -17.33 17.06
N LEU B 462 -50.99 -16.72 16.26
CA LEU B 462 -52.36 -16.43 16.70
C LEU B 462 -52.99 -17.67 17.33
N PHE B 463 -53.08 -18.73 16.53
CA PHE B 463 -53.71 -19.98 16.94
C PHE B 463 -53.26 -20.46 18.33
N LEU B 464 -51.98 -20.26 18.65
CA LEU B 464 -51.44 -20.64 19.96
C LEU B 464 -51.90 -19.68 21.07
N ASP B 465 -52.06 -18.41 20.72
CA ASP B 465 -52.52 -17.40 21.67
C ASP B 465 -53.98 -17.65 22.06
N GLN B 466 -54.63 -18.59 21.38
CA GLN B 466 -56.02 -18.90 21.65
C GLN B 466 -56.15 -20.32 22.20
N ASN B 467 -55.79 -21.29 21.36
CA ASN B 467 -55.86 -22.69 21.76
C ASN B 467 -54.76 -23.05 22.75
N GLY B 468 -53.51 -22.91 22.33
CA GLY B 468 -52.38 -23.30 23.16
C GLY B 468 -52.06 -22.26 24.22
N GLN B 469 -53.02 -21.38 24.47
CA GLN B 469 -52.85 -20.35 25.48
C GLN B 469 -52.53 -21.02 26.80
N HIS B 470 -52.93 -22.27 26.94
CA HIS B 470 -52.58 -23.06 28.12
C HIS B 470 -51.25 -23.78 27.97
N LEU B 471 -50.81 -23.93 26.73
CA LEU B 471 -49.56 -24.63 26.43
C LEU B 471 -48.38 -23.70 26.63
N LEU B 472 -48.64 -22.40 26.46
CA LEU B 472 -47.65 -21.36 26.72
C LEU B 472 -47.32 -21.32 28.20
N GLU B 473 -48.36 -21.29 29.04
CA GLU B 473 -48.15 -21.14 30.47
C GLU B 473 -47.17 -22.17 31.04
N HIS B 474 -47.12 -23.34 30.40
CA HIS B 474 -46.17 -24.37 30.78
C HIS B 474 -44.77 -23.93 30.41
N ILE B 475 -44.63 -23.30 29.25
CA ILE B 475 -43.33 -22.79 28.81
C ILE B 475 -42.83 -21.67 29.72
N ARG B 476 -43.65 -20.62 29.91
CA ARG B 476 -43.29 -19.50 30.76
C ARG B 476 -42.94 -19.93 32.19
N THR B 477 -43.98 -20.33 32.93
CA THR B 477 -43.82 -20.63 34.35
C THR B 477 -42.66 -21.55 34.67
N THR B 478 -42.48 -22.59 33.86
CA THR B 478 -41.38 -23.53 34.08
C THR B 478 -40.10 -23.27 33.28
N LYS B 479 -40.17 -22.42 32.26
CA LYS B 479 -39.00 -22.10 31.46
C LYS B 479 -38.39 -23.39 30.95
N ASP B 480 -39.19 -24.45 30.94
CA ASP B 480 -38.72 -25.76 30.54
C ASP B 480 -39.83 -26.42 29.73
N LEU B 481 -39.46 -27.45 28.99
CA LEU B 481 -40.40 -28.13 28.11
C LEU B 481 -40.13 -29.63 28.13
N PRO B 482 -40.18 -30.26 29.31
CA PRO B 482 -39.84 -31.68 29.46
C PRO B 482 -40.76 -32.61 28.68
N LEU B 487 -44.09 -34.08 24.27
CA LEU B 487 -45.07 -35.00 23.72
C LEU B 487 -46.35 -34.29 23.29
N ASN B 488 -46.91 -33.47 24.19
CA ASN B 488 -48.16 -32.76 23.91
C ASN B 488 -48.10 -31.86 22.69
N LYS B 489 -47.36 -30.77 22.81
CA LYS B 489 -47.24 -29.83 21.70
C LYS B 489 -46.84 -30.61 20.46
N ALA B 490 -46.18 -31.75 20.67
CA ALA B 490 -45.71 -32.59 19.57
C ALA B 490 -46.85 -33.02 18.68
N ILE B 491 -48.05 -32.95 19.24
CA ILE B 491 -49.30 -33.29 18.61
C ILE B 491 -50.06 -31.97 18.53
N GLU B 492 -50.17 -31.32 19.69
CA GLU B 492 -50.78 -30.01 19.80
N ALA B 493 -49.02 -29.56 17.83
CA ALA B 493 -48.50 -28.91 16.63
C ALA B 493 -49.24 -29.41 15.40
N PHE B 494 -49.99 -30.49 15.56
CA PHE B 494 -50.87 -31.03 14.52
C PHE B 494 -52.29 -30.54 14.71
N LYS B 495 -52.44 -29.62 15.66
CA LYS B 495 -53.67 -28.88 15.89
C LYS B 495 -53.84 -27.71 14.93
N LYS B 496 -52.78 -26.95 14.70
CA LYS B 496 -52.90 -25.78 13.82
C LYS B 496 -52.52 -26.04 12.37
N THR B 497 -51.89 -27.18 12.12
CA THR B 497 -51.32 -27.50 10.82
C THR B 497 -52.37 -28.18 9.98
N PHE B 498 -52.84 -29.30 10.52
CA PHE B 498 -53.90 -30.08 9.89
C PHE B 498 -55.10 -29.16 9.72
N VAL B 499 -54.94 -27.90 10.13
CA VAL B 499 -55.96 -26.88 9.88
C VAL B 499 -55.40 -25.66 9.16
N SER C 26 35.34 23.26 35.66
CA SER C 26 36.06 23.00 34.41
C SER C 26 36.44 21.53 34.33
N ASP C 27 36.16 20.83 35.43
CA ASP C 27 36.39 19.39 35.57
C ASP C 27 35.17 18.66 36.16
N VAL C 28 34.64 19.19 37.25
CA VAL C 28 33.44 18.67 37.93
C VAL C 28 32.10 19.05 37.33
N GLY C 29 31.06 18.24 37.57
CA GLY C 29 29.72 18.54 37.09
C GLY C 29 28.54 18.14 37.97
N THR C 30 27.38 18.75 37.70
CA THR C 30 26.19 18.63 38.55
C THR C 30 24.91 18.23 37.78
N VAL C 31 24.39 17.05 38.10
CA VAL C 31 23.22 16.48 37.43
C VAL C 31 22.00 17.39 37.49
N ILE C 32 21.46 17.78 36.34
CA ILE C 32 20.15 18.45 36.33
C ILE C 32 18.91 17.67 35.80
N GLN C 33 19.11 16.48 35.22
CA GLN C 33 17.99 15.58 34.91
C GLN C 33 18.43 14.12 35.01
N VAL C 34 17.64 13.29 35.68
CA VAL C 34 17.97 11.88 35.69
C VAL C 34 16.75 11.07 35.35
N GLY C 35 16.76 10.44 34.16
CA GLY C 35 15.75 9.46 33.86
C GLY C 35 16.02 8.62 32.64
N ASP C 36 15.53 7.40 32.68
CA ASP C 36 15.76 6.42 31.63
C ASP C 36 17.25 6.40 31.17
N GLY C 37 18.16 6.00 32.06
CA GLY C 37 19.53 5.71 31.69
C GLY C 37 20.26 6.90 31.08
N ILE C 38 19.57 8.03 31.02
CA ILE C 38 20.08 9.26 30.42
C ILE C 38 20.03 10.39 31.44
N ALA C 39 21.02 11.28 31.38
CA ALA C 39 21.00 12.43 32.26
C ALA C 39 21.64 13.68 31.63
N ARG C 40 21.10 14.85 31.94
CA ARG C 40 21.69 16.13 31.53
C ARG C 40 22.20 16.87 32.76
N ALA C 41 23.48 17.24 32.75
CA ALA C 41 24.09 17.92 33.90
C ALA C 41 24.84 19.21 33.53
N HIS C 42 24.85 20.16 34.46
CA HIS C 42 25.65 21.40 34.33
C HIS C 42 27.13 21.23 34.65
N GLY C 43 27.94 22.14 34.14
CA GLY C 43 29.37 22.08 34.43
C GLY C 43 30.08 21.23 33.41
N LEU C 44 31.21 20.67 33.79
CA LEU C 44 32.04 19.89 32.87
C LEU C 44 32.44 20.69 31.63
N ASP C 45 32.92 21.91 31.84
CA ASP C 45 33.27 22.80 30.73
C ASP C 45 34.50 22.33 29.93
N ASN C 46 35.18 21.32 30.46
CA ASN C 46 36.30 20.66 29.77
C ASN C 46 36.09 19.31 29.04
N VAL C 47 34.89 18.74 29.07
CA VAL C 47 34.69 17.40 28.53
C VAL C 47 34.88 17.39 27.02
N MSE C 48 35.44 16.31 26.52
CA MSE C 48 35.56 16.09 25.09
C MSE C 48 34.32 15.38 24.55
O MSE C 48 33.74 14.56 25.26
CB MSE C 48 36.78 15.21 24.80
CG MSE C 48 38.08 15.82 25.23
SE MSE C 48 39.56 14.60 24.88
CE MSE C 48 39.09 13.23 26.18
N SER C 49 33.92 15.68 23.31
CA SER C 49 32.75 14.99 22.77
C SER C 49 33.04 13.47 22.77
N GLY C 50 32.19 12.73 23.49
CA GLY C 50 32.30 11.30 23.67
C GLY C 50 33.25 10.86 24.78
N GLU C 51 33.44 11.74 25.77
CA GLU C 51 34.36 11.47 26.87
C GLU C 51 33.65 10.69 27.97
N LEU C 52 34.38 9.75 28.55
CA LEU C 52 33.82 8.88 29.57
C LEU C 52 33.82 9.61 30.92
N VAL C 53 32.65 9.81 31.52
CA VAL C 53 32.60 10.50 32.81
C VAL C 53 32.20 9.51 33.90
N GLU C 54 32.22 9.97 35.14
CA GLU C 54 31.93 9.13 36.30
C GLU C 54 31.03 9.83 37.31
N PHE C 55 29.93 9.17 37.68
CA PHE C 55 28.95 9.75 38.58
C PHE C 55 29.39 9.56 40.03
N ALA C 56 28.64 10.17 40.94
CA ALA C 56 28.94 10.07 42.35
C ALA C 56 28.85 8.63 42.86
N ASN C 57 27.70 7.99 42.62
CA ASN C 57 27.46 6.64 43.10
C ASN C 57 28.42 5.58 42.57
N GLY C 58 29.27 5.97 41.62
CA GLY C 58 30.27 5.07 41.10
C GLY C 58 30.08 4.55 39.68
N VAL C 59 28.89 4.72 39.10
CA VAL C 59 28.71 4.31 37.70
C VAL C 59 29.20 5.35 36.67
N MSE C 60 29.58 4.86 35.50
CA MSE C 60 30.11 5.68 34.42
C MSE C 60 28.98 6.23 33.54
O MSE C 60 27.80 5.93 33.73
CB MSE C 60 31.04 4.82 33.54
CG MSE C 60 32.12 4.10 34.32
SE MSE C 60 33.17 5.45 35.18
CE MSE C 60 34.42 5.89 33.75
N GLY C 61 29.36 7.03 32.56
CA GLY C 61 28.42 7.54 31.58
C GLY C 61 29.22 8.18 30.47
N MSE C 62 28.65 8.26 29.28
CA MSE C 62 29.35 8.88 28.17
C MSE C 62 28.67 10.19 27.81
O MSE C 62 27.45 10.26 27.79
CB MSE C 62 29.37 7.94 26.97
CG MSE C 62 30.00 8.56 25.76
SE MSE C 62 30.01 7.29 24.31
CE MSE C 62 31.94 7.00 24.12
N ALA C 63 29.46 11.23 27.55
CA ALA C 63 28.88 12.50 27.12
C ALA C 63 28.87 12.65 25.59
N LEU C 64 27.66 12.79 25.03
CA LEU C 64 27.43 12.83 23.58
C LEU C 64 27.14 14.23 23.08
N ASN C 65 26.02 14.81 23.52
CA ASN C 65 25.80 16.23 23.32
C ASN C 65 26.74 17.07 24.18
N LEU C 66 27.46 17.99 23.56
CA LEU C 66 28.02 19.04 24.38
C LEU C 66 27.20 20.26 24.01
N GLU C 67 26.18 20.51 24.83
CA GLU C 67 25.28 21.64 24.68
C GLU C 67 25.81 22.87 25.37
N GLU C 68 25.39 24.05 24.92
CA GLU C 68 25.88 25.28 25.52
C GLU C 68 25.68 25.34 27.03
N ASN C 69 24.48 25.00 27.48
CA ASN C 69 24.05 25.06 28.90
C ASN C 69 23.95 23.79 29.79
N ASN C 70 24.47 22.66 29.32
CA ASN C 70 24.37 21.38 30.03
C ASN C 70 25.08 20.30 29.21
N VAL C 71 25.03 19.05 29.66
CA VAL C 71 25.67 17.97 28.91
C VAL C 71 24.83 16.71 28.86
N GLY C 72 24.59 16.18 27.66
CA GLY C 72 23.96 14.87 27.54
C GLY C 72 24.86 13.71 27.91
N ILE C 73 24.52 13.03 28.99
CA ILE C 73 25.35 11.96 29.52
C ILE C 73 24.57 10.69 29.34
N VAL C 74 25.24 9.69 28.79
CA VAL C 74 24.55 8.43 28.55
C VAL C 74 24.97 7.48 29.66
N ILE C 75 24.09 7.25 30.62
CA ILE C 75 24.46 6.50 31.82
C ILE C 75 24.73 5.07 31.44
N LEU C 76 25.94 4.61 31.73
CA LEU C 76 26.40 3.32 31.23
C LEU C 76 26.04 2.17 32.15
N GLY C 77 25.16 2.41 33.12
CA GLY C 77 24.76 1.39 34.05
C GLY C 77 23.52 1.83 34.79
N PRO C 78 23.17 1.15 35.90
CA PRO C 78 21.92 1.46 36.61
C PRO C 78 21.79 2.93 36.95
N TYR C 79 20.66 3.50 36.56
CA TYR C 79 20.36 4.90 36.76
C TYR C 79 19.50 5.14 38.01
N THR C 80 19.31 4.09 38.81
CA THR C 80 18.60 4.19 40.09
C THR C 80 19.42 4.95 41.16
N GLY C 81 20.71 4.64 41.22
CA GLY C 81 21.58 5.17 42.24
C GLY C 81 22.02 6.57 41.91
N ILE C 82 21.27 7.24 41.04
CA ILE C 82 21.60 8.61 40.69
C ILE C 82 20.47 9.57 41.04
N LYS C 83 20.81 10.72 41.58
CA LYS C 83 19.82 11.75 41.82
C LYS C 83 20.24 13.11 41.23
N GLU C 84 19.36 14.10 41.32
CA GLU C 84 19.64 15.43 40.81
C GLU C 84 20.72 16.02 41.67
N GLY C 85 21.60 16.81 41.06
CA GLY C 85 22.68 17.45 41.80
C GLY C 85 23.93 16.63 42.02
N ASP C 86 23.83 15.30 41.86
CA ASP C 86 24.96 14.40 42.03
C ASP C 86 26.14 14.88 41.19
N GLU C 87 27.35 14.66 41.70
CA GLU C 87 28.57 15.07 41.01
C GLU C 87 28.93 14.08 39.90
N VAL C 88 29.18 14.60 38.71
CA VAL C 88 29.60 13.74 37.61
C VAL C 88 31.00 14.16 37.21
N ARG C 89 31.99 13.37 37.61
CA ARG C 89 33.36 13.82 37.57
C ARG C 89 34.01 13.33 36.32
N ARG C 90 34.89 14.15 35.75
CA ARG C 90 35.51 13.81 34.48
C ARG C 90 36.44 12.63 34.63
N THR C 91 37.00 12.20 33.52
CA THR C 91 38.00 11.15 33.48
C THR C 91 39.14 11.60 32.59
N GLY C 92 38.77 12.09 31.41
CA GLY C 92 39.76 12.59 30.47
C GLY C 92 40.27 11.39 29.73
N ARG C 93 39.36 10.46 29.50
CA ARG C 93 39.63 9.26 28.73
C ARG C 93 38.46 9.03 27.77
N ILE C 94 38.78 8.93 26.48
CA ILE C 94 37.80 8.49 25.50
C ILE C 94 37.45 7.03 25.76
N MSE C 95 36.19 6.68 25.53
CA MSE C 95 35.70 5.34 25.86
C MSE C 95 36.73 4.33 25.34
O MSE C 95 37.38 4.55 24.31
CB MSE C 95 34.36 5.12 25.13
CG MSE C 95 33.15 4.73 25.98
SE MSE C 95 33.13 2.86 26.44
CE MSE C 95 34.44 2.92 27.92
N GLU C 96 36.93 3.24 26.08
CA GLU C 96 37.74 2.15 25.57
C GLU C 96 37.65 0.93 26.45
N VAL C 97 38.05 -0.22 25.88
CA VAL C 97 37.76 -1.51 26.49
C VAL C 97 38.94 -2.45 26.48
N PRO C 98 38.95 -3.38 27.45
CA PRO C 98 40.09 -4.29 27.58
C PRO C 98 40.20 -5.24 26.39
N VAL C 99 41.38 -5.37 25.80
CA VAL C 99 41.60 -6.28 24.68
C VAL C 99 42.87 -7.11 24.79
N GLY C 100 42.71 -8.42 24.88
CA GLY C 100 43.86 -9.28 25.10
C GLY C 100 43.55 -10.73 24.83
N GLU C 101 44.58 -11.55 24.98
CA GLU C 101 44.48 -12.97 24.71
C GLU C 101 43.91 -13.65 25.95
N ALA C 102 43.57 -12.82 26.93
CA ALA C 102 42.87 -13.25 28.13
C ALA C 102 41.36 -13.42 27.89
N LEU C 103 40.83 -12.82 26.84
CA LEU C 103 39.40 -12.86 26.61
C LEU C 103 38.91 -14.14 25.93
N ILE C 104 39.82 -15.06 25.62
CA ILE C 104 39.43 -16.17 24.76
C ILE C 104 38.61 -17.21 25.52
N GLY C 105 37.35 -17.35 25.13
CA GLY C 105 36.43 -18.19 25.86
C GLY C 105 36.02 -17.52 27.15
N ARG C 106 35.76 -16.23 27.10
CA ARG C 106 35.30 -15.56 28.29
C ARG C 106 34.09 -14.69 27.98
N VAL C 107 32.96 -14.92 28.66
CA VAL C 107 31.76 -14.15 28.35
C VAL C 107 31.78 -12.87 29.18
N VAL C 108 32.05 -11.77 28.50
CA VAL C 108 32.24 -10.51 29.19
C VAL C 108 31.23 -9.56 28.61
N ASN C 109 30.86 -8.54 29.37
CA ASN C 109 29.94 -7.54 28.84
C ASN C 109 30.69 -6.57 27.92
N PRO C 110 29.97 -5.58 27.35
CA PRO C 110 30.62 -4.63 26.46
C PRO C 110 31.78 -3.87 27.13
N LEU C 111 31.71 -3.68 28.45
CA LEU C 111 32.75 -2.92 29.14
C LEU C 111 33.99 -3.77 29.45
N GLY C 112 33.91 -5.06 29.12
CA GLY C 112 35.00 -6.00 29.33
C GLY C 112 34.79 -6.86 30.57
N GLN C 113 33.97 -6.38 31.50
CA GLN C 113 33.69 -7.09 32.75
C GLN C 113 33.12 -8.49 32.47
N PRO C 114 33.84 -9.54 32.91
CA PRO C 114 33.39 -10.92 32.66
C PRO C 114 32.10 -11.24 33.40
N VAL C 115 31.12 -11.78 32.69
CA VAL C 115 29.91 -12.28 33.34
C VAL C 115 29.88 -13.80 33.57
N ASP C 116 30.84 -14.53 32.99
CA ASP C 116 30.84 -16.00 33.01
C ASP C 116 31.24 -16.58 34.37
N GLY C 117 31.81 -15.71 35.23
CA GLY C 117 32.17 -16.06 36.60
C GLY C 117 33.47 -16.83 36.78
N LEU C 118 34.29 -16.81 35.72
CA LEU C 118 35.57 -17.52 35.67
C LEU C 118 36.66 -16.64 36.25
N GLY C 119 36.22 -15.57 36.91
CA GLY C 119 37.12 -14.66 37.58
C GLY C 119 37.30 -13.50 36.64
N PRO C 120 38.19 -12.57 37.01
CA PRO C 120 38.44 -11.40 36.19
C PRO C 120 39.21 -11.76 34.93
N VAL C 121 39.24 -10.86 33.96
CA VAL C 121 40.06 -11.02 32.76
C VAL C 121 41.36 -10.22 32.89
N GLU C 122 42.50 -10.91 32.88
CA GLU C 122 43.72 -10.18 33.15
C GLU C 122 44.24 -9.72 31.82
N THR C 123 44.07 -8.42 31.56
CA THR C 123 44.46 -7.85 30.28
C THR C 123 45.47 -6.75 30.56
N THR C 124 46.36 -6.54 29.59
CA THR C 124 47.41 -5.52 29.71
C THR C 124 47.05 -4.28 28.89
N GLU C 125 46.90 -4.48 27.58
CA GLU C 125 46.59 -3.42 26.61
C GLU C 125 45.13 -3.01 26.66
N THR C 126 44.84 -1.76 26.26
CA THR C 126 43.47 -1.24 26.26
C THR C 126 43.13 -0.45 24.99
N ARG C 127 42.14 -0.95 24.24
CA ARG C 127 41.76 -0.40 22.94
C ARG C 127 40.52 0.50 22.96
N PRO C 128 40.60 1.70 22.34
CA PRO C 128 39.46 2.62 22.31
C PRO C 128 38.31 2.09 21.48
N ILE C 129 37.07 2.27 21.95
CA ILE C 129 35.87 1.84 21.24
C ILE C 129 35.82 2.37 19.81
N GLU C 130 35.65 3.70 19.68
CA GLU C 130 35.59 4.29 18.33
C GLU C 130 37.01 4.49 17.77
N SER C 131 37.30 3.78 16.70
CA SER C 131 38.63 3.81 16.09
C SER C 131 38.52 3.84 14.59
N PRO C 132 39.44 4.59 13.93
CA PRO C 132 39.40 4.76 12.47
C PRO C 132 39.66 3.45 11.72
N ALA C 133 38.82 3.19 10.73
CA ALA C 133 38.95 2.01 9.91
C ALA C 133 40.11 2.16 8.94
N PRO C 134 40.68 1.01 8.49
CA PRO C 134 41.84 1.07 7.60
C PRO C 134 41.54 1.92 6.37
N GLY C 135 42.52 2.72 5.97
CA GLY C 135 42.34 3.64 4.87
C GLY C 135 42.16 2.95 3.54
N VAL C 136 41.98 3.75 2.50
CA VAL C 136 41.86 3.21 1.16
C VAL C 136 43.23 2.72 0.72
N MSE C 137 44.28 3.19 1.37
CA MSE C 137 45.63 2.72 1.04
C MSE C 137 46.14 1.61 1.97
O MSE C 137 47.22 1.04 1.74
CB MSE C 137 46.56 3.91 1.04
CG MSE C 137 46.15 4.97 0.04
SE MSE C 137 46.17 4.32 -1.83
CE MSE C 137 48.11 4.21 -2.16
N ASP C 138 45.36 1.33 3.00
CA ASP C 138 45.70 0.37 4.06
C ASP C 138 45.04 -1.01 3.87
N ARG C 139 44.37 -1.22 2.74
CA ARG C 139 43.65 -2.47 2.49
C ARG C 139 44.19 -3.30 1.34
N ARG C 140 43.58 -4.47 1.16
CA ARG C 140 43.91 -5.42 0.10
C ARG C 140 42.67 -6.19 -0.36
N SER C 141 42.65 -6.59 -1.62
CA SER C 141 41.57 -7.38 -2.12
C SER C 141 41.48 -8.72 -1.38
N VAL C 142 40.35 -9.03 -0.73
CA VAL C 142 40.23 -10.30 -0.01
C VAL C 142 40.35 -11.47 -1.00
N HIS C 143 41.36 -12.31 -0.80
CA HIS C 143 41.48 -13.57 -1.54
C HIS C 143 41.32 -14.81 -0.65
N GLU C 144 41.17 -14.62 0.65
CA GLU C 144 41.23 -15.74 1.56
C GLU C 144 39.86 -16.15 2.00
N PRO C 145 39.44 -17.36 1.60
CA PRO C 145 38.06 -17.75 1.88
C PRO C 145 37.92 -18.07 3.35
N LEU C 146 36.74 -17.75 3.86
CA LEU C 146 36.36 -18.11 5.19
C LEU C 146 35.37 -19.28 5.07
N GLN C 147 35.84 -20.49 5.35
CA GLN C 147 35.01 -21.64 5.06
C GLN C 147 33.96 -21.71 6.14
N THR C 148 32.71 -21.62 5.74
CA THR C 148 31.61 -21.72 6.67
C THR C 148 31.25 -23.15 6.96
N GLY C 149 31.52 -24.00 5.99
CA GLY C 149 31.27 -25.42 6.16
C GLY C 149 29.86 -25.78 5.75
N ILE C 150 29.04 -24.77 5.53
CA ILE C 150 27.69 -25.02 5.06
C ILE C 150 27.72 -24.94 3.54
N LYS C 151 27.55 -26.09 2.90
CA LYS C 151 27.71 -26.22 1.44
C LYS C 151 27.04 -25.05 0.76
N ALA C 152 25.74 -24.97 0.97
CA ALA C 152 24.92 -23.98 0.31
C ALA C 152 25.56 -22.61 0.32
N ILE C 153 26.22 -22.23 1.42
CA ILE C 153 26.91 -20.93 1.48
C ILE C 153 28.32 -20.86 0.85
N ASP C 154 29.15 -21.86 1.09
CA ASP C 154 30.54 -21.81 0.61
C ASP C 154 30.65 -22.17 -0.88
N ALA C 155 29.53 -22.61 -1.43
CA ALA C 155 29.41 -22.95 -2.85
C ALA C 155 28.75 -21.78 -3.58
N LEU C 156 27.51 -21.45 -3.17
CA LEU C 156 26.75 -20.36 -3.78
C LEU C 156 27.24 -18.99 -3.35
N VAL C 157 26.94 -18.59 -2.12
CA VAL C 157 27.37 -17.30 -1.66
C VAL C 157 28.63 -17.48 -0.83
N PRO C 158 29.79 -17.37 -1.48
CA PRO C 158 31.08 -17.59 -0.84
C PRO C 158 31.46 -16.36 -0.05
N ILE C 159 32.04 -16.58 1.11
CA ILE C 159 32.51 -15.50 1.96
C ILE C 159 34.04 -15.53 1.98
N GLY C 160 34.67 -14.35 1.93
CA GLY C 160 36.11 -14.27 2.09
C GLY C 160 36.53 -13.67 3.42
N ARG C 161 37.80 -13.82 3.75
CA ARG C 161 38.36 -13.24 4.97
C ARG C 161 38.42 -11.71 4.86
N GLY C 162 37.82 -11.03 5.84
CA GLY C 162 37.74 -9.57 5.87
C GLY C 162 36.52 -9.03 5.16
N GLN C 163 35.53 -9.89 4.93
CA GLN C 163 34.36 -9.52 4.15
C GLN C 163 33.26 -9.05 5.10
N ARG C 164 32.14 -8.59 4.56
CA ARG C 164 30.97 -8.39 5.40
C ARG C 164 29.72 -9.07 4.81
N GLU C 165 29.30 -10.19 5.41
CA GLU C 165 28.15 -10.92 4.86
C GLU C 165 26.96 -10.82 5.80
N LEU C 166 26.00 -10.01 5.42
CA LEU C 166 24.86 -9.76 6.26
C LEU C 166 23.98 -10.96 6.13
N ILE C 167 23.67 -11.62 7.24
CA ILE C 167 22.59 -12.64 7.20
C ILE C 167 21.29 -12.13 7.87
N ILE C 168 20.32 -11.81 7.03
CA ILE C 168 19.11 -11.13 7.43
C ILE C 168 17.98 -12.09 7.21
N GLY C 169 17.04 -12.13 8.16
CA GLY C 169 15.87 -12.97 8.06
C GLY C 169 14.86 -12.83 9.21
N ASP C 170 13.69 -13.43 9.03
CA ASP C 170 12.59 -13.38 9.99
C ASP C 170 12.96 -14.05 11.32
N ARG C 171 12.16 -13.79 12.36
CA ARG C 171 12.40 -14.41 13.65
C ARG C 171 12.64 -15.93 13.47
N GLN C 172 13.69 -16.46 14.11
CA GLN C 172 14.05 -17.89 14.11
C GLN C 172 14.00 -18.54 12.72
N THR C 173 14.85 -18.06 11.81
CA THR C 173 15.00 -18.71 10.52
C THR C 173 16.27 -19.56 10.42
N GLY C 174 17.08 -19.56 11.47
CA GLY C 174 18.38 -20.21 11.43
C GLY C 174 19.55 -19.25 11.37
N LYS C 175 19.28 -17.96 11.61
CA LYS C 175 20.35 -16.95 11.71
C LYS C 175 21.43 -17.33 12.74
N THR C 176 21.02 -17.36 14.02
CA THR C 176 21.93 -17.70 15.11
C THR C 176 22.65 -19.02 14.89
N SER C 177 21.93 -20.03 14.40
CA SER C 177 22.51 -21.33 14.22
C SER C 177 23.55 -21.36 13.10
N VAL C 178 23.33 -20.57 12.04
CA VAL C 178 24.33 -20.52 10.96
C VAL C 178 25.67 -19.96 11.45
N ALA C 179 25.65 -18.75 11.99
CA ALA C 179 26.87 -18.14 12.49
C ALA C 179 27.64 -19.10 13.40
N ILE C 180 26.89 -19.77 14.28
CA ILE C 180 27.49 -20.68 15.24
C ILE C 180 28.18 -21.80 14.52
N ASP C 181 27.47 -22.46 13.64
CA ASP C 181 28.09 -23.54 12.91
C ASP C 181 29.37 -23.03 12.26
N THR C 182 29.30 -21.83 11.69
CA THR C 182 30.46 -21.28 11.00
C THR C 182 31.66 -21.23 11.93
N ILE C 183 31.47 -20.56 13.07
CA ILE C 183 32.47 -20.52 14.13
C ILE C 183 33.00 -21.92 14.50
N ILE C 184 32.11 -22.90 14.54
CA ILE C 184 32.49 -24.21 14.98
C ILE C 184 33.38 -24.81 13.93
N ASN C 185 33.21 -24.35 12.69
CA ASN C 185 34.03 -24.84 11.57
C ASN C 185 35.39 -24.12 11.46
N GLN C 186 35.68 -23.27 12.44
CA GLN C 186 36.93 -22.53 12.48
C GLN C 186 38.06 -23.19 13.32
N LYS C 187 37.87 -24.45 13.70
CA LYS C 187 38.91 -25.18 14.42
C LYS C 187 40.19 -25.27 13.59
N ASP C 188 40.04 -25.77 12.37
CA ASP C 188 41.18 -25.97 11.48
C ASP C 188 41.86 -24.65 11.16
N GLN C 189 41.08 -23.69 10.67
CA GLN C 189 41.59 -22.37 10.27
C GLN C 189 41.98 -21.52 11.47
N ASN C 190 42.79 -20.49 11.24
CA ASN C 190 43.20 -19.65 12.35
C ASN C 190 42.24 -18.47 12.33
N MSE C 191 41.25 -18.59 13.19
CA MSE C 191 40.18 -17.64 13.26
C MSE C 191 39.86 -17.43 14.70
O MSE C 191 39.66 -18.39 15.46
CB MSE C 191 38.94 -18.16 12.53
CG MSE C 191 38.84 -17.74 11.06
SE MSE C 191 38.37 -15.84 10.85
CE MSE C 191 36.70 -16.06 9.93
N ILE C 192 39.82 -16.17 15.09
CA ILE C 192 39.36 -15.83 16.42
C ILE C 192 37.94 -15.23 16.34
N SER C 193 36.95 -16.04 16.73
CA SER C 193 35.56 -15.65 16.61
C SER C 193 35.20 -14.72 17.74
N ILE C 194 34.39 -13.71 17.43
CA ILE C 194 33.83 -12.85 18.46
C ILE C 194 32.33 -12.73 18.32
N TYR C 195 31.58 -13.37 19.22
CA TYR C 195 30.14 -13.41 19.11
C TYR C 195 29.60 -12.43 20.11
N VAL C 196 28.73 -11.55 19.63
CA VAL C 196 28.12 -10.52 20.43
C VAL C 196 26.65 -10.84 20.42
N ALA C 197 25.97 -10.68 21.55
CA ALA C 197 24.52 -10.77 21.51
C ALA C 197 23.83 -9.48 21.94
N ILE C 198 23.40 -8.68 20.97
CA ILE C 198 22.80 -7.38 21.29
C ILE C 198 21.30 -7.54 21.48
N GLY C 199 20.78 -7.28 22.68
CA GLY C 199 19.36 -7.44 22.97
C GLY C 199 18.87 -8.87 23.10
N GLN C 200 19.73 -9.83 22.78
CA GLN C 200 19.37 -11.23 22.78
C GLN C 200 18.95 -11.62 24.20
N LYS C 201 18.23 -12.73 24.34
CA LYS C 201 17.94 -13.34 25.66
C LYS C 201 19.18 -13.97 26.35
N GLU C 202 19.48 -13.50 27.56
CA GLU C 202 20.67 -13.95 28.32
C GLU C 202 20.74 -15.46 28.48
N SER C 203 19.59 -16.07 28.83
CA SER C 203 19.45 -17.53 28.93
C SER C 203 19.88 -18.18 27.63
N THR C 204 19.44 -17.57 26.51
CA THR C 204 19.71 -18.05 25.17
C THR C 204 21.20 -17.98 24.84
N VAL C 205 21.80 -16.80 25.07
CA VAL C 205 23.25 -16.60 24.88
C VAL C 205 24.09 -17.62 25.67
N ARG C 206 23.53 -18.07 26.79
CA ARG C 206 24.11 -19.17 27.55
C ARG C 206 24.16 -20.47 26.71
N THR C 207 22.99 -20.96 26.29
CA THR C 207 22.89 -22.23 25.57
C THR C 207 23.70 -22.15 24.29
N VAL C 208 23.97 -20.92 23.88
CA VAL C 208 24.80 -20.68 22.73
C VAL C 208 26.28 -20.83 23.12
N VAL C 209 26.65 -20.18 24.22
CA VAL C 209 28.03 -20.23 24.68
C VAL C 209 28.33 -21.60 25.27
N GLU C 210 27.27 -22.31 25.67
CA GLU C 210 27.37 -23.67 26.18
C GLU C 210 27.65 -24.58 24.99
N THR C 211 26.71 -24.59 24.08
CA THR C 211 26.78 -25.42 22.89
C THR C 211 28.09 -25.14 22.15
N LEU C 212 28.72 -24.02 22.47
CA LEU C 212 30.05 -23.72 21.91
C LEU C 212 31.18 -24.52 22.59
N ARG C 213 31.10 -24.66 23.91
CA ARG C 213 32.08 -25.43 24.65
C ARG C 213 31.97 -26.91 24.33
N LYS C 214 30.75 -27.40 24.12
CA LYS C 214 30.59 -28.80 23.74
C LYS C 214 31.53 -29.16 22.58
N HIS C 215 31.57 -28.29 21.57
CA HIS C 215 32.35 -28.52 20.35
C HIS C 215 33.74 -27.89 20.42
N GLY C 216 34.06 -27.31 21.56
CA GLY C 216 35.37 -26.72 21.77
C GLY C 216 35.62 -25.56 20.84
N ALA C 217 34.68 -24.62 20.82
CA ALA C 217 34.86 -23.35 20.12
C ALA C 217 35.35 -22.17 20.97
N LEU C 218 35.28 -22.29 22.29
CA LEU C 218 35.67 -21.18 23.13
C LEU C 218 37.19 -21.07 23.16
N ASP C 219 37.86 -22.03 22.52
CA ASP C 219 39.33 -22.04 22.44
C ASP C 219 39.90 -20.93 21.56
N TYR C 220 39.12 -20.51 20.57
CA TYR C 220 39.32 -19.26 19.83
C TYR C 220 38.26 -18.10 19.95
N THR C 221 37.18 -18.26 20.73
CA THR C 221 36.02 -17.35 20.58
C THR C 221 35.56 -16.55 21.83
N ILE C 222 35.47 -15.21 21.68
CA ILE C 222 35.03 -14.33 22.77
C ILE C 222 33.51 -14.23 22.76
N VAL C 223 32.93 -13.58 23.76
CA VAL C 223 31.47 -13.35 23.76
C VAL C 223 31.12 -11.98 24.35
N VAL C 224 30.51 -11.08 23.59
CA VAL C 224 30.01 -9.83 24.21
C VAL C 224 28.50 -9.83 24.39
N THR C 225 28.06 -9.96 25.63
CA THR C 225 26.64 -10.00 25.84
C THR C 225 26.14 -8.72 26.51
N ALA C 226 25.29 -8.00 25.77
CA ALA C 226 24.46 -6.98 26.38
C ALA C 226 23.04 -7.50 26.26
N SER C 227 22.49 -8.01 27.36
CA SER C 227 21.17 -8.65 27.31
C SER C 227 20.10 -7.57 27.20
N ALA C 228 18.92 -7.97 26.68
CA ALA C 228 17.81 -7.04 26.46
C ALA C 228 17.41 -6.32 27.75
N SER C 229 17.69 -6.96 28.88
CA SER C 229 17.51 -6.36 30.21
C SER C 229 18.45 -5.16 30.49
N GLN C 230 19.67 -5.21 29.95
CA GLN C 230 20.65 -4.13 30.11
C GLN C 230 20.18 -2.84 29.46
N PRO C 231 20.77 -1.69 29.85
CA PRO C 231 20.38 -0.39 29.30
C PRO C 231 20.76 -0.21 27.86
N ALA C 232 19.89 0.46 27.12
CA ALA C 232 20.07 0.66 25.70
C ALA C 232 21.49 1.06 25.31
N PRO C 233 22.04 2.07 25.97
CA PRO C 233 23.38 2.54 25.63
C PRO C 233 24.39 1.40 25.61
N LEU C 234 24.17 0.34 26.40
CA LEU C 234 25.04 -0.86 26.40
C LEU C 234 24.95 -1.69 25.11
N LEU C 235 23.71 -2.02 24.74
CA LEU C 235 23.42 -2.67 23.48
C LEU C 235 24.07 -1.87 22.38
N PHE C 236 23.78 -0.57 22.37
CA PHE C 236 24.39 0.35 21.42
C PHE C 236 25.92 0.24 21.38
N LEU C 237 26.52 0.16 22.55
CA LEU C 237 27.98 0.14 22.64
C LEU C 237 28.57 -1.27 22.43
N ALA C 238 27.73 -2.29 22.53
CA ALA C 238 28.18 -3.66 22.35
C ALA C 238 29.03 -3.90 21.10
N PRO C 239 28.49 -3.56 19.90
CA PRO C 239 29.16 -3.85 18.62
C PRO C 239 30.55 -3.21 18.48
N TYR C 240 30.66 -1.93 18.78
CA TYR C 240 31.94 -1.24 18.73
C TYR C 240 32.93 -1.81 19.74
N ALA C 241 32.39 -2.27 20.86
CA ALA C 241 33.15 -2.91 21.91
C ALA C 241 33.76 -4.22 21.42
N GLY C 242 33.03 -4.94 20.57
CA GLY C 242 33.53 -6.20 20.03
C GLY C 242 34.61 -6.08 18.95
N VAL C 243 34.41 -5.14 18.02
CA VAL C 243 35.34 -4.96 16.90
C VAL C 243 36.68 -4.58 17.44
N ALA C 244 36.63 -3.70 18.45
CA ALA C 244 37.83 -3.24 19.08
C ALA C 244 38.61 -4.49 19.45
N MSE C 245 37.98 -5.34 20.24
CA MSE C 245 38.63 -6.59 20.66
C MSE C 245 39.16 -7.36 19.46
O MSE C 245 40.22 -8.00 19.54
CB MSE C 245 37.65 -7.44 21.49
CG MSE C 245 37.12 -6.72 22.71
SE MSE C 245 35.79 -7.84 23.59
CE MSE C 245 35.26 -6.69 25.06
N GLY C 246 38.43 -7.29 18.34
CA GLY C 246 38.82 -7.97 17.13
C GLY C 246 39.95 -7.27 16.38
N GLU C 247 39.88 -5.95 16.31
CA GLU C 247 40.87 -5.20 15.56
C GLU C 247 42.22 -5.47 16.17
N TYR C 248 42.19 -5.99 17.39
CA TYR C 248 43.42 -6.33 18.10
C TYR C 248 44.31 -7.22 17.24
N PHE C 249 43.86 -8.46 17.05
CA PHE C 249 44.61 -9.46 16.31
C PHE C 249 44.77 -9.05 14.85
N MSE C 250 43.76 -8.37 14.32
CA MSE C 250 43.82 -7.95 12.93
C MSE C 250 45.10 -7.18 12.63
O MSE C 250 46.00 -7.69 11.93
CB MSE C 250 42.66 -7.05 12.58
CG MSE C 250 42.79 -6.42 11.22
SE MSE C 250 41.17 -5.52 10.95
CE MSE C 250 41.41 -3.85 11.91
N TYR C 251 45.19 -5.97 13.18
CA TYR C 251 46.28 -5.07 12.88
C TYR C 251 47.56 -5.78 13.28
N LYS C 252 47.42 -6.83 14.08
CA LYS C 252 48.58 -7.58 14.55
C LYS C 252 49.05 -8.68 13.59
N GLY C 253 48.19 -9.05 12.64
CA GLY C 253 48.49 -10.11 11.69
C GLY C 253 47.68 -11.40 11.75
N LYS C 254 46.88 -11.56 12.80
CA LYS C 254 45.88 -12.63 12.86
C LYS C 254 44.53 -12.33 12.14
N HIS C 255 43.79 -13.37 11.77
CA HIS C 255 42.44 -13.25 11.21
C HIS C 255 41.33 -13.41 12.26
N VAL C 256 40.39 -12.46 12.27
CA VAL C 256 39.28 -12.44 13.24
C VAL C 256 37.93 -12.65 12.57
N LEU C 257 36.95 -13.13 13.32
CA LEU C 257 35.57 -13.20 12.84
C LEU C 257 34.56 -12.66 13.87
N VAL C 258 33.87 -11.59 13.51
CA VAL C 258 32.96 -10.95 14.44
C VAL C 258 31.52 -11.21 14.00
N VAL C 259 30.72 -11.83 14.86
CA VAL C 259 29.29 -12.02 14.57
C VAL C 259 28.47 -10.95 15.29
N TYR C 260 27.87 -10.02 14.54
CA TYR C 260 26.98 -9.05 15.18
C TYR C 260 25.62 -9.65 15.13
N ASP C 261 25.19 -10.13 16.28
CA ASP C 261 23.95 -10.83 16.30
C ASP C 261 22.92 -9.82 16.63
N ASP C 262 22.05 -9.60 15.63
CA ASP C 262 20.95 -8.66 15.71
C ASP C 262 21.30 -7.15 15.88
N LEU C 263 21.83 -6.55 14.80
CA LEU C 263 22.10 -5.11 14.76
C LEU C 263 20.80 -4.33 14.87
N SER C 264 19.70 -5.03 14.61
CA SER C 264 18.38 -4.43 14.61
C SER C 264 18.09 -3.85 15.98
N LYS C 265 18.38 -4.66 17.00
CA LYS C 265 18.13 -4.31 18.39
C LYS C 265 19.04 -3.19 18.85
N GLN C 266 20.23 -3.15 18.27
CA GLN C 266 21.15 -2.04 18.53
C GLN C 266 20.48 -0.74 18.09
N ALA C 267 20.01 -0.73 16.85
CA ALA C 267 19.33 0.43 16.28
C ALA C 267 18.09 0.77 17.09
N ALA C 268 17.34 -0.27 17.45
CA ALA C 268 16.16 -0.14 18.31
C ALA C 268 16.54 0.49 19.64
N ALA C 269 17.74 0.14 20.11
CA ALA C 269 18.30 0.72 21.32
C ALA C 269 18.69 2.17 21.08
N TYR C 270 19.56 2.36 20.09
CA TYR C 270 20.17 3.65 19.84
C TYR C 270 19.06 4.65 19.61
N ARG C 271 17.97 4.20 19.00
CA ARG C 271 16.83 5.08 18.80
C ARG C 271 16.41 5.59 20.15
N GLU C 272 16.27 4.68 21.10
CA GLU C 272 15.82 5.05 22.43
C GLU C 272 16.77 6.12 22.91
N LEU C 273 18.04 5.74 22.91
CA LEU C 273 19.10 6.58 23.42
C LEU C 273 18.95 7.97 22.84
N SER C 274 18.81 8.02 21.52
CA SER C 274 18.67 9.29 20.82
C SER C 274 17.37 10.04 21.13
N LEU C 275 16.27 9.31 21.29
CA LEU C 275 14.96 9.90 21.57
C LEU C 275 14.86 10.38 23.01
N LEU C 276 15.61 9.75 23.90
CA LEU C 276 15.70 10.22 25.27
C LEU C 276 16.39 11.58 25.32
N LEU C 277 17.43 11.73 24.49
CA LEU C 277 18.23 12.94 24.43
C LEU C 277 17.49 13.94 23.57
N ARG C 278 16.26 13.59 23.21
CA ARG C 278 15.36 14.44 22.42
C ARG C 278 15.94 14.90 21.07
N ARG C 279 16.72 14.01 20.45
CA ARG C 279 17.36 14.30 19.17
C ARG C 279 16.32 14.33 18.10
N PRO C 280 16.28 15.39 17.27
CA PRO C 280 15.18 15.46 16.30
C PRO C 280 15.12 14.17 15.48
N PRO C 281 13.94 13.49 15.47
CA PRO C 281 13.80 12.18 14.82
C PRO C 281 13.65 12.29 13.31
N ARG C 283 13.21 9.53 9.88
CA ARG C 283 12.32 8.51 9.32
C ARG C 283 12.07 7.27 10.22
N GLU C 284 10.82 7.02 10.60
CA GLU C 284 10.47 5.89 11.44
C GLU C 284 11.07 6.05 12.84
N ALA C 285 11.15 7.30 13.28
CA ALA C 285 11.69 7.70 14.58
C ALA C 285 13.20 7.48 14.73
N TYR C 286 13.80 6.70 13.85
CA TYR C 286 15.25 6.53 13.87
C TYR C 286 15.95 7.83 13.48
N PRO C 287 17.03 8.18 14.21
CA PRO C 287 17.82 9.39 13.98
C PRO C 287 18.40 9.46 12.58
N GLY C 288 18.52 10.67 12.04
CA GLY C 288 19.06 10.86 10.71
C GLY C 288 20.37 10.11 10.56
N ASP C 289 21.11 10.01 11.66
CA ASP C 289 22.45 9.42 11.67
C ASP C 289 22.41 7.92 11.88
N ILE C 290 21.20 7.35 11.91
CA ILE C 290 21.02 5.94 12.21
C ILE C 290 21.72 5.07 11.18
N PHE C 291 21.97 5.62 10.00
CA PHE C 291 22.78 4.95 8.98
C PHE C 291 24.26 4.94 9.34
N TYR C 292 24.78 6.13 9.62
CA TYR C 292 26.15 6.30 10.02
C TYR C 292 26.47 5.35 11.17
N LEU C 293 25.46 4.98 11.94
CA LEU C 293 25.64 4.11 13.11
C LEU C 293 26.28 2.79 12.71
N HIS C 294 25.68 2.16 11.71
CA HIS C 294 26.19 0.88 11.25
C HIS C 294 27.30 1.02 10.23
N SER C 295 27.37 2.17 9.57
CA SER C 295 28.37 2.38 8.52
C SER C 295 29.79 2.41 9.10
N ARG C 296 30.03 3.34 10.04
CA ARG C 296 31.35 3.49 10.66
C ARG C 296 31.75 2.25 11.47
N LEU C 297 30.81 1.31 11.64
CA LEU C 297 31.07 0.03 12.30
C LEU C 297 31.55 -1.04 11.32
N LEU C 298 30.66 -1.53 10.48
CA LEU C 298 31.04 -2.60 9.58
C LEU C 298 32.22 -2.22 8.72
N GLU C 299 32.44 -0.92 8.56
CA GLU C 299 33.60 -0.47 7.79
C GLU C 299 34.91 -0.92 8.41
N ARG C 300 34.94 -0.99 9.73
CA ARG C 300 36.14 -1.35 10.51
C ARG C 300 36.55 -2.82 10.34
N ALA C 301 35.79 -3.55 9.54
CA ALA C 301 36.20 -4.87 9.08
C ALA C 301 36.72 -4.80 7.63
N ALA C 302 37.94 -5.30 7.44
CA ALA C 302 38.57 -5.37 6.11
C ALA C 302 39.79 -6.31 6.04
N LYS C 303 40.52 -6.21 4.92
CA LYS C 303 41.75 -6.94 4.75
C LYS C 303 42.86 -5.93 4.63
N LEU C 304 43.71 -5.86 5.66
CA LEU C 304 44.85 -4.96 5.70
C LEU C 304 45.92 -5.39 4.70
N SER C 305 46.50 -4.42 4.00
CA SER C 305 47.46 -4.71 2.93
C SER C 305 48.64 -5.45 3.51
N ASP C 306 49.33 -6.22 2.67
CA ASP C 306 50.42 -7.05 3.17
C ASP C 306 51.56 -6.18 3.70
N ALA C 307 51.46 -4.87 3.45
CA ALA C 307 52.33 -3.90 4.09
C ALA C 307 52.03 -3.80 5.59
N LYS C 308 50.80 -4.12 5.95
CA LYS C 308 50.35 -4.17 7.36
C LYS C 308 50.21 -5.49 8.10
N GLY C 309 50.69 -6.57 7.49
CA GLY C 309 50.65 -7.87 8.13
C GLY C 309 49.50 -8.76 7.69
N GLY C 310 48.87 -8.39 6.58
CA GLY C 310 47.79 -9.18 6.01
C GLY C 310 46.75 -9.62 7.03
N GLY C 311 46.30 -8.72 7.89
CA GLY C 311 45.35 -9.06 8.93
C GLY C 311 43.94 -8.84 8.45
N SER C 312 42.97 -9.50 9.07
CA SER C 312 41.59 -9.28 8.64
C SER C 312 40.54 -9.51 9.73
N LEU C 313 39.42 -8.78 9.62
CA LEU C 313 38.27 -9.03 10.49
C LEU C 313 36.98 -9.17 9.69
N THR C 314 36.40 -10.36 9.73
CA THR C 314 35.17 -10.64 9.00
C THR C 314 33.97 -10.37 9.89
N ALA C 315 32.96 -9.74 9.31
CA ALA C 315 31.74 -9.34 10.00
C ALA C 315 30.49 -10.08 9.52
N LEU C 316 29.74 -10.64 10.47
CA LEU C 316 28.55 -11.38 10.13
C LEU C 316 27.37 -10.77 10.82
N PRO C 317 27.00 -9.56 10.42
CA PRO C 317 25.88 -8.83 11.04
C PRO C 317 24.49 -9.54 10.86
N PHE C 318 23.61 -9.39 11.87
CA PHE C 318 22.22 -9.93 11.81
C PHE C 318 21.15 -8.81 11.74
N VAL C 319 20.03 -9.08 11.06
CA VAL C 319 18.89 -8.15 11.04
C VAL C 319 17.49 -8.87 11.13
N GLU C 320 16.60 -8.43 12.04
CA GLU C 320 15.36 -9.18 12.33
C GLU C 320 14.33 -8.48 11.51
N THR C 321 13.85 -9.18 10.48
CA THR C 321 12.81 -8.68 9.58
C THR C 321 11.39 -9.11 9.99
N GLN C 322 10.50 -8.13 10.05
CA GLN C 322 9.10 -8.36 10.37
C GLN C 322 8.32 -8.70 9.08
N ALA C 323 7.73 -9.89 9.02
CA ALA C 323 6.95 -10.28 7.84
C ALA C 323 7.85 -10.64 6.66
N GLY C 324 9.15 -10.41 6.81
CA GLY C 324 10.09 -10.68 5.75
C GLY C 324 10.22 -9.49 4.84
N ASP C 325 9.98 -8.30 5.38
CA ASP C 325 9.87 -7.12 4.56
C ASP C 325 11.28 -6.54 4.46
N ILE C 326 11.92 -6.80 3.33
CA ILE C 326 13.33 -6.48 3.19
C ILE C 326 13.43 -5.02 2.82
N SER C 327 12.30 -4.42 2.53
CA SER C 327 12.30 -3.03 2.16
C SER C 327 12.29 -2.13 3.39
N ALA C 328 12.29 -2.72 4.58
CA ALA C 328 12.24 -1.95 5.83
C ALA C 328 13.43 -1.01 5.98
N TYR C 329 13.30 0.02 6.81
CA TYR C 329 14.35 1.04 6.94
C TYR C 329 15.70 0.45 7.29
N ILE C 330 15.77 -0.16 8.47
CA ILE C 330 17.00 -0.76 8.94
C ILE C 330 17.64 -1.71 7.93
N PRO C 331 16.86 -2.69 7.44
CA PRO C 331 17.37 -3.67 6.47
C PRO C 331 17.99 -3.05 5.21
N THR C 332 17.35 -2.06 4.59
CA THR C 332 17.99 -1.46 3.42
C THR C 332 19.34 -0.88 3.84
N ASN C 333 19.40 -0.27 5.02
CA ASN C 333 20.62 0.35 5.52
C ASN C 333 21.78 -0.61 5.67
N VAL C 334 21.54 -1.67 6.43
CA VAL C 334 22.55 -2.70 6.65
C VAL C 334 22.97 -3.39 5.36
N ILE C 335 22.05 -3.49 4.40
CA ILE C 335 22.34 -4.07 3.09
C ILE C 335 23.18 -3.16 2.20
N SER C 336 22.82 -1.89 2.15
CA SER C 336 23.52 -0.95 1.31
C SER C 336 24.96 -0.88 1.75
N ILE C 337 25.24 -1.56 2.86
CA ILE C 337 26.55 -1.53 3.51
C ILE C 337 27.38 -2.80 3.28
N THR C 338 26.84 -3.93 3.71
CA THR C 338 27.59 -5.16 3.65
C THR C 338 27.93 -5.49 2.21
N ASP C 339 28.97 -6.30 2.02
CA ASP C 339 29.28 -6.77 0.69
C ASP C 339 28.47 -8.06 0.57
N GLY C 340 27.37 -8.00 -0.15
CA GLY C 340 26.46 -9.12 -0.20
C GLY C 340 25.68 -9.41 1.08
N GLN C 341 24.69 -10.27 0.96
CA GLN C 341 23.93 -10.75 2.12
C GLN C 341 23.28 -12.12 1.87
N ILE C 342 23.04 -12.87 2.95
CA ILE C 342 22.36 -14.15 2.84
C ILE C 342 20.99 -14.11 3.54
N PHE C 343 19.92 -14.10 2.75
CA PHE C 343 18.56 -13.95 3.25
C PHE C 343 17.93 -15.29 3.55
N LEU C 344 17.45 -15.45 4.77
CA LEU C 344 16.88 -16.71 5.22
C LEU C 344 15.37 -16.64 5.36
N GLN C 345 14.67 -17.26 4.42
CA GLN C 345 13.21 -17.36 4.44
C GLN C 345 12.91 -18.40 5.49
N SER C 346 11.78 -18.29 6.19
CA SER C 346 11.23 -19.45 6.88
C SER C 346 10.25 -20.05 5.91
N ASP C 347 10.01 -19.30 4.85
CA ASP C 347 9.04 -19.62 3.81
C ASP C 347 9.36 -21.03 3.31
N LEU C 348 10.55 -21.48 3.68
CA LEU C 348 11.12 -22.74 3.23
C LEU C 348 11.39 -23.83 4.31
N PHE C 349 12.15 -23.52 5.38
CA PHE C 349 12.42 -24.55 6.41
C PHE C 349 11.15 -25.12 7.06
N PHE C 350 9.99 -24.59 6.69
CA PHE C 350 8.75 -25.34 6.85
C PHE C 350 8.47 -26.09 5.55
N GLY C 352 10.75 -27.58 2.62
CA GLY C 352 11.74 -28.00 1.66
C GLY C 352 13.13 -27.60 2.08
N VAL C 353 13.90 -27.03 1.15
CA VAL C 353 15.32 -26.87 1.39
C VAL C 353 15.44 -26.19 2.75
N ARG C 354 16.12 -26.90 3.64
CA ARG C 354 16.41 -26.57 5.05
C ARG C 354 17.31 -25.35 4.99
N PRO C 355 18.44 -25.32 5.72
CA PRO C 355 19.03 -24.11 6.26
C PRO C 355 18.63 -23.02 5.32
N ALA C 356 17.48 -22.43 5.65
CA ALA C 356 16.66 -21.67 4.71
C ALA C 356 17.47 -20.56 4.08
N ILE C 357 17.87 -20.79 2.85
CA ILE C 357 18.88 -19.91 2.28
C ILE C 357 18.31 -19.59 0.94
N ASN C 358 17.95 -18.32 0.76
CA ASN C 358 17.12 -18.03 -0.39
C ASN C 358 18.10 -17.77 -1.47
N ALA C 359 18.22 -18.74 -2.35
CA ALA C 359 19.32 -18.76 -3.29
C ALA C 359 19.07 -17.64 -4.27
N GLY C 360 17.82 -17.21 -4.32
CA GLY C 360 17.46 -16.14 -5.22
C GLY C 360 18.00 -14.77 -4.86
N LEU C 361 17.64 -14.28 -3.69
CA LEU C 361 18.06 -12.94 -3.28
C LEU C 361 19.50 -12.92 -2.74
N SER C 362 19.91 -14.01 -2.09
CA SER C 362 21.20 -14.05 -1.44
C SER C 362 22.33 -13.80 -2.44
N VAL C 363 23.19 -12.82 -2.13
CA VAL C 363 24.38 -12.48 -2.93
C VAL C 363 25.70 -12.48 -2.14
N SER C 364 26.83 -12.55 -2.85
CA SER C 364 28.14 -12.26 -2.27
C SER C 364 28.91 -11.34 -3.22
N ARG C 365 29.24 -10.14 -2.79
CA ARG C 365 29.94 -9.26 -3.72
C ARG C 365 31.32 -9.84 -4.00
N VAL C 366 32.08 -10.06 -2.94
CA VAL C 366 33.46 -10.51 -3.03
C VAL C 366 33.49 -11.75 -3.86
N GLY C 367 32.37 -12.45 -3.81
CA GLY C 367 32.33 -13.87 -4.10
C GLY C 367 33.10 -14.34 -5.33
N GLY C 368 33.65 -15.55 -5.19
CA GLY C 368 34.41 -16.22 -6.22
C GLY C 368 35.88 -15.90 -6.09
N ALA C 369 36.16 -14.73 -5.53
CA ALA C 369 37.51 -14.37 -5.24
C ALA C 369 37.80 -14.99 -3.90
N ALA C 370 36.75 -15.39 -3.19
CA ALA C 370 36.89 -16.10 -1.92
C ALA C 370 37.21 -17.59 -2.12
N GLN C 371 36.32 -18.29 -2.81
CA GLN C 371 36.56 -19.71 -3.08
C GLN C 371 37.91 -20.04 -3.74
N ILE C 372 38.51 -21.13 -3.29
CA ILE C 372 39.76 -21.66 -3.83
C ILE C 372 39.56 -22.30 -5.20
N LYS C 373 40.65 -22.51 -5.96
CA LYS C 373 40.55 -23.02 -7.33
C LYS C 373 39.75 -24.32 -7.39
N ALA C 374 39.67 -25.01 -6.25
CA ALA C 374 38.88 -26.23 -6.15
C ALA C 374 37.38 -25.93 -6.25
N MSE C 375 36.94 -24.91 -5.53
CA MSE C 375 35.55 -24.47 -5.54
C MSE C 375 35.23 -23.76 -6.84
O MSE C 375 34.23 -24.06 -7.48
CB MSE C 375 35.31 -23.53 -4.38
CG MSE C 375 34.47 -24.11 -3.30
SE MSE C 375 32.84 -24.75 -4.08
CE MSE C 375 32.08 -25.76 -2.58
N LYS C 376 36.10 -22.83 -7.21
CA LYS C 376 35.89 -21.95 -8.34
C LYS C 376 35.45 -22.71 -9.57
N LYS C 377 36.17 -23.77 -9.92
CA LYS C 377 35.84 -24.45 -11.18
C LYS C 377 34.52 -25.22 -11.12
N VAL C 378 34.25 -25.90 -10.01
CA VAL C 378 32.98 -26.61 -9.86
C VAL C 378 31.84 -25.69 -9.47
N ALA C 379 32.05 -24.82 -8.49
CA ALA C 379 30.97 -24.00 -7.94
C ALA C 379 30.44 -23.04 -8.98
N GLY C 380 31.16 -22.89 -10.08
CA GLY C 380 30.77 -21.92 -11.08
C GLY C 380 29.47 -22.29 -11.75
N THR C 381 29.45 -23.46 -12.39
CA THR C 381 28.26 -23.92 -13.11
C THR C 381 27.13 -24.21 -12.13
N LEU C 382 27.51 -24.43 -10.87
CA LEU C 382 26.54 -24.68 -9.82
C LEU C 382 25.50 -23.56 -9.82
N ARG C 383 25.95 -22.35 -10.14
CA ARG C 383 25.04 -21.22 -10.29
C ARG C 383 24.08 -21.39 -11.49
N LEU C 384 24.63 -21.73 -12.65
CA LEU C 384 23.84 -21.93 -13.86
C LEU C 384 22.76 -22.98 -13.67
N ASP C 385 23.16 -24.17 -13.23
CA ASP C 385 22.22 -25.25 -12.98
C ASP C 385 21.08 -24.77 -12.09
N LEU C 386 21.43 -24.09 -10.99
CA LEU C 386 20.44 -23.60 -10.04
C LEU C 386 19.60 -22.50 -10.66
N ALA C 387 20.24 -21.70 -11.52
CA ALA C 387 19.60 -20.58 -12.21
C ALA C 387 18.40 -21.05 -12.99
N ALA C 388 18.68 -21.84 -14.02
CA ALA C 388 17.61 -22.34 -14.84
C ALA C 388 16.50 -22.89 -13.95
N TYR C 389 16.83 -23.76 -13.01
CA TYR C 389 15.80 -24.41 -12.23
C TYR C 389 14.88 -23.41 -11.56
N ARG C 390 15.45 -22.33 -11.04
CA ARG C 390 14.64 -21.26 -10.49
C ARG C 390 13.85 -20.61 -11.61
N GLU C 391 14.43 -20.58 -12.81
CA GLU C 391 13.79 -20.00 -14.00
C GLU C 391 13.04 -20.93 -14.98
N LEU C 392 13.23 -22.23 -14.92
CA LEU C 392 12.54 -23.07 -15.88
C LEU C 392 11.25 -23.48 -15.22
N GLU C 393 11.12 -23.12 -13.95
CA GLU C 393 10.11 -23.72 -13.09
C GLU C 393 8.74 -23.08 -13.22
N ALA C 394 8.60 -22.11 -14.12
CA ALA C 394 7.29 -21.62 -14.51
C ALA C 394 6.86 -22.47 -15.69
N PHE C 395 7.84 -23.21 -16.21
CA PHE C 395 7.63 -24.18 -17.27
C PHE C 395 7.23 -25.51 -16.68
N ALA C 396 8.03 -26.10 -15.79
CA ALA C 396 7.72 -27.48 -15.48
C ALA C 396 6.28 -27.52 -15.00
N GLN C 397 5.43 -27.92 -15.93
CA GLN C 397 4.08 -28.39 -15.77
C GLN C 397 4.08 -29.27 -17.00
N PHE C 398 4.31 -28.57 -18.11
CA PHE C 398 4.25 -29.12 -19.43
C PHE C 398 4.93 -30.45 -19.23
N GLY C 399 6.00 -30.46 -18.44
CA GLY C 399 6.61 -31.73 -18.10
C GLY C 399 7.30 -32.33 -19.31
N SER C 400 6.79 -33.47 -19.75
CA SER C 400 7.23 -33.98 -21.04
C SER C 400 6.44 -33.51 -22.28
N ASP C 401 5.26 -32.87 -22.11
CA ASP C 401 4.23 -32.91 -23.17
C ASP C 401 4.92 -32.80 -24.52
N LEU C 402 5.48 -31.65 -24.84
CA LEU C 402 6.82 -31.66 -25.45
C LEU C 402 7.69 -30.51 -24.94
N ASP C 403 8.57 -30.79 -23.98
CA ASP C 403 9.50 -29.79 -23.46
C ASP C 403 10.95 -29.97 -23.87
N LYS C 404 11.23 -31.08 -24.54
CA LYS C 404 12.57 -31.37 -25.05
C LYS C 404 13.71 -31.26 -24.05
N ALA C 405 14.80 -30.69 -24.53
CA ALA C 405 16.09 -30.69 -23.85
C ALA C 405 16.04 -29.96 -22.53
N THR C 406 14.88 -29.38 -22.25
CA THR C 406 14.73 -28.59 -21.05
C THR C 406 14.23 -29.35 -19.79
N GLN C 407 13.81 -30.61 -19.92
CA GLN C 407 13.57 -31.43 -18.72
C GLN C 407 14.92 -32.02 -18.37
N ALA C 408 15.86 -31.88 -19.30
CA ALA C 408 17.22 -32.33 -19.08
C ALA C 408 17.93 -31.39 -18.13
N LYS C 409 17.88 -30.10 -18.45
CA LYS C 409 18.51 -29.09 -17.61
C LYS C 409 17.78 -29.07 -16.29
N LEU C 410 16.55 -29.54 -16.34
CA LEU C 410 15.74 -29.68 -15.16
C LEU C 410 16.22 -30.82 -14.26
N ALA C 411 16.57 -31.94 -14.87
CA ALA C 411 16.87 -33.13 -14.10
C ALA C 411 17.81 -32.78 -12.94
N ARG C 412 19.07 -32.52 -13.26
CA ARG C 412 20.09 -32.28 -12.23
C ARG C 412 19.75 -31.03 -11.44
N GLY C 413 18.99 -30.13 -12.06
CA GLY C 413 18.49 -28.99 -11.32
C GLY C 413 17.82 -29.48 -10.06
N ALA C 414 16.85 -30.39 -10.21
CA ALA C 414 16.06 -30.89 -9.08
C ALA C 414 16.93 -31.75 -8.17
N ARG C 415 18.04 -32.21 -8.72
CA ARG C 415 19.03 -32.97 -7.97
C ARG C 415 19.91 -32.04 -7.15
N THR C 416 20.37 -30.98 -7.79
CA THR C 416 21.33 -30.08 -7.18
C THR C 416 20.81 -29.52 -5.87
N VAL C 417 19.51 -29.23 -5.82
CA VAL C 417 18.93 -28.67 -4.61
C VAL C 417 19.17 -29.59 -3.43
N GLU C 418 19.09 -30.89 -3.70
CA GLU C 418 19.32 -31.88 -2.68
C GLU C 418 20.76 -31.77 -2.18
N VAL C 419 21.67 -31.50 -3.11
CA VAL C 419 23.08 -31.34 -2.80
C VAL C 419 23.28 -30.14 -1.88
N LEU C 420 22.67 -29.01 -2.24
CA LEU C 420 22.73 -27.80 -1.45
C LEU C 420 22.03 -27.95 -0.09
N LYS C 421 21.36 -29.09 0.09
CA LYS C 421 20.73 -29.41 1.36
C LYS C 421 21.77 -29.94 2.34
N GLN C 422 21.86 -29.29 3.50
CA GLN C 422 22.71 -29.75 4.59
C GLN C 422 22.00 -29.80 5.95
N ASP C 423 22.44 -30.73 6.80
CA ASP C 423 21.84 -30.97 8.11
C ASP C 423 22.51 -30.14 9.21
N LEU C 424 21.71 -29.70 10.18
CA LEU C 424 22.17 -28.85 11.28
C LEU C 424 23.36 -29.43 12.07
N HIS C 425 24.29 -28.55 12.44
CA HIS C 425 25.44 -28.95 13.24
C HIS C 425 26.28 -30.02 12.58
N GLN C 426 26.31 -30.01 11.26
CA GLN C 426 27.15 -30.96 10.55
C GLN C 426 28.10 -30.32 9.50
N PRO C 427 29.07 -29.49 9.98
CA PRO C 427 30.02 -28.86 9.05
C PRO C 427 30.74 -29.87 8.15
N ILE C 428 30.83 -29.53 6.86
CA ILE C 428 31.55 -30.33 5.88
C ILE C 428 32.86 -29.65 5.41
N PRO C 429 34.00 -30.34 5.54
CA PRO C 429 35.28 -29.77 5.08
C PRO C 429 35.28 -29.45 3.58
N VAL C 430 36.07 -28.46 3.17
CA VAL C 430 36.14 -28.07 1.76
C VAL C 430 36.49 -29.22 0.83
N GLU C 431 37.50 -30.00 1.23
CA GLU C 431 38.07 -31.03 0.39
C GLU C 431 37.00 -31.88 -0.26
N LYS C 432 36.33 -32.67 0.56
CA LYS C 432 35.30 -33.58 0.08
C LYS C 432 34.08 -32.81 -0.43
N GLN C 433 33.84 -31.62 0.14
CA GLN C 433 32.74 -30.76 -0.29
C GLN C 433 32.73 -30.45 -1.80
N VAL C 434 33.88 -30.05 -2.34
CA VAL C 434 34.04 -29.75 -3.78
C VAL C 434 33.95 -30.99 -4.65
N LEU C 435 33.92 -32.16 -4.01
CA LEU C 435 33.78 -33.45 -4.68
C LEU C 435 32.32 -33.79 -4.98
N ILE C 436 31.42 -33.54 -4.03
CA ILE C 436 30.00 -33.79 -4.30
C ILE C 436 29.43 -32.70 -5.17
N ILE C 437 29.98 -31.50 -5.02
CA ILE C 437 29.56 -30.33 -5.80
C ILE C 437 30.20 -30.48 -7.18
N TYR C 438 30.90 -31.59 -7.32
CA TYR C 438 31.55 -31.95 -8.56
C TYR C 438 30.71 -33.05 -9.19
N ALA C 439 30.50 -34.13 -8.44
CA ALA C 439 29.79 -35.28 -8.95
C ALA C 439 28.52 -34.92 -9.72
N LEU C 440 27.67 -34.06 -9.15
CA LEU C 440 26.40 -33.79 -9.81
C LEU C 440 26.61 -32.84 -10.96
N THR C 441 27.58 -31.94 -10.82
CA THR C 441 27.78 -30.96 -11.87
C THR C 441 28.39 -31.57 -13.14
N ARG C 442 28.87 -32.81 -13.04
CA ARG C 442 29.17 -33.57 -14.26
C ARG C 442 28.31 -34.78 -14.73
N GLY C 443 27.26 -35.13 -14.01
CA GLY C 443 26.40 -36.24 -14.41
C GLY C 443 26.58 -37.44 -13.53
N PHE C 444 27.62 -37.40 -12.73
CA PHE C 444 27.96 -38.51 -11.87
C PHE C 444 26.91 -38.75 -10.82
N LEU C 445 26.03 -37.76 -10.63
CA LEU C 445 24.92 -37.94 -9.71
C LEU C 445 23.55 -38.23 -10.38
N ASP C 446 23.47 -38.14 -11.71
CA ASP C 446 22.18 -38.22 -12.41
C ASP C 446 21.67 -39.64 -12.60
N ASP C 447 22.58 -40.57 -12.77
CA ASP C 447 22.18 -41.96 -12.92
C ASP C 447 21.47 -42.38 -11.64
N ILE C 448 21.45 -41.48 -10.65
CA ILE C 448 20.78 -41.74 -9.36
C ILE C 448 19.60 -40.77 -9.20
N PRO C 449 18.47 -41.26 -8.62
CA PRO C 449 17.23 -40.47 -8.45
C PRO C 449 17.38 -39.28 -7.52
N VAL C 450 16.58 -38.23 -7.76
CA VAL C 450 16.68 -37.03 -6.97
C VAL C 450 16.49 -37.33 -5.48
N GLU C 451 15.61 -38.28 -5.17
CA GLU C 451 15.33 -38.60 -3.78
C GLU C 451 16.43 -39.48 -3.18
N ASP C 452 17.37 -39.94 -4.01
CA ASP C 452 18.60 -40.48 -3.45
C ASP C 452 19.79 -39.62 -3.85
N VAL C 453 20.08 -38.61 -3.04
CA VAL C 453 21.21 -37.70 -3.25
C VAL C 453 21.81 -37.49 -1.89
N ARG C 454 20.95 -37.04 -0.97
CA ARG C 454 21.31 -36.91 0.43
C ARG C 454 22.05 -38.16 0.90
N ARG C 455 21.48 -39.35 0.65
CA ARG C 455 22.15 -40.58 1.03
C ARG C 455 23.52 -40.67 0.35
N PHE C 456 23.53 -40.33 -0.95
CA PHE C 456 24.74 -40.37 -1.79
C PHE C 456 25.94 -39.57 -1.22
N GLU C 457 25.65 -38.40 -0.65
CA GLU C 457 26.63 -37.60 0.08
C GLU C 457 27.22 -38.43 1.21
N LYS C 458 26.39 -38.79 2.18
CA LYS C 458 26.85 -39.63 3.29
C LYS C 458 27.74 -40.71 2.72
N GLU C 459 27.17 -41.48 1.80
CA GLU C 459 27.86 -42.60 1.14
C GLU C 459 29.18 -42.28 0.43
N PHE C 460 29.09 -41.59 -0.70
CA PHE C 460 30.28 -41.36 -1.50
C PHE C 460 31.43 -40.76 -0.70
N TYR C 461 31.09 -40.06 0.37
CA TYR C 461 32.07 -39.40 1.23
C TYR C 461 32.84 -40.34 2.16
N LEU C 462 32.13 -41.27 2.80
CA LEU C 462 32.83 -42.23 3.64
C LEU C 462 33.80 -42.96 2.74
N PHE C 463 33.29 -43.48 1.62
CA PHE C 463 34.07 -44.27 0.68
C PHE C 463 35.16 -43.45 -0.02
N LEU C 464 35.07 -42.14 0.11
CA LEU C 464 36.20 -41.29 -0.24
C LEU C 464 37.21 -41.30 0.91
N ASP C 465 36.70 -41.21 2.15
CA ASP C 465 37.53 -41.25 3.34
C ASP C 465 38.32 -42.56 3.40
N GLN C 466 37.77 -43.64 2.82
CA GLN C 466 38.49 -44.91 2.70
C GLN C 466 38.89 -45.18 1.25
N ASN C 467 37.91 -45.59 0.45
CA ASN C 467 38.21 -45.88 -0.94
C ASN C 467 38.81 -44.61 -1.54
N GLY C 468 40.07 -44.73 -1.94
CA GLY C 468 40.85 -43.76 -2.68
C GLY C 468 41.64 -42.62 -2.03
N GLN C 469 41.12 -41.87 -1.04
CA GLN C 469 41.97 -41.04 -0.17
C GLN C 469 42.98 -40.01 -0.76
N HIS C 470 43.32 -40.13 -2.04
CA HIS C 470 44.43 -39.32 -2.59
C HIS C 470 43.96 -37.93 -2.98
N LEU C 471 42.72 -37.89 -3.44
CA LEU C 471 42.08 -36.68 -3.92
C LEU C 471 41.30 -36.04 -2.80
N LEU C 472 41.26 -36.68 -1.64
CA LEU C 472 40.49 -36.11 -0.55
C LEU C 472 41.26 -35.03 0.22
N GLU C 473 42.60 -35.08 0.22
CA GLU C 473 43.40 -33.88 0.55
C GLU C 473 44.32 -33.15 -0.46
N HIS C 474 44.40 -33.60 -1.72
CA HIS C 474 45.13 -32.80 -2.73
C HIS C 474 44.43 -31.47 -2.78
N ILE C 475 43.12 -31.58 -2.88
CA ILE C 475 42.23 -30.45 -2.90
C ILE C 475 42.58 -29.61 -1.70
N ARG C 476 43.19 -30.25 -0.69
CA ARG C 476 43.66 -29.52 0.48
C ARG C 476 45.04 -28.94 0.21
N THR C 477 46.03 -29.79 0.00
CA THR C 477 47.41 -29.30 -0.16
C THR C 477 47.53 -28.08 -1.10
N THR C 478 47.37 -28.31 -2.41
CA THR C 478 47.38 -27.22 -3.38
C THR C 478 46.18 -26.32 -3.09
N LYS C 479 45.09 -26.94 -2.62
CA LYS C 479 43.82 -26.26 -2.43
C LYS C 479 43.29 -25.71 -3.75
N ASP C 480 43.69 -26.32 -4.86
CA ASP C 480 43.35 -25.76 -6.16
C ASP C 480 43.24 -26.84 -7.25
N LEU C 481 42.50 -26.55 -8.32
CA LEU C 481 42.78 -27.19 -9.61
C LEU C 481 42.53 -28.73 -9.58
N PRO C 482 42.81 -29.43 -10.70
CA PRO C 482 42.20 -30.70 -11.11
C PRO C 482 41.81 -31.67 -9.98
N ASN C 483 42.49 -31.64 -8.84
CA ASN C 483 42.10 -32.48 -7.70
C ASN C 483 42.30 -33.94 -8.04
N GLU C 484 42.48 -34.18 -9.32
CA GLU C 484 43.10 -35.35 -9.89
C GLU C 484 42.90 -34.90 -11.32
N ASP C 485 43.76 -35.29 -12.23
CA ASP C 485 43.88 -34.47 -13.41
C ASP C 485 42.49 -34.14 -13.93
N ASP C 486 41.91 -35.12 -14.61
CA ASP C 486 40.49 -35.15 -14.94
C ASP C 486 40.07 -36.60 -14.76
N LEU C 487 40.71 -37.43 -15.57
CA LEU C 487 40.43 -38.86 -15.67
C LEU C 487 40.32 -39.53 -14.30
N ASN C 488 41.21 -39.17 -13.38
CA ASN C 488 41.18 -39.72 -12.03
C ASN C 488 39.86 -39.45 -11.33
N LYS C 489 39.63 -38.19 -11.00
CA LYS C 489 38.37 -37.78 -10.40
C LYS C 489 37.24 -38.42 -11.18
N ALA C 490 37.14 -38.05 -12.45
CA ALA C 490 36.04 -38.52 -13.30
C ALA C 490 35.83 -40.02 -13.14
N ILE C 491 36.89 -40.81 -13.24
CA ILE C 491 36.77 -42.27 -13.09
C ILE C 491 36.63 -42.73 -11.63
N GLU C 492 37.24 -41.98 -10.71
CA GLU C 492 37.12 -42.26 -9.27
C GLU C 492 35.70 -42.02 -8.79
N ALA C 493 35.00 -41.12 -9.50
CA ALA C 493 33.58 -40.91 -9.31
C ALA C 493 32.82 -42.12 -9.85
N PHE C 494 33.41 -42.81 -10.84
CA PHE C 494 32.86 -44.06 -11.37
C PHE C 494 33.01 -45.16 -10.31
N LYS C 495 34.02 -44.98 -9.46
CA LYS C 495 34.30 -45.94 -8.40
C LYS C 495 33.08 -46.14 -7.51
N LYS C 496 32.74 -45.13 -6.71
CA LYS C 496 31.65 -45.25 -5.75
C LYS C 496 30.27 -45.34 -6.37
N THR C 497 30.01 -44.58 -7.44
CA THR C 497 28.74 -44.71 -8.13
C THR C 497 28.54 -46.19 -8.35
N PHE C 498 29.45 -46.78 -9.13
CA PHE C 498 29.35 -48.18 -9.51
C PHE C 498 29.26 -49.13 -8.32
N VAL C 499 29.69 -48.69 -7.14
CA VAL C 499 29.57 -49.52 -5.93
C VAL C 499 28.40 -49.20 -4.98
N VAL C 500 27.54 -48.26 -5.36
CA VAL C 500 26.47 -47.79 -4.46
C VAL C 500 25.25 -48.71 -4.44
N SER C 501 24.17 -48.24 -3.82
CA SER C 501 22.98 -49.06 -3.67
C SER C 501 21.79 -48.45 -4.43
N GLN C 502 20.62 -49.08 -4.30
CA GLN C 502 19.40 -48.56 -4.92
C GLN C 502 18.52 -47.75 -3.96
N THR D 12 40.14 37.62 13.60
CA THR D 12 39.32 36.60 12.96
C THR D 12 39.46 35.24 13.69
N ARG D 13 39.15 35.23 14.98
CA ARG D 13 39.23 34.04 15.83
C ARG D 13 37.99 33.85 16.73
N GLY D 14 37.27 32.73 16.55
CA GLY D 14 36.15 32.38 17.40
C GLY D 14 36.37 31.17 18.28
N ARG D 15 35.38 30.87 19.13
CA ARG D 15 35.47 29.73 20.04
C ARG D 15 34.24 28.84 20.01
N VAL D 16 34.50 27.53 20.10
CA VAL D 16 33.46 26.52 20.04
C VAL D 16 32.49 26.69 21.18
N ILE D 17 31.21 26.78 20.85
CA ILE D 17 30.18 26.92 21.84
C ILE D 17 29.41 25.61 22.07
N GLN D 18 28.86 25.04 20.98
CA GLN D 18 28.17 23.73 20.95
C GLN D 18 28.77 22.66 20.03
N VAL D 19 28.84 21.42 20.53
CA VAL D 19 29.21 20.28 19.72
C VAL D 19 28.08 19.25 19.73
N MSE D 20 27.39 19.14 18.61
CA MSE D 20 26.34 18.14 18.47
C MSE D 20 26.85 17.18 17.42
O MSE D 20 26.87 17.51 16.23
CB MSE D 20 25.05 18.82 17.96
CG MSE D 20 24.63 20.09 18.66
SE MSE D 20 23.97 19.60 20.39
CE MSE D 20 22.08 19.97 20.15
N GLY D 21 27.27 15.99 17.84
CA GLY D 21 27.76 15.02 16.86
C GLY D 21 28.73 15.69 15.89
N PRO D 22 28.53 15.50 14.57
CA PRO D 22 29.31 16.16 13.50
C PRO D 22 29.10 17.68 13.36
N VAL D 23 28.08 18.21 14.05
CA VAL D 23 27.81 19.64 14.01
C VAL D 23 28.44 20.42 15.16
N VAL D 24 29.15 21.49 14.82
CA VAL D 24 29.83 22.35 15.78
C VAL D 24 29.28 23.77 15.70
N ASP D 25 29.17 24.43 16.85
CA ASP D 25 28.76 25.83 16.84
C ASP D 25 29.88 26.78 17.31
N VAL D 26 30.52 27.44 16.35
CA VAL D 26 31.58 28.40 16.58
C VAL D 26 30.95 29.76 16.90
N LYS D 27 31.65 30.61 17.66
CA LYS D 27 31.20 31.98 17.93
C LYS D 27 32.29 33.00 17.80
N PHE D 28 32.15 33.90 16.83
CA PHE D 28 33.10 34.99 16.60
C PHE D 28 32.62 36.29 17.28
N GLU D 29 33.34 36.75 18.30
CA GLU D 29 32.80 37.73 19.23
C GLU D 29 32.10 38.92 18.55
N ASN D 30 32.77 39.55 17.62
CA ASN D 30 32.14 40.62 16.86
C ASN D 30 32.71 40.79 15.48
N GLY D 31 31.83 41.11 14.54
CA GLY D 31 32.19 41.80 13.32
C GLY D 31 32.87 40.95 12.28
N HIS D 32 33.55 39.89 12.70
CA HIS D 32 34.34 39.10 11.75
C HIS D 32 33.44 38.10 11.00
N LEU D 33 32.87 37.12 11.72
CA LEU D 33 31.82 36.28 11.12
C LEU D 33 32.15 35.63 9.77
N PRO D 34 32.77 34.44 9.80
CA PRO D 34 33.26 33.78 8.58
C PRO D 34 32.10 33.53 7.63
N ALA D 35 32.21 34.01 6.39
CA ALA D 35 31.10 33.97 5.45
C ALA D 35 30.64 32.51 5.22
N ILE D 36 29.36 32.31 4.91
CA ILE D 36 28.82 30.95 4.72
C ILE D 36 29.63 30.17 3.70
N TYR D 37 29.86 28.89 3.97
CA TYR D 37 30.68 28.05 3.10
C TYR D 37 32.21 28.13 3.36
N ASN D 38 32.63 29.12 4.15
CA ASN D 38 34.04 29.27 4.48
C ASN D 38 34.48 28.13 5.37
N ALA D 39 35.72 27.70 5.16
CA ALA D 39 36.33 26.64 5.96
C ALA D 39 37.02 27.16 7.23
N LEU D 40 36.72 26.53 8.36
CA LEU D 40 37.26 26.95 9.64
C LEU D 40 38.14 25.86 10.20
N LYS D 41 39.42 26.14 10.40
CA LYS D 41 40.35 25.16 10.96
C LYS D 41 40.24 25.13 12.48
N ILE D 42 40.51 23.96 13.04
CA ILE D 42 40.77 23.85 14.47
C ILE D 42 42.07 23.05 14.70
N GLN D 43 43.15 23.74 15.05
CA GLN D 43 44.40 23.08 15.36
C GLN D 43 44.69 23.33 16.84
N HIS D 44 44.51 22.31 17.65
CA HIS D 44 44.68 22.42 19.09
C HIS D 44 45.66 21.37 19.59
N LYS D 45 46.74 21.79 20.25
CA LYS D 45 47.68 20.82 20.81
C LYS D 45 47.38 20.51 22.27
N ALA D 46 47.34 19.23 22.58
CA ALA D 46 46.91 18.78 23.89
C ALA D 46 47.74 19.53 24.93
N ARG D 47 47.05 20.25 25.82
CA ARG D 47 47.72 21.06 26.83
C ARG D 47 47.90 20.30 28.15
N ASN D 48 47.58 19.00 28.16
CA ASN D 48 47.65 18.16 29.36
C ASN D 48 47.30 16.71 29.03
N GLU D 49 47.35 15.83 30.03
CA GLU D 49 47.14 14.39 29.83
C GLU D 49 45.67 14.01 29.79
N ASN D 50 44.84 15.00 30.05
CA ASN D 50 43.38 14.92 30.00
C ASN D 50 42.70 15.43 28.72
N GLU D 51 43.50 15.67 27.68
CA GLU D 51 43.01 16.12 26.39
C GLU D 51 43.61 15.36 25.21
N VAL D 52 43.12 15.67 23.99
CA VAL D 52 43.59 15.02 22.75
C VAL D 52 43.95 16.02 21.62
N ASP D 53 45.01 15.71 20.87
CA ASP D 53 45.43 16.53 19.72
C ASP D 53 44.20 16.69 18.84
N ILE D 54 44.02 17.86 18.24
CA ILE D 54 42.96 18.04 17.24
C ILE D 54 43.44 18.81 16.03
N ASP D 55 43.30 18.19 14.87
CA ASP D 55 43.43 18.91 13.62
C ASP D 55 42.13 18.58 12.87
N LEU D 56 41.22 19.55 12.80
CA LEU D 56 39.84 19.36 12.32
C LEU D 56 39.38 20.58 11.54
N THR D 57 38.93 20.39 10.31
CA THR D 57 38.45 21.52 9.53
C THR D 57 36.91 21.53 9.46
N LEU D 58 36.31 22.71 9.49
CA LEU D 58 34.86 22.81 9.50
C LEU D 58 34.39 23.65 8.32
N GLU D 59 33.10 23.58 8.01
CA GLU D 59 32.53 24.45 7.00
C GLU D 59 31.32 25.20 7.53
N VAL D 60 31.38 26.53 7.48
CA VAL D 60 30.25 27.33 7.91
C VAL D 60 29.01 26.88 7.16
N ALA D 61 27.92 26.74 7.93
CA ALA D 61 26.61 26.48 7.37
C ALA D 61 25.67 27.71 7.48
N LEU D 62 25.33 28.07 8.72
CA LEU D 62 24.37 29.15 8.99
C LEU D 62 24.83 30.09 10.14
N HIS D 63 24.44 31.37 10.11
CA HIS D 63 24.67 32.27 11.26
C HIS D 63 23.45 32.25 12.17
N LEU D 64 23.61 31.69 13.37
CA LEU D 64 22.46 31.45 14.21
C LEU D 64 22.09 32.68 15.03
N ASP D 66 23.20 36.27 17.00
CA ASP D 66 23.98 36.49 18.22
C ASP D 66 25.47 36.19 17.97
N ASP D 67 25.94 36.57 16.79
CA ASP D 67 27.35 36.41 16.42
C ASP D 67 27.79 34.97 16.68
N THR D 68 27.01 34.05 16.11
CA THR D 68 27.24 32.63 16.26
C THR D 68 27.11 31.94 14.90
N VAL D 69 27.93 30.92 14.67
CA VAL D 69 27.90 30.22 13.40
C VAL D 69 27.82 28.76 13.73
N ARG D 70 27.15 28.01 12.86
CA ARG D 70 27.11 26.55 13.00
C ARG D 70 27.90 25.91 11.86
N THR D 71 28.45 24.74 12.11
CA THR D 71 29.36 24.18 11.14
C THR D 71 29.17 22.70 11.02
N ILE D 72 29.63 22.13 9.91
CA ILE D 72 29.54 20.69 9.74
C ILE D 72 30.95 20.18 9.61
N ALA D 73 31.40 19.43 10.61
CA ALA D 73 32.77 18.90 10.65
C ALA D 73 32.99 17.82 9.62
N MSE D 74 34.01 18.00 8.77
CA MSE D 74 34.34 17.08 7.68
C MSE D 74 34.87 15.79 8.23
O MSE D 74 34.77 14.73 7.60
CB MSE D 74 35.37 17.68 6.72
CG MSE D 74 35.02 19.02 6.17
SE MSE D 74 33.23 19.04 5.48
CE MSE D 74 33.49 18.16 3.78
N ALA D 75 35.46 15.86 9.41
CA ALA D 75 36.03 14.67 10.02
C ALA D 75 35.39 14.55 11.37
N SER D 76 35.87 13.59 12.17
CA SER D 76 35.23 13.35 13.46
C SER D 76 35.30 14.57 14.37
N THR D 77 34.35 14.66 15.28
CA THR D 77 34.34 15.72 16.28
C THR D 77 34.78 15.32 17.67
N ASP D 78 35.21 14.07 17.85
CA ASP D 78 35.62 13.58 19.18
C ASP D 78 36.91 14.22 19.72
N GLY D 79 36.86 14.65 20.98
CA GLY D 79 37.98 15.35 21.59
C GLY D 79 37.86 16.86 21.64
N LEU D 80 36.76 17.36 21.08
CA LEU D 80 36.45 18.79 21.08
C LEU D 80 35.94 19.24 22.44
N ILE D 81 36.44 20.40 22.88
CA ILE D 81 36.08 20.95 24.16
C ILE D 81 35.57 22.37 24.01
N ARG D 82 34.47 22.64 24.70
CA ARG D 82 33.80 23.91 24.51
C ARG D 82 34.78 25.02 24.87
N GLY D 83 34.99 25.89 23.89
CA GLY D 83 35.92 27.01 23.96
C GLY D 83 37.18 27.00 23.10
N MSE D 84 37.59 25.84 22.59
CA MSE D 84 38.74 25.83 21.70
C MSE D 84 38.47 26.80 20.58
O MSE D 84 37.37 26.86 20.04
CB MSE D 84 38.97 24.45 21.13
CG MSE D 84 39.13 23.45 22.22
SE MSE D 84 38.74 21.67 21.59
CE MSE D 84 39.98 21.63 20.06
N GLU D 85 39.46 27.61 20.25
CA GLU D 85 39.22 28.65 19.26
C GLU D 85 39.15 28.05 17.87
N VAL D 86 38.40 28.71 16.99
CA VAL D 86 38.33 28.27 15.61
C VAL D 86 38.91 29.37 14.72
N ILE D 87 39.57 28.97 13.64
CA ILE D 87 40.34 29.90 12.82
C ILE D 87 39.75 29.98 11.40
N ASP D 88 39.20 31.14 11.03
CA ASP D 88 38.59 31.25 9.70
C ASP D 88 39.65 31.36 8.61
N THR D 89 39.66 30.40 7.69
CA THR D 89 40.62 30.43 6.59
C THR D 89 40.25 31.52 5.58
N GLY D 90 39.10 32.15 5.81
CA GLY D 90 38.63 33.28 5.01
C GLY D 90 37.98 32.83 3.71
N ALA D 91 38.18 31.56 3.38
CA ALA D 91 37.65 30.96 2.17
C ALA D 91 37.06 29.59 2.44
N PRO D 92 36.11 29.14 1.60
CA PRO D 92 35.61 27.79 1.79
C PRO D 92 36.71 26.76 1.51
N ILE D 93 36.38 25.48 1.65
CA ILE D 93 37.33 24.42 1.35
C ILE D 93 37.84 24.61 -0.07
N SER D 94 39.16 24.63 -0.22
CA SER D 94 39.77 24.72 -1.54
C SER D 94 40.77 23.58 -1.77
N VAL D 95 40.67 22.95 -2.93
CA VAL D 95 41.50 21.80 -3.23
C VAL D 95 42.34 22.04 -4.46
N PRO D 96 43.51 21.39 -4.52
CA PRO D 96 44.49 21.54 -5.61
C PRO D 96 43.87 21.25 -6.98
N VAL D 97 44.39 21.83 -8.04
CA VAL D 97 43.90 21.52 -9.38
C VAL D 97 45.07 21.45 -10.37
N GLY D 98 44.85 20.92 -11.57
CA GLY D 98 45.93 20.86 -12.55
C GLY D 98 46.55 19.49 -12.72
N GLU D 99 47.67 19.44 -13.43
CA GLU D 99 48.31 18.17 -13.73
C GLU D 99 48.78 17.57 -12.41
N VAL D 100 48.70 18.42 -11.37
CA VAL D 100 49.17 18.09 -10.03
C VAL D 100 48.30 17.02 -9.39
N THR D 101 47.05 16.97 -9.80
CA THR D 101 46.07 16.08 -9.21
C THR D 101 45.98 14.78 -9.97
N LEU D 102 46.63 14.70 -11.11
CA LEU D 102 46.54 13.50 -11.94
C LEU D 102 47.32 12.30 -11.36
N GLY D 103 46.65 11.16 -11.22
CA GLY D 103 47.26 9.99 -10.61
C GLY D 103 47.35 10.15 -9.11
N ARG D 104 46.74 11.20 -8.59
CA ARG D 104 46.81 11.47 -7.17
C ARG D 104 45.45 11.26 -6.53
N VAL D 105 45.45 10.62 -5.38
CA VAL D 105 44.22 10.36 -4.65
C VAL D 105 44.12 11.23 -3.40
N PHE D 106 43.11 12.10 -3.34
CA PHE D 106 42.95 13.01 -2.21
C PHE D 106 41.72 12.65 -1.38
N ASN D 107 41.46 13.41 -0.33
CA ASN D 107 40.27 13.22 0.46
C ASN D 107 39.40 14.44 0.33
N VAL D 108 38.29 14.44 1.05
CA VAL D 108 37.35 15.54 0.94
C VAL D 108 38.07 16.89 0.92
N LEU D 109 39.14 17.00 1.72
CA LEU D 109 39.83 18.26 2.01
C LEU D 109 40.90 18.58 0.99
N GLY D 110 40.99 17.74 -0.05
CA GLY D 110 41.95 17.94 -1.13
C GLY D 110 43.37 17.66 -0.68
N GLU D 111 43.47 16.80 0.34
CA GLU D 111 44.73 16.40 0.96
C GLU D 111 45.07 15.04 0.42
N PRO D 112 46.26 14.92 -0.17
CA PRO D 112 46.58 13.62 -0.77
C PRO D 112 46.62 12.50 0.29
N ILE D 113 45.87 11.41 0.08
CA ILE D 113 45.86 10.26 0.99
C ILE D 113 46.80 9.14 0.53
N ASP D 114 47.49 9.36 -0.59
CA ASP D 114 48.49 8.41 -1.03
C ASP D 114 49.87 8.69 -0.40
N LEU D 115 50.81 7.82 -0.73
CA LEU D 115 52.16 7.87 -0.16
C LEU D 115 53.13 8.60 -1.07
N GLU D 116 52.61 9.15 -2.16
CA GLU D 116 53.42 9.74 -3.23
C GLU D 116 53.81 11.18 -2.93
N GLY D 117 53.64 11.58 -1.69
CA GLY D 117 54.09 12.88 -1.29
C GLY D 117 52.93 13.81 -1.10
N ASP D 118 53.24 15.10 -1.02
CA ASP D 118 52.23 16.07 -0.68
C ASP D 118 52.31 17.29 -1.57
N ILE D 119 51.20 18.02 -1.63
CA ILE D 119 51.02 19.10 -2.58
C ILE D 119 51.76 20.34 -2.13
N PRO D 120 52.49 20.97 -3.05
CA PRO D 120 53.29 22.16 -2.71
C PRO D 120 52.40 23.33 -2.31
N ALA D 121 52.98 24.33 -1.67
CA ALA D 121 52.22 25.53 -1.29
C ALA D 121 52.14 26.53 -2.45
N ASP D 122 52.69 26.13 -3.59
CA ASP D 122 52.61 26.89 -4.83
C ASP D 122 51.31 26.61 -5.58
N ALA D 123 50.82 25.38 -5.42
CA ALA D 123 49.65 24.85 -6.13
C ALA D 123 48.35 25.64 -6.01
N ARG D 124 47.70 25.91 -7.14
CA ARG D 124 46.45 26.65 -7.13
C ARG D 124 45.33 25.72 -6.72
N ARG D 125 44.67 26.01 -5.61
CA ARG D 125 43.59 25.13 -5.18
C ARG D 125 42.27 25.90 -5.08
N ASP D 126 41.37 25.65 -6.03
CA ASP D 126 40.13 26.44 -6.14
C ASP D 126 39.14 25.99 -5.07
N PRO D 127 38.06 26.77 -4.87
CA PRO D 127 37.05 26.40 -3.85
C PRO D 127 36.13 25.27 -4.35
N ILE D 128 35.45 24.57 -3.44
CA ILE D 128 34.50 23.53 -3.85
C ILE D 128 33.09 24.06 -4.09
N HIS D 129 32.80 25.27 -3.61
CA HIS D 129 31.47 25.84 -3.76
C HIS D 129 31.50 26.97 -4.78
N ARG D 130 30.92 26.72 -5.95
CA ARG D 130 30.76 27.74 -7.00
C ARG D 130 29.47 27.51 -7.78
N PRO D 131 28.89 28.57 -8.38
CA PRO D 131 27.66 28.48 -9.17
C PRO D 131 27.84 27.94 -10.62
N ALA D 132 26.83 27.28 -11.16
CA ALA D 132 26.99 26.65 -12.48
C ALA D 132 27.09 27.75 -13.52
N PRO D 133 27.57 27.41 -14.73
CA PRO D 133 27.71 28.40 -15.82
C PRO D 133 26.46 29.23 -16.12
N LYS D 134 26.68 30.40 -16.70
CA LYS D 134 25.61 31.34 -17.01
C LYS D 134 24.89 30.89 -18.27
N PHE D 135 23.61 31.26 -18.37
CA PHE D 135 22.78 30.79 -19.46
C PHE D 135 23.47 31.04 -20.80
N GLU D 136 24.26 32.12 -20.88
CA GLU D 136 24.94 32.49 -22.12
C GLU D 136 26.26 31.73 -22.31
N GLU D 137 26.63 30.91 -21.33
CA GLU D 137 27.86 30.13 -21.39
C GLU D 137 27.72 28.69 -21.87
N LEU D 138 26.50 28.17 -21.95
CA LEU D 138 26.33 26.75 -22.22
C LEU D 138 26.41 26.45 -23.69
N ALA D 139 26.31 25.16 -24.03
CA ALA D 139 26.43 24.71 -25.40
C ALA D 139 25.08 24.91 -26.01
N THR D 140 25.07 25.26 -27.29
CA THR D 140 23.82 25.50 -27.99
C THR D 140 23.29 24.18 -28.60
N GLU D 141 24.04 23.59 -29.53
CA GLU D 141 23.68 22.36 -30.21
C GLU D 141 24.16 21.17 -29.41
N VAL D 142 23.27 20.24 -29.12
CA VAL D 142 23.67 19.06 -28.35
C VAL D 142 24.58 18.16 -29.18
N GLU D 143 25.79 17.88 -28.67
CA GLU D 143 26.79 17.11 -29.41
C GLU D 143 27.13 15.81 -28.68
N ILE D 144 27.10 14.70 -29.41
CA ILE D 144 27.29 13.37 -28.83
C ILE D 144 28.76 13.14 -28.52
N LEU D 145 29.04 12.28 -27.54
CA LEU D 145 30.43 11.96 -27.17
C LEU D 145 30.80 10.54 -27.62
N GLU D 146 31.69 10.42 -28.58
CA GLU D 146 32.06 9.10 -29.05
C GLU D 146 32.89 8.39 -28.00
N THR D 147 32.43 7.22 -27.57
CA THR D 147 33.17 6.40 -26.63
C THR D 147 33.95 5.21 -27.26
N GLY D 148 33.77 4.99 -28.56
CA GLY D 148 34.36 3.84 -29.23
C GLY D 148 33.89 2.49 -28.68
N ILE D 149 32.83 2.50 -27.89
CA ILE D 149 32.24 1.29 -27.33
C ILE D 149 30.94 0.93 -28.04
N LYS D 150 30.96 -0.15 -28.82
CA LYS D 150 29.84 -0.45 -29.70
C LYS D 150 28.51 -0.29 -28.99
N VAL D 151 28.30 -1.08 -27.93
CA VAL D 151 27.04 -1.11 -27.17
C VAL D 151 26.52 0.29 -26.95
N VAL D 152 27.31 1.08 -26.24
CA VAL D 152 26.99 2.48 -26.00
C VAL D 152 26.67 3.31 -27.27
N ASP D 153 27.70 3.62 -28.04
CA ASP D 153 27.59 4.60 -29.13
C ASP D 153 26.42 4.25 -30.02
N LEU D 154 25.99 2.99 -29.98
CA LEU D 154 24.86 2.53 -30.81
C LEU D 154 23.49 2.61 -30.11
N LEU D 155 23.32 1.91 -29.00
CA LEU D 155 22.03 1.91 -28.36
C LEU D 155 21.81 2.94 -27.26
N ALA D 156 22.88 3.46 -26.69
CA ALA D 156 22.75 4.41 -25.58
C ALA D 156 23.81 5.49 -25.61
N PRO D 157 23.79 6.32 -26.65
CA PRO D 157 24.81 7.34 -26.86
C PRO D 157 24.95 8.32 -25.67
N TYR D 158 26.19 8.46 -25.23
CA TYR D 158 26.50 9.39 -24.17
C TYR D 158 26.44 10.83 -24.73
N ILE D 159 25.71 11.70 -24.04
CA ILE D 159 25.73 13.14 -24.40
C ILE D 159 26.93 13.87 -23.78
N LYS D 160 27.77 14.45 -24.63
CA LYS D 160 29.02 14.97 -24.14
C LYS D 160 28.66 16.23 -23.41
N GLY D 161 28.83 16.21 -22.09
CA GLY D 161 28.27 17.23 -21.23
C GLY D 161 26.96 16.86 -20.53
N GLY D 162 26.58 15.57 -20.54
CA GLY D 162 25.44 15.10 -19.75
C GLY D 162 25.69 14.18 -18.55
N LYS D 163 24.63 13.64 -17.95
CA LYS D 163 24.79 12.71 -16.83
C LYS D 163 24.23 11.28 -17.10
N ILE D 164 25.13 10.31 -17.21
CA ILE D 164 24.76 8.95 -17.51
C ILE D 164 24.62 8.13 -16.24
N GLY D 165 23.54 7.37 -16.15
CA GLY D 165 23.32 6.45 -15.05
C GLY D 165 23.99 5.10 -15.26
N LEU D 166 24.54 4.52 -14.19
CA LEU D 166 25.17 3.22 -14.28
C LEU D 166 24.54 2.38 -13.20
N PHE D 167 23.71 1.42 -13.62
CA PHE D 167 23.06 0.56 -12.67
C PHE D 167 23.73 -0.80 -12.69
N GLY D 168 23.70 -1.40 -11.51
CA GLY D 168 24.13 -2.76 -11.22
C GLY D 168 25.62 -2.72 -11.03
N GLY D 169 26.07 -3.30 -9.92
CA GLY D 169 27.48 -3.29 -9.58
C GLY D 169 28.28 -4.54 -9.30
N ALA D 170 27.68 -5.73 -9.38
CA ALA D 170 28.34 -6.84 -8.71
C ALA D 170 28.81 -7.94 -9.63
N GLY D 171 30.11 -7.97 -9.88
CA GLY D 171 30.69 -8.92 -10.81
C GLY D 171 30.25 -8.81 -12.26
N VAL D 172 29.92 -7.59 -12.71
CA VAL D 172 29.53 -7.35 -14.10
C VAL D 172 30.63 -6.73 -15.00
N GLY D 173 31.79 -6.46 -14.41
CA GLY D 173 32.88 -5.80 -15.11
C GLY D 173 32.73 -4.29 -15.02
N LYS D 174 31.88 -3.86 -14.10
CA LYS D 174 31.53 -2.46 -13.97
C LYS D 174 32.84 -1.68 -14.07
N THR D 175 33.82 -2.14 -13.32
CA THR D 175 35.11 -1.49 -13.33
C THR D 175 35.78 -1.40 -14.70
N VAL D 176 35.73 -2.46 -15.51
CA VAL D 176 36.38 -2.39 -16.83
C VAL D 176 35.77 -1.22 -17.55
N LEU D 177 34.44 -1.17 -17.49
CA LEU D 177 33.72 -0.16 -18.21
C LEU D 177 34.25 1.21 -17.77
N ILE D 178 34.08 1.53 -16.49
CA ILE D 178 34.59 2.79 -15.98
C ILE D 178 36.02 3.04 -16.46
N GLN D 179 36.89 2.04 -16.26
CA GLN D 179 38.30 2.12 -16.59
C GLN D 179 38.47 2.33 -18.08
N GLU D 180 37.84 1.46 -18.86
CA GLU D 180 37.95 1.52 -20.31
C GLU D 180 37.52 2.88 -20.81
N LEU D 181 36.45 3.39 -20.20
CA LEU D 181 35.97 4.72 -20.54
C LEU D 181 37.07 5.77 -20.34
N ILE D 182 37.62 5.82 -19.14
CA ILE D 182 38.71 6.75 -18.82
C ILE D 182 39.79 6.64 -19.89
N HIS D 183 39.98 5.41 -20.38
CA HIS D 183 40.99 5.12 -21.36
C HIS D 183 40.63 5.71 -22.71
N ASN D 184 39.53 5.23 -23.28
CA ASN D 184 39.11 5.68 -24.60
C ASN D 184 39.07 7.21 -24.78
N ILE D 185 38.33 7.89 -23.89
CA ILE D 185 38.20 9.34 -23.94
C ILE D 185 39.58 10.00 -23.99
N ALA D 186 40.32 9.81 -22.91
CA ALA D 186 41.65 10.39 -22.82
C ALA D 186 42.55 9.98 -24.01
N GLN D 187 42.21 8.90 -24.71
CA GLN D 187 43.00 8.45 -25.85
C GLN D 187 42.62 9.19 -27.12
N GLU D 188 41.37 9.03 -27.54
CA GLU D 188 40.89 9.69 -28.75
C GLU D 188 40.46 11.14 -28.53
N HIS D 189 39.96 11.44 -27.33
CA HIS D 189 39.56 12.81 -27.03
C HIS D 189 40.55 13.66 -26.24
N GLY D 190 41.65 13.08 -25.75
CA GLY D 190 42.59 13.89 -24.99
C GLY D 190 42.00 14.64 -23.78
N GLY D 191 41.42 13.92 -22.82
CA GLY D 191 40.92 14.57 -21.64
C GLY D 191 41.14 13.75 -20.38
N ILE D 192 41.03 14.40 -19.23
CA ILE D 192 41.15 13.70 -17.96
C ILE D 192 39.83 13.07 -17.44
N SER D 193 39.94 12.27 -16.38
CA SER D 193 38.80 11.68 -15.71
C SER D 193 39.01 11.91 -14.23
N VAL D 194 37.94 12.09 -13.50
CA VAL D 194 38.08 12.22 -12.08
C VAL D 194 37.13 11.27 -11.37
N PHE D 195 37.69 10.26 -10.72
CA PHE D 195 36.87 9.31 -9.98
C PHE D 195 36.58 9.85 -8.59
N ALA D 196 35.31 9.89 -8.23
CA ALA D 196 34.95 10.31 -6.90
C ALA D 196 34.18 9.23 -6.18
N GLY D 197 34.80 8.57 -5.22
CA GLY D 197 34.06 7.74 -4.30
C GLY D 197 33.29 8.56 -3.30
N VAL D 198 31.96 8.46 -3.29
CA VAL D 198 31.18 9.19 -2.30
C VAL D 198 30.52 8.18 -1.37
N GLY D 199 31.10 8.02 -0.18
CA GLY D 199 30.54 7.18 0.89
C GLY D 199 30.10 5.75 0.63
N GLU D 200 30.75 5.04 -0.29
CA GLU D 200 30.33 3.66 -0.54
C GLU D 200 31.52 2.67 -0.46
N ARG D 201 31.60 1.86 0.60
CA ARG D 201 32.52 0.73 0.61
C ARG D 201 34.03 0.95 0.42
N THR D 202 34.75 1.28 1.49
CA THR D 202 36.20 1.39 1.34
C THR D 202 36.80 0.25 0.52
N ARG D 203 36.32 -0.98 0.77
CA ARG D 203 36.89 -2.19 0.16
C ARG D 203 36.94 -2.11 -1.36
N GLU D 204 35.82 -1.80 -1.98
CA GLU D 204 35.77 -1.63 -3.43
C GLU D 204 36.76 -0.57 -3.88
N GLY D 205 36.76 0.55 -3.17
CA GLY D 205 37.66 1.63 -3.50
C GLY D 205 39.11 1.19 -3.58
N ASN D 206 39.63 0.60 -2.50
CA ASN D 206 41.03 0.18 -2.48
C ASN D 206 41.39 -0.64 -3.72
N ASP D 207 40.45 -1.48 -4.15
CA ASP D 207 40.63 -2.37 -5.30
C ASP D 207 40.71 -1.59 -6.60
N LEU D 208 39.73 -0.70 -6.82
CA LEU D 208 39.73 0.12 -8.02
C LEU D 208 41.06 0.83 -8.21
N TYR D 209 41.64 1.30 -7.11
CA TYR D 209 42.94 1.96 -7.13
C TYR D 209 43.98 1.07 -7.78
N HIS D 210 44.07 -0.14 -7.25
CA HIS D 210 45.01 -1.12 -7.76
C HIS D 210 44.75 -1.45 -9.25
N GLU D 211 43.49 -1.61 -9.62
CA GLU D 211 43.08 -1.89 -11.01
C GLU D 211 43.46 -0.77 -11.99
N MSE D 212 43.33 0.48 -11.54
CA MSE D 212 43.70 1.67 -12.32
C MSE D 212 45.22 1.89 -12.29
O MSE D 212 45.76 2.62 -13.14
CB MSE D 212 43.04 2.95 -11.77
CG MSE D 212 41.54 2.91 -11.82
SE MSE D 212 40.66 4.42 -10.96
CE MSE D 212 40.54 5.63 -12.47
N LYS D 213 45.88 1.26 -11.33
CA LYS D 213 47.35 1.20 -11.30
C LYS D 213 47.82 0.24 -12.35
N ASP D 214 47.21 -0.95 -12.36
CA ASP D 214 47.47 -2.01 -13.35
C ASP D 214 47.07 -1.59 -14.77
N SER D 215 45.83 -1.12 -14.90
CA SER D 215 45.31 -0.64 -16.20
C SER D 215 46.12 0.54 -16.73
N GLY D 216 46.94 1.14 -15.88
CA GLY D 216 47.81 2.25 -16.27
C GLY D 216 47.07 3.52 -16.67
N VAL D 217 45.77 3.51 -16.41
CA VAL D 217 44.91 4.66 -16.69
C VAL D 217 44.89 5.65 -15.53
N ILE D 218 45.34 5.23 -14.36
CA ILE D 218 45.36 6.17 -13.26
C ILE D 218 46.34 7.31 -13.58
N SER D 219 47.17 7.10 -14.61
CA SER D 219 48.06 8.15 -15.11
C SER D 219 47.24 9.30 -15.68
N LYS D 220 46.07 8.94 -16.18
CA LYS D 220 45.14 9.87 -16.80
C LYS D 220 43.99 10.37 -15.90
N THR D 221 44.01 10.06 -14.61
CA THR D 221 42.85 10.41 -13.78
C THR D 221 43.17 10.72 -12.31
N ALA D 222 42.41 11.64 -11.73
CA ALA D 222 42.58 12.00 -10.32
C ALA D 222 41.46 11.41 -9.48
N MSE D 223 41.82 10.84 -8.33
CA MSE D 223 40.84 10.17 -7.48
C MSE D 223 40.61 10.89 -6.15
O MSE D 223 41.48 11.61 -5.67
CB MSE D 223 41.25 8.72 -7.20
CG MSE D 223 41.62 7.92 -8.44
SE MSE D 223 42.46 6.19 -8.02
CE MSE D 223 40.89 5.23 -7.38
N VAL D 224 39.42 10.70 -5.60
CA VAL D 224 39.02 11.29 -4.33
C VAL D 224 38.17 10.27 -3.54
N PHE D 225 38.43 10.11 -2.25
CA PHE D 225 37.67 9.13 -1.48
C PHE D 225 37.05 9.66 -0.19
N GLY D 226 35.72 9.67 -0.23
CA GLY D 226 34.82 10.13 0.80
C GLY D 226 34.11 9.03 1.58
N GLN D 227 34.78 7.92 1.87
CA GLN D 227 34.05 6.64 1.96
C GLN D 227 33.02 6.55 3.09
N MSE D 228 32.36 5.38 3.14
CA MSE D 228 31.18 5.11 3.97
C MSE D 228 31.50 5.16 5.46
O MSE D 228 30.61 5.06 6.30
CB MSE D 228 30.68 3.72 3.60
CG MSE D 228 29.40 3.24 4.26
SE MSE D 228 29.01 1.39 3.65
CE MSE D 228 28.65 1.72 1.75
N ASN D 229 32.80 5.30 5.76
CA ASN D 229 33.31 5.45 7.13
C ASN D 229 33.51 6.92 7.64
N GLU D 230 33.44 7.89 6.73
CA GLU D 230 33.57 9.30 7.08
C GLU D 230 32.23 9.86 7.58
N PRO D 231 32.25 10.94 8.37
CA PRO D 231 31.06 11.64 8.87
C PRO D 231 30.27 12.40 7.80
N PRO D 232 29.03 12.81 8.15
CA PRO D 232 28.18 13.37 7.11
C PRO D 232 28.88 14.41 6.24
N GLY D 233 29.57 15.36 6.86
CA GLY D 233 30.16 16.47 6.13
C GLY D 233 31.03 16.05 4.95
N ALA D 234 31.99 15.16 5.23
CA ALA D 234 32.88 14.63 4.21
C ALA D 234 32.12 14.09 2.97
N ARG D 235 31.28 13.08 3.22
CA ARG D 235 30.48 12.42 2.20
C ARG D 235 29.72 13.45 1.37
N MSE D 236 29.30 14.50 2.04
CA MSE D 236 28.52 15.52 1.44
C MSE D 236 29.37 16.43 0.56
O MSE D 236 28.86 17.11 -0.34
CB MSE D 236 27.87 16.31 2.56
CG MSE D 236 26.72 17.24 2.19
SE MSE D 236 25.82 17.77 3.85
CE MSE D 236 27.35 18.54 4.78
N ARG D 237 30.66 16.53 0.86
CA ARG D 237 31.49 17.39 0.03
C ARG D 237 32.35 16.72 -1.04
N VAL D 238 32.56 15.42 -0.93
CA VAL D 238 33.55 14.80 -1.79
C VAL D 238 33.24 15.05 -3.26
N ALA D 239 31.94 14.97 -3.58
CA ALA D 239 31.48 15.10 -4.96
C ALA D 239 31.88 16.47 -5.50
N LEU D 240 31.86 17.44 -4.61
CA LEU D 240 32.22 18.78 -5.00
C LEU D 240 33.72 18.83 -5.23
N THR D 241 34.48 18.25 -4.28
CA THR D 241 35.95 18.25 -4.36
C THR D 241 36.42 17.65 -5.68
N GLY D 242 36.07 16.39 -5.91
CA GLY D 242 36.40 15.72 -7.17
C GLY D 242 35.88 16.48 -8.38
N LEU D 243 34.79 17.21 -8.16
CA LEU D 243 34.19 18.00 -9.21
C LEU D 243 35.15 19.11 -9.61
N THR D 244 35.55 19.89 -8.61
CA THR D 244 36.35 21.08 -8.83
C THR D 244 37.60 20.79 -9.59
N MSE D 245 38.14 19.60 -9.34
CA MSE D 245 39.33 19.15 -10.03
C MSE D 245 39.00 18.94 -11.50
O MSE D 245 39.84 19.18 -12.38
CB MSE D 245 39.91 17.88 -9.40
CG MSE D 245 40.33 18.09 -7.97
SE MSE D 245 41.05 16.56 -7.02
CE MSE D 245 42.38 17.48 -5.97
N ALA D 246 37.77 18.52 -11.78
CA ALA D 246 37.38 18.26 -13.17
C ALA D 246 37.16 19.55 -13.94
N GLU D 247 36.47 20.48 -13.33
CA GLU D 247 36.19 21.78 -13.94
C GLU D 247 37.46 22.48 -14.45
N TYR D 248 38.55 22.26 -13.73
CA TYR D 248 39.79 22.88 -14.10
C TYR D 248 40.08 22.61 -15.56
N PHE D 249 40.27 21.33 -15.90
CA PHE D 249 40.69 20.97 -17.25
C PHE D 249 39.68 21.38 -18.32
N ARG D 250 38.46 21.74 -17.93
CA ARG D 250 37.50 22.27 -18.90
C ARG D 250 37.69 23.76 -19.05
N ASP D 251 37.44 24.50 -18.00
CA ASP D 251 37.49 25.94 -18.10
C ASP D 251 38.85 26.41 -18.59
N GLU D 252 39.89 25.91 -17.92
CA GLU D 252 41.28 26.36 -18.09
C GLU D 252 41.95 25.79 -19.33
N GLN D 253 41.83 24.47 -19.50
CA GLN D 253 42.37 23.78 -20.68
C GLN D 253 41.48 23.34 -21.87
N GLY D 254 40.19 23.70 -21.85
CA GLY D 254 39.28 23.44 -22.95
C GLY D 254 38.93 21.99 -23.24
N GLN D 255 39.32 21.10 -22.31
CA GLN D 255 39.16 19.66 -22.46
C GLN D 255 37.78 19.19 -22.16
N ASP D 256 37.42 18.04 -22.72
CA ASP D 256 36.17 17.35 -22.40
C ASP D 256 36.50 16.24 -21.39
N VAL D 257 36.10 16.44 -20.15
CA VAL D 257 36.60 15.58 -19.10
C VAL D 257 35.49 14.64 -18.78
N LEU D 258 35.75 13.65 -17.93
CA LEU D 258 34.75 12.68 -17.48
C LEU D 258 34.81 12.54 -15.98
N LEU D 259 33.77 13.00 -15.29
CA LEU D 259 33.70 12.92 -13.83
C LEU D 259 32.83 11.78 -13.32
N PHE D 260 33.47 10.77 -12.75
CA PHE D 260 32.76 9.57 -12.29
C PHE D 260 32.37 9.73 -10.84
N ILE D 261 31.10 9.58 -10.53
CA ILE D 261 30.73 9.67 -9.14
C ILE D 261 30.09 8.37 -8.71
N ASP D 262 30.85 7.57 -7.98
CA ASP D 262 30.35 6.28 -7.55
C ASP D 262 29.46 6.50 -6.35
N ASN D 263 28.20 6.14 -6.54
CA ASN D 263 27.11 6.34 -5.58
C ASN D 263 26.87 7.79 -5.17
N ILE D 264 26.28 8.55 -6.10
CA ILE D 264 25.90 9.92 -5.83
C ILE D 264 24.72 9.98 -4.86
N PHE D 265 24.20 8.80 -4.52
CA PHE D 265 23.10 8.66 -3.57
C PHE D 265 23.53 9.04 -2.16
N ARG D 266 24.75 8.65 -1.81
CA ARG D 266 25.31 8.95 -0.53
C ARG D 266 25.39 10.46 -0.30
N PHE D 267 25.55 11.21 -1.39
CA PHE D 267 25.53 12.67 -1.34
C PHE D 267 24.26 13.23 -0.74
N THR D 268 23.12 12.85 -1.33
CA THR D 268 21.84 13.33 -0.86
C THR D 268 21.44 12.62 0.42
N GLN D 269 21.91 11.40 0.61
CA GLN D 269 21.66 10.73 1.87
C GLN D 269 22.32 11.41 3.06
N ALA D 270 23.65 11.49 3.00
CA ALA D 270 24.42 12.16 4.03
C ALA D 270 23.79 13.54 4.31
N GLY D 271 23.23 14.13 3.26
CA GLY D 271 22.57 15.41 3.36
C GLY D 271 21.49 15.46 4.43
N SER D 272 20.54 14.55 4.33
CA SER D 272 19.39 14.59 5.23
C SER D 272 19.83 14.36 6.66
N GLU D 273 20.86 13.55 6.79
CA GLU D 273 21.36 13.13 8.08
C GLU D 273 21.66 14.35 8.90
N VAL D 274 22.40 15.25 8.28
CA VAL D 274 22.82 16.46 8.93
C VAL D 274 21.66 17.39 9.09
N SER D 275 20.88 17.50 8.02
CA SER D 275 19.81 18.47 7.95
C SER D 275 19.10 18.47 9.31
N ALA D 276 18.98 17.29 9.90
CA ALA D 276 18.36 17.13 11.20
C ALA D 276 19.14 17.84 12.32
N LEU D 277 20.45 17.69 12.35
CA LEU D 277 21.31 18.39 13.33
C LEU D 277 21.38 19.91 13.07
N LEU D 278 21.28 20.31 11.81
CA LEU D 278 21.22 21.72 11.50
C LEU D 278 19.94 22.26 12.08
N GLY D 279 18.85 21.48 12.01
CA GLY D 279 17.55 21.96 12.44
C GLY D 279 16.48 22.21 11.37
N ARG D 280 16.79 21.83 10.14
CA ARG D 280 15.81 21.87 9.07
C ARG D 280 14.65 20.89 9.34
N MSE D 281 13.42 21.30 8.99
CA MSE D 281 12.18 20.49 9.11
C MSE D 281 12.13 19.27 8.18
O MSE D 281 12.34 19.41 6.96
CB MSE D 281 10.93 21.33 8.86
CG MSE D 281 10.55 22.19 10.04
SE MSE D 281 8.75 22.95 9.96
CE MSE D 281 8.18 22.26 11.72
N PRO D 282 11.83 18.07 8.74
CA PRO D 282 11.78 16.87 7.88
C PRO D 282 10.79 17.06 6.74
N SER D 283 11.18 16.48 5.60
CA SER D 283 10.48 16.58 4.32
C SER D 283 9.93 15.20 3.91
N ALA D 284 9.56 15.02 2.65
CA ALA D 284 9.06 13.72 2.19
C ALA D 284 10.09 12.64 2.50
N VAL D 285 9.67 11.66 3.30
CA VAL D 285 10.54 10.55 3.74
C VAL D 285 11.80 10.93 4.56
N GLY D 286 11.69 11.97 5.39
CA GLY D 286 12.78 12.41 6.25
C GLY D 286 13.85 13.24 5.55
N TYR D 287 13.85 13.16 4.22
CA TYR D 287 14.84 13.86 3.38
C TYR D 287 14.85 15.36 3.64
N GLN D 288 16.04 15.94 3.61
CA GLN D 288 16.22 17.36 3.82
C GLN D 288 15.33 18.12 2.85
N PRO D 289 14.61 19.12 3.36
CA PRO D 289 13.70 19.94 2.56
C PRO D 289 14.45 20.69 1.47
N THR D 290 15.77 20.75 1.60
CA THR D 290 16.61 21.46 0.65
C THR D 290 16.97 20.54 -0.52
N LEU D 291 16.55 19.28 -0.43
CA LEU D 291 17.08 18.20 -1.28
C LEU D 291 17.27 18.54 -2.76
N ALA D 292 16.16 18.80 -3.41
CA ALA D 292 16.18 19.09 -4.82
C ALA D 292 17.21 20.16 -5.13
N THR D 293 17.22 21.21 -4.34
CA THR D 293 18.13 22.32 -4.59
C THR D 293 19.63 21.96 -4.42
N GLU D 294 19.96 21.21 -3.36
CA GLU D 294 21.33 20.73 -3.16
C GLU D 294 21.83 19.98 -4.39
N MSE D 295 21.06 18.97 -4.80
CA MSE D 295 21.31 18.18 -6.00
C MSE D 295 21.45 19.00 -7.30
O MSE D 295 22.19 18.62 -8.20
CB MSE D 295 20.21 17.14 -6.18
CG MSE D 295 20.34 16.38 -7.47
SE MSE D 295 21.70 15.01 -7.32
CE MSE D 295 20.71 13.76 -6.18
N GLY D 296 20.68 20.08 -7.40
CA GLY D 296 20.74 20.94 -8.57
C GLY D 296 22.07 21.68 -8.68
N GLN D 297 22.40 22.41 -7.64
CA GLN D 297 23.62 23.21 -7.63
C GLN D 297 24.84 22.30 -7.77
N LEU D 298 24.65 21.02 -7.50
CA LEU D 298 25.72 20.05 -7.71
C LEU D 298 25.79 19.65 -9.17
N GLN D 299 24.63 19.39 -9.76
CA GLN D 299 24.56 18.81 -11.12
C GLN D 299 24.75 19.86 -12.19
N GLU D 300 24.14 21.02 -11.98
CA GLU D 300 24.13 22.05 -12.99
C GLU D 300 25.56 22.48 -13.29
N ARG D 301 26.48 22.14 -12.39
CA ARG D 301 27.89 22.46 -12.57
C ARG D 301 28.56 21.53 -13.57
N ILE D 302 27.81 20.53 -14.04
CA ILE D 302 28.37 19.55 -14.95
C ILE D 302 27.68 19.72 -16.30
N THR D 303 28.34 20.39 -17.26
CA THR D 303 27.80 20.61 -18.61
C THR D 303 28.89 21.07 -19.55
N SER D 304 28.56 21.36 -20.79
CA SER D 304 29.61 21.81 -21.73
C SER D 304 29.54 23.30 -22.03
N THR D 305 30.45 24.09 -21.46
CA THR D 305 30.44 25.50 -21.71
C THR D 305 30.98 25.76 -23.11
N ALA D 306 31.13 27.04 -23.45
CA ALA D 306 31.70 27.43 -24.72
C ALA D 306 33.00 26.66 -24.96
N LYS D 307 33.87 26.61 -23.95
CA LYS D 307 35.24 26.12 -24.09
C LYS D 307 35.35 24.60 -24.08
N GLY D 308 35.16 24.03 -22.90
CA GLY D 308 35.23 22.59 -22.71
C GLY D 308 33.90 21.88 -22.53
N SER D 309 33.93 20.83 -21.69
CA SER D 309 32.75 20.11 -21.22
C SER D 309 33.06 19.02 -20.19
N ILE D 310 32.09 18.73 -19.34
CA ILE D 310 32.20 17.62 -18.40
C ILE D 310 31.00 16.68 -18.53
N THR D 311 31.28 15.42 -18.81
CA THR D 311 30.23 14.44 -18.87
C THR D 311 30.43 13.58 -17.65
N SER D 312 29.36 13.21 -16.95
CA SER D 312 29.54 12.40 -15.75
C SER D 312 28.86 11.05 -15.81
N ILE D 313 29.53 10.03 -15.31
CA ILE D 313 28.91 8.75 -15.05
C ILE D 313 28.64 8.55 -13.57
N GLN D 314 27.37 8.57 -13.17
CA GLN D 314 27.00 8.33 -11.78
C GLN D 314 26.46 6.92 -11.62
N ALA D 315 26.76 6.29 -10.50
CA ALA D 315 26.16 5.01 -10.20
C ALA D 315 25.09 5.25 -9.14
N ILE D 316 23.88 4.80 -9.39
CA ILE D 316 22.78 5.09 -8.46
C ILE D 316 22.27 3.84 -7.78
N TYR D 317 22.39 3.79 -6.46
CA TYR D 317 21.78 2.71 -5.71
C TYR D 317 20.44 3.25 -5.31
N VAL D 318 19.38 2.69 -5.88
CA VAL D 318 18.02 3.04 -5.48
C VAL D 318 17.69 2.42 -4.12
N PRO D 319 16.86 3.10 -3.32
CA PRO D 319 16.52 2.62 -1.98
C PRO D 319 15.61 1.39 -2.00
N ALA D 320 16.20 0.21 -2.07
CA ALA D 320 15.46 -1.05 -2.19
C ALA D 320 14.65 -1.11 -3.48
N ASP D 321 15.37 -1.11 -4.60
CA ASP D 321 14.78 -1.24 -5.92
C ASP D 321 13.41 -0.60 -5.84
N ASP D 322 13.39 0.67 -5.53
CA ASP D 322 12.18 1.48 -5.52
C ASP D 322 12.48 2.76 -6.23
N TYR D 323 11.86 3.00 -7.37
CA TYR D 323 12.23 4.14 -8.19
C TYR D 323 11.44 5.40 -7.86
N THR D 324 10.61 5.34 -6.82
CA THR D 324 9.85 6.53 -6.40
C THR D 324 10.39 7.29 -5.21
N ASP D 325 11.53 6.85 -4.66
CA ASP D 325 12.16 7.49 -3.48
C ASP D 325 12.71 8.86 -3.85
N PRO D 326 12.58 9.81 -2.94
CA PRO D 326 12.99 11.16 -3.29
C PRO D 326 14.42 11.18 -3.87
N ALA D 327 15.32 10.42 -3.25
CA ALA D 327 16.73 10.48 -3.64
C ALA D 327 16.92 10.15 -5.10
N PRO D 328 16.53 8.93 -5.49
CA PRO D 328 16.70 8.58 -6.91
C PRO D 328 15.89 9.51 -7.80
N ALA D 329 14.65 9.76 -7.42
CA ALA D 329 13.75 10.56 -8.24
C ALA D 329 14.52 11.80 -8.66
N THR D 330 14.94 12.55 -7.65
CA THR D 330 15.63 13.82 -7.86
C THR D 330 16.82 13.74 -8.85
N THR D 331 17.54 12.62 -8.81
CA THR D 331 18.73 12.40 -9.63
C THR D 331 18.37 12.18 -11.08
N PHE D 332 17.39 11.31 -11.30
CA PHE D 332 16.93 10.96 -12.65
C PHE D 332 16.57 12.20 -13.42
N SER D 333 16.04 13.18 -12.70
CA SER D 333 15.68 14.42 -13.32
C SER D 333 16.88 15.11 -13.94
N HIS D 334 18.10 14.78 -13.51
CA HIS D 334 19.29 15.25 -14.23
C HIS D 334 19.92 14.29 -15.23
N LEU D 335 19.51 13.02 -15.21
CA LEU D 335 20.08 11.97 -16.07
C LEU D 335 19.69 12.18 -17.54
N ASP D 336 20.69 12.10 -18.43
CA ASP D 336 20.45 12.11 -19.88
C ASP D 336 20.52 10.76 -20.60
N ALA D 337 20.83 9.71 -19.85
CA ALA D 337 20.88 8.38 -20.43
C ALA D 337 21.25 7.41 -19.32
N THR D 338 20.94 6.15 -19.57
CA THR D 338 21.07 5.11 -18.56
C THR D 338 21.78 3.89 -19.12
N THR D 339 22.90 3.52 -18.50
CA THR D 339 23.65 2.35 -18.92
C THR D 339 23.45 1.23 -17.90
N ASN D 340 22.68 0.20 -18.30
CA ASN D 340 22.43 -0.95 -17.44
C ASN D 340 23.38 -2.10 -17.72
N LEU D 341 24.03 -2.59 -16.65
CA LEU D 341 24.95 -3.72 -16.71
C LEU D 341 24.24 -4.90 -16.12
N GLU D 342 24.01 -5.91 -16.93
CA GLU D 342 23.25 -7.08 -16.51
C GLU D 342 24.16 -8.27 -16.22
N ARG D 343 23.81 -9.03 -15.19
CA ARG D 343 24.62 -10.14 -14.70
C ARG D 343 24.39 -11.36 -15.57
N LYS D 344 23.65 -11.14 -16.64
CA LYS D 344 23.27 -12.20 -17.54
C LYS D 344 24.22 -12.26 -18.74
N LEU D 345 24.31 -11.14 -19.47
CA LEU D 345 25.20 -10.98 -20.65
C LEU D 345 26.67 -11.38 -20.42
N ALA D 346 27.17 -11.15 -19.21
CA ALA D 346 28.53 -11.56 -18.85
C ALA D 346 28.67 -13.07 -18.85
N GLU D 347 27.75 -13.75 -18.18
CA GLU D 347 27.72 -15.20 -18.15
C GLU D 347 27.82 -15.75 -19.55
N MSE D 348 27.05 -15.17 -20.45
CA MSE D 348 27.02 -15.62 -21.84
C MSE D 348 28.27 -15.21 -22.60
O MSE D 348 28.42 -15.52 -23.80
CB MSE D 348 25.74 -15.16 -22.52
CG MSE D 348 24.49 -15.60 -21.78
SE MSE D 348 22.86 -15.00 -22.68
CE MSE D 348 22.78 -16.26 -24.17
N GLY D 349 29.14 -14.46 -21.91
CA GLY D 349 30.43 -14.07 -22.46
C GLY D 349 30.33 -12.84 -23.35
N ILE D 350 29.28 -12.04 -23.14
CA ILE D 350 29.12 -10.81 -23.89
C ILE D 350 29.55 -9.67 -22.98
N TYR D 351 30.79 -9.26 -23.21
CA TYR D 351 31.42 -8.13 -22.55
C TYR D 351 31.65 -7.05 -23.63
N PRO D 352 31.18 -5.82 -23.37
CA PRO D 352 30.59 -5.39 -22.09
C PRO D 352 29.19 -5.96 -21.82
N ALA D 353 28.89 -6.09 -20.52
CA ALA D 353 27.68 -6.73 -20.00
C ALA D 353 26.49 -5.77 -19.95
N VAL D 354 26.58 -4.70 -20.75
CA VAL D 354 25.50 -3.74 -20.92
C VAL D 354 24.24 -4.30 -21.61
N ASP D 355 23.12 -4.26 -20.90
CA ASP D 355 21.87 -4.81 -21.40
C ASP D 355 21.41 -3.95 -22.55
N PRO D 356 21.35 -4.51 -23.77
CA PRO D 356 21.10 -3.82 -25.05
C PRO D 356 19.69 -3.24 -25.20
N LEU D 357 18.82 -3.67 -24.30
CA LEU D 357 17.42 -3.25 -24.26
C LEU D 357 17.12 -2.20 -23.18
N ALA D 358 17.50 -2.53 -21.94
CA ALA D 358 17.42 -1.61 -20.80
C ALA D 358 18.22 -0.30 -20.91
N SER D 359 19.46 -0.34 -21.41
CA SER D 359 20.21 0.91 -21.57
C SER D 359 19.50 1.85 -22.56
N THR D 360 19.12 3.02 -22.10
CA THR D 360 18.45 3.94 -22.99
C THR D 360 19.31 5.17 -23.15
N SER D 361 18.94 6.07 -24.04
CA SER D 361 19.66 7.31 -24.16
C SER D 361 18.75 8.37 -24.71
N ARG D 362 18.99 9.61 -24.33
CA ARG D 362 18.15 10.68 -24.81
C ARG D 362 18.55 10.99 -26.24
N ALA D 363 19.83 10.82 -26.55
CA ALA D 363 20.40 11.32 -27.81
C ALA D 363 20.24 10.32 -28.96
N LEU D 364 19.40 9.32 -28.71
CA LEU D 364 19.07 8.22 -29.63
C LEU D 364 17.97 8.58 -30.62
N ALA D 365 17.79 9.87 -30.86
CA ALA D 365 16.77 10.33 -31.79
C ALA D 365 17.40 10.77 -33.10
N PRO D 366 16.64 10.65 -34.19
CA PRO D 366 17.17 10.96 -35.50
C PRO D 366 17.54 12.42 -35.50
N GLU D 367 16.92 13.21 -34.63
CA GLU D 367 17.23 14.64 -34.58
C GLU D 367 18.68 14.85 -34.13
N ILE D 368 19.12 13.96 -33.24
CA ILE D 368 20.46 14.05 -32.68
C ILE D 368 21.54 13.11 -33.26
N VAL D 369 21.12 11.98 -33.84
CA VAL D 369 22.00 11.10 -34.64
C VAL D 369 21.71 10.89 -36.15
N GLY D 370 20.59 11.42 -36.64
CA GLY D 370 20.13 11.13 -37.98
C GLY D 370 19.54 9.74 -38.11
N GLU D 371 18.90 9.44 -39.24
CA GLU D 371 18.26 8.15 -39.42
C GLU D 371 19.22 6.96 -39.31
N GLU D 372 20.30 6.94 -40.10
CA GLU D 372 21.05 5.69 -40.23
C GLU D 372 21.51 5.10 -38.90
N HIS D 373 21.88 5.96 -37.96
CA HIS D 373 22.19 5.49 -36.62
C HIS D 373 20.89 5.02 -35.93
N TYR D 374 19.87 5.88 -35.94
CA TYR D 374 18.58 5.61 -35.33
C TYR D 374 17.96 4.37 -35.94
N GLN D 375 17.67 4.48 -37.23
CA GLN D 375 17.07 3.37 -37.95
C GLN D 375 17.78 2.08 -37.57
N VAL D 376 19.11 2.08 -37.64
CA VAL D 376 19.85 0.89 -37.29
C VAL D 376 19.63 0.55 -35.84
N ALA D 377 19.91 1.51 -34.98
CA ALA D 377 19.78 1.31 -33.54
C ALA D 377 18.44 0.66 -33.12
N ARG D 378 17.34 1.37 -33.32
CA ARG D 378 16.04 0.85 -32.90
C ARG D 378 15.81 -0.54 -33.51
N LYS D 379 16.35 -0.79 -34.71
CA LYS D 379 16.18 -2.08 -35.35
C LYS D 379 16.93 -3.13 -34.58
N VAL D 380 18.21 -2.88 -34.33
CA VAL D 380 19.05 -3.82 -33.61
C VAL D 380 18.42 -4.23 -32.27
N GLN D 381 17.60 -3.34 -31.70
CA GLN D 381 16.89 -3.65 -30.47
C GLN D 381 15.73 -4.57 -30.75
N GLN D 382 14.90 -4.18 -31.71
CA GLN D 382 13.69 -4.93 -32.02
C GLN D 382 14.04 -6.39 -32.25
N THR D 383 14.94 -6.62 -33.21
CA THR D 383 15.34 -7.98 -33.53
C THR D 383 15.78 -8.69 -32.25
N LEU D 384 16.29 -7.93 -31.30
CA LEU D 384 16.77 -8.53 -30.09
C LEU D 384 15.60 -8.91 -29.19
N GLN D 385 14.49 -8.20 -29.34
CA GLN D 385 13.30 -8.41 -28.53
C GLN D 385 12.64 -9.72 -28.95
N ARG D 386 12.64 -9.94 -30.25
CA ARG D 386 12.12 -11.18 -30.77
C ARG D 386 12.87 -12.36 -30.16
N TYR D 387 14.19 -12.37 -30.29
CA TYR D 387 15.02 -13.47 -29.81
C TYR D 387 14.86 -13.67 -28.30
N LYS D 388 14.29 -12.66 -27.65
CA LYS D 388 14.08 -12.67 -26.22
C LYS D 388 12.83 -13.44 -25.90
N GLU D 389 11.70 -12.94 -26.43
CA GLU D 389 10.39 -13.54 -26.25
C GLU D 389 10.36 -15.00 -26.71
N LEU D 390 11.03 -15.28 -27.81
CA LEU D 390 11.04 -16.61 -28.35
C LEU D 390 11.72 -17.57 -27.41
N GLN D 391 12.58 -17.05 -26.54
CA GLN D 391 13.35 -17.92 -25.66
C GLN D 391 12.45 -18.98 -25.03
N ASP D 392 11.27 -18.56 -24.54
CA ASP D 392 10.35 -19.50 -23.92
C ASP D 392 10.09 -20.69 -24.84
N ILE D 393 9.67 -20.38 -26.05
CA ILE D 393 9.34 -21.39 -27.04
C ILE D 393 10.52 -22.30 -27.34
N ILE D 394 11.70 -21.70 -27.45
CA ILE D 394 12.88 -22.49 -27.77
C ILE D 394 12.99 -23.63 -26.79
N ALA D 395 12.60 -23.37 -25.55
CA ALA D 395 12.75 -24.29 -24.44
C ALA D 395 11.52 -25.18 -24.39
N ILE D 396 10.69 -25.07 -25.41
CA ILE D 396 9.48 -25.86 -25.49
C ILE D 396 9.45 -26.70 -26.76
N LEU D 397 9.54 -26.03 -27.90
CA LEU D 397 9.56 -26.67 -29.21
C LEU D 397 10.93 -26.95 -29.80
N GLY D 398 11.99 -26.79 -29.02
CA GLY D 398 13.33 -26.99 -29.54
C GLY D 398 13.59 -25.95 -30.61
N MSE D 399 14.55 -26.20 -31.50
CA MSE D 399 14.80 -25.33 -32.65
C MSE D 399 14.09 -25.78 -33.95
O MSE D 399 14.47 -25.39 -35.06
CB MSE D 399 16.28 -24.98 -32.83
CG MSE D 399 16.81 -23.96 -31.80
SE MSE D 399 15.60 -22.48 -31.44
CE MSE D 399 16.04 -21.25 -32.87
N ASP D 400 13.11 -26.67 -33.80
CA ASP D 400 12.41 -27.24 -34.93
C ASP D 400 11.51 -26.22 -35.59
N GLU D 401 10.47 -25.82 -34.91
CA GLU D 401 9.56 -24.93 -35.54
C GLU D 401 9.67 -23.57 -34.92
N LEU D 402 10.19 -22.57 -35.64
CA LEU D 402 9.61 -21.26 -35.42
C LEU D 402 9.37 -20.55 -36.73
N SER D 403 8.13 -20.68 -37.23
CA SER D 403 7.67 -19.98 -38.44
C SER D 403 8.75 -19.73 -39.49
N ASP D 404 9.84 -20.49 -39.42
CA ASP D 404 10.99 -20.38 -40.34
C ASP D 404 11.43 -18.95 -40.69
N GLU D 405 11.17 -18.02 -39.77
CA GLU D 405 11.52 -16.62 -39.88
C GLU D 405 12.17 -16.38 -38.55
N ASP D 406 11.42 -16.71 -37.51
CA ASP D 406 11.89 -16.62 -36.15
C ASP D 406 13.31 -17.20 -36.06
N LYS D 407 13.61 -18.21 -36.88
CA LYS D 407 14.98 -18.70 -36.99
C LYS D 407 15.89 -17.61 -37.52
N LEU D 408 15.55 -17.10 -38.69
CA LEU D 408 16.36 -16.05 -39.31
C LEU D 408 16.69 -14.93 -38.31
N VAL D 409 15.72 -14.61 -37.46
CA VAL D 409 15.92 -13.64 -36.39
C VAL D 409 16.93 -14.13 -35.35
N VAL D 410 16.66 -15.30 -34.78
CA VAL D 410 17.57 -15.95 -33.82
C VAL D 410 18.99 -16.13 -34.36
N HIS D 411 19.11 -16.09 -35.68
CA HIS D 411 20.39 -16.15 -36.36
C HIS D 411 21.05 -14.80 -36.21
N ARG D 412 20.40 -13.81 -36.78
CA ARG D 412 20.94 -12.48 -36.74
C ARG D 412 21.03 -11.97 -35.29
N ALA D 413 20.02 -12.29 -34.50
CA ALA D 413 19.97 -11.82 -33.14
C ALA D 413 21.25 -12.18 -32.40
N ARG D 414 21.65 -13.45 -32.48
CA ARG D 414 22.86 -13.89 -31.81
C ARG D 414 24.08 -13.12 -32.35
N ARG D 415 24.24 -13.13 -33.68
CA ARG D 415 25.38 -12.49 -34.31
C ARG D 415 25.44 -11.06 -33.84
N ILE D 416 24.27 -10.47 -33.71
CA ILE D 416 24.13 -9.10 -33.27
C ILE D 416 24.46 -8.89 -31.78
N GLN D 417 23.86 -9.67 -30.89
CA GLN D 417 24.10 -9.44 -29.48
C GLN D 417 25.45 -9.96 -29.12
N PHE D 418 26.03 -10.75 -30.01
CA PHE D 418 27.41 -11.21 -29.87
C PHE D 418 28.41 -10.16 -30.33
N PHE D 419 28.10 -9.52 -31.45
CA PHE D 419 28.91 -8.45 -32.01
C PHE D 419 28.82 -7.19 -31.13
N LEU D 420 28.00 -7.25 -30.08
CA LEU D 420 27.87 -6.18 -29.10
C LEU D 420 28.92 -6.26 -28.00
N SER D 421 29.82 -7.24 -28.11
CA SER D 421 30.99 -7.32 -27.24
C SER D 421 32.13 -6.51 -27.82
N GLN D 422 33.33 -6.63 -27.27
CA GLN D 422 34.41 -5.82 -27.79
C GLN D 422 35.78 -6.12 -27.15
N ASN D 423 36.85 -5.69 -27.83
CA ASN D 423 38.20 -5.90 -27.34
C ASN D 423 38.59 -4.69 -26.55
N PHE D 424 38.62 -4.85 -25.24
CA PHE D 424 38.81 -3.75 -24.33
C PHE D 424 40.26 -3.45 -24.06
N HIS D 425 40.62 -2.17 -24.13
CA HIS D 425 42.00 -1.78 -23.98
C HIS D 425 42.51 -2.24 -22.64
N VAL D 426 41.63 -2.19 -21.65
CA VAL D 426 42.01 -2.57 -20.30
C VAL D 426 41.84 -4.09 -20.08
N ALA D 427 41.54 -4.80 -21.15
CA ALA D 427 41.58 -6.25 -21.10
C ALA D 427 42.85 -6.88 -21.69
N GLU D 428 43.76 -6.07 -22.27
CA GLU D 428 44.94 -6.66 -22.88
C GLU D 428 45.81 -7.36 -21.81
N GLN D 429 45.71 -6.87 -20.58
CA GLN D 429 46.47 -7.40 -19.45
C GLN D 429 46.37 -8.91 -19.23
N PHE D 430 45.15 -9.45 -19.25
CA PHE D 430 44.93 -10.90 -19.07
C PHE D 430 44.57 -11.71 -20.32
N THR D 431 44.46 -11.03 -21.45
CA THR D 431 43.96 -11.64 -22.70
C THR D 431 45.05 -11.64 -23.76
N GLY D 432 45.54 -10.44 -24.00
CA GLY D 432 46.57 -10.14 -24.98
C GLY D 432 46.02 -9.44 -26.20
N GLN D 433 44.76 -9.65 -26.53
CA GLN D 433 44.18 -8.91 -27.64
C GLN D 433 44.40 -7.43 -27.39
N PRO D 434 44.88 -6.72 -28.40
CA PRO D 434 45.22 -5.30 -28.29
C PRO D 434 44.03 -4.42 -27.85
N GLY D 435 42.84 -4.68 -28.38
CA GLY D 435 41.72 -3.82 -28.07
C GLY D 435 41.36 -2.90 -29.24
N SER D 436 40.18 -2.28 -29.17
CA SER D 436 39.65 -1.53 -30.30
C SER D 436 38.91 -0.28 -29.89
N TYR D 437 38.97 0.74 -30.74
CA TYR D 437 38.06 1.88 -30.61
C TYR D 437 37.17 2.05 -31.86
N VAL D 438 36.00 1.42 -31.85
CA VAL D 438 35.22 1.38 -33.07
C VAL D 438 34.38 2.62 -32.98
N PRO D 439 34.43 3.47 -34.01
CA PRO D 439 33.57 4.66 -33.99
C PRO D 439 32.09 4.38 -34.28
N VAL D 440 31.27 5.34 -33.87
CA VAL D 440 29.84 5.26 -34.12
C VAL D 440 29.59 4.94 -35.58
N LYS D 441 30.31 5.64 -36.46
CA LYS D 441 30.12 5.47 -37.89
C LYS D 441 30.40 4.02 -38.33
N GLU D 442 31.56 3.51 -37.92
CA GLU D 442 31.96 2.14 -38.21
C GLU D 442 31.01 1.15 -37.53
N THR D 443 30.56 1.50 -36.33
CA THR D 443 29.66 0.64 -35.57
C THR D 443 28.28 0.49 -36.23
N VAL D 444 27.80 1.57 -36.84
CA VAL D 444 26.48 1.61 -37.42
C VAL D 444 26.50 0.81 -38.69
N ARG D 445 27.60 0.92 -39.41
CA ARG D 445 27.77 0.20 -40.66
C ARG D 445 27.77 -1.32 -40.44
N GLY D 446 28.46 -1.75 -39.38
CA GLY D 446 28.58 -3.16 -39.04
C GLY D 446 27.25 -3.83 -38.75
N PHE D 447 26.48 -3.27 -37.83
CA PHE D 447 25.15 -3.78 -37.55
C PHE D 447 24.26 -3.55 -38.76
N LYS D 448 24.44 -2.44 -39.48
CA LYS D 448 23.67 -2.25 -40.69
C LYS D 448 23.71 -3.55 -41.47
N GLU D 449 24.92 -3.91 -41.92
CA GLU D 449 25.14 -5.12 -42.74
C GLU D 449 24.73 -6.45 -42.08
N ILE D 450 25.00 -6.58 -40.78
CA ILE D 450 24.65 -7.79 -40.06
C ILE D 450 23.15 -7.91 -40.08
N LEU D 451 22.47 -6.76 -40.12
CA LEU D 451 21.00 -6.68 -40.21
C LEU D 451 20.47 -6.98 -41.61
N GLU D 452 21.26 -6.60 -42.62
CA GLU D 452 20.96 -6.98 -44.00
C GLU D 452 21.25 -8.46 -44.24
N GLY D 453 21.88 -9.11 -43.26
CA GLY D 453 22.11 -10.55 -43.26
C GLY D 453 23.29 -10.98 -44.10
N LYS D 454 24.17 -10.03 -44.43
CA LYS D 454 25.22 -10.33 -45.37
C LYS D 454 26.30 -11.13 -44.68
N TYR D 455 26.14 -11.30 -43.37
CA TYR D 455 27.04 -12.16 -42.62
C TYR D 455 26.52 -13.51 -42.20
N ASP D 456 25.28 -13.83 -42.58
CA ASP D 456 24.53 -14.94 -41.95
C ASP D 456 25.26 -16.29 -42.06
N HIS D 457 26.35 -16.31 -42.82
CA HIS D 457 27.14 -17.52 -43.02
C HIS D 457 28.39 -17.69 -42.11
N LEU D 458 28.71 -16.69 -41.29
CA LEU D 458 29.87 -16.77 -40.39
C LEU D 458 29.48 -17.27 -39.00
N PRO D 459 30.21 -18.26 -38.49
CA PRO D 459 29.88 -18.91 -37.22
C PRO D 459 29.80 -17.91 -36.07
N GLU D 460 28.90 -18.17 -35.13
CA GLU D 460 28.58 -17.21 -34.09
C GLU D 460 29.86 -16.60 -33.58
N ASP D 461 30.72 -17.47 -33.06
CA ASP D 461 31.88 -17.10 -32.24
C ASP D 461 32.87 -16.17 -32.96
N ALA D 462 32.56 -15.84 -34.21
CA ALA D 462 33.36 -14.89 -35.01
C ALA D 462 33.13 -13.40 -34.70
N PHE D 463 31.88 -13.03 -34.42
CA PHE D 463 31.51 -11.66 -34.07
C PHE D 463 31.75 -11.43 -32.58
N ARG D 464 32.18 -12.49 -31.90
CA ARG D 464 32.21 -12.53 -30.46
C ARG D 464 33.56 -11.98 -30.01
N LEU D 465 33.53 -10.81 -29.36
CA LEU D 465 34.74 -10.10 -28.91
C LEU D 465 35.66 -9.65 -30.04
N VAL D 466 35.21 -8.66 -30.79
CA VAL D 466 36.00 -8.06 -31.86
C VAL D 466 35.80 -6.54 -31.96
N GLY D 467 36.35 -5.98 -33.05
CA GLY D 467 36.32 -4.57 -33.44
C GLY D 467 35.24 -4.13 -34.43
N ARG D 468 35.69 -3.40 -35.46
CA ARG D 468 34.90 -3.11 -36.67
C ARG D 468 34.48 -4.38 -37.40
N ILE D 469 33.45 -4.28 -38.24
CA ILE D 469 32.93 -5.44 -38.97
C ILE D 469 34.02 -6.24 -39.72
N GLU D 470 35.10 -5.57 -40.13
CA GLU D 470 36.20 -6.27 -40.80
C GLU D 470 36.85 -7.29 -39.88
N GLU D 471 37.06 -6.94 -38.60
CA GLU D 471 37.72 -7.82 -37.62
C GLU D 471 36.95 -9.11 -37.39
N VAL D 472 35.69 -9.11 -37.78
CA VAL D 472 34.87 -10.30 -37.76
C VAL D 472 35.21 -11.17 -38.97
N VAL D 473 35.48 -10.51 -40.10
CA VAL D 473 35.96 -11.18 -41.31
C VAL D 473 37.23 -11.97 -41.00
N GLU D 474 38.32 -11.28 -40.67
CA GLU D 474 39.59 -11.95 -40.36
C GLU D 474 39.45 -13.03 -39.26
N LYS D 475 38.69 -12.72 -38.20
CA LYS D 475 38.31 -13.69 -37.16
C LYS D 475 37.70 -14.93 -37.81
N ALA D 476 37.10 -14.73 -38.99
CA ALA D 476 36.33 -15.75 -39.71
C ALA D 476 37.17 -16.67 -40.59
N LYS D 477 37.84 -16.13 -41.58
CA LYS D 477 38.70 -16.96 -42.40
C LYS D 477 39.61 -17.70 -41.43
N ALA D 478 39.91 -17.06 -40.32
CA ALA D 478 40.59 -17.71 -39.20
C ALA D 478 39.81 -18.95 -38.76
N MSE D 479 38.51 -18.97 -39.01
CA MSE D 479 37.70 -20.17 -38.83
C MSE D 479 37.95 -21.11 -40.02
O MSE D 479 37.91 -22.32 -39.84
CB MSE D 479 36.19 -19.84 -38.72
CG MSE D 479 35.70 -18.88 -37.59
SE MSE D 479 36.83 -18.85 -36.03
CE MSE D 479 35.57 -18.51 -34.61
N GLY D 480 38.30 -20.57 -41.17
CA GLY D 480 38.32 -21.36 -42.38
C GLY D 480 37.29 -21.10 -43.47
N VAL D 481 36.71 -19.90 -43.49
CA VAL D 481 35.75 -19.54 -44.54
C VAL D 481 36.28 -18.65 -45.69
N GLU D 482 35.77 -18.92 -46.88
CA GLU D 482 36.25 -18.33 -48.11
C GLU D 482 35.65 -16.93 -48.30
N THR E 12 -13.79 49.84 19.82
CA THR E 12 -13.83 48.43 19.50
C THR E 12 -12.87 48.07 18.35
N ARG E 13 -11.62 48.52 18.42
CA ARG E 13 -10.67 48.32 17.32
C ARG E 13 -9.44 47.50 17.79
N GLY E 14 -8.69 46.94 16.84
CA GLY E 14 -7.49 46.16 17.15
C GLY E 14 -6.44 46.32 16.06
N ARG E 15 -5.24 45.82 16.28
CA ARG E 15 -4.18 46.00 15.28
C ARG E 15 -3.46 44.72 14.91
N VAL E 16 -3.00 44.68 13.67
CA VAL E 16 -2.30 43.52 13.10
C VAL E 16 -0.90 43.26 13.65
N ILE E 17 -0.72 42.09 14.24
CA ILE E 17 0.56 41.75 14.88
C ILE E 17 1.44 40.98 13.92
N GLN E 18 0.93 39.81 13.51
CA GLN E 18 1.62 38.90 12.59
C GLN E 18 0.76 38.51 11.39
N VAL E 19 1.36 38.49 10.19
CA VAL E 19 0.65 38.03 9.00
C VAL E 19 1.41 36.85 8.41
N MSE E 20 0.90 35.63 8.61
CA MSE E 20 1.53 34.44 8.02
C MSE E 20 0.68 33.96 6.85
O MSE E 20 -0.26 33.19 7.07
CB MSE E 20 1.55 33.28 9.03
CG MSE E 20 1.65 33.67 10.51
SE MSE E 20 3.49 34.08 10.87
CE MSE E 20 4.31 32.30 10.99
N GLY E 21 1.02 34.33 5.63
CA GLY E 21 0.13 33.99 4.53
C GLY E 21 -1.35 34.25 4.86
N PRO E 22 -2.21 33.26 4.59
CA PRO E 22 -3.65 33.19 4.90
C PRO E 22 -4.00 33.27 6.41
N VAL E 23 -2.98 33.20 7.27
CA VAL E 23 -3.16 33.33 8.72
C VAL E 23 -2.77 34.73 9.20
N VAL E 24 -3.70 35.42 9.85
CA VAL E 24 -3.43 36.76 10.38
C VAL E 24 -3.79 36.92 11.86
N ASP E 25 -2.88 37.53 12.61
CA ASP E 25 -3.03 37.75 14.03
C ASP E 25 -3.39 39.19 14.30
N VAL E 26 -4.32 39.38 15.24
CA VAL E 26 -4.71 40.71 15.64
C VAL E 26 -4.61 40.86 17.17
N LYS E 27 -4.04 41.98 17.62
CA LYS E 27 -3.86 42.26 19.03
N PHE E 28 -5.93 43.33 20.19
CA PHE E 28 -6.93 44.32 20.51
C PHE E 28 -6.56 44.93 21.86
N GLU E 29 -6.90 46.20 22.09
CA GLU E 29 -6.36 46.88 23.26
C GLU E 29 -7.27 46.73 24.48
N ASN E 30 -6.81 45.82 25.33
CA ASN E 30 -7.40 45.33 26.59
C ASN E 30 -8.92 45.06 26.51
N GLY E 31 -9.57 44.86 27.66
CA GLY E 31 -11.02 44.85 27.60
C GLY E 31 -11.49 43.94 26.49
N HIS E 32 -12.00 44.63 25.49
CA HIS E 32 -12.73 44.09 24.37
C HIS E 32 -11.88 43.22 23.46
N LEU E 33 -12.25 41.94 23.38
CA LEU E 33 -11.63 40.98 22.48
C LEU E 33 -12.80 40.46 21.65
N PRO E 34 -12.59 40.30 20.34
CA PRO E 34 -13.69 39.83 19.51
C PRO E 34 -13.88 38.35 19.78
N ALA E 35 -15.13 37.90 19.82
CA ALA E 35 -15.43 36.49 20.09
C ALA E 35 -14.97 35.63 18.92
N ILE E 36 -14.77 34.35 19.21
CA ILE E 36 -14.36 33.39 18.20
C ILE E 36 -15.43 33.26 17.10
N TYR E 37 -15.00 33.37 15.84
CA TYR E 37 -15.87 33.35 14.65
C TYR E 37 -16.40 34.74 14.26
N ASN E 38 -16.14 35.76 15.09
CA ASN E 38 -16.54 37.13 14.75
C ASN E 38 -15.77 37.66 13.53
N ALA E 39 -16.48 38.38 12.66
CA ALA E 39 -15.91 38.92 11.42
C ALA E 39 -15.04 40.14 11.69
N LEU E 40 -13.77 40.09 11.28
CA LEU E 40 -12.89 41.24 11.48
C LEU E 40 -12.69 41.89 10.15
N LYS E 41 -12.89 43.19 10.07
CA LYS E 41 -12.77 43.92 8.83
C LYS E 41 -11.45 44.67 8.90
N ILE E 42 -10.62 44.57 7.86
CA ILE E 42 -9.45 45.46 7.77
C ILE E 42 -9.59 46.31 6.52
N GLN E 43 -9.94 47.57 6.70
CA GLN E 43 -10.11 48.52 5.58
C GLN E 43 -9.07 49.66 5.69
N HIS E 44 -8.22 49.75 4.68
CA HIS E 44 -7.15 50.73 4.66
C HIS E 44 -6.86 51.33 3.28
N LYS E 45 -6.71 52.65 3.26
CA LYS E 45 -6.55 53.38 2.02
N ALA E 46 -4.50 53.87 0.60
CA ALA E 46 -3.08 54.05 0.37
C ALA E 46 -2.66 55.41 0.87
N ARG E 47 -2.00 55.44 2.02
CA ARG E 47 -1.54 56.70 2.58
C ARG E 47 -0.43 57.28 1.69
N ASN E 48 0.55 56.44 1.37
CA ASN E 48 1.66 56.85 0.51
C ASN E 48 1.69 56.00 -0.76
N GLU E 49 2.70 56.23 -1.59
CA GLU E 49 2.86 55.50 -2.83
C GLU E 49 3.55 54.14 -2.60
N ASN E 50 3.97 53.92 -1.35
CA ASN E 50 4.64 52.68 -0.90
C ASN E 50 3.68 51.64 -0.33
N GLU E 51 2.38 51.88 -0.50
CA GLU E 51 1.34 51.01 0.01
C GLU E 51 0.28 50.74 -1.05
N VAL E 52 -0.60 49.77 -0.79
CA VAL E 52 -1.68 49.46 -1.75
C VAL E 52 -3.01 49.08 -1.08
N ASP E 53 -4.08 49.70 -1.55
CA ASP E 53 -5.33 49.80 -0.81
C ASP E 53 -5.79 48.45 -0.29
N ILE E 54 -6.26 48.40 0.96
CA ILE E 54 -6.65 47.13 1.55
C ILE E 54 -8.14 47.03 1.88
N ASP E 55 -8.80 46.01 1.32
CA ASP E 55 -10.16 45.61 1.72
C ASP E 55 -10.07 44.12 2.03
N LEU E 56 -10.20 43.76 3.28
CA LEU E 56 -10.01 42.37 3.67
C LEU E 56 -10.86 42.11 4.87
N THR E 57 -11.16 40.84 5.09
CA THR E 57 -11.96 40.45 6.22
C THR E 57 -11.36 39.18 6.78
N LEU E 58 -11.60 38.97 8.06
CA LEU E 58 -10.91 37.94 8.79
C LEU E 58 -11.94 37.32 9.72
N GLU E 59 -11.67 36.11 10.17
CA GLU E 59 -12.53 35.46 11.13
C GLU E 59 -11.72 35.03 12.35
N VAL E 60 -12.17 35.43 13.52
CA VAL E 60 -11.59 34.97 14.77
C VAL E 60 -11.55 33.44 14.89
N ALA E 61 -10.40 32.89 15.22
CA ALA E 61 -10.23 31.43 15.31
C ALA E 61 -9.82 30.97 16.70
N LEU E 62 -8.66 31.47 17.15
CA LEU E 62 -8.07 31.23 18.47
C LEU E 62 -7.65 32.48 19.26
N HIS E 63 -7.95 32.51 20.55
CA HIS E 63 -7.47 33.59 21.39
C HIS E 63 -6.14 33.07 21.91
N LEU E 64 -5.06 33.64 21.38
CA LEU E 64 -3.72 33.15 21.69
C LEU E 64 -3.40 33.59 23.09
N GLY E 65 -3.97 34.75 23.44
CA GLY E 65 -3.66 35.44 24.68
C GLY E 65 -2.89 36.75 24.49
N ASP E 66 -2.50 37.38 25.60
CA ASP E 66 -1.86 38.68 25.53
C ASP E 66 -2.67 39.59 24.60
N ASP E 67 -3.99 39.53 24.77
CA ASP E 67 -4.93 40.27 23.91
C ASP E 67 -4.50 40.14 22.44
N THR E 68 -4.46 38.90 21.97
CA THR E 68 -4.16 38.55 20.58
C THR E 68 -4.99 37.37 20.08
N VAL E 69 -5.59 37.55 18.90
CA VAL E 69 -6.44 36.53 18.32
C VAL E 69 -5.79 36.08 17.02
N ARG E 70 -6.01 34.81 16.67
CA ARG E 70 -5.56 34.29 15.38
C ARG E 70 -6.70 34.14 14.40
N THR E 71 -6.68 34.93 13.34
CA THR E 71 -7.77 34.90 12.38
C THR E 71 -7.31 34.31 11.04
N ILE E 72 -8.25 33.72 10.31
CA ILE E 72 -7.98 33.16 9.00
C ILE E 72 -8.68 33.98 7.91
N ALA E 73 -7.86 34.63 7.07
CA ALA E 73 -8.33 35.56 6.03
C ALA E 73 -9.20 34.89 4.99
N MSE E 74 -10.34 35.51 4.62
CA MSE E 74 -11.18 34.98 3.55
C MSE E 74 -10.73 35.49 2.20
O MSE E 74 -11.33 35.19 1.16
CB MSE E 74 -12.64 35.34 3.71
CG MSE E 74 -13.14 35.23 5.10
SE MSE E 74 -13.32 33.42 5.74
CE MSE E 74 -14.96 33.01 4.82
N ALA E 75 -9.68 36.29 2.22
CA ALA E 75 -9.17 36.83 0.97
C ALA E 75 -7.66 36.86 1.06
N SER E 76 -7.04 37.52 0.08
CA SER E 76 -5.58 37.63 0.02
C SER E 76 -4.96 38.62 1.03
N THR E 77 -3.87 38.17 1.66
CA THR E 77 -3.14 38.97 2.66
C THR E 77 -1.93 39.70 2.11
N ASP E 78 -1.79 39.73 0.80
CA ASP E 78 -0.74 40.53 0.18
C ASP E 78 -1.13 41.96 0.43
N GLY E 79 -0.20 42.75 0.95
CA GLY E 79 -0.43 44.17 1.19
C GLY E 79 -0.60 44.60 2.64
N LEU E 80 -0.88 43.64 3.53
CA LEU E 80 -0.92 43.91 4.98
C LEU E 80 0.42 44.36 5.50
N ILE E 81 0.38 45.12 6.60
CA ILE E 81 1.57 45.56 7.32
C ILE E 81 1.28 45.59 8.79
N ARG E 82 2.21 45.14 9.62
CA ARG E 82 1.91 45.09 11.04
C ARG E 82 1.48 46.47 11.50
N GLY E 83 0.50 46.50 12.40
CA GLY E 83 -0.05 47.75 12.90
C GLY E 83 -1.41 48.19 12.38
N MSE E 84 -1.83 47.71 11.20
CA MSE E 84 -3.12 48.15 10.66
C MSE E 84 -4.24 47.87 11.65
O MSE E 84 -4.19 46.91 12.42
CB MSE E 84 -3.39 47.56 9.28
CG MSE E 84 -2.74 48.40 8.20
SE MSE E 84 -2.42 47.50 6.51
CE MSE E 84 -4.27 47.40 5.92
N GLU E 85 -5.23 48.76 11.65
CA GLU E 85 -6.34 48.67 12.57
C GLU E 85 -7.37 47.68 12.05
N VAL E 86 -7.73 46.74 12.90
CA VAL E 86 -8.68 45.72 12.51
C VAL E 86 -9.99 45.98 13.22
N ILE E 87 -11.00 46.42 12.47
CA ILE E 87 -12.32 46.67 13.04
C ILE E 87 -13.08 45.37 13.36
N ASP E 88 -13.67 45.28 14.55
CA ASP E 88 -14.47 44.11 14.95
C ASP E 88 -15.97 44.35 14.62
N THR E 89 -16.56 43.46 13.84
CA THR E 89 -17.94 43.62 13.40
C THR E 89 -18.94 43.24 14.51
N GLY E 90 -18.42 42.54 15.52
CA GLY E 90 -19.19 42.10 16.66
C GLY E 90 -20.15 40.97 16.36
N ALA E 91 -19.82 40.17 15.34
CA ALA E 91 -20.70 39.11 14.85
C ALA E 91 -20.09 38.30 13.71
N PRO E 92 -20.30 36.96 13.74
CA PRO E 92 -19.69 36.14 12.70
C PRO E 92 -20.26 36.41 11.30
N ILE E 93 -19.46 36.95 10.38
CA ILE E 93 -19.82 36.99 8.94
C ILE E 93 -21.32 37.03 8.58
N SER E 94 -21.99 38.15 8.72
CA SER E 94 -23.38 38.17 8.28
C SER E 94 -23.52 38.29 6.75
N VAL E 95 -24.56 37.68 6.19
CA VAL E 95 -24.79 37.75 4.74
C VAL E 95 -26.29 37.95 4.43
N PRO E 96 -26.58 38.66 3.31
CA PRO E 96 -27.97 39.03 2.95
C PRO E 96 -28.89 37.81 2.94
N VAL E 97 -30.15 37.95 3.32
CA VAL E 97 -31.08 36.81 3.33
C VAL E 97 -32.46 37.26 2.86
N GLY E 98 -33.05 36.62 1.87
CA GLY E 98 -34.35 37.12 1.42
C GLY E 98 -34.68 37.00 -0.05
N GLU E 99 -35.57 37.89 -0.49
CA GLU E 99 -35.96 38.03 -1.90
C GLU E 99 -34.90 38.85 -2.63
N VAL E 100 -33.86 39.22 -1.89
CA VAL E 100 -32.73 39.94 -2.44
C VAL E 100 -31.76 38.97 -3.12
N THR E 101 -31.63 37.80 -2.48
CA THR E 101 -30.70 36.74 -2.87
C THR E 101 -31.08 36.07 -4.20
N LEU E 102 -32.38 35.85 -4.40
CA LEU E 102 -32.89 35.19 -5.59
C LEU E 102 -32.46 35.87 -6.89
N GLY E 103 -31.97 35.09 -7.84
CA GLY E 103 -31.51 35.63 -9.11
C GLY E 103 -30.20 36.37 -8.92
N ARG E 104 -29.56 36.16 -7.77
CA ARG E 104 -28.32 36.84 -7.43
C ARG E 104 -27.13 35.87 -7.24
N VAL E 105 -25.91 36.40 -7.37
CA VAL E 105 -24.69 35.64 -7.18
C VAL E 105 -23.79 36.29 -6.11
N PHE E 106 -23.44 35.53 -5.08
CA PHE E 106 -22.60 36.06 -4.01
C PHE E 106 -21.30 35.29 -3.81
N ASN E 107 -20.47 35.80 -2.90
CA ASN E 107 -19.24 35.14 -2.43
C ASN E 107 -19.37 34.70 -0.97
N VAL E 108 -18.31 34.17 -0.39
CA VAL E 108 -18.40 33.69 0.98
C VAL E 108 -18.89 34.80 1.92
N LEU E 109 -18.57 36.04 1.55
CA LEU E 109 -18.90 37.17 2.39
C LEU E 109 -20.36 37.62 2.27
N GLY E 110 -20.99 37.34 1.13
CA GLY E 110 -22.33 37.81 0.90
C GLY E 110 -22.33 39.01 -0.02
N GLU E 111 -21.15 39.34 -0.52
CA GLU E 111 -21.01 40.40 -1.50
C GLU E 111 -21.35 39.87 -2.88
N PRO E 112 -22.34 40.48 -3.54
CA PRO E 112 -22.72 40.01 -4.87
C PRO E 112 -21.56 40.13 -5.86
N ILE E 113 -21.24 39.02 -6.52
CA ILE E 113 -20.10 39.00 -7.42
C ILE E 113 -20.56 39.18 -8.83
N ASP E 114 -21.86 39.38 -9.02
CA ASP E 114 -22.40 39.64 -10.35
C ASP E 114 -22.30 41.12 -10.71
N LEU E 115 -22.88 41.49 -11.84
CA LEU E 115 -22.86 42.88 -12.26
C LEU E 115 -24.15 43.70 -12.01
N GLU E 116 -25.10 43.10 -11.28
CA GLU E 116 -26.45 43.64 -11.11
C GLU E 116 -26.57 44.63 -9.95
N GLY E 117 -25.45 45.18 -9.50
CA GLY E 117 -25.49 46.23 -8.50
C GLY E 117 -25.33 45.55 -7.17
N ASP E 118 -25.24 46.30 -6.09
CA ASP E 118 -24.93 45.66 -4.81
C ASP E 118 -26.12 45.65 -3.88
N ILE E 119 -25.95 45.08 -2.70
CA ILE E 119 -27.02 44.97 -1.73
C ILE E 119 -27.08 46.22 -0.87
N PRO E 120 -28.28 46.82 -0.73
CA PRO E 120 -28.48 48.01 0.11
C PRO E 120 -28.29 47.71 1.60
N ALA E 121 -27.80 48.69 2.36
CA ALA E 121 -27.58 48.53 3.80
C ALA E 121 -28.88 48.23 4.56
N ASP E 122 -30.00 48.44 3.87
CA ASP E 122 -31.33 48.08 4.37
C ASP E 122 -31.26 46.63 4.77
N ALA E 123 -31.08 45.81 3.73
CA ALA E 123 -31.41 44.40 3.76
C ALA E 123 -30.85 43.71 5.00
N ARG E 124 -31.68 42.85 5.58
CA ARG E 124 -31.30 42.06 6.75
C ARG E 124 -30.06 41.24 6.46
N ARG E 125 -29.24 41.04 7.48
CA ARG E 125 -28.09 40.17 7.32
C ARG E 125 -28.01 39.18 8.47
N ASP E 126 -27.76 37.91 8.17
CA ASP E 126 -27.65 36.91 9.24
C ASP E 126 -26.24 36.30 9.33
N PRO E 127 -25.83 35.94 10.55
CA PRO E 127 -24.51 35.34 10.74
C PRO E 127 -24.45 33.90 10.22
N ILE E 128 -23.41 33.55 9.48
CA ILE E 128 -23.25 32.21 8.93
C ILE E 128 -23.04 31.14 9.99
N HIS E 129 -22.37 31.44 11.08
CA HIS E 129 -22.24 30.44 12.11
C HIS E 129 -23.48 30.51 12.99
N ARG E 130 -23.93 29.35 13.47
CA ARG E 130 -25.13 29.26 14.32
C ARG E 130 -25.44 27.80 14.61
N PRO E 131 -25.91 27.53 15.83
CA PRO E 131 -26.23 26.16 16.25
C PRO E 131 -27.39 25.50 15.48
N ALA E 132 -27.42 24.17 15.45
CA ALA E 132 -28.47 23.43 14.78
C ALA E 132 -29.75 23.52 15.58
N PRO E 133 -30.90 23.44 14.88
CA PRO E 133 -32.22 23.51 15.51
C PRO E 133 -32.39 22.59 16.72
N LYS E 134 -33.19 23.05 17.68
CA LYS E 134 -33.36 22.38 18.97
C LYS E 134 -34.12 21.08 18.79
N PHE E 135 -33.79 20.07 19.60
CA PHE E 135 -34.40 18.73 19.51
C PHE E 135 -35.93 18.80 19.41
N GLU E 136 -36.49 19.84 20.00
CA GLU E 136 -37.92 20.07 19.95
C GLU E 136 -38.38 20.79 18.67
N GLU E 137 -37.49 21.48 17.97
CA GLU E 137 -37.87 22.21 16.75
C GLU E 137 -38.16 21.30 15.53
N LEU E 138 -37.13 20.63 15.04
CA LEU E 138 -37.25 19.84 13.83
C LEU E 138 -38.21 18.66 14.03
N ALA E 139 -38.78 18.22 12.91
CA ALA E 139 -40.05 17.51 12.88
C ALA E 139 -39.98 16.09 13.41
N THR E 140 -41.05 15.34 13.15
CA THR E 140 -41.16 13.98 13.65
C THR E 140 -41.45 12.91 12.58
N GLU E 141 -42.55 13.08 11.87
CA GLU E 141 -42.89 12.15 10.80
C GLU E 141 -41.96 12.22 9.59
N VAL E 142 -41.55 11.06 9.09
CA VAL E 142 -40.61 11.04 7.99
C VAL E 142 -41.43 11.14 6.72
N GLU E 143 -41.37 12.32 6.08
CA GLU E 143 -42.22 12.59 4.91
C GLU E 143 -41.36 12.80 3.69
N ILE E 144 -41.80 12.27 2.56
CA ILE E 144 -40.97 12.27 1.36
C ILE E 144 -41.23 13.49 0.51
N LEU E 145 -40.16 14.13 0.08
CA LEU E 145 -40.25 15.32 -0.71
C LEU E 145 -40.40 14.94 -2.18
N GLU E 146 -41.51 15.36 -2.78
CA GLU E 146 -41.88 14.96 -4.14
C GLU E 146 -41.06 15.72 -5.16
N THR E 147 -40.31 15.00 -5.97
CA THR E 147 -39.50 15.65 -7.00
C THR E 147 -40.22 15.77 -8.34
N GLY E 148 -41.28 14.99 -8.45
CA GLY E 148 -41.96 14.83 -9.72
C GLY E 148 -41.03 14.26 -10.77
N ILE E 149 -39.94 13.65 -10.34
CA ILE E 149 -39.08 12.95 -11.28
C ILE E 149 -39.21 11.43 -11.08
N LYS E 150 -39.56 10.70 -12.15
CA LYS E 150 -39.92 9.30 -12.01
C LYS E 150 -38.88 8.48 -11.22
N VAL E 151 -37.71 8.28 -11.84
CA VAL E 151 -36.62 7.43 -11.33
C VAL E 151 -36.34 7.70 -9.86
N VAL E 152 -36.27 8.99 -9.56
CA VAL E 152 -36.08 9.49 -8.21
C VAL E 152 -37.19 9.02 -7.27
N ASP E 153 -38.39 9.59 -7.46
CA ASP E 153 -39.50 9.40 -6.53
C ASP E 153 -39.79 7.93 -6.29
N LEU E 154 -39.46 7.10 -7.27
CA LEU E 154 -39.70 5.65 -7.18
C LEU E 154 -38.52 4.81 -6.62
N LEU E 155 -37.39 4.76 -7.33
CA LEU E 155 -36.23 3.96 -6.92
C LEU E 155 -35.29 4.63 -5.93
N ALA E 156 -35.28 5.96 -5.89
CA ALA E 156 -34.50 6.70 -4.89
C ALA E 156 -35.26 7.92 -4.40
N PRO E 157 -36.24 7.70 -3.49
CA PRO E 157 -37.06 8.80 -2.96
C PRO E 157 -36.25 9.79 -2.12
N TYR E 158 -36.62 11.07 -2.22
CA TYR E 158 -36.00 12.09 -1.38
C TYR E 158 -36.81 12.27 -0.11
N ILE E 159 -36.12 12.30 1.03
CA ILE E 159 -36.73 12.57 2.32
C ILE E 159 -36.78 14.08 2.59
N LYS E 160 -37.97 14.60 2.88
CA LYS E 160 -38.10 16.04 3.13
C LYS E 160 -37.05 16.42 4.19
N GLY E 161 -36.20 17.38 3.84
CA GLY E 161 -35.22 17.83 4.79
C GLY E 161 -34.21 16.76 5.08
N GLY E 162 -33.48 16.35 4.05
CA GLY E 162 -32.47 15.31 4.19
C GLY E 162 -31.30 15.57 3.25
N LYS E 163 -30.36 14.62 3.16
CA LYS E 163 -29.22 14.80 2.24
C LYS E 163 -29.06 13.67 1.22
N ILE E 164 -28.92 14.06 -0.05
CA ILE E 164 -28.74 13.10 -1.14
C ILE E 164 -27.34 13.24 -1.75
N GLY E 165 -26.60 12.13 -1.81
CA GLY E 165 -25.35 12.08 -2.55
C GLY E 165 -25.55 12.08 -4.06
N LEU E 166 -24.94 13.04 -4.75
CA LEU E 166 -25.00 13.08 -6.19
C LEU E 166 -23.63 12.68 -6.73
N PHE E 167 -23.54 11.48 -7.26
CA PHE E 167 -22.27 10.94 -7.73
C PHE E 167 -22.14 11.01 -9.24
N GLY E 168 -20.91 11.26 -9.71
CA GLY E 168 -20.60 11.38 -11.13
C GLY E 168 -20.76 12.80 -11.62
N GLY E 169 -20.97 13.01 -12.92
CA GLY E 169 -20.81 14.36 -13.43
C GLY E 169 -19.79 14.70 -14.50
N ALA E 170 -19.42 13.76 -15.35
CA ALA E 170 -18.87 14.16 -16.64
C ALA E 170 -19.80 13.85 -17.87
N GLY E 171 -20.46 14.88 -18.40
CA GLY E 171 -21.38 14.75 -19.53
C GLY E 171 -22.61 13.89 -19.29
N VAL E 172 -22.96 13.72 -18.03
CA VAL E 172 -24.11 12.92 -17.65
C VAL E 172 -25.33 13.82 -17.45
N GLY E 173 -25.18 15.10 -17.78
CA GLY E 173 -26.24 16.08 -17.63
C GLY E 173 -26.65 16.33 -16.19
N LYS E 174 -25.67 16.25 -15.28
CA LYS E 174 -25.87 16.54 -13.86
C LYS E 174 -26.39 17.97 -13.61
N THR E 175 -25.88 18.93 -14.38
CA THR E 175 -26.40 20.29 -14.35
C THR E 175 -27.92 20.26 -14.60
N VAL E 176 -28.35 19.63 -15.68
CA VAL E 176 -29.77 19.66 -15.99
C VAL E 176 -30.56 19.10 -14.81
N LEU E 177 -30.16 17.92 -14.32
CA LEU E 177 -30.84 17.29 -13.20
C LEU E 177 -30.99 18.24 -12.01
N ILE E 178 -29.99 19.08 -11.74
CA ILE E 178 -30.07 20.11 -10.69
C ILE E 178 -31.07 21.18 -11.11
N GLN E 179 -30.85 21.70 -12.31
CA GLN E 179 -31.69 22.72 -12.90
C GLN E 179 -33.16 22.31 -12.84
N GLU E 180 -33.46 21.13 -13.36
CA GLU E 180 -34.82 20.59 -13.31
C GLU E 180 -35.34 20.51 -11.89
N LEU E 181 -34.51 20.07 -10.96
CA LEU E 181 -34.88 19.97 -9.54
C LEU E 181 -35.31 21.32 -8.92
N ILE E 182 -34.51 22.36 -9.16
CA ILE E 182 -34.82 23.70 -8.67
C ILE E 182 -36.15 24.13 -9.21
N HIS E 183 -36.42 23.73 -10.45
CA HIS E 183 -37.66 24.07 -11.15
C HIS E 183 -38.94 23.41 -10.61
N ASN E 184 -38.89 22.09 -10.56
CA ASN E 184 -39.97 21.31 -10.01
C ASN E 184 -40.26 21.64 -8.55
N ILE E 185 -39.26 22.00 -7.77
CA ILE E 185 -39.58 22.41 -6.41
C ILE E 185 -40.29 23.77 -6.37
N ALA E 186 -39.71 24.74 -7.05
CA ALA E 186 -40.20 26.10 -6.99
C ALA E 186 -41.62 26.23 -7.58
N GLN E 187 -42.05 25.18 -8.27
CA GLN E 187 -43.35 25.22 -8.93
C GLN E 187 -44.38 24.51 -8.11
N GLU E 188 -44.30 23.18 -8.10
CA GLU E 188 -45.28 22.35 -7.43
C GLU E 188 -45.19 22.45 -5.90
N HIS E 189 -43.98 22.67 -5.37
CA HIS E 189 -43.80 22.88 -3.94
C HIS E 189 -43.64 24.32 -3.54
N GLY E 190 -43.55 25.19 -4.54
CA GLY E 190 -43.39 26.61 -4.31
C GLY E 190 -42.24 26.89 -3.36
N GLY E 191 -41.05 26.39 -3.68
CA GLY E 191 -39.90 26.67 -2.83
C GLY E 191 -38.58 26.85 -3.54
N ILE E 192 -37.80 27.73 -2.92
CA ILE E 192 -36.66 28.34 -3.58
C ILE E 192 -35.46 27.44 -3.46
N SER E 193 -34.52 27.60 -4.39
CA SER E 193 -33.24 26.89 -4.34
C SER E 193 -32.04 27.81 -4.09
N VAL E 194 -31.03 27.28 -3.40
CA VAL E 194 -29.77 27.99 -3.15
C VAL E 194 -28.59 27.06 -3.45
N PHE E 195 -27.85 27.39 -4.50
CA PHE E 195 -26.75 26.55 -4.97
C PHE E 195 -25.47 27.05 -4.35
N ALA E 196 -24.64 26.17 -3.81
CA ALA E 196 -23.42 26.68 -3.23
C ALA E 196 -22.30 26.03 -3.92
N GLY E 197 -21.69 26.73 -4.88
CA GLY E 197 -20.47 26.18 -5.46
C GLY E 197 -19.29 26.35 -4.51
N VAL E 198 -18.83 25.26 -3.91
CA VAL E 198 -17.78 25.31 -2.90
C VAL E 198 -16.49 24.96 -3.62
N GLY E 199 -15.61 25.95 -3.76
CA GLY E 199 -14.40 25.72 -4.53
C GLY E 199 -14.73 25.57 -5.99
N GLU E 200 -15.75 26.33 -6.40
CA GLU E 200 -16.26 26.26 -7.74
C GLU E 200 -15.15 26.67 -8.70
N ARG E 201 -14.90 25.81 -9.67
CA ARG E 201 -13.99 26.13 -10.74
C ARG E 201 -14.63 27.27 -11.53
N THR E 202 -13.94 28.39 -11.71
CA THR E 202 -14.57 29.58 -12.29
C THR E 202 -15.13 29.42 -13.69
N ARG E 203 -14.40 28.76 -14.58
CA ARG E 203 -14.96 28.45 -15.90
C ARG E 203 -16.34 27.81 -15.66
N GLU E 204 -16.39 26.79 -14.79
CA GLU E 204 -17.63 26.11 -14.43
C GLU E 204 -18.66 27.05 -13.79
N GLY E 205 -18.21 27.86 -12.85
CA GLY E 205 -19.11 28.78 -12.16
C GLY E 205 -19.79 29.73 -13.14
N ASN E 206 -19.11 29.98 -14.26
CA ASN E 206 -19.61 30.92 -15.26
C ASN E 206 -20.64 30.30 -16.15
N ASP E 207 -20.32 29.11 -16.61
CA ASP E 207 -21.27 28.37 -17.43
C ASP E 207 -22.52 28.16 -16.60
N LEU E 208 -22.34 27.68 -15.37
CA LEU E 208 -23.45 27.28 -14.51
C LEU E 208 -24.47 28.39 -14.47
N TYR E 209 -23.97 29.56 -14.09
CA TYR E 209 -24.78 30.78 -14.02
C TYR E 209 -25.49 31.02 -15.35
N HIS E 210 -24.74 31.12 -16.45
CA HIS E 210 -25.34 31.31 -17.76
C HIS E 210 -26.39 30.28 -18.10
N GLU E 211 -26.09 29.02 -17.83
CA GLU E 211 -27.01 27.96 -18.14
C GLU E 211 -28.33 28.22 -17.44
N MSE E 212 -28.27 28.78 -16.22
CA MSE E 212 -29.48 29.09 -15.44
C MSE E 212 -30.11 30.41 -15.85
O MSE E 212 -31.18 30.78 -15.40
CB MSE E 212 -29.16 29.08 -13.96
CG MSE E 212 -28.62 27.76 -13.52
SE MSE E 212 -28.15 27.71 -11.67
CE MSE E 212 -29.75 26.96 -10.88
N LYS E 213 -29.40 31.14 -16.69
CA LYS E 213 -29.94 32.34 -17.31
C LYS E 213 -30.74 31.99 -18.54
N ASP E 214 -30.32 30.94 -19.24
CA ASP E 214 -31.03 30.49 -20.41
C ASP E 214 -32.19 29.60 -20.00
N SER E 215 -31.97 28.79 -18.98
CA SER E 215 -32.99 27.86 -18.53
C SER E 215 -34.03 28.68 -17.79
N GLY E 216 -33.56 29.72 -17.12
CA GLY E 216 -34.43 30.55 -16.33
C GLY E 216 -34.74 29.98 -14.96
N VAL E 217 -33.88 29.11 -14.46
CA VAL E 217 -34.13 28.52 -13.16
C VAL E 217 -33.49 29.42 -12.10
N ILE E 218 -32.87 30.47 -12.59
CA ILE E 218 -32.13 31.37 -11.73
C ILE E 218 -33.08 32.27 -10.97
N SER E 219 -34.18 32.63 -11.62
CA SER E 219 -35.14 33.58 -11.09
C SER E 219 -35.52 33.13 -9.68
N LYS E 220 -35.49 31.82 -9.51
CA LYS E 220 -35.86 31.14 -8.28
C LYS E 220 -34.76 30.64 -7.31
N THR E 221 -33.50 30.99 -7.56
CA THR E 221 -32.39 30.43 -6.80
C THR E 221 -31.36 31.48 -6.42
N ALA E 222 -30.64 31.25 -5.31
CA ALA E 222 -29.47 32.07 -4.92
C ALA E 222 -28.15 31.37 -5.21
N MSE E 223 -27.27 32.08 -5.94
CA MSE E 223 -25.99 31.53 -6.35
C MSE E 223 -24.84 31.99 -5.47
O MSE E 223 -24.65 33.20 -5.24
CB MSE E 223 -25.71 31.84 -7.80
CG MSE E 223 -26.79 31.38 -8.74
SE MSE E 223 -26.15 31.27 -10.57
CE MSE E 223 -25.04 29.69 -10.30
N VAL E 224 -24.06 31.03 -4.97
CA VAL E 224 -22.88 31.28 -4.17
C VAL E 224 -21.66 30.57 -4.75
N PHE E 225 -20.56 31.32 -4.81
CA PHE E 225 -19.31 30.83 -5.36
C PHE E 225 -18.15 31.11 -4.40
N GLY E 226 -17.59 30.00 -3.95
CA GLY E 226 -16.44 29.88 -3.07
C GLY E 226 -15.16 29.52 -3.82
N GLN E 227 -15.00 30.07 -5.02
CA GLN E 227 -14.17 29.47 -6.06
C GLN E 227 -12.84 28.94 -5.60
N MSE E 228 -12.33 27.99 -6.38
CA MSE E 228 -11.07 27.32 -6.07
C MSE E 228 -9.93 28.27 -5.72
O MSE E 228 -9.26 28.10 -4.70
CB MSE E 228 -10.70 26.48 -7.27
CG MSE E 228 -9.87 25.29 -6.98
SE MSE E 228 -10.14 24.37 -8.62
CE MSE E 228 -11.70 23.40 -7.96
N ASN E 229 -9.70 29.27 -6.56
CA ASN E 229 -8.56 30.14 -6.33
C ASN E 229 -8.69 30.93 -5.04
N GLU E 230 -9.82 30.78 -4.36
CA GLU E 230 -9.99 31.33 -3.02
C GLU E 230 -9.12 30.59 -1.95
N PRO E 231 -8.84 31.28 -0.83
CA PRO E 231 -8.02 30.76 0.27
C PRO E 231 -8.79 29.76 1.06
N PRO E 232 -8.09 28.88 1.77
CA PRO E 232 -8.69 27.77 2.53
C PRO E 232 -9.81 28.24 3.46
N GLY E 233 -9.64 29.40 4.07
CA GLY E 233 -10.75 29.95 4.84
C GLY E 233 -12.01 30.09 4.00
N ALA E 234 -11.91 30.81 2.87
CA ALA E 234 -13.06 31.16 2.03
C ALA E 234 -13.82 29.90 1.63
N ARG E 235 -13.08 28.99 1.01
CA ARG E 235 -13.62 27.73 0.57
C ARG E 235 -14.28 26.98 1.72
N MSE E 236 -13.68 27.01 2.88
CA MSE E 236 -14.26 26.27 4.00
C MSE E 236 -15.60 26.80 4.54
O MSE E 236 -16.41 26.05 5.11
CB MSE E 236 -13.26 26.18 5.14
CG MSE E 236 -13.83 25.43 6.30
SE MSE E 236 -12.54 25.25 7.71
CE MSE E 236 -12.33 27.13 8.11
N ARG E 237 -15.82 28.11 4.42
CA ARG E 237 -17.07 28.73 4.89
C ARG E 237 -18.13 29.06 3.84
N VAL E 238 -17.86 28.85 2.55
CA VAL E 238 -18.85 29.14 1.49
C VAL E 238 -20.16 28.41 1.79
N ALA E 239 -20.05 27.10 2.05
CA ALA E 239 -21.22 26.26 2.32
C ALA E 239 -22.16 26.95 3.32
N LEU E 240 -21.57 27.53 4.37
CA LEU E 240 -22.31 28.20 5.45
C LEU E 240 -23.14 29.41 4.96
N THR E 241 -22.58 30.14 4.00
CA THR E 241 -23.22 31.32 3.43
C THR E 241 -24.46 30.93 2.67
N GLY E 242 -24.29 29.99 1.75
CA GLY E 242 -25.42 29.48 0.99
C GLY E 242 -26.47 28.92 1.95
N LEU E 243 -25.99 28.14 2.93
CA LEU E 243 -26.88 27.48 3.89
C LEU E 243 -27.73 28.49 4.65
N THR E 244 -27.06 29.53 5.11
CA THR E 244 -27.73 30.59 5.87
C THR E 244 -28.85 31.19 5.04
N MSE E 245 -28.52 31.63 3.83
CA MSE E 245 -29.50 32.22 2.90
C MSE E 245 -30.70 31.31 2.71
O MSE E 245 -31.83 31.79 2.53
CB MSE E 245 -28.84 32.44 1.54
CG MSE E 245 -27.64 33.30 1.58
SE MSE E 245 -27.37 33.93 -0.23
CE MSE E 245 -26.00 35.30 0.06
N ALA E 246 -30.42 30.01 2.74
CA ALA E 246 -31.43 28.98 2.62
C ALA E 246 -32.31 28.93 3.87
N GLU E 247 -31.67 28.76 5.03
CA GLU E 247 -32.39 28.64 6.30
C GLU E 247 -33.50 29.73 6.45
N TYR E 248 -33.22 30.91 5.91
CA TYR E 248 -34.14 32.02 5.96
C TYR E 248 -35.49 31.51 5.51
N PHE E 249 -35.56 31.15 4.23
CA PHE E 249 -36.79 30.71 3.60
C PHE E 249 -37.37 29.50 4.32
N ARG E 250 -36.56 28.79 5.10
CA ARG E 250 -37.13 27.68 5.85
C ARG E 250 -37.90 28.15 7.07
N ASP E 251 -37.25 28.97 7.88
CA ASP E 251 -37.81 29.44 9.14
C ASP E 251 -38.71 30.68 9.06
N GLU E 252 -38.34 31.61 8.20
CA GLU E 252 -39.09 32.86 8.05
C GLU E 252 -40.37 32.69 7.23
N GLN E 253 -40.20 32.11 6.05
CA GLN E 253 -41.30 31.76 5.15
C GLN E 253 -41.76 30.29 5.14
N GLY E 254 -41.20 29.49 6.05
CA GLY E 254 -41.63 28.12 6.28
C GLY E 254 -41.77 27.33 4.99
N GLN E 255 -40.76 27.41 4.12
CA GLN E 255 -40.78 26.67 2.86
C GLN E 255 -39.97 25.39 2.92
N ASP E 256 -39.97 24.66 1.82
CA ASP E 256 -39.02 23.59 1.62
C ASP E 256 -38.10 24.03 0.52
N VAL E 257 -36.87 24.34 0.94
CA VAL E 257 -35.87 24.91 0.04
C VAL E 257 -34.80 23.88 -0.29
N LEU E 258 -34.27 24.02 -1.50
CA LEU E 258 -33.21 23.17 -1.93
C LEU E 258 -31.87 23.83 -1.67
N LEU E 259 -30.93 23.06 -1.09
CA LEU E 259 -29.54 23.50 -0.94
C LEU E 259 -28.59 22.58 -1.70
N PHE E 260 -28.04 23.08 -2.80
CA PHE E 260 -27.14 22.31 -3.60
C PHE E 260 -25.77 22.70 -3.15
N ILE E 261 -24.90 21.70 -2.97
CA ILE E 261 -23.47 21.96 -2.73
C ILE E 261 -22.63 21.17 -3.72
N ASP E 262 -22.02 21.81 -4.70
CA ASP E 262 -21.38 21.04 -5.73
C ASP E 262 -20.02 20.66 -5.20
N ASN E 263 -19.83 19.36 -5.04
CA ASN E 263 -18.63 18.83 -4.36
C ASN E 263 -18.36 19.27 -2.90
N ILE E 264 -19.13 18.69 -1.99
CA ILE E 264 -18.93 18.87 -0.55
C ILE E 264 -17.57 18.34 -0.05
N PHE E 265 -16.82 17.65 -0.90
CA PHE E 265 -15.46 17.26 -0.51
C PHE E 265 -14.53 18.46 -0.40
N ARG E 266 -14.66 19.39 -1.34
CA ARG E 266 -13.90 20.65 -1.31
C ARG E 266 -13.99 21.25 0.07
N PHE E 267 -15.22 21.36 0.59
CA PHE E 267 -15.38 21.74 1.99
C PHE E 267 -14.44 20.96 2.94
N THR E 268 -14.68 19.67 3.15
CA THR E 268 -13.83 18.91 4.08
C THR E 268 -12.34 19.01 3.75
N GLN E 269 -12.04 19.12 2.46
CA GLN E 269 -10.66 19.23 2.00
C GLN E 269 -10.12 20.57 2.46
N ALA E 270 -10.89 21.64 2.26
CA ALA E 270 -10.50 22.94 2.79
C ALA E 270 -10.31 22.81 4.31
N GLY E 271 -11.16 21.98 4.93
CA GLY E 271 -11.14 21.75 6.36
C GLY E 271 -9.78 21.30 6.82
N SER E 272 -9.27 20.20 6.31
CA SER E 272 -7.92 19.78 6.69
C SER E 272 -6.88 20.79 6.23
N GLU E 273 -7.23 21.51 5.18
CA GLU E 273 -6.32 22.44 4.56
C GLU E 273 -6.08 23.62 5.48
N VAL E 274 -7.18 24.16 6.02
CA VAL E 274 -7.09 25.19 7.06
C VAL E 274 -6.44 24.61 8.34
N SER E 275 -6.89 23.45 8.79
CA SER E 275 -6.44 22.84 10.04
C SER E 275 -4.94 22.90 10.17
N ALA E 276 -4.25 22.63 9.07
CA ALA E 276 -2.80 22.71 9.10
C ALA E 276 -2.33 24.11 9.54
N LEU E 277 -2.72 25.11 8.78
CA LEU E 277 -2.29 26.46 9.03
C LEU E 277 -2.38 26.84 10.50
N LEU E 278 -3.42 26.38 11.18
CA LEU E 278 -3.61 26.76 12.57
C LEU E 278 -2.73 25.90 13.45
N GLY E 279 -1.90 25.08 12.81
CA GLY E 279 -1.00 24.20 13.52
C GLY E 279 -1.77 23.12 14.24
N ARG E 280 -2.48 22.30 13.49
CA ARG E 280 -3.19 21.21 14.13
C ARG E 280 -2.45 19.97 13.80
N MSE E 281 -2.27 19.15 14.80
CA MSE E 281 -1.70 17.85 14.56
C MSE E 281 -2.66 17.00 13.75
O MSE E 281 -3.80 16.75 14.17
CB MSE E 281 -1.35 17.18 15.88
CG MSE E 281 -0.02 17.62 16.40
SE MSE E 281 0.54 16.16 17.49
CE MSE E 281 1.59 15.11 16.23
N PRO E 282 -2.21 16.53 12.59
CA PRO E 282 -2.98 15.73 11.65
C PRO E 282 -3.53 14.43 12.25
N SER E 283 -4.55 13.92 11.58
CA SER E 283 -5.33 12.77 12.01
C SER E 283 -5.29 11.76 10.85
N ALA E 284 -6.14 10.74 10.87
CA ALA E 284 -6.07 9.72 9.83
C ALA E 284 -6.00 10.36 8.43
N VAL E 285 -4.87 10.08 7.75
CA VAL E 285 -4.59 10.57 6.40
C VAL E 285 -4.49 12.09 6.31
N GLY E 286 -3.96 12.69 7.34
CA GLY E 286 -3.69 14.12 7.32
C GLY E 286 -4.97 14.92 7.36
N TYR E 287 -6.03 14.30 7.86
CA TYR E 287 -7.31 14.97 7.98
C TYR E 287 -7.43 15.68 9.32
N GLN E 288 -7.95 16.90 9.27
CA GLN E 288 -8.17 17.67 10.47
C GLN E 288 -8.87 16.77 11.48
N PRO E 289 -8.37 16.71 12.73
CA PRO E 289 -8.94 15.83 13.79
C PRO E 289 -10.37 16.20 14.09
N THR E 290 -10.65 17.47 13.82
CA THR E 290 -11.95 18.05 14.03
C THR E 290 -12.91 17.81 12.86
N LEU E 291 -12.56 16.91 11.93
CA LEU E 291 -13.37 16.60 10.72
C LEU E 291 -14.85 16.24 10.95
N ALA E 292 -15.07 15.20 11.75
CA ALA E 292 -16.43 14.73 12.01
C ALA E 292 -17.28 15.89 12.50
N THR E 293 -16.74 16.57 13.49
CA THR E 293 -17.35 17.75 14.08
C THR E 293 -17.70 18.79 13.00
N GLU E 294 -16.74 19.17 12.17
CA GLU E 294 -16.96 20.20 11.16
C GLU E 294 -18.02 19.81 10.13
N MSE E 295 -18.12 18.50 9.88
CA MSE E 295 -19.13 17.95 8.98
C MSE E 295 -20.48 17.89 9.67
O MSE E 295 -21.48 18.30 9.08
CB MSE E 295 -18.72 16.56 8.49
CG MSE E 295 -19.73 15.92 7.56
SE MSE E 295 -20.04 16.92 5.90
CE MSE E 295 -18.48 16.49 4.84
N GLY E 296 -20.48 17.36 10.90
CA GLY E 296 -21.68 17.29 11.72
C GLY E 296 -22.41 18.63 11.88
N GLN E 297 -21.64 19.71 11.95
CA GLN E 297 -22.22 21.03 12.13
C GLN E 297 -22.76 21.57 10.82
N LEU E 298 -22.23 21.07 9.72
CA LEU E 298 -22.67 21.56 8.42
C LEU E 298 -24.01 20.91 8.04
N GLN E 299 -24.14 19.61 8.31
CA GLN E 299 -25.33 18.81 7.96
C GLN E 299 -26.54 19.06 8.87
N GLU E 300 -26.31 19.02 10.17
CA GLU E 300 -27.39 19.03 11.15
C GLU E 300 -28.24 20.28 11.00
N ARG E 301 -27.63 21.30 10.41
CA ARG E 301 -28.28 22.58 10.18
C ARG E 301 -29.13 22.47 8.94
N ILE E 302 -29.11 21.29 8.32
CA ILE E 302 -29.92 21.00 7.15
C ILE E 302 -31.00 19.98 7.52
N THR E 303 -32.26 20.41 7.64
CA THR E 303 -33.35 19.49 7.98
C THR E 303 -34.70 20.13 7.83
N SER E 304 -35.75 19.38 8.18
CA SER E 304 -37.12 19.92 8.15
C SER E 304 -37.61 20.30 9.54
N THR E 305 -37.79 21.60 9.74
CA THR E 305 -38.24 22.14 11.02
C THR E 305 -39.73 21.94 11.11
N ALA E 306 -40.30 22.26 12.27
CA ALA E 306 -41.73 22.13 12.43
C ALA E 306 -42.42 23.07 11.43
N LYS E 307 -41.67 24.03 10.92
CA LYS E 307 -42.25 25.03 10.03
C LYS E 307 -41.88 24.72 8.61
N GLY E 308 -40.59 24.80 8.31
CA GLY E 308 -40.11 24.53 6.98
C GLY E 308 -39.34 23.23 6.82
N SER E 309 -38.54 23.17 5.75
CA SER E 309 -37.55 22.12 5.55
C SER E 309 -36.47 22.55 4.57
N ILE E 310 -35.30 21.94 4.68
CA ILE E 310 -34.20 22.18 3.76
C ILE E 310 -33.66 20.84 3.24
N THR E 311 -33.86 20.59 1.95
CA THR E 311 -33.27 19.42 1.32
C THR E 311 -31.96 19.79 0.61
N SER E 312 -30.90 19.05 0.92
CA SER E 312 -29.60 19.32 0.32
C SER E 312 -29.18 18.20 -0.62
N ILE E 313 -28.72 18.62 -1.80
CA ILE E 313 -28.11 17.71 -2.76
C ILE E 313 -26.64 18.05 -2.89
N GLN E 314 -25.81 17.20 -2.29
CA GLN E 314 -24.40 17.46 -2.27
C GLN E 314 -23.68 16.51 -3.22
N ALA E 315 -22.90 17.06 -4.13
CA ALA E 315 -22.24 16.21 -5.08
C ALA E 315 -21.04 15.69 -4.31
N ILE E 316 -21.05 14.42 -4.00
CA ILE E 316 -19.98 13.85 -3.21
C ILE E 316 -18.99 13.33 -4.20
N TYR E 317 -17.82 13.94 -4.33
CA TYR E 317 -16.86 13.34 -5.23
C TYR E 317 -15.86 12.60 -4.39
N VAL E 318 -16.05 11.29 -4.28
CA VAL E 318 -15.26 10.44 -3.38
C VAL E 318 -13.81 10.54 -3.77
N PRO E 319 -12.91 10.50 -2.77
CA PRO E 319 -11.44 10.50 -2.87
C PRO E 319 -10.97 9.23 -3.52
N ALA E 320 -9.67 8.99 -3.70
CA ALA E 320 -9.29 8.14 -4.82
C ALA E 320 -10.07 6.85 -4.68
N ASP E 321 -11.14 6.79 -5.47
CA ASP E 321 -12.06 5.66 -5.58
C ASP E 321 -12.13 4.79 -4.33
N ASP E 322 -11.99 5.42 -3.16
CA ASP E 322 -11.91 4.70 -1.91
C ASP E 322 -13.09 5.12 -1.05
N TYR E 323 -14.03 4.22 -0.82
CA TYR E 323 -15.24 4.57 -0.10
C TYR E 323 -15.02 4.42 1.40
N THR E 324 -13.79 4.14 1.80
CA THR E 324 -13.48 4.10 3.22
C THR E 324 -12.79 5.36 3.71
N ASP E 325 -12.54 6.31 2.82
CA ASP E 325 -11.72 7.48 3.20
C ASP E 325 -12.49 8.30 4.21
N PRO E 326 -11.80 8.73 5.28
CA PRO E 326 -12.57 9.39 6.33
C PRO E 326 -13.40 10.53 5.73
N ALA E 327 -12.92 11.18 4.66
CA ALA E 327 -13.66 12.31 4.08
C ALA E 327 -15.09 11.96 3.61
N PRO E 328 -15.21 11.02 2.65
CA PRO E 328 -16.53 10.58 2.22
C PRO E 328 -17.16 9.80 3.33
N ALA E 329 -16.39 8.89 3.93
CA ALA E 329 -16.95 7.97 4.91
C ALA E 329 -17.73 8.75 5.94
N THR E 330 -17.21 9.91 6.28
CA THR E 330 -17.88 10.82 7.18
C THR E 330 -19.20 11.28 6.55
N THR E 331 -19.11 11.76 5.32
CA THR E 331 -20.26 12.31 4.64
C THR E 331 -21.43 11.36 4.61
N PHE E 332 -21.14 10.11 4.23
CA PHE E 332 -22.15 9.06 4.05
C PHE E 332 -23.06 8.87 5.24
N SER E 333 -22.51 9.06 6.44
CA SER E 333 -23.28 8.99 7.68
C SER E 333 -24.37 10.08 7.72
N HIS E 334 -24.15 11.16 6.98
CA HIS E 334 -25.14 12.21 6.88
C HIS E 334 -26.08 12.05 5.67
N LEU E 335 -25.90 10.98 4.91
CA LEU E 335 -26.71 10.76 3.72
C LEU E 335 -28.00 10.01 3.97
N ASP E 336 -29.12 10.56 3.46
CA ASP E 336 -30.39 9.83 3.43
C ASP E 336 -30.74 9.27 2.04
N ALA E 337 -29.86 9.47 1.07
CA ALA E 337 -30.20 9.11 -0.29
C ALA E 337 -29.03 9.33 -1.23
N THR E 338 -29.12 8.70 -2.40
CA THR E 338 -28.08 8.83 -3.42
C THR E 338 -28.71 8.86 -4.81
N THR E 339 -28.28 9.83 -5.62
CA THR E 339 -28.65 9.82 -7.02
C THR E 339 -27.40 9.60 -7.82
N ASN E 340 -27.23 8.36 -8.30
CA ASN E 340 -26.04 7.95 -9.02
C ASN E 340 -26.24 8.09 -10.49
N LEU E 341 -25.53 9.06 -11.08
CA LEU E 341 -25.61 9.34 -12.51
C LEU E 341 -24.54 8.54 -13.25
N GLU E 342 -24.89 7.90 -14.37
CA GLU E 342 -23.92 7.09 -15.12
C GLU E 342 -23.95 7.39 -16.62
N ARG E 343 -22.78 7.43 -17.24
CA ARG E 343 -22.72 7.88 -18.63
C ARG E 343 -23.34 6.86 -19.55
N LYS E 344 -23.45 5.63 -19.07
CA LYS E 344 -24.02 4.55 -19.87
C LYS E 344 -25.43 4.82 -20.34
N LEU E 345 -26.32 4.92 -19.36
CA LEU E 345 -27.72 5.17 -19.58
C LEU E 345 -27.91 6.44 -20.38
N ALA E 346 -26.91 7.31 -20.38
CA ALA E 346 -26.99 8.50 -21.22
C ALA E 346 -26.76 8.17 -22.69
N GLU E 347 -25.77 7.32 -22.95
CA GLU E 347 -25.37 6.90 -24.29
C GLU E 347 -26.49 6.19 -25.00
N MSE E 348 -27.36 5.57 -24.21
CA MSE E 348 -28.52 4.87 -24.75
C MSE E 348 -29.69 5.80 -25.01
O MSE E 348 -30.62 5.42 -25.71
CB MSE E 348 -28.99 3.80 -23.78
CG MSE E 348 -28.00 2.69 -23.57
SE MSE E 348 -28.82 1.34 -22.41
CE MSE E 348 -30.03 0.48 -23.70
N GLY E 349 -29.64 7.02 -24.48
CA GLY E 349 -30.76 7.94 -24.63
C GLY E 349 -31.80 7.86 -23.52
N ILE E 350 -31.34 7.46 -22.34
CA ILE E 350 -32.14 7.55 -21.14
C ILE E 350 -31.66 8.75 -20.32
N TYR E 351 -32.40 9.83 -20.32
CA TYR E 351 -32.14 10.88 -19.36
C TYR E 351 -33.44 11.03 -18.61
N PRO E 352 -33.37 11.30 -17.32
CA PRO E 352 -32.14 11.49 -16.54
C PRO E 352 -31.30 10.24 -16.59
N ALA E 353 -30.00 10.38 -16.34
CA ALA E 353 -29.09 9.27 -16.47
C ALA E 353 -29.05 8.47 -15.18
N VAL E 354 -29.97 8.75 -14.24
CA VAL E 354 -29.98 8.07 -12.94
C VAL E 354 -30.04 6.54 -13.05
N ASP E 355 -29.02 5.89 -12.50
CA ASP E 355 -28.90 4.46 -12.54
C ASP E 355 -30.00 3.95 -11.66
N PRO E 356 -30.83 3.05 -12.19
CA PRO E 356 -32.00 2.46 -11.51
C PRO E 356 -31.68 1.43 -10.45
N LEU E 357 -30.57 0.72 -10.60
CA LEU E 357 -30.15 -0.22 -9.57
C LEU E 357 -29.10 0.28 -8.57
N ALA E 358 -28.39 1.36 -8.90
CA ALA E 358 -27.32 1.87 -8.06
C ALA E 358 -27.84 2.96 -7.12
N SER E 359 -28.43 4.00 -7.72
CA SER E 359 -28.99 5.12 -6.97
C SER E 359 -29.96 4.53 -5.98
N THR E 360 -29.64 4.70 -4.71
CA THR E 360 -30.42 4.11 -3.62
C THR E 360 -31.23 5.17 -2.84
N SER E 361 -31.81 4.76 -1.72
CA SER E 361 -32.48 5.71 -0.87
C SER E 361 -32.95 5.02 0.40
N ARG E 362 -33.05 5.83 1.46
CA ARG E 362 -33.49 5.37 2.79
C ARG E 362 -35.02 5.37 2.87
N ALA E 363 -35.62 6.25 2.09
CA ALA E 363 -37.07 6.33 2.04
C ALA E 363 -37.74 5.08 1.46
N LEU E 364 -36.97 4.19 0.83
CA LEU E 364 -37.60 3.05 0.18
C LEU E 364 -37.72 1.97 1.23
N ALA E 365 -38.96 1.80 1.68
CA ALA E 365 -39.29 0.98 2.83
C ALA E 365 -40.79 1.00 3.06
N PRO E 366 -41.34 -0.17 3.42
CA PRO E 366 -42.79 -0.31 3.53
C PRO E 366 -43.24 0.64 4.64
N GLU E 367 -42.44 0.64 5.70
CA GLU E 367 -42.72 1.46 6.87
C GLU E 367 -42.96 2.90 6.41
N ILE E 368 -42.26 3.30 5.36
CA ILE E 368 -42.34 4.69 4.91
C ILE E 368 -43.30 4.86 3.75
N VAL E 369 -43.01 4.20 2.62
CA VAL E 369 -43.82 4.38 1.43
C VAL E 369 -44.93 3.34 1.28
N GLY E 370 -45.11 2.49 2.29
CA GLY E 370 -46.15 1.48 2.29
C GLY E 370 -45.80 0.35 1.34
N GLU E 371 -46.54 -0.75 1.34
CA GLU E 371 -46.20 -1.82 0.41
C GLU E 371 -46.33 -1.32 -1.02
N GLU E 372 -47.40 -0.60 -1.31
CA GLU E 372 -47.71 -0.27 -2.69
C GLU E 372 -46.41 0.17 -3.39
N HIS E 373 -45.89 1.30 -2.94
CA HIS E 373 -44.68 1.87 -3.50
C HIS E 373 -43.52 0.88 -3.40
N TYR E 374 -43.20 0.44 -2.18
CA TYR E 374 -42.09 -0.49 -1.92
C TYR E 374 -42.15 -1.76 -2.75
N GLN E 375 -43.36 -2.31 -2.88
CA GLN E 375 -43.59 -3.52 -3.66
C GLN E 375 -43.17 -3.28 -5.11
N VAL E 376 -43.96 -2.48 -5.82
CA VAL E 376 -43.66 -2.19 -7.21
C VAL E 376 -42.19 -1.79 -7.36
N ALA E 377 -41.78 -0.81 -6.58
CA ALA E 377 -40.43 -0.28 -6.65
C ALA E 377 -39.34 -1.34 -6.47
N ARG E 378 -39.46 -2.17 -5.42
CA ARG E 378 -38.50 -3.27 -5.20
C ARG E 378 -38.59 -4.30 -6.33
N LYS E 379 -39.78 -4.44 -6.89
CA LYS E 379 -39.96 -5.32 -8.02
C LYS E 379 -39.27 -4.75 -9.25
N VAL E 380 -39.57 -3.50 -9.61
CA VAL E 380 -39.00 -2.89 -10.82
C VAL E 380 -37.49 -2.96 -10.80
N GLN E 381 -36.92 -3.04 -9.62
CA GLN E 381 -35.50 -3.22 -9.47
C GLN E 381 -35.14 -4.66 -9.80
N GLN E 382 -35.89 -5.61 -9.24
CA GLN E 382 -35.64 -7.01 -9.53
C GLN E 382 -35.63 -7.27 -11.05
N THR E 383 -36.67 -6.83 -11.74
CA THR E 383 -36.79 -7.08 -13.19
C THR E 383 -35.63 -6.45 -13.97
N LEU E 384 -34.93 -5.52 -13.34
CA LEU E 384 -33.72 -4.94 -13.91
C LEU E 384 -32.46 -5.79 -13.66
N GLN E 385 -32.34 -6.31 -12.44
CA GLN E 385 -31.12 -7.00 -12.09
C GLN E 385 -31.21 -8.37 -12.72
N ARG E 386 -32.33 -8.62 -13.39
CA ARG E 386 -32.52 -9.82 -14.19
C ARG E 386 -32.04 -9.50 -15.58
N TYR E 387 -32.63 -8.48 -16.19
CA TYR E 387 -32.22 -8.07 -17.54
C TYR E 387 -30.74 -7.70 -17.64
N LYS E 388 -30.14 -7.35 -16.50
CA LYS E 388 -28.74 -6.94 -16.48
C LYS E 388 -27.79 -8.12 -16.56
N GLU E 389 -28.14 -9.19 -15.84
CA GLU E 389 -27.30 -10.38 -15.77
C GLU E 389 -27.42 -11.22 -17.04
N LEU E 390 -28.58 -11.15 -17.68
CA LEU E 390 -28.83 -11.94 -18.87
C LEU E 390 -28.04 -11.37 -20.05
N GLN E 391 -27.35 -10.26 -19.83
CA GLN E 391 -26.54 -9.66 -20.89
C GLN E 391 -25.47 -10.64 -21.38
N ASP E 392 -24.98 -11.48 -20.47
CA ASP E 392 -23.95 -12.46 -20.80
C ASP E 392 -24.54 -13.65 -21.57
N ILE E 393 -25.68 -14.15 -21.09
CA ILE E 393 -26.34 -15.29 -21.70
C ILE E 393 -26.96 -14.93 -23.05
N ILE E 394 -27.27 -13.65 -23.22
CA ILE E 394 -27.84 -13.17 -24.49
C ILE E 394 -26.83 -13.14 -25.63
N ALA E 395 -25.56 -12.94 -25.28
CA ALA E 395 -24.47 -13.04 -26.24
C ALA E 395 -24.08 -14.51 -26.43
N ILE E 396 -24.74 -15.38 -25.68
CA ILE E 396 -24.48 -16.82 -25.70
C ILE E 396 -25.57 -17.58 -26.46
N LEU E 397 -26.76 -17.71 -25.86
CA LEU E 397 -27.90 -18.41 -26.47
C LEU E 397 -28.83 -17.48 -27.24
N GLY E 398 -28.43 -16.22 -27.37
CA GLY E 398 -29.19 -15.26 -28.14
C GLY E 398 -30.58 -15.02 -27.55
N MSE E 399 -31.37 -14.23 -28.26
CA MSE E 399 -32.67 -13.81 -27.77
C MSE E 399 -33.70 -14.93 -27.93
O MSE E 399 -34.88 -14.75 -27.60
CB MSE E 399 -33.13 -12.56 -28.48
CG MSE E 399 -32.64 -11.27 -27.86
SE MSE E 399 -33.43 -11.03 -26.11
CE MSE E 399 -34.80 -9.73 -26.53
N ASP E 400 -33.27 -16.06 -28.48
CA ASP E 400 -34.17 -17.19 -28.68
C ASP E 400 -34.07 -18.25 -27.55
N GLU E 401 -35.24 -18.69 -27.10
CA GLU E 401 -35.37 -19.85 -26.20
C GLU E 401 -34.39 -19.80 -25.06
N LEU E 402 -34.20 -18.60 -24.54
CA LEU E 402 -33.29 -18.37 -23.44
C LEU E 402 -34.02 -18.62 -22.13
N SER E 403 -35.08 -19.42 -22.19
CA SER E 403 -36.04 -19.50 -21.08
C SER E 403 -37.14 -18.43 -20.96
N ASP E 404 -38.30 -18.70 -21.57
CA ASP E 404 -39.43 -17.75 -21.68
C ASP E 404 -39.78 -16.95 -20.40
N GLU E 405 -39.60 -17.52 -19.21
CA GLU E 405 -39.78 -16.72 -18.00
C GLU E 405 -38.75 -15.55 -17.92
N ASP E 406 -37.78 -15.58 -18.83
CA ASP E 406 -36.70 -14.59 -18.97
C ASP E 406 -36.98 -13.60 -20.10
N LYS E 407 -37.25 -14.12 -21.29
CA LYS E 407 -37.66 -13.27 -22.42
C LYS E 407 -38.78 -12.27 -22.07
N LEU E 408 -39.68 -12.67 -21.17
CA LEU E 408 -40.70 -11.75 -20.67
C LEU E 408 -40.03 -10.62 -19.88
N VAL E 409 -39.01 -10.99 -19.10
CA VAL E 409 -38.22 -10.05 -18.32
C VAL E 409 -37.48 -9.11 -19.24
N VAL E 410 -36.70 -9.69 -20.14
CA VAL E 410 -36.00 -8.92 -21.14
C VAL E 410 -36.94 -7.98 -21.89
N HIS E 411 -38.17 -8.43 -22.17
CA HIS E 411 -39.06 -7.53 -22.88
C HIS E 411 -39.56 -6.44 -21.95
N ARG E 412 -40.27 -6.83 -20.91
CA ARG E 412 -40.72 -5.86 -19.93
C ARG E 412 -39.62 -4.91 -19.42
N ALA E 413 -38.47 -5.47 -19.04
CA ALA E 413 -37.36 -4.66 -18.52
C ALA E 413 -36.95 -3.49 -19.44
N ARG E 414 -36.78 -3.75 -20.73
CA ARG E 414 -36.46 -2.69 -21.70
C ARG E 414 -37.41 -1.48 -21.64
N ARG E 415 -38.71 -1.73 -21.77
CA ARG E 415 -39.72 -0.69 -21.61
C ARG E 415 -39.59 0.05 -20.26
N ILE E 416 -39.30 -0.70 -19.19
CA ILE E 416 -39.20 -0.14 -17.85
C ILE E 416 -38.07 0.86 -17.73
N GLN E 417 -36.86 0.44 -18.11
CA GLN E 417 -35.69 1.33 -18.06
C GLN E 417 -35.84 2.47 -19.04
N PHE E 418 -36.74 2.30 -19.99
CA PHE E 418 -37.09 3.36 -20.92
C PHE E 418 -38.08 4.36 -20.33
N PHE E 419 -38.98 3.86 -19.48
CA PHE E 419 -40.03 4.68 -18.88
C PHE E 419 -39.53 5.38 -17.64
N LEU E 420 -38.26 5.15 -17.32
CA LEU E 420 -37.58 5.91 -16.28
C LEU E 420 -37.02 7.27 -16.79
N SER E 421 -36.87 7.37 -18.11
CA SER E 421 -36.49 8.61 -18.74
C SER E 421 -37.72 9.51 -18.79
N GLN E 422 -37.53 10.80 -18.52
CA GLN E 422 -38.64 11.73 -18.35
C GLN E 422 -38.47 13.04 -19.14
N ASN E 423 -39.54 13.83 -19.25
CA ASN E 423 -39.45 15.09 -19.95
C ASN E 423 -39.03 16.14 -18.97
N PHE E 424 -37.89 16.77 -19.23
CA PHE E 424 -37.42 17.84 -18.34
C PHE E 424 -37.82 19.23 -18.84
N HIS E 425 -38.49 19.98 -17.99
CA HIS E 425 -38.97 21.31 -18.37
C HIS E 425 -37.77 22.09 -18.90
N VAL E 426 -36.71 22.04 -18.11
CA VAL E 426 -35.48 22.77 -18.41
C VAL E 426 -35.00 22.40 -19.81
N ALA E 427 -35.42 21.23 -20.28
CA ALA E 427 -34.97 20.68 -21.53
C ALA E 427 -35.73 21.33 -22.66
N GLU E 428 -36.91 21.86 -22.34
CA GLU E 428 -37.77 22.44 -23.38
C GLU E 428 -37.03 23.50 -24.21
N GLN E 429 -36.00 24.08 -23.61
CA GLN E 429 -35.24 25.11 -24.28
C GLN E 429 -34.93 24.64 -25.67
N PHE E 430 -34.16 23.57 -25.78
CA PHE E 430 -33.72 23.09 -27.09
C PHE E 430 -34.48 21.90 -27.70
N THR E 431 -35.41 21.32 -26.95
CA THR E 431 -36.15 20.15 -27.44
C THR E 431 -37.46 20.61 -28.08
N GLY E 432 -38.27 21.26 -27.24
CA GLY E 432 -39.64 21.66 -27.48
C GLY E 432 -40.72 20.89 -26.72
N GLN E 433 -40.50 19.65 -26.32
CA GLN E 433 -41.49 18.99 -25.47
C GLN E 433 -41.45 19.67 -24.10
N PRO E 434 -42.60 20.24 -23.65
CA PRO E 434 -42.76 21.06 -22.45
C PRO E 434 -42.24 20.44 -21.16
N GLY E 435 -42.22 19.11 -21.08
CA GLY E 435 -41.68 18.47 -19.90
C GLY E 435 -42.74 17.93 -18.99
N SER E 436 -42.35 17.20 -17.95
CA SER E 436 -43.31 16.41 -17.19
C SER E 436 -43.20 16.70 -15.70
N TYR E 437 -44.26 16.48 -14.94
CA TYR E 437 -44.12 16.28 -13.49
C TYR E 437 -45.05 15.13 -13.01
N VAL E 438 -44.48 13.98 -12.68
CA VAL E 438 -45.34 12.87 -12.29
C VAL E 438 -45.27 12.58 -10.80
N PRO E 439 -46.41 12.62 -10.13
CA PRO E 439 -46.35 12.28 -8.70
C PRO E 439 -45.94 10.85 -8.50
N VAL E 440 -45.46 10.53 -7.31
CA VAL E 440 -45.18 9.14 -6.99
C VAL E 440 -46.41 8.30 -7.32
N LYS E 441 -47.60 8.78 -6.92
CA LYS E 441 -48.83 8.05 -7.17
C LYS E 441 -48.86 7.61 -8.64
N GLU E 442 -48.87 8.57 -9.55
CA GLU E 442 -48.82 8.32 -10.99
C GLU E 442 -47.71 7.36 -11.38
N THR E 443 -46.52 7.57 -10.80
CA THR E 443 -45.31 6.78 -11.14
C THR E 443 -45.40 5.35 -10.62
N VAL E 444 -46.23 5.14 -9.59
CA VAL E 444 -46.43 3.81 -9.04
C VAL E 444 -47.28 2.99 -10.01
N ARG E 445 -48.40 3.57 -10.42
CA ARG E 445 -49.33 2.92 -11.34
C ARG E 445 -48.62 2.55 -12.63
N GLY E 446 -48.06 3.56 -13.30
CA GLY E 446 -47.41 3.38 -14.59
C GLY E 446 -46.47 2.19 -14.56
N PHE E 447 -45.80 1.99 -13.42
CA PHE E 447 -44.90 0.85 -13.24
C PHE E 447 -45.63 -0.43 -12.90
N LYS E 448 -46.52 -0.38 -11.89
CA LYS E 448 -47.28 -1.58 -11.54
C LYS E 448 -47.95 -2.17 -12.79
N GLU E 449 -48.54 -1.31 -13.61
CA GLU E 449 -49.24 -1.72 -14.83
C GLU E 449 -48.27 -2.37 -15.81
N ILE E 450 -47.20 -1.67 -16.12
CA ILE E 450 -46.13 -2.25 -16.93
C ILE E 450 -45.61 -3.58 -16.34
N LEU E 451 -45.57 -3.68 -15.02
CA LEU E 451 -45.12 -4.91 -14.35
C LEU E 451 -46.17 -6.01 -14.39
N GLU E 452 -47.41 -5.61 -14.69
CA GLU E 452 -48.48 -6.56 -14.96
C GLU E 452 -48.46 -6.95 -16.45
N GLY E 453 -47.65 -6.22 -17.23
CA GLY E 453 -47.45 -6.53 -18.63
C GLY E 453 -48.55 -5.93 -19.48
N LYS E 454 -49.38 -5.09 -18.88
CA LYS E 454 -50.53 -4.53 -19.57
C LYS E 454 -50.09 -3.71 -20.76
N TYR E 455 -48.81 -3.43 -20.85
CA TYR E 455 -48.25 -2.73 -22.02
C TYR E 455 -47.34 -3.50 -23.01
N ASP E 456 -47.12 -4.78 -22.79
CA ASP E 456 -46.06 -5.51 -23.50
C ASP E 456 -46.23 -5.47 -25.01
N HIS E 457 -47.40 -5.04 -25.45
CA HIS E 457 -47.77 -4.98 -26.86
C HIS E 457 -47.42 -3.63 -27.52
N LEU E 458 -46.67 -2.79 -26.82
CA LEU E 458 -46.37 -1.47 -27.32
C LEU E 458 -44.87 -1.31 -27.61
N PRO E 459 -44.55 -0.52 -28.64
CA PRO E 459 -43.17 -0.34 -29.07
C PRO E 459 -42.29 0.31 -27.99
N GLU E 460 -40.99 -0.01 -28.00
CA GLU E 460 -40.01 0.57 -27.09
C GLU E 460 -40.07 2.10 -27.05
N ASP E 461 -40.00 2.73 -28.22
CA ASP E 461 -39.74 4.15 -28.35
C ASP E 461 -40.98 4.93 -27.95
N ALA E 462 -41.87 4.22 -27.27
CA ALA E 462 -43.04 4.81 -26.65
C ALA E 462 -42.76 5.45 -25.30
N PHE E 463 -42.29 4.63 -24.36
CA PHE E 463 -42.09 5.03 -22.96
C PHE E 463 -40.78 5.83 -22.74
N ARG E 464 -40.07 6.06 -23.84
CA ARG E 464 -38.78 6.72 -23.85
C ARG E 464 -38.98 8.23 -23.99
N LEU E 465 -38.71 8.94 -22.89
CA LEU E 465 -38.98 10.39 -22.72
C LEU E 465 -40.44 10.85 -22.70
N VAL E 466 -41.11 10.50 -21.60
CA VAL E 466 -42.49 10.94 -21.39
C VAL E 466 -42.87 11.21 -19.94
N GLY E 467 -44.15 11.51 -19.76
CA GLY E 467 -44.78 11.76 -18.49
C GLY E 467 -45.54 10.54 -18.00
N ARG E 468 -46.77 10.79 -17.53
CA ARG E 468 -47.72 9.77 -17.05
C ARG E 468 -47.88 8.66 -18.06
N ILE E 469 -48.14 7.45 -17.58
CA ILE E 469 -48.22 6.30 -18.46
C ILE E 469 -49.14 6.58 -19.70
N GLU E 470 -50.19 7.36 -19.48
CA GLU E 470 -51.17 7.76 -20.50
C GLU E 470 -50.57 8.47 -21.71
N GLU E 471 -49.39 9.06 -21.50
CA GLU E 471 -48.68 9.81 -22.54
C GLU E 471 -48.02 8.82 -23.48
N VAL E 472 -47.50 7.73 -22.91
CA VAL E 472 -46.87 6.65 -23.66
C VAL E 472 -47.89 6.12 -24.65
N VAL E 473 -49.11 6.01 -24.15
CA VAL E 473 -50.23 5.46 -24.88
C VAL E 473 -50.54 6.35 -26.08
N GLU E 474 -50.65 7.65 -25.88
CA GLU E 474 -50.94 8.57 -26.98
C GLU E 474 -49.80 8.57 -27.99
N LYS E 475 -48.63 8.23 -27.49
CA LYS E 475 -47.43 8.17 -28.30
C LYS E 475 -47.53 6.97 -29.27
N ALA E 476 -48.64 6.25 -29.16
CA ALA E 476 -48.95 5.17 -30.09
C ALA E 476 -49.76 5.60 -31.32
N LYS E 477 -50.05 6.89 -31.48
CA LYS E 477 -50.76 7.28 -32.67
C LYS E 477 -49.67 7.78 -33.63
N ALA E 478 -49.36 6.93 -34.61
CA ALA E 478 -48.29 7.17 -35.59
C ALA E 478 -48.87 7.99 -36.73
N MSE E 479 -50.17 8.24 -36.60
CA MSE E 479 -50.99 9.00 -37.53
C MSE E 479 -50.84 8.52 -38.97
O MSE E 479 -50.58 7.35 -39.22
N GLY E 480 -50.91 9.47 -39.88
CA GLY E 480 -51.00 9.18 -41.31
C GLY E 480 -51.39 10.39 -42.14
N GLY F 14 6.87 16.19 50.08
CA GLY F 14 6.71 16.92 48.84
C GLY F 14 5.62 17.97 48.92
N ARG F 15 5.33 18.64 47.82
CA ARG F 15 4.10 19.41 47.67
C ARG F 15 3.64 19.30 46.22
N VAL F 16 2.52 18.67 45.93
CA VAL F 16 2.17 18.52 44.51
C VAL F 16 1.79 19.87 43.91
N ILE F 17 2.59 20.34 42.94
CA ILE F 17 2.28 21.56 42.20
C ILE F 17 1.78 21.38 40.76
N GLN F 18 1.87 20.17 40.20
CA GLN F 18 1.31 19.90 38.87
C GLN F 18 0.65 18.51 38.81
N VAL F 19 -0.63 18.47 38.43
CA VAL F 19 -1.36 17.21 38.22
C VAL F 19 -1.80 17.03 36.77
N MSE F 20 -1.14 16.10 36.06
CA MSE F 20 -1.47 15.77 34.69
C MSE F 20 -2.03 14.35 34.66
O MSE F 20 -1.24 13.40 34.72
CB MSE F 20 -0.18 15.77 33.85
CG MSE F 20 0.65 17.03 33.85
SE MSE F 20 -0.41 18.48 33.12
CE MSE F 20 0.10 18.52 31.24
N GLY F 21 -3.34 14.18 34.52
CA GLY F 21 -3.90 12.84 34.42
C GLY F 21 -3.33 11.92 35.49
N PRO F 22 -2.82 10.74 35.09
CA PRO F 22 -2.08 9.79 35.94
C PRO F 22 -0.67 10.25 36.30
N VAL F 23 -0.16 11.23 35.59
CA VAL F 23 1.18 11.76 35.88
C VAL F 23 1.12 13.00 36.75
N VAL F 24 1.63 12.87 37.98
CA VAL F 24 1.66 13.97 38.96
C VAL F 24 3.06 14.50 39.23
N ASP F 25 3.17 15.83 39.28
CA ASP F 25 4.42 16.49 39.57
C ASP F 25 4.42 16.99 41.00
N VAL F 26 5.17 16.28 41.84
CA VAL F 26 5.33 16.60 43.25
C VAL F 26 6.66 17.32 43.41
N LYS F 27 6.61 18.51 44.01
CA LYS F 27 7.81 19.28 44.26
C LYS F 27 8.38 19.00 45.66
N PHE F 28 9.71 18.90 45.75
CA PHE F 28 10.39 18.68 47.03
C PHE F 28 11.38 19.80 47.34
N ASN F 30 14.44 21.13 49.50
CA ASN F 30 15.86 20.87 49.32
C ASN F 30 16.27 19.48 49.78
N GLY F 31 17.06 18.81 48.94
CA GLY F 31 17.79 17.61 49.33
C GLY F 31 16.91 16.41 49.55
N HIS F 32 15.60 16.64 49.62
CA HIS F 32 14.68 15.56 49.92
C HIS F 32 14.62 14.57 48.73
N LEU F 33 14.31 15.05 47.53
CA LEU F 33 14.60 14.31 46.28
C LEU F 33 14.56 12.78 46.40
N PRO F 34 13.37 12.21 46.59
CA PRO F 34 13.27 10.78 46.87
C PRO F 34 13.80 9.91 45.74
N ILE F 36 14.62 7.53 42.80
CA ILE F 36 13.75 7.03 41.74
C ILE F 36 13.18 5.66 42.05
N TYR F 37 11.98 5.37 41.55
CA TYR F 37 11.31 4.09 41.81
C TYR F 37 10.66 3.99 43.19
N ASN F 38 10.78 5.05 43.98
CA ASN F 38 10.14 5.13 45.31
C ASN F 38 8.65 5.44 45.26
N ALA F 39 7.95 5.08 46.33
CA ALA F 39 6.51 5.29 46.42
C ALA F 39 6.12 6.45 47.31
N LEU F 40 5.46 7.45 46.74
CA LEU F 40 4.96 8.58 47.50
C LEU F 40 3.48 8.33 47.78
N LYS F 41 3.07 8.39 49.04
CA LYS F 41 1.65 8.32 49.37
C LYS F 41 1.14 9.72 49.64
N ILE F 42 -0.02 10.07 49.11
CA ILE F 42 -0.62 11.36 49.41
C ILE F 42 -1.74 11.09 50.40
N GLN F 43 -1.48 11.39 51.67
CA GLN F 43 -2.46 11.17 52.72
C GLN F 43 -3.00 12.53 53.10
N HIS F 44 -4.26 12.79 52.70
CA HIS F 44 -4.89 14.08 52.96
C HIS F 44 -6.33 13.84 53.42
N LYS F 45 -6.84 14.76 54.24
CA LYS F 45 -8.20 14.66 54.74
C LYS F 45 -8.98 15.89 54.32
N ALA F 46 -10.28 15.71 54.03
CA ALA F 46 -11.09 16.82 53.54
C ALA F 46 -11.16 17.89 54.60
N ARG F 47 -10.66 19.07 54.26
CA ARG F 47 -10.59 20.16 55.21
C ARG F 47 -11.96 20.81 55.29
N ASN F 48 -12.67 20.72 54.18
CA ASN F 48 -13.97 21.35 54.01
C ASN F 48 -14.88 20.48 53.12
N GLU F 49 -15.97 21.08 52.64
CA GLU F 49 -16.93 20.38 51.78
C GLU F 49 -16.64 20.51 50.29
N ASN F 50 -15.65 21.33 49.95
CA ASN F 50 -15.17 21.51 48.57
C ASN F 50 -14.01 20.58 48.22
N GLU F 51 -13.75 19.59 49.09
CA GLU F 51 -12.68 18.61 48.88
C GLU F 51 -13.12 17.15 49.07
N VAL F 52 -12.26 16.21 48.68
CA VAL F 52 -12.53 14.77 48.82
C VAL F 52 -11.32 14.00 49.32
N ASP F 53 -11.55 13.04 50.22
CA ASP F 53 -10.45 12.29 50.84
C ASP F 53 -9.58 11.58 49.81
N ILE F 54 -8.27 11.79 49.90
CA ILE F 54 -7.31 11.24 48.94
C ILE F 54 -6.32 10.28 49.58
N ASP F 55 -6.34 9.06 49.07
CA ASP F 55 -5.41 8.05 49.49
C ASP F 55 -4.81 7.51 48.20
N LEU F 56 -3.57 7.90 47.91
CA LEU F 56 -2.96 7.59 46.62
C LEU F 56 -1.49 7.32 46.84
N THR F 57 -0.90 6.53 45.95
CA THR F 57 0.52 6.21 46.03
C THR F 57 1.19 6.49 44.68
N LEU F 58 2.15 7.40 44.64
CA LEU F 58 2.81 7.76 43.40
C LEU F 58 4.15 7.07 43.31
N GLU F 59 4.57 6.68 42.12
CA GLU F 59 5.85 6.02 41.96
C GLU F 59 6.78 7.00 41.28
N VAL F 60 7.85 7.39 41.97
CA VAL F 60 8.82 8.31 41.40
C VAL F 60 9.23 7.78 40.05
N ALA F 61 9.24 8.66 39.05
CA ALA F 61 9.58 8.26 37.70
C ALA F 61 10.91 8.85 37.33
N LEU F 62 10.95 10.17 37.24
CA LEU F 62 12.19 10.79 36.85
C LEU F 62 12.43 12.05 37.63
N HIS F 63 13.67 12.53 37.62
CA HIS F 63 14.01 13.78 38.27
C HIS F 63 13.99 14.89 37.25
N LEU F 64 13.04 15.82 37.39
CA LEU F 64 12.86 16.91 36.42
C LEU F 64 13.80 18.09 36.69
N GLY F 65 14.46 18.05 37.85
CA GLY F 65 15.37 19.12 38.21
C GLY F 65 14.68 20.15 39.06
N ASP F 66 15.42 21.19 39.46
CA ASP F 66 14.87 22.23 40.31
C ASP F 66 14.16 21.58 41.50
N ASP F 67 14.72 20.46 41.98
CA ASP F 67 14.18 19.77 43.12
C ASP F 67 12.71 19.44 42.88
N THR F 68 12.45 18.76 41.77
CA THR F 68 11.09 18.34 41.41
C THR F 68 11.12 16.90 40.91
N VAL F 69 10.02 16.19 41.05
CA VAL F 69 9.96 14.84 40.54
C VAL F 69 8.61 14.55 39.88
N ARG F 70 8.65 13.83 38.76
CA ARG F 70 7.43 13.44 38.03
C ARG F 70 7.03 12.02 38.44
N THR F 71 5.78 11.88 38.87
CA THR F 71 5.33 10.62 39.43
C THR F 71 4.17 10.02 38.65
N ILE F 72 4.00 8.71 38.81
CA ILE F 72 2.95 7.96 38.15
C ILE F 72 2.02 7.38 39.18
N ALA F 73 0.78 7.85 39.19
CA ALA F 73 -0.23 7.42 40.15
C ALA F 73 -0.55 5.94 40.03
N MSE F 74 -1.03 5.34 41.11
CA MSE F 74 -1.67 4.01 41.10
C MSE F 74 -3.20 3.95 41.18
O MSE F 74 -3.75 2.89 41.48
CB MSE F 74 -1.05 3.04 42.11
CG MSE F 74 0.46 3.04 42.09
SE MSE F 74 1.23 2.66 40.36
CE MSE F 74 1.30 0.72 40.47
N ALA F 75 -3.85 5.10 41.06
CA ALA F 75 -5.32 5.13 41.04
C ALA F 75 -5.78 6.48 40.51
N SER F 76 -7.09 6.67 40.44
CA SER F 76 -7.64 7.93 39.95
C SER F 76 -7.00 9.08 40.72
N THR F 77 -6.51 10.07 39.99
CA THR F 77 -5.91 11.23 40.60
C THR F 77 -6.94 12.34 40.84
N ASP F 78 -8.20 12.06 40.56
CA ASP F 78 -9.26 13.04 40.78
C ASP F 78 -9.34 13.55 42.23
N GLY F 79 -9.47 14.86 42.39
CA GLY F 79 -9.65 15.49 43.69
C GLY F 79 -8.41 16.20 44.17
N LEU F 80 -7.26 15.80 43.66
CA LEU F 80 -5.97 16.39 44.05
C LEU F 80 -5.96 17.89 43.71
N ILE F 81 -5.09 18.64 44.38
CA ILE F 81 -4.98 20.07 44.18
C ILE F 81 -3.52 20.52 44.31
N ARG F 82 -3.21 21.64 43.69
CA ARG F 82 -1.85 22.15 43.77
C ARG F 82 -1.53 22.74 45.11
N GLY F 83 -0.47 22.22 45.72
CA GLY F 83 -0.06 22.65 47.04
C GLY F 83 -0.31 21.63 48.13
N MSE F 84 -0.79 20.44 47.77
CA MSE F 84 -1.02 19.38 48.76
C MSE F 84 0.28 18.78 49.28
O MSE F 84 1.37 19.18 48.86
CB MSE F 84 -1.93 18.29 48.21
CG MSE F 84 -3.30 18.76 47.89
SE MSE F 84 -4.32 17.29 47.13
CE MSE F 84 -4.87 16.32 48.72
N GLU F 85 0.17 17.83 50.19
CA GLU F 85 1.37 17.33 50.87
C GLU F 85 1.61 15.88 50.54
N VAL F 86 2.82 15.61 50.05
CA VAL F 86 3.19 14.27 49.62
C VAL F 86 4.25 13.71 50.54
N ILE F 87 4.07 12.45 50.94
CA ILE F 87 5.03 11.79 51.84
C ILE F 87 5.83 10.71 51.10
N ASP F 88 7.15 10.74 51.28
CA ASP F 88 8.02 9.73 50.66
C ASP F 88 8.12 8.52 51.60
N THR F 89 7.63 7.36 51.18
CA THR F 89 7.74 6.19 52.03
C THR F 89 9.19 5.75 52.10
N GLY F 90 10.03 6.35 51.27
CA GLY F 90 11.47 6.12 51.33
C GLY F 90 11.86 4.77 50.78
N ALA F 91 11.03 4.25 49.89
CA ALA F 91 11.27 2.95 49.28
C ALA F 91 10.20 2.68 48.22
N PRO F 92 10.56 1.88 47.20
CA PRO F 92 9.72 1.55 46.06
C PRO F 92 8.46 0.86 46.54
N ILE F 93 7.64 0.36 45.61
CA ILE F 93 6.40 -0.25 46.03
C ILE F 93 6.77 -1.61 46.63
N SER F 94 6.53 -1.75 47.94
CA SER F 94 6.85 -2.98 48.65
C SER F 94 5.58 -3.80 48.72
N VAL F 95 5.70 -5.11 48.53
CA VAL F 95 4.53 -5.95 48.52
C VAL F 95 4.71 -7.13 49.45
N PRO F 96 3.63 -7.46 50.19
CA PRO F 96 3.74 -8.59 51.10
C PRO F 96 4.05 -9.87 50.34
N VAL F 97 5.13 -10.54 50.71
CA VAL F 97 5.54 -11.79 50.07
C VAL F 97 5.72 -12.85 51.15
N GLY F 98 5.48 -14.10 50.82
CA GLY F 98 5.72 -15.15 51.79
C GLY F 98 4.70 -16.24 51.64
N GLU F 99 4.65 -17.15 52.62
CA GLU F 99 3.76 -18.30 52.54
C GLU F 99 2.33 -17.89 52.92
N VAL F 100 2.16 -16.59 53.18
CA VAL F 100 0.85 -15.99 53.43
C VAL F 100 0.13 -15.55 52.15
N THR F 101 0.90 -15.43 51.07
CA THR F 101 0.37 -14.91 49.80
C THR F 101 -0.50 -15.96 49.13
N LEU F 102 -0.36 -17.20 49.57
CA LEU F 102 -1.10 -18.33 49.01
C LEU F 102 -2.58 -18.29 49.36
N GLY F 103 -3.43 -18.37 48.35
CA GLY F 103 -4.87 -18.32 48.52
C GLY F 103 -5.36 -16.92 48.85
N ARG F 104 -4.65 -15.90 48.35
CA ARG F 104 -5.06 -14.51 48.56
C ARG F 104 -5.06 -13.70 47.25
N VAL F 105 -5.80 -12.60 47.24
CA VAL F 105 -5.85 -11.73 46.09
C VAL F 105 -5.27 -10.36 46.43
N PHE F 106 -4.14 -9.99 45.81
CA PHE F 106 -3.59 -8.68 46.12
C PHE F 106 -3.81 -7.64 45.05
N ASN F 107 -3.46 -6.40 45.39
CA ASN F 107 -3.59 -5.26 44.50
C ASN F 107 -2.29 -5.06 43.76
N VAL F 108 -2.21 -3.89 43.12
CA VAL F 108 -0.98 -3.48 42.49
C VAL F 108 0.07 -3.22 43.57
N LEU F 109 -0.40 -2.78 44.74
CA LEU F 109 0.47 -2.40 45.86
C LEU F 109 0.77 -3.60 46.81
N GLY F 110 0.09 -4.71 46.59
CA GLY F 110 0.12 -5.80 47.54
C GLY F 110 -0.91 -5.69 48.68
N GLU F 111 -2.05 -5.06 48.41
CA GLU F 111 -3.17 -4.97 49.36
C GLU F 111 -4.20 -6.10 49.13
N PRO F 112 -4.61 -6.82 50.20
CA PRO F 112 -5.65 -7.83 49.99
C PRO F 112 -7.04 -7.27 49.59
N ILE F 113 -7.47 -7.66 48.41
CA ILE F 113 -8.77 -7.25 47.84
C ILE F 113 -9.82 -8.35 47.95
N ASP F 114 -9.46 -9.43 48.65
CA ASP F 114 -10.30 -10.62 48.80
C ASP F 114 -11.25 -10.54 50.00
N LEU F 115 -11.22 -9.41 50.69
CA LEU F 115 -12.08 -9.16 51.85
C LEU F 115 -11.88 -10.18 52.96
N GLU F 116 -10.75 -10.87 52.96
CA GLU F 116 -10.40 -11.72 54.10
C GLU F 116 -9.16 -11.16 54.75
N GLY F 117 -9.35 -10.48 55.87
CA GLY F 117 -8.25 -9.95 56.66
C GLY F 117 -7.30 -9.08 55.87
N ASP F 118 -6.13 -8.84 56.45
CA ASP F 118 -5.07 -8.04 55.85
C ASP F 118 -3.80 -8.83 56.04
N ILE F 119 -2.65 -8.19 55.85
CA ILE F 119 -1.40 -8.93 55.97
C ILE F 119 -0.62 -8.48 57.20
N PRO F 120 0.05 -9.44 57.85
CA PRO F 120 0.84 -9.21 59.06
C PRO F 120 1.95 -8.16 58.86
N ALA F 121 2.23 -7.39 59.89
CA ALA F 121 3.29 -6.39 59.82
C ALA F 121 4.65 -7.08 59.76
N ASP F 122 4.73 -8.29 60.29
CA ASP F 122 5.98 -9.03 60.29
C ASP F 122 6.30 -9.49 58.88
N ALA F 123 5.25 -9.70 58.08
CA ALA F 123 5.38 -10.29 56.75
C ALA F 123 6.41 -9.56 55.91
N ARG F 124 7.23 -10.33 55.19
CA ARG F 124 8.28 -9.78 54.35
C ARG F 124 7.66 -8.98 53.19
N ARG F 125 8.11 -7.75 53.00
CA ARG F 125 7.59 -6.93 51.90
C ARG F 125 8.70 -6.67 50.89
N ASP F 126 8.61 -7.29 49.73
CA ASP F 126 9.66 -7.10 48.75
C ASP F 126 9.31 -5.93 47.83
N PRO F 127 10.32 -5.26 47.25
CA PRO F 127 10.09 -4.26 46.20
C PRO F 127 9.81 -4.91 44.83
N ILE F 128 8.92 -4.28 44.05
CA ILE F 128 8.48 -4.81 42.78
C ILE F 128 9.49 -4.47 41.70
N HIS F 129 10.60 -3.85 42.11
CA HIS F 129 11.72 -3.58 41.19
C HIS F 129 13.05 -4.22 41.61
N ARG F 130 13.49 -5.23 40.85
CA ARG F 130 14.74 -5.93 41.12
C ARG F 130 15.56 -5.95 39.84
N PRO F 131 16.89 -6.12 39.93
CA PRO F 131 17.69 -6.36 38.73
C PRO F 131 17.58 -7.81 38.27
N ALA F 132 17.62 -8.05 36.97
CA ALA F 132 17.47 -9.41 36.44
C ALA F 132 18.67 -10.28 36.83
N PRO F 133 18.43 -11.57 37.07
CA PRO F 133 19.49 -12.51 37.46
C PRO F 133 20.71 -12.43 36.54
N LYS F 134 21.91 -12.56 37.10
CA LYS F 134 23.13 -12.43 36.30
C LYS F 134 23.33 -13.64 35.38
N PHE F 135 24.43 -13.63 34.61
CA PHE F 135 24.72 -14.74 33.69
C PHE F 135 25.04 -16.05 34.45
N GLU F 136 25.49 -15.91 35.69
CA GLU F 136 25.82 -17.07 36.51
C GLU F 136 24.54 -17.77 36.98
N GLU F 137 23.50 -16.97 37.20
CA GLU F 137 22.28 -17.48 37.80
C GLU F 137 21.46 -18.33 36.84
N LEU F 138 20.95 -17.69 35.79
CA LEU F 138 19.97 -18.31 34.91
C LEU F 138 20.42 -19.68 34.41
N ALA F 139 19.44 -20.59 34.27
CA ALA F 139 19.71 -21.95 33.84
C ALA F 139 19.81 -22.10 32.32
N THR F 140 20.12 -23.32 31.88
CA THR F 140 20.33 -23.67 30.48
C THR F 140 19.45 -24.86 30.20
N GLU F 141 19.52 -25.84 31.10
CA GLU F 141 19.02 -27.20 30.89
C GLU F 141 17.66 -27.23 30.19
N VAL F 142 17.45 -28.30 29.43
CA VAL F 142 16.22 -28.49 28.68
C VAL F 142 15.35 -29.66 29.19
N GLU F 143 14.06 -29.38 29.39
CA GLU F 143 13.07 -30.43 29.64
C GLU F 143 11.74 -30.10 28.96
N ILE F 144 11.28 -30.96 28.06
CA ILE F 144 9.99 -30.69 27.38
C ILE F 144 8.88 -30.80 28.40
N LEU F 145 7.73 -30.22 28.14
CA LEU F 145 6.60 -30.38 29.04
C LEU F 145 5.27 -30.68 28.32
N GLU F 146 4.66 -31.83 28.60
CA GLU F 146 3.38 -32.20 27.98
C GLU F 146 2.20 -31.31 28.42
N THR F 147 1.49 -30.75 27.44
CA THR F 147 0.26 -30.02 27.74
C THR F 147 -1.07 -30.75 27.43
N GLY F 148 -1.01 -31.86 26.71
CA GLY F 148 -2.22 -32.52 26.22
C GLY F 148 -2.85 -31.87 25.00
N ILE F 149 -2.19 -30.83 24.47
CA ILE F 149 -2.63 -30.14 23.26
C ILE F 149 -1.91 -30.65 22.01
N LYS F 150 -2.66 -31.29 21.12
CA LYS F 150 -2.08 -31.93 19.94
C LYS F 150 -1.19 -30.97 19.15
N VAL F 151 -1.71 -29.78 18.81
CA VAL F 151 -0.91 -28.83 18.05
C VAL F 151 0.41 -28.60 18.73
N VAL F 152 0.32 -27.92 19.88
CA VAL F 152 1.50 -27.50 20.65
C VAL F 152 2.52 -28.62 20.79
N ASP F 153 2.14 -29.68 21.50
CA ASP F 153 3.05 -30.78 21.76
C ASP F 153 3.80 -31.25 20.51
N LEU F 154 3.10 -31.29 19.37
CA LEU F 154 3.68 -31.75 18.11
C LEU F 154 4.51 -30.68 17.38
N LEU F 155 3.84 -29.58 17.03
CA LEU F 155 4.50 -28.51 16.29
C LEU F 155 5.31 -27.53 17.14
N ALA F 156 4.80 -27.17 18.32
CA ALA F 156 5.48 -26.22 19.20
C ALA F 156 5.38 -26.62 20.67
N PRO F 157 6.22 -27.58 21.10
CA PRO F 157 6.14 -28.11 22.46
C PRO F 157 6.64 -27.10 23.48
N TYR F 158 6.02 -27.07 24.66
CA TYR F 158 6.47 -26.23 25.77
C TYR F 158 7.64 -26.83 26.55
N ILE F 159 8.37 -25.96 27.27
CA ILE F 159 9.51 -26.41 28.07
C ILE F 159 9.39 -26.07 29.56
N LYS F 160 9.73 -27.03 30.42
CA LYS F 160 9.70 -26.76 31.85
C LYS F 160 10.68 -25.64 32.12
N GLY F 161 10.28 -24.68 32.96
CA GLY F 161 11.16 -23.59 33.34
C GLY F 161 11.40 -22.63 32.19
N GLY F 162 10.83 -22.96 31.04
CA GLY F 162 10.90 -22.11 29.86
C GLY F 162 9.73 -21.13 29.72
N LYS F 163 9.93 -20.13 28.86
CA LYS F 163 8.95 -19.06 28.65
C LYS F 163 8.04 -19.33 27.44
N ILE F 164 6.74 -19.38 27.69
CA ILE F 164 5.74 -19.56 26.64
C ILE F 164 5.00 -18.27 26.37
N GLY F 165 5.03 -17.81 25.11
CA GLY F 165 4.11 -16.79 24.69
C GLY F 165 2.88 -17.35 24.02
N LEU F 166 1.74 -16.70 24.24
CA LEU F 166 0.54 -16.97 23.48
C LEU F 166 0.20 -15.69 22.73
N PHE F 167 0.43 -15.67 21.41
CA PHE F 167 0.10 -14.48 20.62
C PHE F 167 -1.27 -14.72 20.04
N GLY F 168 -2.15 -13.74 20.16
CA GLY F 168 -3.44 -13.81 19.49
C GLY F 168 -4.17 -12.47 19.50
N GLY F 169 -5.01 -12.22 18.50
CA GLY F 169 -5.68 -10.94 18.39
C GLY F 169 -6.91 -11.01 19.25
N ALA F 170 -7.86 -10.10 19.01
CA ALA F 170 -9.10 -10.10 19.78
C ALA F 170 -9.96 -11.34 19.52
N GLY F 171 -10.59 -11.85 20.56
CA GLY F 171 -11.50 -12.98 20.44
C GLY F 171 -10.97 -14.16 19.64
N VAL F 172 -9.68 -14.46 19.80
CA VAL F 172 -9.06 -15.60 19.14
C VAL F 172 -8.99 -16.90 19.98
N GLY F 173 -9.25 -16.79 21.29
CA GLY F 173 -9.09 -17.92 22.19
C GLY F 173 -7.86 -17.94 23.12
N LYS F 174 -7.22 -16.80 23.30
CA LYS F 174 -6.07 -16.71 24.20
C LYS F 174 -6.46 -17.21 25.59
N THR F 175 -7.43 -16.49 26.17
CA THR F 175 -7.95 -16.76 27.51
C THR F 175 -8.21 -18.27 27.67
N VAL F 176 -9.16 -18.78 26.90
CA VAL F 176 -9.53 -20.18 26.94
C VAL F 176 -8.34 -21.12 26.85
N LEU F 177 -7.38 -20.80 25.98
CA LEU F 177 -6.16 -21.59 25.86
C LEU F 177 -5.41 -21.60 27.19
N ILE F 178 -5.28 -20.43 27.82
CA ILE F 178 -4.65 -20.37 29.13
C ILE F 178 -5.42 -21.30 30.07
N GLN F 179 -6.73 -21.07 30.20
CA GLN F 179 -7.57 -21.87 31.08
C GLN F 179 -7.29 -23.36 30.86
N GLU F 180 -7.25 -23.78 29.61
CA GLU F 180 -6.98 -25.17 29.31
C GLU F 180 -5.59 -25.58 29.73
N LEU F 181 -4.65 -24.66 29.70
CA LEU F 181 -3.32 -24.98 30.21
C LEU F 181 -3.33 -25.18 31.75
N ILE F 182 -3.82 -24.18 32.48
CA ILE F 182 -3.90 -24.25 33.93
C ILE F 182 -4.64 -25.53 34.30
N HIS F 183 -5.70 -25.81 33.56
CA HIS F 183 -6.47 -27.04 33.70
C HIS F 183 -5.57 -28.26 33.47
N ASN F 184 -4.89 -28.30 32.33
CA ASN F 184 -4.13 -29.47 31.92
C ASN F 184 -2.81 -29.60 32.68
N ILE F 185 -2.29 -28.47 33.13
CA ILE F 185 -0.99 -28.47 33.79
C ILE F 185 -1.09 -28.06 35.25
N ALA F 186 -1.44 -26.80 35.51
CA ALA F 186 -1.34 -26.25 36.86
C ALA F 186 -1.90 -27.23 37.90
N GLN F 187 -3.07 -27.78 37.60
CA GLN F 187 -3.70 -28.78 38.47
C GLN F 187 -2.77 -29.95 38.77
N GLU F 188 -2.26 -30.60 37.71
CA GLU F 188 -1.31 -31.68 37.96
C GLU F 188 0.10 -31.23 37.58
N HIS F 189 0.80 -30.71 38.58
CA HIS F 189 2.22 -30.36 38.53
C HIS F 189 2.88 -30.67 39.88
N GLY F 190 2.28 -30.09 40.92
CA GLY F 190 2.78 -30.18 42.28
C GLY F 190 3.55 -28.91 42.60
N GLY F 191 3.35 -27.89 41.76
CA GLY F 191 4.17 -26.70 41.82
C GLY F 191 3.46 -25.57 42.52
N ILE F 192 4.22 -24.49 42.75
CA ILE F 192 3.67 -23.28 43.33
C ILE F 192 3.20 -22.38 42.19
N SER F 193 1.89 -22.17 42.12
CA SER F 193 1.26 -21.41 41.05
C SER F 193 1.14 -19.93 41.40
N VAL F 194 1.46 -19.06 40.44
CA VAL F 194 1.25 -17.63 40.59
C VAL F 194 0.51 -17.05 39.36
N PHE F 195 -0.75 -16.65 39.53
CA PHE F 195 -1.53 -16.17 38.39
C PHE F 195 -1.81 -14.68 38.51
N ALA F 196 -1.18 -13.88 37.65
CA ALA F 196 -1.43 -12.44 37.65
C ALA F 196 -2.09 -11.98 36.37
N GLY F 197 -3.40 -11.74 36.42
CA GLY F 197 -4.10 -11.12 35.30
C GLY F 197 -3.74 -9.65 35.20
N VAL F 198 -3.15 -9.25 34.08
CA VAL F 198 -2.70 -7.88 33.89
C VAL F 198 -3.56 -7.25 32.84
N GLY F 199 -4.27 -6.18 33.21
CA GLY F 199 -5.06 -5.44 32.25
C GLY F 199 -6.15 -6.30 31.61
N GLU F 200 -6.27 -7.55 32.03
CA GLU F 200 -7.23 -8.42 31.37
C GLU F 200 -8.59 -8.14 31.91
N ARG F 201 -9.53 -9.04 31.62
CA ARG F 201 -10.93 -8.87 32.01
C ARG F 201 -11.16 -8.90 33.52
N THR F 202 -12.24 -8.24 33.94
CA THR F 202 -12.70 -8.29 35.32
C THR F 202 -13.54 -9.55 35.58
N ARG F 203 -14.28 -10.01 34.57
CA ARG F 203 -15.14 -11.19 34.72
C ARG F 203 -14.29 -12.42 35.00
N GLU F 204 -13.23 -12.54 34.21
CA GLU F 204 -12.26 -13.62 34.32
C GLU F 204 -11.82 -13.81 35.76
N GLY F 205 -11.45 -12.70 36.39
CA GLY F 205 -11.05 -12.73 37.79
C GLY F 205 -12.05 -13.48 38.64
N ASN F 206 -13.33 -13.16 38.50
CA ASN F 206 -14.35 -13.85 39.28
C ASN F 206 -14.63 -15.25 38.75
N ASP F 207 -14.56 -15.43 37.43
CA ASP F 207 -14.73 -16.76 36.85
C ASP F 207 -13.66 -17.68 37.38
N LEU F 208 -12.43 -17.18 37.39
CA LEU F 208 -11.26 -17.97 37.77
C LEU F 208 -11.18 -18.20 39.28
N TYR F 209 -11.33 -17.11 40.05
CA TYR F 209 -11.21 -17.14 41.51
C TYR F 209 -12.15 -18.15 42.15
N HIS F 210 -13.38 -18.22 41.62
CA HIS F 210 -14.41 -19.07 42.18
C HIS F 210 -14.42 -20.48 41.61
N GLU F 211 -13.70 -20.69 40.49
CA GLU F 211 -13.40 -22.03 39.96
C GLU F 211 -12.15 -22.62 40.63
N MSE F 212 -11.30 -21.75 41.16
CA MSE F 212 -10.12 -22.17 41.90
C MSE F 212 -10.58 -22.92 43.14
O MSE F 212 -9.96 -23.91 43.56
CB MSE F 212 -9.30 -20.97 42.31
CG MSE F 212 -8.80 -20.11 41.19
SE MSE F 212 -7.40 -20.96 40.15
CE MSE F 212 -6.00 -21.07 41.49
N LYS F 213 -11.66 -22.41 43.74
CA LYS F 213 -12.24 -23.00 44.94
C LYS F 213 -12.87 -24.35 44.62
N ASP F 214 -13.65 -24.42 43.53
CA ASP F 214 -14.20 -25.69 43.07
C ASP F 214 -13.08 -26.74 42.95
N SER F 215 -12.18 -26.50 41.99
CA SER F 215 -11.13 -27.44 41.64
C SER F 215 -10.35 -28.00 42.84
N GLY F 216 -9.97 -27.12 43.78
CA GLY F 216 -9.11 -27.51 44.89
C GLY F 216 -7.64 -27.08 44.94
N VAL F 217 -7.23 -26.09 44.15
CA VAL F 217 -5.94 -25.44 44.35
C VAL F 217 -5.88 -24.08 45.06
N ILE F 218 -6.98 -23.52 45.57
CA ILE F 218 -6.82 -22.14 45.99
C ILE F 218 -6.20 -22.31 47.37
N SER F 219 -4.90 -22.59 47.31
CA SER F 219 -4.01 -22.83 48.43
C SER F 219 -2.68 -22.40 47.87
N LYS F 220 -2.41 -23.18 46.83
CA LYS F 220 -1.17 -23.22 46.07
C LYS F 220 -1.08 -22.21 44.93
N THR F 221 -2.01 -21.27 44.86
CA THR F 221 -1.96 -20.26 43.80
C THR F 221 -2.01 -18.85 44.36
N ALA F 222 -1.18 -17.95 43.85
CA ALA F 222 -1.20 -16.56 44.27
C ALA F 222 -1.96 -15.64 43.29
N MSE F 223 -3.02 -15.01 43.79
CA MSE F 223 -3.90 -14.16 42.95
C MSE F 223 -3.58 -12.65 43.03
O MSE F 223 -3.71 -12.02 44.09
CB MSE F 223 -5.39 -14.43 43.26
CG MSE F 223 -5.80 -15.93 43.26
SE MSE F 223 -5.97 -16.90 41.53
CE MSE F 223 -7.78 -16.32 41.08
N VAL F 224 -3.13 -12.11 41.90
CA VAL F 224 -2.77 -10.69 41.76
C VAL F 224 -3.58 -10.13 40.61
N PHE F 225 -4.29 -9.03 40.83
CA PHE F 225 -5.15 -8.49 39.78
C PHE F 225 -4.95 -7.00 39.48
N GLY F 226 -5.06 -6.66 38.21
CA GLY F 226 -5.56 -5.36 37.82
C GLY F 226 -6.08 -5.54 36.41
N GLN F 227 -7.16 -4.85 36.11
CA GLN F 227 -7.97 -5.14 34.94
C GLN F 227 -8.17 -3.87 34.13
N MSE F 228 -9.13 -3.90 33.21
CA MSE F 228 -9.37 -2.78 32.33
C MSE F 228 -9.81 -1.47 32.98
O MSE F 228 -9.63 -0.41 32.41
CB MSE F 228 -10.38 -3.17 31.27
CG MSE F 228 -9.94 -4.33 30.43
SE MSE F 228 -11.42 -4.66 29.28
CE MSE F 228 -11.36 -6.59 29.15
N ASN F 229 -10.41 -1.53 34.16
CA ASN F 229 -10.90 -0.30 34.75
C ASN F 229 -9.84 0.55 35.49
N GLU F 230 -8.64 0.00 35.70
CA GLU F 230 -7.57 0.70 36.45
C GLU F 230 -6.71 1.54 35.54
N PRO F 231 -6.26 2.70 36.05
CA PRO F 231 -5.49 3.63 35.23
C PRO F 231 -4.19 3.01 34.77
N PRO F 232 -3.42 3.74 33.93
CA PRO F 232 -2.20 3.19 33.33
C PRO F 232 -1.16 2.78 34.37
N GLY F 233 -0.88 3.69 35.30
CA GLY F 233 0.13 3.42 36.29
C GLY F 233 -0.08 2.04 36.87
N ALA F 234 -1.33 1.70 37.13
CA ALA F 234 -1.65 0.41 37.73
C ALA F 234 -1.08 -0.74 36.91
N ARG F 235 -1.62 -0.92 35.70
CA ARG F 235 -1.21 -1.99 34.83
C ARG F 235 0.30 -1.96 34.58
N MSE F 236 0.87 -0.78 34.79
CA MSE F 236 2.30 -0.57 34.64
C MSE F 236 3.10 -1.52 35.50
O MSE F 236 4.11 -2.05 35.06
CB MSE F 236 2.66 0.84 35.06
CG MSE F 236 2.36 1.91 34.07
SE MSE F 236 3.53 1.57 32.62
CE MSE F 236 5.19 2.48 33.16
N ARG F 237 2.68 -1.67 36.77
CA ARG F 237 3.37 -2.53 37.73
C ARG F 237 2.79 -3.89 38.15
N VAL F 238 1.53 -4.18 37.80
CA VAL F 238 0.87 -5.43 38.22
C VAL F 238 1.61 -6.68 37.75
N ALA F 239 2.41 -6.48 36.70
CA ALA F 239 3.28 -7.50 36.12
C ALA F 239 4.60 -7.60 36.88
N LEU F 240 4.98 -6.54 37.56
CA LEU F 240 6.12 -6.59 38.47
C LEU F 240 5.70 -7.20 39.82
N THR F 241 4.56 -6.72 40.34
CA THR F 241 4.03 -7.14 41.63
C THR F 241 3.88 -8.66 41.65
N GLY F 242 3.22 -9.20 40.63
CA GLY F 242 3.06 -10.63 40.53
C GLY F 242 4.37 -11.34 40.30
N LEU F 243 5.30 -10.70 39.62
CA LEU F 243 6.57 -11.37 39.37
C LEU F 243 7.30 -11.52 40.68
N THR F 244 7.37 -10.45 41.45
CA THR F 244 8.06 -10.52 42.73
C THR F 244 7.54 -11.67 43.60
N MSE F 245 6.25 -11.97 43.50
CA MSE F 245 5.60 -13.09 44.20
C MSE F 245 6.27 -14.41 43.86
O MSE F 245 6.75 -15.11 44.75
CB MSE F 245 4.13 -13.22 43.82
CG MSE F 245 3.29 -11.97 43.98
SE MSE F 245 2.40 -11.82 45.70
CE MSE F 245 0.90 -13.04 45.45
N ALA F 246 6.29 -14.74 42.57
CA ALA F 246 6.94 -15.97 42.10
C ALA F 246 8.45 -15.96 42.40
N GLU F 247 9.06 -14.79 42.27
CA GLU F 247 10.48 -14.63 42.55
C GLU F 247 10.82 -15.05 43.98
N TYR F 248 9.84 -14.89 44.88
CA TYR F 248 9.99 -15.36 46.24
C TYR F 248 10.26 -16.88 46.28
N PHE F 249 9.26 -17.67 45.88
CA PHE F 249 9.36 -19.13 45.92
C PHE F 249 10.57 -19.69 45.12
N ARG F 250 11.05 -18.91 44.17
CA ARG F 250 12.20 -19.32 43.40
C ARG F 250 13.52 -19.07 44.12
N ASP F 251 13.70 -17.85 44.62
CA ASP F 251 14.96 -17.43 45.23
C ASP F 251 15.03 -17.54 46.76
N GLU F 252 13.89 -17.77 47.42
CA GLU F 252 13.84 -17.93 48.87
C GLU F 252 13.62 -19.35 49.44
N GLN F 253 13.37 -20.32 48.56
CA GLN F 253 12.97 -21.66 48.99
C GLN F 253 13.51 -22.78 48.09
N GLN F 255 11.75 -23.90 44.99
CA GLN F 255 10.81 -24.75 44.28
C GLN F 255 10.45 -24.14 42.92
N ASP F 256 9.94 -24.99 42.02
CA ASP F 256 9.53 -24.59 40.67
C ASP F 256 8.21 -23.83 40.74
N VAL F 257 8.02 -22.90 39.79
CA VAL F 257 6.83 -22.05 39.83
C VAL F 257 6.23 -21.85 38.46
N LEU F 258 4.90 -21.88 38.39
CA LEU F 258 4.19 -21.61 37.14
C LEU F 258 3.64 -20.20 37.16
N LEU F 259 4.24 -19.32 36.38
CA LEU F 259 3.82 -17.92 36.37
C LEU F 259 2.85 -17.68 35.23
N PHE F 260 1.57 -17.50 35.56
CA PHE F 260 0.58 -17.23 34.54
C PHE F 260 0.27 -15.76 34.50
N ILE F 261 0.81 -15.12 33.46
CA ILE F 261 0.61 -13.69 33.21
C ILE F 261 -0.36 -13.58 32.06
N ASP F 262 -1.53 -13.00 32.32
CA ASP F 262 -2.56 -12.84 31.30
C ASP F 262 -2.49 -11.48 30.60
N ASN F 263 -2.14 -11.51 29.31
CA ASN F 263 -1.85 -10.31 28.51
C ASN F 263 -0.71 -9.41 29.00
N ILE F 264 0.52 -9.85 28.82
CA ILE F 264 1.65 -9.01 29.13
C ILE F 264 1.61 -7.78 28.23
N PHE F 265 0.71 -7.79 27.27
CA PHE F 265 0.57 -6.67 26.36
C PHE F 265 0.09 -5.47 27.16
N ARG F 266 -0.90 -5.68 28.00
CA ARG F 266 -1.47 -4.57 28.74
C ARG F 266 -0.43 -3.80 29.51
N PHE F 267 0.66 -4.46 29.88
CA PHE F 267 1.77 -3.77 30.52
C PHE F 267 2.35 -2.70 29.56
N THR F 268 2.79 -3.13 28.38
CA THR F 268 3.41 -2.23 27.42
C THR F 268 2.39 -1.21 26.98
N GLN F 269 1.15 -1.68 26.80
CA GLN F 269 0.06 -0.81 26.37
C GLN F 269 -0.10 0.33 27.34
N ALA F 270 -0.35 0.00 28.59
CA ALA F 270 -0.49 1.04 29.59
C ALA F 270 0.74 1.92 29.48
N GLY F 271 1.87 1.31 29.08
CA GLY F 271 3.11 2.04 29.01
C GLY F 271 2.97 3.28 28.16
N SER F 272 2.54 3.08 26.92
CA SER F 272 2.37 4.19 26.00
C SER F 272 1.43 5.25 26.58
N GLU F 273 0.51 4.83 27.43
CA GLU F 273 -0.46 5.74 28.02
C GLU F 273 0.24 6.81 28.85
N VAL F 274 1.27 6.37 29.59
CA VAL F 274 2.07 7.27 30.42
C VAL F 274 3.20 7.98 29.64
N SER F 275 3.80 7.25 28.70
CA SER F 275 4.97 7.72 27.93
C SER F 275 4.77 9.12 27.33
N ALA F 276 3.53 9.40 26.94
CA ALA F 276 3.21 10.70 26.39
C ALA F 276 3.38 11.77 27.45
N LEU F 277 2.73 11.56 28.60
CA LEU F 277 2.70 12.52 29.70
C LEU F 277 4.05 12.71 30.38
N LEU F 278 4.92 11.70 30.30
CA LEU F 278 6.28 11.82 30.80
C LEU F 278 7.04 12.92 30.06
N GLY F 279 6.52 13.33 28.91
CA GLY F 279 7.22 14.26 28.03
C GLY F 279 8.30 13.50 27.28
N ARG F 280 7.93 12.37 26.69
CA ARG F 280 8.87 11.54 25.95
C ARG F 280 8.65 11.76 24.45
N MSE F 281 9.71 11.59 23.67
CA MSE F 281 9.60 11.61 22.21
C MSE F 281 8.95 10.30 21.74
O MSE F 281 9.50 9.21 21.94
CB MSE F 281 10.97 11.75 21.56
CG MSE F 281 11.75 12.97 21.94
SE MSE F 281 11.29 14.56 20.91
CE MSE F 281 10.37 13.67 19.42
N PRO F 282 7.80 10.39 21.10
CA PRO F 282 7.15 9.15 20.69
C PRO F 282 8.02 8.39 19.69
N SER F 283 8.01 7.06 19.81
CA SER F 283 8.64 6.15 18.85
C SER F 283 7.68 5.65 17.73
N ALA F 284 8.09 4.63 17.00
CA ALA F 284 7.27 4.11 15.92
C ALA F 284 5.86 3.82 16.43
N VAL F 285 4.84 4.24 15.67
CA VAL F 285 3.45 3.96 16.05
C VAL F 285 3.00 4.81 17.23
N GLY F 286 3.90 5.64 17.75
CA GLY F 286 3.57 6.46 18.89
C GLY F 286 3.79 5.75 20.23
N TYR F 287 4.54 4.64 20.20
CA TYR F 287 4.91 3.92 21.40
C TYR F 287 6.10 4.58 22.10
N GLN F 288 6.19 4.33 23.41
CA GLN F 288 7.31 4.81 24.23
C GLN F 288 8.68 4.41 23.68
N PRO F 289 9.59 5.38 23.54
CA PRO F 289 10.95 5.21 23.00
C PRO F 289 11.76 4.21 23.79
N THR F 290 11.24 3.87 24.96
CA THR F 290 11.82 2.82 25.79
C THR F 290 11.14 1.46 25.74
N LEU F 291 10.14 1.30 24.88
CA LEU F 291 9.31 0.09 24.90
C LEU F 291 10.17 -1.17 25.04
N ALA F 292 11.22 -1.27 24.21
CA ALA F 292 12.08 -2.45 24.18
C ALA F 292 12.68 -2.76 25.54
N THR F 293 13.51 -1.84 26.01
CA THR F 293 14.18 -1.98 27.32
C THR F 293 13.25 -2.23 28.52
N GLU F 294 12.15 -1.49 28.59
CA GLU F 294 11.12 -1.65 29.64
C GLU F 294 10.61 -3.07 29.71
N MSE F 295 10.56 -3.73 28.55
CA MSE F 295 10.22 -5.13 28.52
C MSE F 295 11.40 -6.05 28.81
O MSE F 295 11.22 -7.17 29.26
CB MSE F 295 9.59 -5.54 27.20
CG MSE F 295 9.03 -6.94 27.29
SE MSE F 295 7.76 -7.39 25.93
CE MSE F 295 6.82 -5.68 25.75
N GLY F 296 12.60 -5.57 28.52
CA GLY F 296 13.78 -6.35 28.81
C GLY F 296 13.99 -6.48 30.31
N GLN F 297 13.77 -5.36 31.01
CA GLN F 297 13.85 -5.33 32.47
C GLN F 297 12.67 -6.02 33.12
N LEU F 298 11.57 -6.22 32.40
CA LEU F 298 10.61 -7.17 32.92
C LEU F 298 10.48 -8.30 31.93
N GLN F 299 11.41 -9.23 31.90
CA GLN F 299 11.21 -10.53 31.27
C GLN F 299 12.18 -11.50 31.90
N GLU F 300 13.45 -11.18 31.67
CA GLU F 300 14.58 -11.96 32.17
C GLU F 300 14.39 -12.26 33.64
N ARG F 301 13.74 -11.34 34.35
CA ARG F 301 13.34 -11.58 35.73
C ARG F 301 12.42 -12.81 35.80
N ILE F 302 11.58 -12.98 34.79
CA ILE F 302 10.75 -14.16 34.75
C ILE F 302 11.66 -15.14 34.02
N THR F 303 12.37 -15.92 34.84
CA THR F 303 13.31 -16.95 34.37
C THR F 303 13.62 -17.92 35.50
N SER F 304 14.08 -19.11 35.12
CA SER F 304 14.48 -20.09 36.08
C SER F 304 15.99 -19.98 36.27
N THR F 305 16.44 -20.21 37.50
CA THR F 305 17.85 -20.15 37.90
C THR F 305 18.38 -21.48 38.44
N ALA F 306 19.58 -21.45 39.01
CA ALA F 306 20.05 -22.60 39.78
C ALA F 306 19.36 -22.75 41.15
N LYS F 307 18.59 -21.74 41.56
CA LYS F 307 17.90 -21.71 42.85
C LYS F 307 16.50 -22.31 42.70
N GLY F 308 15.71 -21.68 41.83
CA GLY F 308 14.38 -22.20 41.54
C GLY F 308 14.00 -22.03 40.09
N SER F 309 12.99 -22.79 39.67
CA SER F 309 12.55 -22.81 38.28
C SER F 309 11.24 -22.07 38.09
N ILE F 310 11.13 -21.37 36.97
CA ILE F 310 9.93 -20.63 36.67
C ILE F 310 9.45 -20.96 35.26
N THR F 311 8.33 -21.67 35.17
CA THR F 311 7.73 -21.97 33.87
C THR F 311 6.57 -21.01 33.69
N SER F 312 6.75 -20.04 32.79
CA SER F 312 5.74 -19.02 32.62
C SER F 312 5.04 -19.11 31.26
N ILE F 313 3.75 -18.83 31.27
CA ILE F 313 2.95 -18.82 30.05
C ILE F 313 2.26 -17.46 30.00
N GLN F 314 2.64 -16.62 29.04
CA GLN F 314 2.02 -15.30 28.95
C GLN F 314 1.07 -15.10 27.74
N ALA F 315 -0.13 -14.61 28.01
CA ALA F 315 -1.04 -14.20 26.95
C ALA F 315 -0.52 -12.92 26.30
N ILE F 316 -0.39 -12.93 24.97
CA ILE F 316 0.05 -11.75 24.22
C ILE F 316 -1.02 -11.30 23.21
N TYR F 317 -1.68 -10.19 23.52
CA TYR F 317 -2.71 -9.67 22.65
C TYR F 317 -2.04 -9.13 21.39
N VAL F 318 -2.67 -9.30 20.24
CA VAL F 318 -2.16 -8.71 18.98
C VAL F 318 -3.07 -7.56 18.53
N PRO F 319 -2.56 -6.31 18.65
CA PRO F 319 -3.37 -5.15 18.29
C PRO F 319 -3.70 -5.14 16.79
N ALA F 320 -4.98 -5.07 16.47
CA ALA F 320 -5.41 -5.09 15.08
C ALA F 320 -4.83 -6.27 14.28
N ASP F 321 -4.61 -7.40 14.93
CA ASP F 321 -4.05 -8.55 14.23
C ASP F 321 -2.79 -8.20 13.44
N ASP F 322 -1.93 -7.37 14.03
CA ASP F 322 -0.67 -7.04 13.39
C ASP F 322 0.52 -7.53 14.18
N TYR F 323 1.12 -8.62 13.73
CA TYR F 323 2.25 -9.17 14.45
C TYR F 323 3.49 -8.30 14.27
N THR F 324 3.37 -7.22 13.49
CA THR F 324 4.52 -6.34 13.30
C THR F 324 4.53 -5.19 14.29
N ASP F 325 3.48 -5.14 15.12
CA ASP F 325 3.33 -4.11 16.14
C ASP F 325 4.39 -4.19 17.22
N PRO F 326 4.98 -3.04 17.59
CA PRO F 326 6.13 -3.12 18.49
C PRO F 326 5.87 -4.01 19.71
N ALA F 327 4.67 -3.97 20.29
CA ALA F 327 4.44 -4.77 21.50
C ALA F 327 4.69 -6.29 21.33
N PRO F 328 3.86 -6.98 20.54
CA PRO F 328 4.13 -8.42 20.51
C PRO F 328 5.41 -8.73 19.75
N ALA F 329 5.73 -7.91 18.76
CA ALA F 329 6.94 -8.13 17.96
C ALA F 329 8.11 -8.28 18.89
N THR F 330 8.37 -7.20 19.61
CA THR F 330 9.49 -7.11 20.53
C THR F 330 9.43 -8.22 21.57
N THR F 331 8.23 -8.74 21.81
CA THR F 331 8.01 -9.79 22.80
C THR F 331 8.58 -11.14 22.39
N PHE F 332 8.56 -11.41 21.08
CA PHE F 332 8.98 -12.70 20.49
C PHE F 332 10.36 -13.18 20.93
N SER F 333 11.30 -12.24 21.04
CA SER F 333 12.68 -12.53 21.30
C SER F 333 12.84 -12.78 22.79
N HIS F 334 11.71 -12.78 23.48
CA HIS F 334 11.61 -13.19 24.89
C HIS F 334 11.07 -14.62 25.27
N LEU F 335 10.87 -15.51 24.30
CA LEU F 335 10.23 -16.77 24.62
C LEU F 335 11.01 -17.97 24.10
N ASP F 336 10.90 -19.11 24.80
CA ASP F 336 11.50 -20.35 24.31
C ASP F 336 10.50 -21.14 23.49
N ALA F 337 9.23 -20.79 23.62
CA ALA F 337 8.20 -21.46 22.84
C ALA F 337 7.08 -20.46 22.60
N THR F 338 6.51 -20.49 21.39
CA THR F 338 5.39 -19.61 21.04
C THR F 338 4.20 -20.33 20.44
N THR F 339 3.04 -19.76 20.69
CA THR F 339 1.85 -20.25 20.05
C THR F 339 1.11 -19.04 19.50
N ASN F 340 1.20 -18.86 18.18
CA ASN F 340 0.61 -17.71 17.48
C ASN F 340 -0.77 -18.03 16.96
N LEU F 341 -1.76 -17.33 17.47
CA LEU F 341 -3.14 -17.58 17.10
C LEU F 341 -3.61 -16.71 15.94
N GLU F 342 -4.29 -17.34 14.99
CA GLU F 342 -4.80 -16.65 13.80
C GLU F 342 -6.31 -16.56 13.75
N ARG F 343 -6.79 -15.39 13.35
CA ARG F 343 -8.21 -15.19 13.24
C ARG F 343 -8.78 -16.06 12.13
N LYS F 344 -8.04 -16.18 11.03
CA LYS F 344 -8.50 -17.02 9.92
C LYS F 344 -8.86 -18.37 10.49
N LEU F 345 -7.87 -19.10 10.97
CA LEU F 345 -8.09 -20.44 11.48
C LEU F 345 -9.27 -20.45 12.44
N ALA F 346 -9.46 -19.37 13.16
CA ALA F 346 -10.57 -19.30 14.08
C ALA F 346 -11.94 -19.35 13.39
N GLU F 347 -12.11 -18.58 12.33
CA GLU F 347 -13.38 -18.56 11.62
C GLU F 347 -13.56 -19.88 10.85
N MSE F 348 -12.46 -20.56 10.53
CA MSE F 348 -12.49 -21.88 9.87
C MSE F 348 -13.17 -22.85 10.79
O MSE F 348 -13.69 -23.87 10.36
CB MSE F 348 -11.09 -22.42 9.60
CG MSE F 348 -10.29 -21.70 8.54
SE MSE F 348 -11.22 -21.76 6.86
CE MSE F 348 -10.49 -23.40 6.11
N GLY F 349 -13.13 -22.52 12.07
CA GLY F 349 -13.65 -23.38 13.10
C GLY F 349 -12.53 -24.21 13.70
N ILE F 350 -11.29 -23.86 13.38
CA ILE F 350 -10.17 -24.65 13.85
C ILE F 350 -9.80 -24.06 15.20
N TYR F 351 -10.04 -24.82 16.27
CA TYR F 351 -9.67 -24.37 17.60
C TYR F 351 -8.87 -25.44 18.31
N PRO F 352 -7.82 -25.01 19.02
CA PRO F 352 -7.41 -23.61 19.14
C PRO F 352 -6.94 -23.09 17.79
N ALA F 353 -7.12 -21.81 17.48
CA ALA F 353 -6.71 -21.40 16.14
C ALA F 353 -5.24 -21.06 16.27
N VAL F 354 -4.41 -22.03 15.92
CA VAL F 354 -2.97 -21.96 16.20
C VAL F 354 -2.30 -22.16 14.87
N ASP F 355 -1.40 -21.26 14.56
CA ASP F 355 -0.74 -21.32 13.30
C ASP F 355 0.18 -22.49 13.40
N PRO F 356 -0.05 -23.50 12.55
CA PRO F 356 0.82 -24.67 12.50
C PRO F 356 2.21 -24.42 11.84
N LEU F 357 2.32 -23.34 11.06
CA LEU F 357 3.60 -22.92 10.48
C LEU F 357 4.30 -21.70 11.13
N ALA F 358 3.69 -21.11 12.15
CA ALA F 358 4.22 -19.90 12.80
C ALA F 358 4.70 -20.27 14.19
N SER F 359 3.82 -20.87 14.98
CA SER F 359 4.17 -21.34 16.32
C SER F 359 5.47 -22.13 16.27
N THR F 360 6.33 -21.89 17.25
CA THR F 360 7.61 -22.55 17.28
C THR F 360 7.98 -22.92 18.71
N SER F 361 9.07 -23.67 18.84
CA SER F 361 9.63 -24.01 20.13
C SER F 361 11.08 -24.38 19.92
N ARG F 362 11.94 -24.08 20.89
CA ARG F 362 13.35 -24.49 20.78
C ARG F 362 13.46 -25.99 20.98
N ALA F 363 12.34 -26.62 21.30
CA ALA F 363 12.29 -28.03 21.63
C ALA F 363 12.27 -28.95 20.41
N LEU F 364 11.89 -28.42 19.26
CA LEU F 364 11.66 -29.23 18.08
C LEU F 364 12.88 -30.05 17.65
N ALA F 365 13.98 -29.98 18.38
CA ALA F 365 15.19 -30.74 18.04
C ALA F 365 15.11 -32.28 18.19
N PRO F 366 15.73 -33.03 17.24
CA PRO F 366 15.95 -34.46 17.43
C PRO F 366 16.74 -34.67 18.72
N GLU F 367 17.48 -33.63 19.11
CA GLU F 367 18.33 -33.66 20.28
C GLU F 367 17.53 -33.28 21.50
N ILE F 368 16.22 -33.18 21.31
CA ILE F 368 15.31 -32.86 22.38
C ILE F 368 14.04 -33.73 22.40
N VAL F 369 13.31 -33.74 21.29
CA VAL F 369 12.03 -34.44 21.19
C VAL F 369 12.13 -35.85 20.61
N GLY F 370 13.32 -36.24 20.19
CA GLY F 370 13.49 -37.54 19.57
C GLY F 370 13.27 -37.42 18.08
N GLU F 371 13.81 -38.39 17.32
CA GLU F 371 13.68 -38.36 15.86
C GLU F 371 12.26 -38.57 15.44
N GLU F 372 11.66 -39.66 15.89
CA GLU F 372 10.31 -39.99 15.45
C GLU F 372 9.38 -38.80 15.58
N HIS F 373 9.44 -38.12 16.71
CA HIS F 373 8.52 -37.02 16.97
C HIS F 373 8.89 -35.82 16.09
N TYR F 374 10.20 -35.62 15.90
CA TYR F 374 10.75 -34.58 15.02
C TYR F 374 10.24 -34.71 13.57
N GLN F 375 10.67 -35.77 12.88
CA GLN F 375 10.31 -35.94 11.49
C GLN F 375 8.82 -35.81 11.24
N VAL F 376 7.96 -36.51 11.98
CA VAL F 376 6.53 -36.24 11.85
C VAL F 376 6.25 -34.74 11.97
N ALA F 377 6.83 -34.14 13.01
CA ALA F 377 6.63 -32.73 13.27
C ALA F 377 6.78 -31.97 11.96
N ARG F 378 7.97 -32.00 11.36
CA ARG F 378 8.19 -31.30 10.09
C ARG F 378 7.31 -31.84 8.94
N LYS F 379 7.14 -33.16 8.90
CA LYS F 379 6.32 -33.79 7.87
C LYS F 379 4.94 -33.13 7.82
N VAL F 380 4.34 -32.91 8.98
CA VAL F 380 3.05 -32.25 9.04
C VAL F 380 3.20 -30.87 8.45
N GLN F 381 4.12 -30.11 9.03
CA GLN F 381 4.34 -28.74 8.60
C GLN F 381 4.62 -28.71 7.12
N GLN F 382 5.43 -29.65 6.62
CA GLN F 382 5.77 -29.66 5.21
C GLN F 382 4.49 -29.69 4.39
N THR F 383 3.65 -30.68 4.65
CA THR F 383 2.46 -30.86 3.85
C THR F 383 1.43 -29.74 4.09
N LEU F 384 1.50 -29.10 5.25
CA LEU F 384 0.60 -27.97 5.50
C LEU F 384 0.98 -26.75 4.66
N GLN F 385 2.29 -26.54 4.51
CA GLN F 385 2.84 -25.46 3.68
C GLN F 385 2.55 -25.69 2.22
N ARG F 386 2.80 -26.93 1.75
CA ARG F 386 2.58 -27.31 0.37
C ARG F 386 1.12 -27.06 -0.04
N TYR F 387 0.23 -27.22 0.92
CA TYR F 387 -1.18 -26.89 0.75
C TYR F 387 -1.38 -25.38 0.75
N LYS F 388 -0.58 -24.68 1.55
CA LYS F 388 -0.69 -23.24 1.65
C LYS F 388 -0.39 -22.62 0.30
N GLU F 389 0.69 -23.06 -0.34
CA GLU F 389 1.09 -22.49 -1.60
C GLU F 389 0.01 -22.74 -2.66
N LEU F 390 -0.59 -23.93 -2.61
CA LEU F 390 -1.56 -24.32 -3.62
C LEU F 390 -2.79 -23.44 -3.57
N GLN F 391 -3.03 -22.83 -2.41
CA GLN F 391 -4.28 -22.14 -2.22
C GLN F 391 -4.61 -21.09 -3.26
N ASP F 392 -3.66 -20.29 -3.75
CA ASP F 392 -4.11 -19.33 -4.76
C ASP F 392 -4.75 -20.00 -5.99
N ILE F 393 -4.21 -21.13 -6.42
CA ILE F 393 -4.77 -21.81 -7.59
C ILE F 393 -6.17 -22.27 -7.26
N ILE F 394 -6.31 -22.96 -6.14
CA ILE F 394 -7.60 -23.45 -5.75
C ILE F 394 -8.57 -22.28 -5.75
N ALA F 395 -8.13 -21.12 -5.27
CA ALA F 395 -9.04 -20.00 -5.09
C ALA F 395 -9.42 -19.39 -6.42
N ILE F 396 -8.65 -19.71 -7.44
CA ILE F 396 -8.87 -19.18 -8.80
C ILE F 396 -9.43 -20.22 -9.79
N LEU F 397 -8.71 -21.32 -9.95
CA LEU F 397 -9.10 -22.45 -10.79
C LEU F 397 -9.76 -23.67 -10.14
N GLY F 398 -10.03 -23.63 -8.84
CA GLY F 398 -10.64 -24.77 -8.15
C GLY F 398 -9.60 -25.88 -8.09
N MSE F 399 -10.01 -27.13 -7.86
CA MSE F 399 -9.00 -28.17 -7.79
C MSE F 399 -8.80 -28.95 -9.07
O MSE F 399 -8.02 -29.90 -9.11
CB MSE F 399 -9.24 -29.06 -6.61
CG MSE F 399 -8.98 -28.31 -5.37
SE MSE F 399 -9.25 -29.45 -3.90
CE MSE F 399 -11.08 -28.93 -3.43
N ASP F 400 -9.50 -28.52 -10.11
CA ASP F 400 -9.59 -29.27 -11.35
C ASP F 400 -8.28 -29.43 -12.04
N GLU F 401 -7.49 -28.37 -12.09
CA GLU F 401 -6.22 -28.46 -12.80
C GLU F 401 -5.01 -28.90 -11.95
N LEU F 402 -5.25 -29.26 -10.70
CA LEU F 402 -4.18 -29.80 -9.86
C LEU F 402 -3.87 -31.24 -10.18
N SER F 403 -2.61 -31.62 -9.99
CA SER F 403 -2.19 -32.99 -10.25
C SER F 403 -2.83 -34.00 -9.29
N ASP F 404 -2.81 -35.27 -9.70
CA ASP F 404 -3.35 -36.33 -8.88
C ASP F 404 -2.48 -36.50 -7.64
N GLU F 405 -1.28 -35.92 -7.70
CA GLU F 405 -0.36 -35.86 -6.55
C GLU F 405 -0.58 -34.67 -5.59
N ASP F 406 -0.96 -33.51 -6.13
CA ASP F 406 -1.17 -32.31 -5.32
C ASP F 406 -2.51 -32.38 -4.65
N LYS F 407 -3.44 -33.06 -5.30
CA LYS F 407 -4.75 -33.23 -4.74
C LYS F 407 -4.63 -34.01 -3.44
N LEU F 408 -3.95 -35.14 -3.50
CA LEU F 408 -3.75 -35.96 -2.31
C LEU F 408 -3.26 -35.07 -1.17
N VAL F 409 -2.28 -34.23 -1.48
CA VAL F 409 -1.71 -33.29 -0.52
C VAL F 409 -2.75 -32.30 0.00
N VAL F 410 -3.78 -32.04 -0.79
CA VAL F 410 -4.86 -31.15 -0.38
C VAL F 410 -5.77 -31.81 0.64
N HIS F 411 -5.96 -33.12 0.49
CA HIS F 411 -6.82 -33.91 1.39
C HIS F 411 -6.12 -34.11 2.74
N ARG F 412 -4.99 -34.80 2.70
CA ARG F 412 -4.16 -34.97 3.88
C ARG F 412 -4.07 -33.65 4.63
N ALA F 413 -3.47 -32.66 3.99
CA ALA F 413 -3.27 -31.37 4.61
C ALA F 413 -4.51 -30.95 5.38
N ARG F 414 -5.63 -30.82 4.68
CA ARG F 414 -6.90 -30.45 5.33
C ARG F 414 -7.20 -31.28 6.55
N ARG F 415 -7.36 -32.57 6.35
CA ARG F 415 -7.62 -33.46 7.46
C ARG F 415 -6.59 -33.34 8.59
N ILE F 416 -5.34 -33.05 8.26
CA ILE F 416 -4.31 -32.79 9.28
C ILE F 416 -4.52 -31.45 9.98
N GLN F 417 -4.93 -30.45 9.21
CA GLN F 417 -5.25 -29.12 9.72
C GLN F 417 -6.52 -29.12 10.56
N PHE F 418 -7.39 -30.10 10.30
CA PHE F 418 -8.59 -30.34 11.11
C PHE F 418 -8.33 -31.14 12.38
N PHE F 419 -7.45 -32.14 12.28
CA PHE F 419 -7.12 -32.98 13.42
C PHE F 419 -6.34 -32.17 14.41
N LEU F 420 -5.81 -31.05 13.93
CA LEU F 420 -5.11 -30.11 14.80
C LEU F 420 -6.08 -29.34 15.70
N SER F 421 -7.37 -29.55 15.46
CA SER F 421 -8.40 -29.00 16.32
C SER F 421 -8.47 -29.89 17.53
N GLN F 422 -8.99 -29.33 18.62
CA GLN F 422 -9.03 -30.03 19.88
C GLN F 422 -10.24 -29.66 20.70
N ASN F 423 -10.65 -30.58 21.57
CA ASN F 423 -11.71 -30.32 22.52
C ASN F 423 -11.10 -29.83 23.81
N PHE F 424 -11.34 -28.57 24.13
CA PHE F 424 -10.83 -28.00 25.36
C PHE F 424 -11.89 -28.14 26.43
N HIS F 425 -11.49 -28.71 27.56
CA HIS F 425 -12.39 -28.87 28.66
C HIS F 425 -13.03 -27.53 28.98
N VAL F 426 -12.33 -26.44 28.74
CA VAL F 426 -12.94 -25.19 29.13
C VAL F 426 -13.56 -24.65 27.85
N ALA F 427 -14.66 -25.28 27.49
CA ALA F 427 -15.34 -25.07 26.21
C ALA F 427 -16.78 -25.47 26.40
N GLU F 428 -16.83 -26.68 26.96
CA GLU F 428 -17.98 -27.58 27.03
C GLU F 428 -19.29 -26.84 27.24
N GLN F 429 -19.37 -26.10 28.35
CA GLN F 429 -20.56 -25.35 28.73
C GLN F 429 -21.17 -24.65 27.51
N PHE F 430 -20.33 -24.19 26.59
CA PHE F 430 -20.85 -23.65 25.34
C PHE F 430 -21.29 -24.81 24.45
N THR F 431 -20.31 -25.42 23.77
CA THR F 431 -20.57 -26.34 22.66
C THR F 431 -21.37 -27.51 23.16
N GLY F 432 -20.95 -28.01 24.32
CA GLY F 432 -21.60 -29.15 24.94
C GLY F 432 -20.77 -30.42 24.89
N GLN F 433 -19.64 -30.35 24.17
CA GLN F 433 -18.72 -31.49 24.08
C GLN F 433 -17.86 -31.59 25.34
N PRO F 434 -17.56 -32.82 25.77
CA PRO F 434 -16.87 -32.96 27.05
C PRO F 434 -15.45 -32.42 27.13
N GLY F 435 -14.52 -33.02 26.39
CA GLY F 435 -13.15 -32.52 26.30
C GLY F 435 -12.14 -33.65 26.22
N SER F 436 -10.88 -33.34 25.94
CA SER F 436 -9.82 -34.36 25.91
C SER F 436 -8.36 -33.89 26.08
N TYR F 437 -7.57 -34.68 26.78
CA TYR F 437 -6.13 -34.43 26.89
C TYR F 437 -5.45 -35.52 26.08
N VAL F 438 -4.89 -35.14 24.94
CA VAL F 438 -4.24 -36.13 24.09
C VAL F 438 -2.75 -36.33 24.42
N PRO F 439 -2.40 -37.54 24.88
CA PRO F 439 -1.01 -37.81 25.25
C PRO F 439 -0.13 -37.50 24.08
N VAL F 440 1.14 -37.21 24.37
CA VAL F 440 2.08 -36.89 23.31
C VAL F 440 2.34 -38.08 22.37
N LYS F 441 2.55 -39.26 22.95
CA LYS F 441 2.74 -40.46 22.13
C LYS F 441 1.55 -40.70 21.19
N GLU F 442 0.36 -40.37 21.67
CA GLU F 442 -0.85 -40.59 20.87
C GLU F 442 -1.05 -39.51 19.77
N THR F 443 -0.66 -38.26 20.04
CA THR F 443 -0.65 -37.21 19.00
C THR F 443 0.36 -37.61 17.94
N VAL F 444 1.61 -37.86 18.35
CA VAL F 444 2.67 -38.24 17.43
C VAL F 444 2.19 -39.35 16.52
N ARG F 445 1.62 -40.39 17.12
CA ARG F 445 1.14 -41.54 16.37
C ARG F 445 -0.02 -41.15 15.46
N GLY F 446 -1.01 -40.47 16.02
CA GLY F 446 -2.19 -40.14 15.26
C GLY F 446 -1.86 -39.49 13.93
N PHE F 447 -1.02 -38.48 13.96
CA PHE F 447 -0.61 -37.80 12.73
C PHE F 447 0.19 -38.74 11.81
N LYS F 448 1.03 -39.60 12.38
CA LYS F 448 1.79 -40.54 11.57
C LYS F 448 0.83 -41.21 10.60
N GLU F 449 -0.11 -41.98 11.15
CA GLU F 449 -1.05 -42.73 10.33
C GLU F 449 -1.67 -41.84 9.25
N ILE F 450 -1.98 -40.61 9.61
CA ILE F 450 -2.64 -39.70 8.67
C ILE F 450 -1.71 -39.33 7.54
N LEU F 451 -0.46 -39.03 7.88
CA LEU F 451 0.59 -38.79 6.90
C LEU F 451 0.93 -40.07 6.14
N GLU F 452 0.77 -41.20 6.84
CA GLU F 452 1.06 -42.51 6.28
C GLU F 452 -0.13 -43.08 5.52
N GLY F 453 -1.26 -42.38 5.54
CA GLY F 453 -2.40 -42.71 4.71
C GLY F 453 -3.31 -43.90 5.06
N LYS F 454 -3.47 -44.17 6.36
CA LYS F 454 -4.40 -45.22 6.79
C LYS F 454 -5.80 -44.62 6.80
N TYR F 455 -5.85 -43.30 6.88
CA TYR F 455 -7.12 -42.61 6.93
C TYR F 455 -7.61 -41.91 5.67
N ASP F 456 -6.89 -42.06 4.57
CA ASP F 456 -7.24 -41.29 3.36
C ASP F 456 -8.69 -41.53 2.87
N HIS F 457 -9.36 -42.54 3.43
CA HIS F 457 -10.77 -42.82 3.12
C HIS F 457 -11.78 -41.97 3.91
N LEU F 458 -11.50 -41.75 5.19
CA LEU F 458 -12.40 -41.03 6.07
C LEU F 458 -12.57 -39.57 5.63
N PRO F 459 -13.81 -39.05 5.67
CA PRO F 459 -14.10 -37.66 5.32
C PRO F 459 -13.48 -36.71 6.32
N GLU F 460 -13.30 -35.47 5.89
CA GLU F 460 -12.71 -34.46 6.77
C GLU F 460 -13.44 -34.34 8.09
N ASP F 461 -14.71 -33.99 8.00
CA ASP F 461 -15.53 -33.60 9.12
C ASP F 461 -15.38 -34.57 10.28
N ALA F 462 -15.06 -35.82 9.97
CA ALA F 462 -14.85 -36.83 10.98
C ALA F 462 -13.69 -36.46 11.91
N PHE F 463 -12.66 -35.81 11.37
CA PHE F 463 -11.46 -35.48 12.13
C PHE F 463 -11.58 -34.16 12.93
N ARG F 464 -12.69 -33.46 12.74
CA ARG F 464 -12.90 -32.16 13.36
C ARG F 464 -13.29 -32.25 14.83
N LEU F 465 -12.58 -31.51 15.67
CA LEU F 465 -12.89 -31.45 17.11
C LEU F 465 -12.82 -32.82 17.77
N VAL F 466 -11.63 -33.37 17.92
CA VAL F 466 -11.49 -34.64 18.59
C VAL F 466 -10.19 -34.73 19.37
N GLY F 467 -10.04 -35.85 20.06
CA GLY F 467 -8.90 -36.23 20.88
C GLY F 467 -7.97 -37.18 20.14
N ARG F 468 -7.61 -38.26 20.82
CA ARG F 468 -6.88 -39.41 20.25
C ARG F 468 -7.48 -39.90 18.92
N ILE F 469 -6.60 -40.25 17.99
CA ILE F 469 -6.99 -40.56 16.62
C ILE F 469 -8.10 -41.60 16.51
N GLU F 470 -8.14 -42.52 17.47
CA GLU F 470 -9.18 -43.54 17.51
C GLU F 470 -10.57 -42.89 17.44
N GLU F 471 -10.72 -41.75 18.11
CA GLU F 471 -12.01 -41.06 18.19
C GLU F 471 -12.50 -40.67 16.81
N VAL F 472 -11.55 -40.28 15.96
CA VAL F 472 -11.90 -39.89 14.60
C VAL F 472 -12.59 -41.04 13.86
N VAL F 473 -12.07 -42.25 14.07
CA VAL F 473 -12.64 -43.42 13.44
C VAL F 473 -14.03 -43.58 14.01
N GLU F 474 -14.18 -43.37 15.31
CA GLU F 474 -15.47 -43.50 15.99
C GLU F 474 -16.49 -42.49 15.44
N LYS F 475 -16.13 -41.22 15.54
CA LYS F 475 -16.97 -40.16 15.01
C LYS F 475 -17.14 -40.35 13.52
N ALA F 476 -16.32 -41.20 12.92
CA ALA F 476 -16.37 -41.43 11.49
C ALA F 476 -17.60 -42.27 11.16
N LYS F 477 -17.63 -43.49 11.68
CA LYS F 477 -18.76 -44.38 11.48
C LYS F 477 -20.07 -43.70 11.86
N ALA F 478 -20.04 -42.87 12.91
CA ALA F 478 -21.23 -42.17 13.35
C ALA F 478 -21.81 -41.32 12.21
N MSE F 479 -20.96 -41.03 11.22
CA MSE F 479 -21.36 -40.20 10.09
C MSE F 479 -22.20 -41.03 9.12
O MSE F 479 -23.24 -40.57 8.63
CB MSE F 479 -20.14 -39.59 9.37
CG MSE F 479 -19.02 -38.95 10.25
SE MSE F 479 -19.45 -37.30 11.21
CE MSE F 479 -19.83 -36.11 9.70
N GLY F 480 -21.78 -42.26 8.87
CA GLY F 480 -22.47 -43.13 7.94
C GLY F 480 -21.62 -43.46 6.73
N MSE G 1 -1.41 -4.81 9.49
CA MSE G 1 -0.39 -5.76 9.06
C MSE G 1 -0.20 -5.81 7.52
O MSE G 1 -0.97 -5.22 6.76
CB MSE G 1 -0.66 -7.17 9.62
CG MSE G 1 0.53 -8.13 9.47
SE MSE G 1 0.37 -9.95 10.20
CE MSE G 1 -0.56 -10.84 8.73
N ALA G 2 0.82 -6.57 7.11
CA ALA G 2 1.44 -6.66 5.78
C ALA G 2 2.02 -5.38 5.15
N SER G 3 2.17 -5.41 3.83
CA SER G 3 2.96 -4.42 3.07
C SER G 3 2.08 -3.42 2.35
N LEU G 4 2.68 -2.66 1.45
CA LEU G 4 1.90 -1.96 0.43
C LEU G 4 2.38 -2.40 -0.92
N ARG G 5 3.65 -2.19 -1.16
CA ARG G 5 4.19 -2.64 -2.43
C ARG G 5 4.07 -4.15 -2.55
N ASP G 6 3.74 -4.84 -1.46
CA ASP G 6 3.46 -6.25 -1.59
C ASP G 6 1.95 -6.46 -1.89
N ILE G 7 1.15 -5.41 -1.74
CA ILE G 7 -0.26 -5.47 -2.09
C ILE G 7 -0.45 -5.06 -3.53
N LYS G 8 0.53 -4.37 -4.08
CA LYS G 8 0.46 -3.96 -5.48
C LYS G 8 0.83 -5.17 -6.31
N THR G 9 1.90 -5.85 -5.91
CA THR G 9 2.35 -7.03 -6.60
C THR G 9 1.18 -7.97 -6.75
N ARG G 10 0.33 -8.07 -5.74
CA ARG G 10 -0.80 -9.00 -5.84
C ARG G 10 -1.88 -8.53 -6.79
N ILE G 11 -2.31 -7.29 -6.65
CA ILE G 11 -3.24 -6.73 -7.60
C ILE G 11 -2.78 -6.99 -9.02
N ASN G 12 -1.72 -6.32 -9.45
CA ASN G 12 -1.24 -6.52 -10.79
C ASN G 12 -1.13 -7.99 -11.20
N ALA G 13 -0.62 -8.86 -10.33
CA ALA G 13 -0.60 -10.30 -10.63
C ALA G 13 -2.00 -10.81 -10.97
N THR G 14 -2.95 -10.53 -10.09
CA THR G 14 -4.33 -10.89 -10.33
C THR G 14 -4.82 -10.29 -11.63
N LYS G 15 -4.66 -8.99 -11.80
CA LYS G 15 -5.09 -8.40 -13.05
C LYS G 15 -4.55 -9.21 -14.24
N LYS G 16 -3.24 -9.31 -14.42
CA LYS G 16 -2.67 -10.04 -15.58
C LYS G 16 -3.20 -11.47 -15.67
N THR G 17 -3.74 -11.98 -14.57
CA THR G 17 -4.33 -13.31 -14.55
C THR G 17 -5.71 -13.30 -15.13
N SER G 18 -6.51 -12.34 -14.72
CA SER G 18 -7.84 -12.18 -15.26
C SER G 18 -7.72 -11.98 -16.76
N GLN G 19 -6.78 -11.15 -17.19
CA GLN G 19 -6.54 -10.90 -18.60
C GLN G 19 -6.39 -12.23 -19.32
N ILE G 20 -5.35 -12.99 -18.96
CA ILE G 20 -5.07 -14.27 -19.58
C ILE G 20 -6.28 -15.21 -19.51
N THR G 21 -6.96 -15.21 -18.39
CA THR G 21 -8.21 -15.97 -18.29
C THR G 21 -9.22 -15.52 -19.35
N LYS G 22 -9.78 -14.33 -19.18
CA LYS G 22 -10.82 -13.86 -20.09
C LYS G 22 -10.37 -13.97 -21.51
N ALA G 23 -9.06 -13.94 -21.76
CA ALA G 23 -8.62 -14.11 -23.12
C ALA G 23 -9.23 -15.42 -23.54
N MSE G 24 -8.79 -16.47 -22.90
CA MSE G 24 -9.15 -17.78 -23.36
C MSE G 24 -10.63 -18.06 -23.35
O MSE G 24 -11.11 -18.83 -24.16
CB MSE G 24 -8.37 -18.83 -22.62
CG MSE G 24 -6.97 -18.97 -23.16
SE MSE G 24 -5.95 -20.29 -22.21
CE MSE G 24 -5.37 -19.28 -20.66
N GLU G 25 -11.38 -17.44 -22.46
CA GLU G 25 -12.81 -17.64 -22.55
C GLU G 25 -13.31 -17.23 -23.92
N MSE G 26 -13.01 -16.00 -24.32
CA MSE G 26 -13.42 -15.52 -25.63
C MSE G 26 -12.87 -16.45 -26.71
O MSE G 26 -13.57 -16.79 -27.66
CB MSE G 26 -12.92 -14.11 -25.86
CG MSE G 26 -13.54 -13.07 -24.93
SE MSE G 26 -12.83 -11.27 -25.13
CE MSE G 26 -10.99 -11.61 -24.65
N VAL G 27 -11.62 -16.85 -26.55
CA VAL G 27 -10.97 -17.77 -27.46
C VAL G 27 -11.71 -19.10 -27.54
N SER G 28 -12.15 -19.62 -26.40
CA SER G 28 -12.87 -20.88 -26.40
C SER G 28 -14.33 -20.70 -26.74
N THR G 29 -14.80 -19.44 -26.76
CA THR G 29 -16.13 -19.10 -27.26
C THR G 29 -16.09 -19.00 -28.78
N SER G 30 -14.89 -18.82 -29.29
CA SER G 30 -14.70 -18.74 -30.72
C SER G 30 -14.57 -20.13 -31.26
N LYS G 31 -14.32 -21.08 -30.37
CA LYS G 31 -14.22 -22.49 -30.74
C LYS G 31 -15.49 -23.29 -30.43
N LEU G 32 -16.50 -22.63 -29.92
CA LEU G 32 -17.82 -23.23 -29.88
C LEU G 32 -18.52 -22.99 -31.20
N ASN G 33 -18.41 -21.78 -31.73
CA ASN G 33 -19.21 -21.45 -32.90
C ASN G 33 -18.50 -21.84 -34.16
N ARG G 34 -17.36 -22.52 -34.00
CA ARG G 34 -16.81 -23.37 -35.06
C ARG G 34 -17.08 -24.84 -34.84
N ALA G 35 -17.64 -25.23 -33.71
CA ALA G 35 -17.99 -26.63 -33.55
C ALA G 35 -19.20 -26.97 -34.42
N GLU G 36 -20.18 -26.08 -34.46
CA GLU G 36 -21.26 -26.24 -35.42
C GLU G 36 -20.72 -26.44 -36.84
N GLN G 37 -19.88 -25.53 -37.30
CA GLN G 37 -19.41 -25.57 -38.67
C GLN G 37 -19.00 -26.98 -39.05
N ASN G 38 -18.32 -27.70 -38.16
CA ASN G 38 -17.97 -29.10 -38.43
C ASN G 38 -19.01 -30.07 -37.83
N ALA G 39 -19.95 -29.51 -37.06
CA ALA G 39 -21.15 -30.23 -36.61
C ALA G 39 -22.16 -30.25 -37.73
N LYS G 40 -22.62 -29.09 -38.17
CA LYS G 40 -23.43 -29.02 -39.38
C LYS G 40 -22.83 -29.95 -40.43
N SER G 41 -21.61 -29.65 -40.88
CA SER G 41 -21.05 -30.25 -42.08
C SER G 41 -21.16 -31.76 -42.01
N PHE G 42 -21.41 -32.28 -40.82
CA PHE G 42 -21.64 -33.70 -40.62
C PHE G 42 -23.12 -34.11 -40.53
N VAL G 43 -24.02 -33.14 -40.54
CA VAL G 43 -25.45 -33.40 -40.39
C VAL G 43 -25.96 -34.26 -41.55
N PRO G 44 -25.58 -33.91 -42.78
CA PRO G 44 -26.07 -34.71 -43.90
C PRO G 44 -25.61 -36.15 -43.83
N TYR G 45 -24.31 -36.39 -43.68
CA TYR G 45 -23.80 -37.74 -43.75
C TYR G 45 -24.56 -38.67 -42.81
N MSE G 46 -24.86 -38.18 -41.60
CA MSE G 46 -25.63 -38.97 -40.61
C MSE G 46 -27.06 -39.27 -41.07
O MSE G 46 -27.55 -40.41 -40.92
CB MSE G 46 -25.65 -38.25 -39.26
CG MSE G 46 -24.45 -38.52 -38.39
SE MSE G 46 -24.13 -40.43 -38.31
CE MSE G 46 -22.63 -40.57 -37.10
N GLU G 47 -27.74 -38.26 -41.61
CA GLU G 47 -29.08 -38.45 -42.12
C GLU G 47 -29.07 -39.60 -43.13
N LYS G 48 -28.16 -39.53 -44.09
CA LYS G 48 -28.14 -40.43 -45.25
C LYS G 48 -27.44 -41.74 -44.91
N ILE G 49 -27.32 -41.99 -43.61
CA ILE G 49 -26.92 -43.30 -43.12
C ILE G 49 -28.06 -44.10 -42.47
N GLN G 50 -28.70 -43.52 -41.47
CA GLN G 50 -29.94 -44.09 -40.94
C GLN G 50 -31.05 -44.26 -42.01
N GLU G 51 -31.01 -43.40 -43.04
CA GLU G 51 -31.95 -43.54 -44.14
C GLU G 51 -31.60 -44.80 -44.92
N VAL G 52 -30.30 -45.09 -45.07
CA VAL G 52 -29.84 -46.36 -45.67
C VAL G 52 -30.07 -47.52 -44.70
N VAL G 53 -29.78 -47.27 -43.44
CA VAL G 53 -29.79 -48.29 -42.41
C VAL G 53 -31.22 -48.50 -41.96
N ALA G 54 -32.14 -48.17 -42.85
CA ALA G 54 -33.55 -48.48 -42.65
C ALA G 54 -33.81 -49.94 -42.23
N ASN G 55 -32.86 -50.88 -42.38
CA ASN G 55 -33.09 -52.25 -41.82
C ASN G 55 -34.12 -53.20 -42.49
N VAL G 56 -33.66 -54.02 -43.43
CA VAL G 56 -34.46 -55.13 -44.00
C VAL G 56 -35.22 -56.07 -42.98
N ALA G 57 -36.48 -56.39 -43.28
CA ALA G 57 -37.27 -57.33 -42.49
C ALA G 57 -36.68 -58.75 -42.44
N LEU G 58 -35.86 -59.07 -43.44
CA LEU G 58 -35.17 -60.35 -43.55
C LEU G 58 -33.96 -60.37 -42.63
N VAL G 69 -24.97 -58.05 -35.72
CA VAL G 69 -24.45 -59.03 -34.76
C VAL G 69 -25.09 -58.87 -33.37
N SER G 70 -26.14 -59.64 -33.10
CA SER G 70 -26.89 -59.53 -31.84
C SER G 70 -26.05 -60.08 -30.68
N ARG G 71 -26.64 -60.25 -29.49
CA ARG G 71 -25.85 -60.47 -28.28
C ARG G 71 -24.88 -61.62 -28.49
N PRO G 72 -23.59 -61.29 -28.63
CA PRO G 72 -22.62 -62.36 -28.87
C PRO G 72 -22.21 -63.19 -27.65
N VAL G 73 -21.48 -62.55 -26.75
CA VAL G 73 -20.87 -63.27 -25.63
C VAL G 73 -20.77 -62.44 -24.33
N LYS G 74 -20.08 -61.30 -24.41
CA LYS G 74 -19.75 -60.44 -23.27
C LYS G 74 -20.00 -58.91 -23.50
N LYS G 75 -19.56 -58.08 -22.54
CA LYS G 75 -19.39 -56.63 -22.70
C LYS G 75 -17.93 -56.31 -22.34
N THR G 76 -17.12 -55.80 -23.27
CA THR G 76 -15.70 -55.68 -22.91
C THR G 76 -15.09 -54.28 -22.90
N GLY G 77 -14.75 -53.76 -24.07
CA GLY G 77 -13.91 -52.58 -24.15
C GLY G 77 -14.65 -51.27 -24.20
N TYR G 78 -13.97 -50.22 -23.76
CA TYR G 78 -14.56 -48.91 -23.85
C TYR G 78 -13.81 -47.99 -24.81
N LEU G 79 -14.40 -46.84 -25.05
CA LEU G 79 -13.75 -45.81 -25.82
C LEU G 79 -14.07 -44.55 -25.05
N VAL G 80 -13.02 -43.84 -24.69
CA VAL G 80 -13.19 -42.72 -23.77
C VAL G 80 -12.63 -41.42 -24.38
N ILE G 81 -13.55 -40.50 -24.65
CA ILE G 81 -13.24 -39.27 -25.36
C ILE G 81 -12.87 -38.13 -24.42
N THR G 82 -11.78 -37.43 -24.75
CA THR G 82 -11.32 -36.27 -23.98
C THR G 82 -10.59 -35.20 -24.77
N SER G 83 -9.93 -34.30 -24.04
CA SER G 83 -8.97 -33.43 -24.68
C SER G 83 -7.58 -33.72 -24.17
N ASP G 84 -6.62 -33.09 -24.83
CA ASP G 84 -5.26 -33.12 -24.38
C ASP G 84 -5.00 -31.96 -23.39
N ARG G 85 -5.56 -30.79 -23.68
CA ARG G 85 -5.39 -29.58 -22.86
C ARG G 85 -6.23 -29.56 -21.59
N GLY G 86 -5.87 -28.71 -20.64
CA GLY G 86 -6.58 -28.59 -19.37
C GLY G 86 -7.40 -27.33 -19.19
N LEU G 87 -7.73 -27.02 -17.93
CA LEU G 87 -8.55 -25.86 -17.59
C LEU G 87 -9.92 -25.97 -18.18
N ALA G 88 -10.43 -27.19 -18.22
CA ALA G 88 -11.77 -27.45 -18.71
C ALA G 88 -12.83 -27.69 -17.64
N GLY G 89 -12.52 -27.42 -16.39
CA GLY G 89 -13.50 -27.73 -15.37
C GLY G 89 -13.39 -29.21 -15.16
N ALA G 90 -14.52 -29.88 -14.96
CA ALA G 90 -14.48 -31.31 -14.64
C ALA G 90 -14.59 -32.15 -15.90
N TYR G 91 -14.59 -31.47 -17.04
CA TYR G 91 -14.83 -32.14 -18.31
C TYR G 91 -14.07 -33.44 -18.36
N ASN G 92 -12.83 -33.44 -17.86
CA ASN G 92 -12.04 -34.66 -17.80
C ASN G 92 -12.45 -35.60 -16.68
N SER G 93 -12.24 -35.19 -15.44
CA SER G 93 -12.46 -36.08 -14.32
C SER G 93 -13.79 -36.83 -14.44
N ASN G 94 -14.86 -36.13 -14.75
CA ASN G 94 -16.17 -36.77 -14.86
C ASN G 94 -16.13 -38.07 -15.68
N VAL G 95 -15.96 -37.95 -16.99
CA VAL G 95 -15.86 -39.13 -17.82
C VAL G 95 -14.86 -40.13 -17.26
N LEU G 96 -13.70 -39.66 -16.81
CA LEU G 96 -12.69 -40.55 -16.27
C LEU G 96 -13.13 -41.14 -14.94
N ARG G 97 -14.33 -40.77 -14.48
CA ARG G 97 -14.96 -41.42 -13.33
C ARG G 97 -15.83 -42.61 -13.76
N LEU G 98 -16.86 -42.35 -14.55
CA LEU G 98 -17.70 -43.43 -15.06
C LEU G 98 -16.84 -44.53 -15.61
N VAL G 99 -15.88 -44.17 -16.43
CA VAL G 99 -14.94 -45.14 -16.95
C VAL G 99 -14.41 -46.00 -15.80
N TYR G 100 -13.72 -45.37 -14.85
CA TYR G 100 -13.10 -46.07 -13.72
C TYR G 100 -14.10 -46.76 -12.81
N GLN G 101 -15.35 -46.31 -12.81
CA GLN G 101 -16.34 -47.01 -12.02
C GLN G 101 -16.72 -48.32 -12.71
N THR G 102 -17.51 -48.18 -13.75
CA THR G 102 -18.11 -49.31 -14.44
C THR G 102 -17.07 -50.25 -15.06
N ILE G 103 -15.80 -50.05 -14.70
CA ILE G 103 -14.73 -51.04 -14.95
C ILE G 103 -14.38 -51.95 -13.76
N GLN G 104 -13.88 -51.36 -12.67
CA GLN G 104 -13.52 -52.13 -11.49
C GLN G 104 -14.76 -52.69 -10.78
N ARG G 106 -17.98 -51.97 -10.62
CA ARG G 106 -19.29 -51.96 -11.26
C ARG G 106 -19.26 -52.80 -12.52
N HIS G 107 -18.16 -53.53 -12.72
CA HIS G 107 -18.05 -54.47 -13.85
C HIS G 107 -17.52 -55.89 -13.49
N ALA G 108 -16.19 -56.04 -13.43
CA ALA G 108 -15.52 -57.31 -13.15
C ALA G 108 -14.22 -56.87 -12.53
N CYS G 109 -13.56 -57.71 -11.76
CA CYS G 109 -12.30 -57.22 -11.19
C CYS G 109 -11.10 -58.14 -11.45
N PRO G 110 -10.95 -58.63 -12.70
CA PRO G 110 -9.69 -59.17 -13.20
C PRO G 110 -8.94 -58.14 -14.06
N ASP G 111 -7.76 -58.43 -14.60
CA ASP G 111 -7.25 -57.52 -15.62
C ASP G 111 -7.86 -58.09 -16.90
N GLU G 112 -8.93 -57.42 -17.29
CA GLU G 112 -9.89 -57.79 -18.34
C GLU G 112 -10.52 -56.44 -18.64
N TYR G 113 -11.65 -56.43 -19.33
CA TYR G 113 -12.39 -55.20 -19.67
C TYR G 113 -11.47 -54.03 -20.18
N ALA G 114 -10.96 -54.16 -21.42
CA ALA G 114 -9.89 -53.33 -22.11
C ALA G 114 -10.19 -51.87 -22.60
N ILE G 115 -9.19 -51.12 -23.15
CA ILE G 115 -9.39 -49.66 -23.42
C ILE G 115 -8.66 -48.83 -24.51
N ILE G 116 -9.45 -47.92 -25.12
CA ILE G 116 -9.02 -46.92 -26.10
C ILE G 116 -9.35 -45.53 -25.61
N VAL G 117 -8.39 -44.63 -25.72
CA VAL G 117 -8.56 -43.29 -25.21
C VAL G 117 -8.20 -42.24 -26.23
N ILE G 118 -8.96 -41.17 -26.23
CA ILE G 118 -8.67 -39.99 -27.04
C ILE G 118 -8.32 -38.82 -26.10
N GLY G 119 -7.06 -38.43 -26.17
CA GLY G 119 -6.50 -37.28 -25.47
C GLY G 119 -5.69 -37.65 -24.25
N ARG G 120 -4.53 -36.99 -24.14
CA ARG G 120 -3.50 -37.40 -23.21
C ARG G 120 -4.19 -37.54 -21.90
N VAL G 121 -4.89 -36.48 -21.51
CA VAL G 121 -5.44 -36.39 -20.17
C VAL G 121 -6.12 -37.68 -19.80
N GLY G 122 -6.79 -38.30 -20.76
CA GLY G 122 -7.37 -39.60 -20.49
C GLY G 122 -6.27 -40.61 -20.25
N LEU G 123 -5.40 -40.79 -21.24
CA LEU G 123 -4.34 -41.79 -21.14
C LEU G 123 -3.54 -41.60 -19.86
N SER G 124 -3.51 -40.38 -19.34
CA SER G 124 -2.78 -40.09 -18.13
C SER G 124 -3.26 -40.97 -17.00
N PHE G 125 -4.56 -40.90 -16.69
CA PHE G 125 -5.13 -41.69 -15.59
C PHE G 125 -5.15 -43.17 -15.95
N PHE G 126 -5.72 -43.47 -17.10
CA PHE G 126 -5.80 -44.84 -17.57
C PHE G 126 -4.45 -45.55 -17.49
N ARG G 127 -3.37 -44.84 -17.79
CA ARG G 127 -2.04 -45.44 -17.78
C ARG G 127 -1.68 -46.06 -16.43
N LYS G 128 -1.51 -45.22 -15.42
CA LYS G 128 -1.18 -45.69 -14.08
C LYS G 128 -2.16 -46.74 -13.60
N ARG G 129 -3.40 -46.65 -14.04
CA ARG G 129 -4.35 -47.65 -13.61
C ARG G 129 -4.17 -48.76 -14.62
N ASN G 130 -3.50 -49.83 -14.20
CA ASN G 130 -3.11 -50.90 -15.12
C ASN G 130 -1.97 -50.47 -16.02
N VAL G 133 -4.32 -52.72 -18.95
CA VAL G 133 -5.68 -52.71 -19.48
C VAL G 133 -5.83 -51.61 -20.55
N ILE G 134 -4.70 -51.14 -21.07
CA ILE G 134 -4.70 -50.14 -22.15
C ILE G 134 -4.58 -50.85 -23.50
N LEU G 135 -5.23 -50.28 -24.52
CA LEU G 135 -5.23 -50.88 -25.84
C LEU G 135 -4.57 -49.95 -26.86
N ASP G 136 -5.11 -48.74 -26.99
CA ASP G 136 -4.64 -47.77 -28.01
C ASP G 136 -4.26 -46.38 -27.50
N ILE G 137 -4.00 -45.47 -28.44
CA ILE G 137 -3.62 -44.10 -28.10
C ILE G 137 -4.24 -43.14 -29.11
N THR G 138 -4.54 -41.92 -28.67
CA THR G 138 -4.80 -40.81 -29.58
C THR G 138 -4.27 -39.51 -28.98
N ARG G 139 -3.41 -38.79 -29.67
CA ARG G 139 -2.95 -37.52 -29.13
C ARG G 139 -3.16 -36.47 -30.20
N LEU G 140 -3.09 -35.20 -29.83
CA LEU G 140 -3.20 -34.08 -30.80
C LEU G 140 -4.45 -34.01 -31.67
N PRO G 141 -5.62 -34.23 -31.09
CA PRO G 141 -6.78 -33.92 -31.92
C PRO G 141 -6.88 -32.43 -32.17
N ASP G 142 -7.23 -32.11 -33.40
CA ASP G 142 -7.11 -30.78 -33.95
C ASP G 142 -7.90 -29.66 -33.25
N GLN G 143 -8.63 -29.96 -32.18
CA GLN G 143 -9.36 -28.85 -31.56
C GLN G 143 -10.57 -28.59 -32.43
N PRO G 144 -11.23 -27.43 -32.27
CA PRO G 144 -12.57 -27.32 -32.85
C PRO G 144 -12.69 -28.04 -34.16
N SER G 145 -11.66 -28.09 -35.00
CA SER G 145 -11.86 -28.93 -36.16
C SER G 145 -11.19 -30.26 -35.92
N PHE G 146 -11.97 -31.24 -35.50
CA PHE G 146 -11.46 -32.57 -35.24
C PHE G 146 -11.32 -33.18 -36.62
N ALA G 147 -10.13 -33.69 -36.94
CA ALA G 147 -9.86 -34.18 -38.28
C ALA G 147 -10.51 -35.56 -38.47
N ASP G 148 -11.54 -35.62 -39.31
CA ASP G 148 -12.35 -36.82 -39.44
C ASP G 148 -11.44 -37.91 -39.89
N ILE G 149 -10.31 -37.52 -40.45
CA ILE G 149 -9.33 -38.46 -40.91
C ILE G 149 -8.80 -39.34 -39.80
N LYS G 150 -7.94 -38.80 -38.96
CA LYS G 150 -7.21 -39.68 -38.06
C LYS G 150 -8.08 -40.27 -36.93
N GLU G 151 -9.36 -39.92 -36.92
CA GLU G 151 -10.32 -40.68 -36.12
C GLU G 151 -10.77 -41.94 -36.89
N ILE G 152 -10.55 -41.94 -38.20
CA ILE G 152 -10.88 -43.06 -39.07
C ILE G 152 -9.96 -44.21 -38.77
N ALA G 153 -8.75 -43.90 -38.35
CA ALA G 153 -7.83 -44.95 -37.92
C ALA G 153 -8.32 -45.61 -36.62
N ARG G 154 -9.07 -44.87 -35.80
CA ARG G 154 -9.60 -45.42 -34.56
C ARG G 154 -10.86 -46.28 -34.77
N LYS G 155 -11.65 -46.00 -35.81
CA LYS G 155 -12.77 -46.87 -36.13
C LYS G 155 -12.20 -48.23 -36.47
N THR G 156 -11.16 -48.23 -37.30
CA THR G 156 -10.48 -49.47 -37.66
C THR G 156 -10.03 -50.22 -36.41
N VAL G 157 -9.16 -49.60 -35.62
CA VAL G 157 -8.74 -50.22 -34.38
C VAL G 157 -9.94 -50.57 -33.49
N GLY G 158 -10.95 -49.70 -33.50
CA GLY G 158 -12.14 -49.89 -32.68
C GLY G 158 -13.00 -51.08 -33.09
N LEU G 159 -13.00 -51.39 -34.38
CA LEU G 159 -13.78 -52.49 -34.91
C LEU G 159 -12.92 -53.74 -35.08
N PHE G 160 -11.86 -53.60 -35.88
CA PHE G 160 -10.96 -54.73 -36.17
C PHE G 160 -10.59 -55.42 -34.86
N ALA G 161 -10.59 -54.64 -33.78
CA ALA G 161 -10.29 -55.16 -32.46
C ALA G 161 -11.17 -56.37 -32.15
N ASP G 162 -12.41 -56.38 -32.66
CA ASP G 162 -13.32 -57.53 -32.49
C ASP G 162 -12.63 -58.88 -32.80
N THR G 164 -10.59 -60.69 -30.05
CA THR G 164 -9.79 -59.73 -29.29
C THR G 164 -10.70 -58.76 -28.58
N PHE G 165 -11.98 -58.76 -28.93
CA PHE G 165 -12.90 -57.80 -28.34
C PHE G 165 -14.33 -58.26 -28.44
N ASP G 166 -15.19 -57.65 -27.65
CA ASP G 166 -16.62 -57.67 -27.92
C ASP G 166 -17.34 -56.40 -27.44
N GLU G 167 -18.26 -55.87 -28.24
CA GLU G 167 -19.22 -54.88 -27.70
C GLU G 167 -18.62 -53.73 -26.90
N LEU G 168 -18.29 -52.62 -27.55
CA LEU G 168 -17.69 -51.48 -26.87
C LEU G 168 -18.68 -50.39 -26.46
N TYR G 169 -18.33 -49.65 -25.41
CA TYR G 169 -19.10 -48.46 -25.07
C TYR G 169 -18.26 -47.19 -25.16
N MSE G 170 -18.93 -46.10 -25.52
CA MSE G 170 -18.27 -44.82 -25.69
C MSE G 170 -18.66 -43.84 -24.60
O MSE G 170 -19.84 -43.68 -24.29
CB MSE G 170 -18.63 -44.26 -27.04
CG MSE G 170 -18.21 -45.13 -28.16
SE MSE G 170 -18.68 -44.29 -29.80
CE MSE G 170 -20.55 -43.68 -29.46
N TYR G 171 -17.64 -43.18 -24.05
CA TYR G 171 -17.79 -42.26 -22.92
C TYR G 171 -17.33 -40.85 -23.29
N TYR G 172 -18.22 -39.87 -23.10
CA TYR G 172 -17.90 -38.49 -23.42
C TYR G 172 -18.98 -37.59 -22.86
N ASN G 173 -18.87 -36.30 -23.13
CA ASN G 173 -19.87 -35.36 -22.65
C ASN G 173 -20.75 -34.85 -23.79
N HIS G 174 -22.05 -34.71 -23.58
CA HIS G 174 -22.90 -34.21 -24.66
C HIS G 174 -22.93 -32.68 -24.72
N TYR G 175 -23.73 -32.10 -25.61
CA TYR G 175 -23.83 -30.64 -25.68
C TYR G 175 -25.29 -30.15 -25.80
N VAL G 176 -25.77 -29.42 -24.79
CA VAL G 176 -27.04 -28.71 -24.94
C VAL G 176 -26.90 -27.20 -24.70
N SER G 177 -27.04 -26.41 -25.77
CA SER G 177 -27.09 -24.95 -25.64
C SER G 177 -25.88 -24.28 -24.94
N ALA G 178 -24.85 -24.02 -25.73
CA ALA G 178 -23.73 -23.24 -25.24
C ALA G 178 -23.14 -24.00 -24.07
N ILE G 179 -22.84 -23.33 -22.97
CA ILE G 179 -22.25 -24.14 -21.92
C ILE G 179 -23.32 -24.53 -20.91
N GLN G 180 -23.82 -25.72 -21.16
CA GLN G 180 -24.49 -26.55 -20.20
C GLN G 180 -24.25 -27.91 -20.87
N GLN G 181 -23.93 -28.94 -20.12
CA GLN G 181 -23.66 -30.24 -20.71
C GLN G 181 -23.80 -31.37 -19.67
N GLU G 182 -23.71 -32.64 -20.10
CA GLU G 182 -23.78 -33.82 -19.23
C GLU G 182 -23.10 -35.08 -19.82
N VAL G 183 -22.52 -35.92 -18.97
CA VAL G 183 -21.78 -37.11 -19.45
C VAL G 183 -22.71 -38.27 -19.75
N THR G 184 -22.37 -39.07 -20.76
CA THR G 184 -23.27 -40.10 -21.28
C THR G 184 -22.62 -41.47 -21.51
N GLU G 185 -23.43 -42.52 -21.46
CA GLU G 185 -23.10 -43.76 -22.14
C GLU G 185 -24.24 -44.14 -23.10
N ARG G 186 -24.12 -43.70 -24.34
CA ARG G 186 -24.84 -44.24 -25.45
C ARG G 186 -23.90 -45.42 -25.70
N LYS G 187 -24.33 -46.50 -26.32
CA LYS G 187 -23.44 -47.66 -26.45
C LYS G 187 -23.10 -47.85 -27.93
N LEU G 188 -21.98 -48.48 -28.29
CA LEU G 188 -22.00 -49.13 -29.62
C LEU G 188 -21.08 -50.32 -29.96
N LEU G 189 -21.60 -51.55 -30.05
CA LEU G 189 -21.54 -52.36 -31.27
C LEU G 189 -22.63 -53.44 -31.34
N PRO G 190 -23.80 -53.18 -30.74
CA PRO G 190 -25.11 -53.86 -30.71
C PRO G 190 -26.39 -53.31 -31.33
N LEU G 191 -27.46 -53.84 -30.74
CA LEU G 191 -28.84 -53.58 -31.09
C LEU G 191 -29.28 -52.11 -31.15
N THR G 192 -29.71 -51.74 -32.36
CA THR G 192 -30.15 -50.41 -32.73
C THR G 192 -31.32 -49.97 -31.89
N GLN G 209 -25.24 -56.03 -55.13
CA GLN G 209 -25.40 -57.13 -54.18
C GLN G 209 -26.47 -56.79 -53.14
N GLU G 210 -26.87 -57.79 -52.34
CA GLU G 210 -27.80 -57.58 -51.23
C GLU G 210 -27.09 -58.04 -49.96
N GLU G 211 -27.58 -57.63 -48.79
CA GLU G 211 -26.93 -58.00 -47.53
C GLU G 211 -25.40 -57.90 -47.54
N ILE G 212 -24.96 -56.65 -47.59
CA ILE G 212 -23.56 -56.24 -47.58
C ILE G 212 -23.00 -55.77 -46.25
N LEU G 213 -23.61 -56.18 -45.14
CA LEU G 213 -23.24 -55.66 -43.81
C LEU G 213 -21.74 -55.43 -43.66
N ASP G 214 -20.91 -56.22 -44.35
CA ASP G 214 -19.45 -56.03 -44.29
C ASP G 214 -19.05 -54.56 -44.57
N VAL G 215 -19.90 -53.84 -45.28
CA VAL G 215 -19.72 -52.41 -45.51
C VAL G 215 -20.49 -51.40 -44.63
N LEU G 216 -21.63 -51.78 -44.04
CA LEU G 216 -22.37 -50.89 -43.13
C LEU G 216 -21.90 -50.94 -41.68
N LEU G 217 -21.60 -52.14 -41.19
CA LEU G 217 -20.99 -52.33 -39.86
C LEU G 217 -19.83 -51.36 -39.73
N PRO G 218 -18.87 -51.40 -40.67
CA PRO G 218 -17.75 -50.45 -40.52
C PRO G 218 -18.13 -48.95 -40.64
N GLN G 219 -18.95 -48.61 -41.63
CA GLN G 219 -19.23 -47.22 -41.91
C GLN G 219 -20.26 -46.67 -40.94
N TYR G 220 -20.86 -47.57 -40.16
CA TYR G 220 -21.73 -47.14 -39.08
C TYR G 220 -21.03 -46.93 -37.73
N ALA G 221 -19.85 -47.52 -37.54
CA ALA G 221 -19.01 -47.19 -36.38
C ALA G 221 -18.15 -45.96 -36.61
N GLU G 222 -17.43 -45.93 -37.73
CA GLU G 222 -16.67 -44.77 -38.09
C GLU G 222 -17.60 -43.57 -37.89
N SER G 223 -18.86 -43.71 -38.27
CA SER G 223 -19.80 -42.60 -38.17
C SER G 223 -20.10 -42.17 -36.74
N LEU G 224 -20.32 -43.14 -35.87
CA LEU G 224 -20.65 -42.85 -34.48
C LEU G 224 -19.47 -42.34 -33.68
N ILE G 225 -18.35 -43.05 -33.73
CA ILE G 225 -17.17 -42.59 -33.01
C ILE G 225 -16.86 -41.14 -33.42
N TYR G 226 -17.22 -40.76 -34.63
CA TYR G 226 -16.92 -39.43 -35.06
C TYR G 226 -17.87 -38.47 -34.39
N GLY G 227 -19.16 -38.63 -34.62
CA GLY G 227 -20.15 -37.77 -34.01
C GLY G 227 -19.87 -37.59 -32.53
N ALA G 228 -19.45 -38.67 -31.88
CA ALA G 228 -19.16 -38.61 -30.47
C ALA G 228 -18.18 -37.49 -30.17
N LEU G 229 -17.12 -37.41 -30.96
CA LEU G 229 -16.12 -36.35 -30.84
C LEU G 229 -16.74 -34.98 -30.96
N LEU G 230 -17.41 -34.73 -32.08
CA LEU G 230 -17.88 -33.40 -32.35
C LEU G 230 -18.60 -32.90 -31.10
N ASP G 231 -19.41 -33.76 -30.49
CA ASP G 231 -20.20 -33.39 -29.30
C ASP G 231 -19.33 -33.35 -28.04
N ALA G 232 -18.32 -34.22 -28.02
CA ALA G 232 -17.28 -34.18 -27.00
C ALA G 232 -16.54 -32.85 -27.02
N LYS G 233 -15.85 -32.57 -28.12
CA LYS G 233 -15.21 -31.27 -28.34
C LYS G 233 -16.15 -30.09 -28.05
N ALA G 234 -17.34 -30.12 -28.65
CA ALA G 234 -18.29 -29.03 -28.43
C ALA G 234 -18.38 -28.75 -26.93
N SER G 235 -18.40 -29.81 -26.14
CA SER G 235 -18.34 -29.73 -24.68
C SER G 235 -17.01 -29.14 -24.21
N GLU G 236 -15.92 -29.76 -24.65
CA GLU G 236 -14.60 -29.32 -24.27
C GLU G 236 -14.57 -27.81 -24.38
N HIS G 237 -14.61 -27.28 -25.59
CA HIS G 237 -14.49 -25.84 -25.73
C HIS G 237 -15.45 -25.16 -24.80
N ALA G 238 -16.66 -25.67 -24.73
CA ALA G 238 -17.62 -25.04 -23.85
C ALA G 238 -17.09 -25.11 -22.41
N ALA G 239 -16.85 -26.31 -21.92
CA ALA G 239 -16.45 -26.48 -20.55
C ALA G 239 -15.26 -25.57 -20.23
N ARG G 240 -14.39 -25.39 -21.22
CA ARG G 240 -13.24 -24.52 -21.07
C ARG G 240 -13.67 -23.08 -21.16
N MSE G 241 -14.54 -22.78 -22.11
CA MSE G 241 -15.06 -21.42 -22.25
C MSE G 241 -15.54 -20.89 -20.91
O MSE G 241 -15.35 -19.73 -20.57
CB MSE G 241 -16.23 -21.37 -23.20
CG MSE G 241 -17.18 -20.27 -22.80
SE MSE G 241 -18.50 -19.90 -24.15
CE MSE G 241 -20.10 -20.19 -23.10
N THR G 242 -16.19 -21.78 -20.17
CA THR G 242 -16.69 -21.46 -18.86
C THR G 242 -15.61 -21.51 -17.79
N ALA G 243 -14.95 -22.64 -17.63
CA ALA G 243 -13.92 -22.72 -16.61
C ALA G 243 -12.98 -21.50 -16.70
N MSE G 244 -12.91 -20.91 -17.87
CA MSE G 244 -12.12 -19.70 -18.08
C MSE G 244 -12.93 -18.47 -17.84
O MSE G 244 -12.50 -17.37 -18.14
CB MSE G 244 -11.58 -19.65 -19.50
CG MSE G 244 -10.40 -20.53 -19.68
SE MSE G 244 -9.39 -20.68 -18.01
CE MSE G 244 -7.62 -20.51 -18.85
N LYS G 245 -14.15 -18.65 -17.36
CA LYS G 245 -14.96 -17.53 -16.94
C LYS G 245 -14.97 -17.55 -15.45
N ASN G 246 -15.33 -18.70 -14.91
CA ASN G 246 -15.21 -18.89 -13.48
C ASN G 246 -13.88 -18.33 -12.95
N ALA G 247 -12.78 -18.60 -13.63
CA ALA G 247 -11.48 -18.08 -13.18
C ALA G 247 -11.45 -16.57 -13.32
N THR G 248 -11.82 -16.08 -14.49
CA THR G 248 -11.87 -14.65 -14.70
C THR G 248 -12.74 -14.01 -13.63
N ASP G 249 -13.97 -14.49 -13.49
CA ASP G 249 -14.90 -13.89 -12.53
C ASP G 249 -14.28 -13.91 -11.15
N ASN G 250 -13.82 -15.08 -10.72
CA ASN G 250 -13.19 -15.26 -9.41
C ASN G 250 -11.97 -14.35 -9.24
N ALA G 251 -11.09 -14.37 -10.23
CA ALA G 251 -9.93 -13.50 -10.21
C ALA G 251 -10.37 -12.07 -9.99
N ASN G 252 -11.48 -11.71 -10.62
CA ASN G 252 -11.98 -10.34 -10.52
C ASN G 252 -12.39 -10.05 -9.11
N GLU G 253 -12.84 -11.06 -8.38
CA GLU G 253 -13.23 -10.85 -7.01
C GLU G 253 -11.98 -10.77 -6.16
N LEU G 254 -10.91 -11.41 -6.59
CA LEU G 254 -9.67 -11.35 -5.84
C LEU G 254 -9.19 -9.90 -5.80
N ILE G 255 -9.56 -9.14 -6.81
CA ILE G 255 -9.29 -7.71 -6.83
C ILE G 255 -10.01 -7.03 -5.68
N ARG G 256 -11.34 -7.16 -5.63
CA ARG G 256 -12.14 -6.55 -4.57
C ARG G 256 -11.55 -6.85 -3.21
N THR G 257 -11.23 -8.11 -2.97
CA THR G 257 -10.72 -8.51 -1.69
C THR G 257 -9.39 -7.79 -1.45
N LEU G 258 -8.59 -7.59 -2.51
CA LEU G 258 -7.34 -6.83 -2.42
C LEU G 258 -7.46 -5.30 -2.52
N THR G 259 -8.27 -4.81 -3.44
CA THR G 259 -8.53 -3.39 -3.55
C THR G 259 -8.76 -2.89 -2.14
N LEU G 260 -9.61 -3.58 -1.40
CA LEU G 260 -9.94 -3.24 0.00
C LEU G 260 -8.74 -3.21 0.93
N SER G 261 -7.99 -4.29 0.94
CA SER G 261 -6.76 -4.38 1.71
C SER G 261 -5.67 -3.45 1.18
N TYR G 262 -5.76 -3.02 -0.08
CA TYR G 262 -4.81 -2.02 -0.61
C TYR G 262 -5.16 -0.64 -0.08
N ASN G 263 -6.43 -0.27 -0.17
CA ASN G 263 -6.85 1.00 0.37
C ASN G 263 -6.48 1.02 1.84
N ARG G 264 -6.76 -0.03 2.58
CA ARG G 264 -6.55 0.06 4.01
C ARG G 264 -5.10 0.30 4.27
N ALA G 265 -4.26 -0.42 3.54
CA ALA G 265 -2.81 -0.27 3.64
C ALA G 265 -2.31 0.99 2.92
N ARG G 266 -3.11 1.52 2.01
CA ARG G 266 -2.88 2.85 1.49
C ARG G 266 -3.14 3.91 2.57
N GLN G 267 -4.06 3.63 3.50
CA GLN G 267 -4.43 4.63 4.49
C GLN G 267 -3.43 4.62 5.59
N ALA G 268 -3.35 3.51 6.30
CA ALA G 268 -2.45 3.44 7.44
C ALA G 268 -1.06 3.95 7.04
N ALA G 269 -0.68 3.76 5.79
CA ALA G 269 0.60 4.23 5.36
C ALA G 269 0.66 5.75 5.30
N ILE G 270 -0.31 6.40 4.65
CA ILE G 270 -0.27 7.86 4.50
C ILE G 270 -0.49 8.56 5.83
N THR G 271 -1.07 7.82 6.77
CA THR G 271 -1.26 8.29 8.12
C THR G 271 0.02 8.20 8.94
N GLN G 272 0.76 7.11 8.77
CA GLN G 272 2.03 6.95 9.46
C GLN G 272 3.07 7.92 8.94
N GLU G 273 3.05 8.17 7.65
CA GLU G 273 4.05 9.05 7.06
C GLU G 273 3.89 10.45 7.63
N ILE G 274 2.66 10.93 7.63
CA ILE G 274 2.36 12.25 8.15
C ILE G 274 2.69 12.38 9.62
N THR G 275 2.14 11.47 10.43
CA THR G 275 2.40 11.45 11.86
C THR G 275 3.89 11.54 12.11
N GLU G 276 4.68 11.01 11.18
CA GLU G 276 6.14 10.95 11.32
C GLU G 276 6.74 12.31 11.05
N ILE G 277 6.13 13.03 10.12
CA ILE G 277 6.68 14.26 9.61
C ILE G 277 6.37 15.39 10.56
N VAL G 278 5.24 15.30 11.24
CA VAL G 278 4.91 16.27 12.22
C VAL G 278 5.68 15.97 13.49
N ALA G 279 5.64 14.73 13.93
CA ALA G 279 6.24 14.37 15.22
C ALA G 279 7.74 14.67 15.20
N GLY G 280 8.29 14.78 14.00
CA GLY G 280 9.69 15.12 13.84
C GLY G 280 9.90 16.63 13.83
N ALA G 281 8.84 17.38 13.55
CA ALA G 281 8.86 18.87 13.68
C ALA G 281 8.67 19.39 15.11
N ASN G 282 7.66 18.87 15.82
CA ASN G 282 7.42 19.22 17.21
C ASN G 282 8.66 18.95 18.04
N ALA G 283 9.55 18.10 17.54
CA ALA G 283 10.77 17.77 18.25
C ALA G 283 11.80 18.91 18.22
N LEU G 284 11.71 19.76 17.21
CA LEU G 284 12.68 20.86 17.05
C LEU G 284 12.64 21.86 18.21
N MSE H 1 -34.70 -35.15 -71.97
CA MSE H 1 -33.65 -35.32 -70.98
C MSE H 1 -34.14 -35.11 -69.55
O MSE H 1 -33.90 -34.07 -68.96
CB MSE H 1 -32.51 -34.33 -71.27
CG MSE H 1 -31.65 -34.72 -72.45
SE MSE H 1 -30.56 -36.31 -72.10
CE MSE H 1 -31.61 -37.67 -73.04
N LYS H 2 -34.83 -36.12 -69.01
CA LYS H 2 -35.27 -36.09 -67.61
C LYS H 2 -34.04 -36.22 -66.71
N THR H 3 -34.03 -35.53 -65.57
CA THR H 3 -32.84 -35.48 -64.68
C THR H 3 -33.04 -36.10 -63.31
N ILE H 4 -31.94 -36.55 -62.72
CA ILE H 4 -31.97 -37.11 -61.39
C ILE H 4 -30.95 -36.44 -60.50
N HIS H 5 -31.43 -35.68 -59.53
CA HIS H 5 -30.59 -34.94 -58.60
C HIS H 5 -29.60 -35.88 -57.95
N VAL H 6 -28.33 -35.48 -57.88
CA VAL H 6 -27.31 -36.34 -57.30
C VAL H 6 -26.51 -35.59 -56.23
N SER H 7 -26.33 -36.20 -55.06
CA SER H 7 -25.63 -35.56 -53.95
C SER H 7 -24.44 -36.39 -53.49
N VAL H 8 -23.38 -35.76 -53.03
CA VAL H 8 -22.27 -36.49 -52.43
C VAL H 8 -21.88 -35.88 -51.11
N VAL H 9 -22.11 -36.59 -50.02
CA VAL H 9 -21.78 -36.04 -48.72
C VAL H 9 -20.72 -36.86 -48.05
N THR H 10 -19.92 -36.19 -47.22
CA THR H 10 -18.87 -36.84 -46.47
C THR H 10 -19.01 -36.38 -45.05
N PRO H 11 -18.23 -36.96 -44.14
CA PRO H 11 -18.16 -36.49 -42.76
C PRO H 11 -17.70 -35.02 -42.66
N ASP H 12 -17.14 -34.48 -43.73
CA ASP H 12 -16.81 -33.06 -43.72
C ASP H 12 -17.82 -32.16 -44.47
N GLY H 13 -18.89 -32.74 -44.99
CA GLY H 13 -19.90 -31.95 -45.68
C GLY H 13 -20.03 -32.14 -47.17
N PRO H 14 -21.08 -31.58 -47.76
CA PRO H 14 -21.37 -31.80 -49.17
C PRO H 14 -20.15 -31.55 -50.06
N VAL H 15 -20.07 -32.25 -51.17
CA VAL H 15 -18.99 -32.07 -52.13
C VAL H 15 -19.55 -31.64 -53.50
N TYR H 16 -20.23 -32.56 -54.17
CA TYR H 16 -20.74 -32.31 -55.51
C TYR H 16 -22.23 -32.47 -55.38
N GLU H 17 -23.00 -31.49 -55.83
CA GLU H 17 -24.44 -31.70 -55.90
C GLU H 17 -25.12 -30.96 -57.05
N ASP H 18 -25.58 -31.66 -58.09
CA ASP H 18 -26.32 -30.99 -59.18
C ASP H 18 -27.16 -31.96 -59.99
N ASP H 19 -28.15 -31.45 -60.73
CA ASP H 19 -29.00 -32.31 -61.55
C ASP H 19 -28.32 -32.76 -62.86
N VAL H 20 -28.22 -34.07 -63.05
CA VAL H 20 -27.62 -34.61 -64.27
C VAL H 20 -28.53 -35.63 -64.93
N GLU H 21 -28.09 -36.13 -66.07
CA GLU H 21 -28.78 -37.18 -66.81
C GLU H 21 -28.49 -38.59 -66.32
N MSE H 22 -27.25 -38.85 -65.89
CA MSE H 22 -26.89 -40.16 -65.32
C MSE H 22 -25.66 -40.18 -64.39
O MSE H 22 -24.70 -39.45 -64.64
CB MSE H 22 -26.68 -41.16 -66.44
CG MSE H 22 -26.17 -42.51 -65.97
SE MSE H 22 -25.80 -43.74 -67.43
CE MSE H 22 -24.05 -43.09 -67.96
N VAL H 23 -25.67 -41.04 -63.38
CA VAL H 23 -24.50 -41.31 -62.56
C VAL H 23 -24.00 -42.71 -62.81
N SER H 24 -22.72 -42.87 -63.14
CA SER H 24 -22.15 -44.19 -63.32
C SER H 24 -21.04 -44.44 -62.32
N VAL H 25 -21.31 -45.31 -61.33
CA VAL H 25 -20.35 -45.64 -60.28
C VAL H 25 -19.97 -47.10 -60.42
N LYS H 26 -18.81 -47.49 -59.91
CA LYS H 26 -18.43 -48.90 -60.00
C LYS H 26 -18.71 -49.60 -58.69
N ALA H 27 -19.82 -50.35 -58.64
CA ALA H 27 -20.21 -51.15 -57.47
C ALA H 27 -19.29 -52.35 -57.38
N LYS H 28 -19.24 -53.05 -56.25
CA LYS H 28 -18.22 -54.09 -56.14
C LYS H 28 -18.70 -55.25 -57.00
N SER H 29 -18.00 -55.43 -58.13
CA SER H 29 -18.38 -56.36 -59.21
C SER H 29 -18.07 -55.77 -60.59
N GLU H 31 -19.83 -52.29 -63.46
CA GLU H 31 -20.40 -50.96 -63.57
C GLU H 31 -21.87 -50.96 -63.20
N LEU H 32 -22.40 -49.81 -62.82
CA LEU H 32 -23.84 -49.65 -62.75
C LEU H 32 -24.35 -48.28 -63.22
N GLY H 33 -25.03 -48.21 -64.36
CA GLY H 33 -25.64 -46.96 -64.77
C GLY H 33 -26.89 -46.61 -63.98
N ILE H 34 -26.91 -45.43 -63.37
CA ILE H 34 -28.11 -44.99 -62.67
C ILE H 34 -28.81 -43.92 -63.51
N LEU H 35 -30.04 -44.21 -63.95
CA LEU H 35 -30.79 -43.26 -64.77
C LEU H 35 -32.04 -42.79 -64.07
N PRO H 36 -32.51 -41.58 -64.42
CA PRO H 36 -33.65 -41.06 -63.69
C PRO H 36 -34.77 -42.08 -63.71
N GLY H 37 -35.30 -42.43 -62.55
CA GLY H 37 -36.34 -43.42 -62.44
C GLY H 37 -35.84 -44.78 -62.03
N HIS H 38 -34.60 -44.86 -61.56
CA HIS H 38 -34.08 -46.12 -61.09
C HIS H 38 -34.69 -46.46 -59.73
N ILE H 39 -35.04 -47.73 -59.52
CA ILE H 39 -35.77 -48.16 -58.33
C ILE H 39 -34.89 -48.10 -57.08
N PRO H 40 -35.53 -48.07 -55.87
CA PRO H 40 -34.72 -47.97 -54.65
C PRO H 40 -33.74 -49.12 -54.50
N LEU H 41 -32.48 -48.77 -54.44
CA LEU H 41 -31.49 -49.79 -54.33
C LEU H 41 -30.34 -49.18 -53.57
N VAL H 42 -29.77 -50.01 -52.71
CA VAL H 42 -28.67 -49.58 -51.88
C VAL H 42 -27.51 -50.51 -52.23
N ALA H 43 -26.35 -49.96 -52.59
CA ALA H 43 -25.17 -50.79 -52.84
C ALA H 43 -23.81 -50.16 -52.49
N PRO H 44 -22.87 -50.97 -51.95
CA PRO H 44 -21.57 -50.44 -51.48
C PRO H 44 -20.64 -50.05 -52.61
N LEU H 45 -20.04 -48.87 -52.52
CA LEU H 45 -19.13 -48.43 -53.54
C LEU H 45 -17.81 -49.15 -53.44
N GLU H 46 -16.89 -48.66 -54.26
CA GLU H 46 -15.59 -49.23 -54.47
C GLU H 46 -14.76 -48.00 -54.38
N ILE H 47 -13.45 -48.13 -54.33
CA ILE H 47 -12.65 -46.93 -54.39
C ILE H 47 -12.46 -46.68 -55.88
N SER H 48 -13.20 -45.73 -56.41
CA SER H 48 -13.30 -45.51 -57.84
C SER H 48 -13.75 -44.09 -58.00
N ALA H 49 -14.17 -43.71 -59.19
CA ALA H 49 -14.70 -42.39 -59.38
C ALA H 49 -16.14 -42.41 -59.89
N ALA H 50 -16.94 -41.43 -59.51
CA ALA H 50 -18.31 -41.36 -59.99
C ALA H 50 -18.39 -40.42 -61.18
N ARG H 51 -18.81 -40.92 -62.34
CA ARG H 51 -18.88 -40.05 -63.51
C ARG H 51 -20.28 -39.48 -63.66
N LEU H 52 -20.43 -38.18 -63.42
CA LEU H 52 -21.74 -37.54 -63.54
C LEU H 52 -21.87 -36.91 -64.92
N LYS H 53 -22.74 -37.46 -65.77
CA LYS H 53 -22.75 -37.03 -67.17
C LYS H 53 -23.90 -36.05 -67.51
N LYS H 54 -23.54 -34.77 -67.71
CA LYS H 54 -24.50 -33.71 -68.03
C LYS H 54 -24.25 -33.21 -69.45
N GLY H 55 -23.14 -32.54 -69.69
CA GLY H 55 -22.68 -32.37 -71.06
C GLY H 55 -21.94 -33.60 -71.54
N GLY H 56 -20.95 -34.00 -70.76
CA GLY H 56 -20.25 -35.25 -70.96
C GLY H 56 -18.91 -35.18 -70.23
N LYS H 57 -18.30 -36.33 -70.01
CA LYS H 57 -16.92 -36.39 -69.52
C LYS H 57 -16.64 -35.59 -68.24
N ILE H 61 -15.98 -37.48 -59.79
CA ILE H 61 -15.76 -37.41 -58.34
C ILE H 61 -14.96 -38.60 -57.80
N ALA H 62 -13.88 -38.33 -57.06
CA ALA H 62 -13.07 -39.41 -56.47
C ALA H 62 -13.68 -39.84 -55.16
N VAL H 63 -13.99 -41.11 -55.01
CA VAL H 63 -14.61 -41.58 -53.77
C VAL H 63 -13.79 -42.67 -53.11
N SER H 64 -13.59 -42.59 -51.79
CA SER H 64 -12.93 -43.68 -51.08
C SER H 64 -13.86 -44.31 -50.04
N GLY H 65 -14.44 -45.46 -50.36
CA GLY H 65 -15.36 -46.10 -49.44
C GLY H 65 -16.73 -45.42 -49.38
N GLY H 66 -17.74 -46.18 -48.95
CA GLY H 66 -19.12 -45.68 -48.90
C GLY H 66 -20.18 -46.28 -49.83
N PHE H 67 -21.45 -46.04 -49.49
CA PHE H 67 -22.58 -46.63 -50.22
C PHE H 67 -23.14 -45.75 -51.30
N LEU H 68 -24.24 -46.23 -51.87
CA LEU H 68 -25.00 -45.54 -52.90
C LEU H 68 -26.49 -45.54 -52.53
N GLU H 69 -27.06 -44.37 -52.33
CA GLU H 69 -28.49 -44.29 -52.10
C GLU H 69 -29.14 -43.95 -53.41
N VAL H 70 -29.77 -44.95 -54.01
CA VAL H 70 -30.39 -44.75 -55.29
C VAL H 70 -31.88 -44.58 -55.10
N ARG H 71 -32.37 -43.38 -55.34
CA ARG H 71 -33.76 -43.12 -55.21
C ARG H 71 -34.15 -42.68 -56.58
N PRO H 72 -35.35 -43.05 -57.01
CA PRO H 72 -35.92 -42.75 -58.32
C PRO H 72 -35.69 -41.28 -58.73
N ASP H 73 -35.80 -40.36 -57.78
CA ASP H 73 -35.53 -38.93 -58.02
C ASP H 73 -34.16 -38.40 -57.54
N LYS H 74 -33.37 -39.21 -56.84
CA LYS H 74 -32.08 -38.74 -56.33
C LYS H 74 -31.03 -39.85 -56.13
N VAL H 75 -29.75 -39.49 -56.24
CA VAL H 75 -28.64 -40.40 -56.00
C VAL H 75 -27.66 -39.86 -54.97
N THR H 76 -27.60 -40.48 -53.80
CA THR H 76 -26.69 -40.02 -52.76
C THR H 76 -25.43 -40.87 -52.72
N ILE H 77 -24.25 -40.24 -52.74
CA ILE H 77 -23.02 -41.00 -52.66
C ILE H 77 -22.33 -40.74 -51.34
N LEU H 78 -22.41 -41.72 -50.45
CA LEU H 78 -21.77 -41.57 -49.17
C LEU H 78 -20.34 -41.87 -49.46
N ALA H 79 -19.46 -41.05 -48.91
CA ALA H 79 -18.04 -41.28 -49.05
C ALA H 79 -17.31 -40.89 -47.80
N GLN H 80 -16.45 -41.78 -47.34
CA GLN H 80 -15.54 -41.46 -46.25
C GLN H 80 -14.66 -40.31 -46.71
N ALA H 81 -14.16 -40.39 -47.93
CA ALA H 81 -13.34 -39.33 -48.48
C ALA H 81 -13.66 -39.15 -49.95
N ALA H 82 -13.99 -37.93 -50.35
CA ALA H 82 -14.31 -37.68 -51.74
C ALA H 82 -13.82 -36.31 -52.20
N GLU H 83 -13.08 -36.29 -53.30
CA GLU H 83 -12.56 -35.01 -53.79
C GLU H 83 -12.65 -34.94 -55.31
N ARG H 84 -13.28 -33.87 -55.83
CA ARG H 84 -13.47 -33.82 -57.27
C ARG H 84 -12.06 -33.99 -57.75
N ALA H 85 -11.82 -35.10 -58.42
CA ALA H 85 -10.45 -35.44 -58.71
C ALA H 85 -10.44 -36.00 -60.09
N GLU H 86 -9.26 -36.24 -60.60
CA GLU H 86 -9.14 -36.62 -61.98
C GLU H 86 -9.49 -38.09 -62.12
N ASP H 87 -9.32 -38.59 -63.33
CA ASP H 87 -9.45 -40.00 -63.61
C ASP H 87 -8.73 -40.75 -62.53
N ILE H 88 -7.51 -40.31 -62.22
CA ILE H 88 -6.70 -41.08 -61.30
C ILE H 88 -7.21 -40.93 -59.91
N ASP H 89 -7.16 -42.06 -59.26
CA ASP H 89 -7.44 -42.16 -57.87
C ASP H 89 -6.21 -41.73 -57.05
N VAL H 90 -5.01 -42.15 -57.48
CA VAL H 90 -3.75 -41.95 -56.75
C VAL H 90 -3.52 -40.43 -56.51
N LEU H 91 -4.56 -39.65 -56.82
CA LEU H 91 -4.81 -38.32 -56.22
C LEU H 91 -5.59 -38.24 -54.86
N ARG H 92 -6.81 -38.77 -54.76
CA ARG H 92 -7.55 -38.61 -53.48
C ARG H 92 -6.59 -38.96 -52.36
N ALA H 93 -5.66 -39.89 -52.64
CA ALA H 93 -4.55 -40.14 -51.74
C ALA H 93 -3.69 -38.88 -51.65
N LYS H 94 -3.33 -38.30 -52.79
CA LYS H 94 -2.62 -37.03 -52.82
C LYS H 94 -3.29 -36.00 -51.91
N ALA H 95 -4.60 -35.86 -52.00
CA ALA H 95 -5.28 -34.96 -51.08
C ALA H 95 -5.29 -35.52 -49.66
N ALA H 96 -5.38 -36.84 -49.53
CA ALA H 96 -5.29 -37.48 -48.21
C ALA H 96 -3.86 -37.32 -47.69
N LYS H 97 -2.94 -36.98 -48.59
CA LYS H 97 -1.57 -36.68 -48.22
C LYS H 97 -1.47 -35.22 -47.82
N GLU H 98 -1.51 -34.31 -48.78
CA GLU H 98 -1.14 -32.91 -48.49
C GLU H 98 -2.00 -32.39 -47.36
N ARG H 99 -3.06 -33.13 -47.03
CA ARG H 99 -3.82 -32.74 -45.86
C ARG H 99 -3.36 -33.42 -44.57
N ALA H 100 -2.67 -34.56 -44.67
CA ALA H 100 -2.32 -35.30 -43.46
C ALA H 100 -1.43 -34.50 -42.52
N GLU H 101 -0.17 -34.37 -42.87
CA GLU H 101 0.78 -33.74 -41.96
C GLU H 101 0.41 -32.29 -41.88
N ARG H 102 -0.23 -31.77 -42.91
CA ARG H 102 -0.63 -30.38 -42.81
C ARG H 102 -1.75 -30.22 -41.82
N ARG H 103 -2.28 -31.34 -41.31
CA ARG H 103 -3.05 -31.33 -40.07
C ARG H 103 -2.25 -31.60 -38.78
N LEU H 104 -1.08 -32.20 -38.91
CA LEU H 104 -0.22 -32.46 -37.75
C LEU H 104 0.51 -31.17 -37.42
N GLN H 105 0.72 -30.36 -38.47
CA GLN H 105 1.44 -29.09 -38.43
C GLN H 105 0.68 -28.15 -37.54
N SER H 106 -0.46 -28.61 -37.05
CA SER H 106 -1.37 -27.88 -36.20
C SER H 106 -0.92 -27.96 -34.73
N GLN H 107 0.36 -28.25 -34.51
CA GLN H 107 0.94 -28.05 -33.19
C GLN H 107 0.57 -26.70 -32.56
N GLN H 108 0.40 -25.64 -33.35
CA GLN H 108 0.01 -24.31 -32.83
C GLN H 108 -1.16 -24.41 -31.87
N ASP H 109 -2.10 -25.29 -32.24
CA ASP H 109 -3.24 -25.64 -31.40
C ASP H 109 -2.70 -25.94 -29.99
N ASP H 110 -1.89 -27.00 -29.88
CA ASP H 110 -1.13 -27.32 -28.68
C ASP H 110 -0.34 -26.11 -28.14
N ILE H 111 0.59 -25.57 -28.92
CA ILE H 111 1.51 -24.55 -28.40
C ILE H 111 0.95 -23.22 -27.90
N ASP H 112 -0.15 -22.74 -28.44
CA ASP H 112 -0.72 -21.56 -27.79
C ASP H 112 -1.12 -21.91 -26.37
N PHE H 113 -1.91 -22.96 -26.22
CA PHE H 113 -2.33 -23.38 -24.90
C PHE H 113 -1.14 -23.56 -23.97
N LYS H 114 -0.01 -24.00 -24.49
CA LYS H 114 1.16 -24.05 -23.66
C LYS H 114 1.42 -22.63 -23.17
N ARG H 115 1.60 -21.71 -24.10
CA ARG H 115 1.92 -20.34 -23.73
C ARG H 115 0.84 -19.76 -22.84
N ALA H 116 -0.36 -20.27 -22.97
CA ALA H 116 -1.41 -19.81 -22.10
C ALA H 116 -1.27 -20.44 -20.71
N GLU H 117 -1.08 -21.77 -20.65
CA GLU H 117 -0.97 -22.47 -19.38
C GLU H 117 0.26 -21.90 -18.71
N LEU H 118 1.09 -21.28 -19.54
CA LEU H 118 2.33 -20.65 -19.09
C LEU H 118 2.00 -19.37 -18.37
N ALA H 119 1.32 -18.48 -19.06
CA ALA H 119 1.01 -17.20 -18.49
C ALA H 119 0.21 -17.44 -17.23
N LEU H 120 -0.76 -18.35 -17.29
CA LEU H 120 -1.61 -18.60 -16.14
C LEU H 120 -0.79 -19.05 -14.94
N LYS H 121 0.35 -19.70 -15.17
CA LYS H 121 1.20 -20.06 -14.04
C LYS H 121 2.34 -19.10 -13.79
N ARG H 122 2.47 -18.03 -14.58
CA ARG H 122 3.36 -16.94 -14.23
C ARG H 122 2.71 -15.77 -13.50
N ALA H 123 1.39 -15.67 -13.56
CA ALA H 123 0.73 -14.62 -12.81
C ALA H 123 0.33 -15.23 -11.51
N MSE H 124 0.35 -16.54 -11.51
CA MSE H 124 0.15 -17.19 -10.28
C MSE H 124 1.49 -17.39 -9.61
O MSE H 124 1.55 -17.70 -8.45
CB MSE H 124 -0.63 -18.47 -10.50
CG MSE H 124 -2.12 -18.22 -10.73
SE MSE H 124 -3.14 -19.76 -11.28
CE MSE H 124 -4.66 -19.60 -10.09
N ASN H 125 2.60 -17.18 -10.31
CA ASN H 125 3.88 -17.41 -9.64
C ASN H 125 4.07 -16.48 -8.44
N ARG H 126 3.85 -15.19 -8.65
CA ARG H 126 3.98 -14.20 -7.57
C ARG H 126 3.04 -14.57 -6.43
N LEU H 127 2.47 -15.79 -6.53
CA LEU H 127 1.60 -16.34 -5.51
C LEU H 127 0.64 -15.22 -5.24
N SER H 128 -0.29 -15.05 -6.18
CA SER H 128 -1.04 -13.83 -6.36
C SER H 128 -1.60 -13.45 -5.02
N VAL H 129 -1.40 -14.32 -4.04
CA VAL H 129 -1.71 -14.06 -2.64
C VAL H 129 -0.57 -14.50 -1.69
N ALA H 130 0.17 -13.58 -1.04
CA ALA H 130 1.18 -14.05 -0.08
C ALA H 130 0.61 -14.08 1.35
N GLU H 131 0.28 -15.30 1.79
CA GLU H 131 -0.45 -15.53 3.05
C GLU H 131 -1.79 -14.76 3.09
N MSE H 132 -2.42 -14.67 1.92
CA MSE H 132 -3.41 -13.62 1.59
C MSE H 132 -2.80 -12.25 1.91
O MSE H 132 -1.61 -12.06 1.71
CB MSE H 132 -4.80 -13.87 2.21
CG MSE H 132 -5.95 -13.11 1.50
SE MSE H 132 -5.85 -13.19 -0.47
CE MSE H 132 -7.27 -11.92 -0.95
N LYS H 133 -3.60 -11.31 2.44
CA LYS H 133 -3.18 -9.92 2.65
C LYS H 133 -4.43 -9.11 2.38
S SO4 I . 10.75 14.67 -21.30
O1 SO4 I . 9.61 15.54 -21.08
O2 SO4 I . 10.61 13.89 -22.54
O3 SO4 I . 12.00 15.43 -21.30
O4 SO4 I . 10.78 13.73 -20.19
S SO4 J . -27.04 1.83 11.81
O1 SO4 J . -27.50 2.86 10.87
O2 SO4 J . -27.65 0.53 11.51
O3 SO4 J . -27.39 2.25 13.15
O4 SO4 J . -25.59 1.73 11.70
S SO4 K . 33.96 -6.18 -10.69
O1 SO4 K . 34.37 -7.44 -11.32
O2 SO4 K . 32.59 -5.84 -11.08
O3 SO4 K . 34.85 -5.13 -11.20
O4 SO4 K . 34.09 -6.25 -9.24
S SO4 L . -22.48 16.91 -16.41
O1 SO4 L . -23.07 16.99 -17.75
O2 SO4 L . -22.96 15.71 -15.70
O3 SO4 L . -22.89 18.09 -15.66
O4 SO4 L . -21.01 16.87 -16.46
PB ADP M . -9.69 -14.12 23.62
O1B ADP M . -10.36 -12.79 23.41
O2B ADP M . -9.46 -14.51 25.05
O3B ADP M . -8.48 -14.37 22.77
PA ADP M . -11.64 -16.13 24.11
O1A ADP M . -12.24 -15.22 25.16
O2A ADP M . -10.77 -17.30 24.57
O3A ADP M . -10.79 -15.19 23.09
O5' ADP M . -12.89 -16.75 23.25
C5' ADP M . -13.24 -16.38 21.91
C4' ADP M . -14.50 -17.12 21.45
O4' ADP M . -14.18 -18.25 20.64
C3' ADP M . -15.34 -17.63 22.61
O3' ADP M . -16.61 -16.96 22.63
C2' ADP M . -15.56 -19.10 22.37
O2' ADP M . -16.95 -19.37 22.22
C1' ADP M . -14.84 -19.44 21.08
N9 ADP M . -13.82 -20.48 21.31
C8 ADP M . -12.53 -20.24 21.62
N7 ADP M . -11.82 -21.38 21.78
C5 ADP M . -12.67 -22.39 21.55
C6 ADP M . -12.58 -23.87 21.55
N6 ADP M . -11.40 -24.47 21.83
N1 ADP M . -13.70 -24.59 21.26
C2 ADP M . -14.86 -23.98 20.99
N3 ADP M . -15.03 -22.64 20.97
C4 ADP M . -13.99 -21.80 21.24
#